data_5N2J
#
_entry.id   5N2J
#
_cell.length_a   148.600
_cell.length_b   148.600
_cell.length_c   179.970
_cell.angle_alpha   90.00
_cell.angle_beta   90.00
_cell.angle_gamma   90.00
#
_symmetry.space_group_name_H-M   'P 43'
#
loop_
_entity.id
_entity.type
_entity.pdbx_description
1 polymer 'UDP-glucose-glycoprotein glucosyltransferase-like protein'
2 branched beta-D-mannopyranose-(1-4)-2-acetamido-2-deoxy-beta-D-glucopyranose-(1-4)-2-acetamido-2-deoxy-beta-D-glucopyranose
3 branched alpha-D-mannopyranose-(1-6)-alpha-D-mannopyranose-(1-3)-beta-D-mannopyranose-(1-4)-2-acetamido-2-deoxy-beta-D-glucopyranose-(1-4)-2-acetamido-2-deoxy-beta-D-glucopyranose
4 branched 2-acetamido-2-deoxy-beta-D-glucopyranose-(1-4)-2-acetamido-2-deoxy-beta-D-glucopyranose
5 non-polymer 2-acetamido-2-deoxy-beta-D-glucopyranose
6 non-polymer 'CALCIUM ION'
7 non-polymer 1,2-ETHANEDIOL
8 water water
#
_entity_poly.entity_id   1
_entity_poly.type   'polypeptide(L)'
_entity_poly.pdbx_seq_one_letter_code
;ETGQVAASPSINVALKAAFPSPPYLVELLETAASDNTTIYYSLLDRIAKGHFAEATTDKALYEKFLEVLRDDGHMDPEAL
SAFKLALSLRTATPRVEAHYQYYTATVEPSLSGTQEGCDQWFLIDGEQYCSPTLDTSHGKVKGEDQLRTLPFDRKFGVGS
RDVILYADITSKSFAPFHEVAMDLAKKGKASYRVRYRRSPSHSRESLSVNGYGVELVLKRTDYIVIDDRDTGAAAKPAEE
NDQKPLVGHETVLDDGEEIADIKPLEKSELAALGMKAASFVMQSEKPFEALLKLTQDFPKYSNSLGSQNVSAEFEAEHRG
NREVFLPEGSNVLWLNGLHLIDRQIQPFGLVDLLTRERKLIKSVLDLGLTGQQAVDLLGHAEVAHAKSGDDEPRRFDWRD
DIEEGQVIIWLNNLEKDKRYKSFSPSIWVLIHHFGHGLPQIRRDVFNLVVPVDLTKADDVKIVVEGLLSFVKRLIPVRFG
FVPLTPTGQAIDQAKVVYYLLENYGLAAATAYLEKSYEEQSTGQPNERIFNEVIKDKSLRPDGVELSFKDIFISEKHEKQ
IHLSKHWVERLRAGGDVPTVFFDGFPIPREDNWLRVMNHRLMQDLQALQQAGYFGMLNESMWLPGFFLEKALSRRNTLIF
PEDKNELTVLNVNKIYIENHDLMSKVPVIEASKESTRDDWAALTVVADLDDIEGQELVYYALRFRKSNDGVRLDIVHNPK
DTSRSPSVLAQRLKSREDKLLDFTRFLDLETALETGEFEPDVAYDASLANFLASSNMKAGDNFVILNGRVLGPITSADDF
KKEDFEVFLQAERRTRILPVYKALEDLGLDDKVSGPLSAAKLTSVTALSTISDLPQGIFDNAPTVRTTLFKQWNSTYTSF
EVGDASTATIFFVAVINPASEIGQRWVAVLKVLSELEGVHLRVFLNPTVMIEELPVKRFYRYVLSSSPSFDESGKVKALS
ARFTGVPRETLLVVGMDVPPAWLVTSKVAVDDLDNLRIKDIKAKRGTEHVEAIYELEHILIEGHSREIPGAHAPRGVQLV
LETENNPHFADTIIMANLGYFQFKANPGVYNIRLKEGRSSEIFTLESVGAKGWGPIPGDDNTEVVLMDFQGTTLYPRLRR
KPGMEEEDVLEPSTKSGEESGSGARNLVSRGIKFAEGLLGRGNKAAEATKSVSKTEHAEINIFSVASGHLYERMLNIMMA
SVMHHTNHTVKFWFIEQFLSPSFKDFIPHMAAEYGFKYEMVTYKWPHWLRQQKEKQREIWGYKILFLDVLFPLSLDKVIF
VDADQIVRTDMYDLVEHPLDGAPYGFAPMCDSRVEMEGYRFWKTGYWANYLKGKPYHISALYVVDLQRFRELAAGDRLRQ
QYHALSADPNSLANLDQDLPNHMQFTIPIATLPQEWLWCETWCSDETLKDARTIDLCNNPMTKEPKLDRARRQVPEWTKY
DEEIAELARRVREEKPKKKEEEKVQKNPKSRRLDGDEEEVKTVREGTKHHHHHH
;
_entity_poly.pdbx_strand_id   A,B
#
# COMPACT_ATOMS: atom_id res chain seq x y z
N ALA A 7 -93.34 9.55 28.38
CA ALA A 7 -94.70 10.07 28.31
C ALA A 7 -95.19 10.14 26.83
N SER A 8 -94.46 10.91 25.99
CA SER A 8 -94.73 11.03 24.54
C SER A 8 -94.33 9.65 23.90
N PRO A 9 -94.61 9.32 22.62
CA PRO A 9 -94.12 8.02 22.10
C PRO A 9 -92.59 8.07 22.05
N SER A 10 -91.94 7.13 22.76
CA SER A 10 -90.49 7.16 22.89
C SER A 10 -89.76 5.91 22.43
N ILE A 11 -88.45 6.04 22.23
CA ILE A 11 -87.57 4.95 21.85
C ILE A 11 -86.37 4.98 22.80
N ASN A 12 -86.04 3.85 23.44
CA ASN A 12 -84.94 3.75 24.39
C ASN A 12 -83.90 2.71 23.96
N VAL A 13 -82.62 3.09 23.97
CA VAL A 13 -81.52 2.20 23.61
C VAL A 13 -80.40 2.25 24.66
N ALA A 14 -79.95 1.05 25.11
CA ALA A 14 -78.88 0.89 26.11
C ALA A 14 -77.78 -0.07 25.63
N LEU A 15 -76.53 0.13 26.12
CA LEU A 15 -75.38 -0.71 25.77
C LEU A 15 -74.76 -1.30 27.03
N LYS A 16 -74.41 -2.59 26.94
CA LYS A 16 -73.77 -3.35 28.01
C LYS A 16 -72.53 -4.09 27.46
N ALA A 17 -71.45 -4.14 28.24
CA ALA A 17 -70.21 -4.80 27.83
C ALA A 17 -70.28 -6.32 27.86
N ALA A 18 -69.25 -6.97 27.31
CA ALA A 18 -69.13 -8.43 27.25
C ALA A 18 -68.51 -9.04 28.50
N PHE A 19 -68.14 -8.20 29.49
CA PHE A 19 -67.50 -8.65 30.72
C PHE A 19 -68.25 -8.10 31.96
N PRO A 20 -68.25 -8.83 33.10
CA PRO A 20 -68.96 -8.33 34.28
C PRO A 20 -68.41 -7.05 34.90
N SER A 21 -69.28 -6.35 35.65
CA SER A 21 -68.94 -5.09 36.31
C SER A 21 -68.05 -5.34 37.51
N PRO A 22 -66.81 -4.79 37.51
CA PRO A 22 -65.93 -4.94 38.68
C PRO A 22 -66.45 -4.19 39.91
N PRO A 23 -66.03 -4.57 41.14
CA PRO A 23 -66.52 -3.88 42.34
C PRO A 23 -66.22 -2.41 42.28
N TYR A 24 -67.16 -1.62 42.74
CA TYR A 24 -67.02 -0.19 42.68
C TYR A 24 -65.82 0.33 43.45
N LEU A 25 -65.49 -0.27 44.60
CA LEU A 25 -64.33 0.17 45.39
C LEU A 25 -63.04 0.20 44.59
N VAL A 26 -62.67 -0.94 43.96
CA VAL A 26 -61.45 -1.03 43.17
C VAL A 26 -61.48 -0.07 41.99
N GLU A 27 -62.67 0.18 41.41
CA GLU A 27 -62.84 1.11 40.30
C GLU A 27 -62.48 2.53 40.73
N LEU A 28 -62.89 2.94 41.94
CA LEU A 28 -62.60 4.29 42.44
C LEU A 28 -61.13 4.48 42.77
N LEU A 29 -60.46 3.41 43.24
CA LEU A 29 -59.03 3.45 43.57
C LEU A 29 -58.26 3.76 42.30
N GLU A 30 -58.52 2.99 41.26
CA GLU A 30 -57.88 3.10 39.96
C GLU A 30 -58.19 4.39 39.24
N THR A 31 -59.47 4.82 39.22
CA THR A 31 -59.85 6.07 38.57
C THR A 31 -59.11 7.20 39.30
N ALA A 32 -59.19 7.22 40.64
CA ALA A 32 -58.59 8.26 41.47
C ALA A 32 -57.09 8.46 41.24
N ALA A 33 -56.33 7.36 41.27
CA ALA A 33 -54.88 7.35 41.07
C ALA A 33 -54.64 6.90 39.66
N SER A 34 -54.74 7.84 38.73
CA SER A 34 -54.58 7.50 37.32
C SER A 34 -53.15 7.01 37.05
N ASP A 35 -52.18 7.96 37.07
CA ASP A 35 -50.74 7.78 36.78
C ASP A 35 -49.89 7.81 38.03
N ASN A 36 -50.45 8.35 39.10
CA ASN A 36 -49.69 8.61 40.27
C ASN A 36 -49.79 7.43 41.17
N THR A 37 -48.64 6.86 41.51
CA THR A 37 -48.56 5.74 42.42
C THR A 37 -48.73 6.21 43.86
N THR A 38 -48.22 7.41 44.19
CA THR A 38 -48.34 7.91 45.56
C THR A 38 -49.81 7.98 45.98
N ILE A 39 -50.69 8.50 45.11
CA ILE A 39 -52.13 8.56 45.39
C ILE A 39 -52.67 7.13 45.57
N TYR A 40 -52.16 6.16 44.80
CA TYR A 40 -52.61 4.76 44.84
C TYR A 40 -52.38 4.12 46.19
N TYR A 41 -51.11 4.04 46.63
CA TYR A 41 -50.77 3.41 47.91
C TYR A 41 -51.22 4.26 49.11
N SER A 42 -51.28 5.62 48.97
CA SER A 42 -51.81 6.50 50.04
C SER A 42 -53.28 6.19 50.30
N LEU A 43 -54.03 5.78 49.25
CA LEU A 43 -55.42 5.38 49.34
C LEU A 43 -55.52 3.93 49.76
N LEU A 44 -54.56 3.10 49.33
CA LEU A 44 -54.54 1.69 49.70
C LEU A 44 -54.32 1.50 51.20
N ASP A 45 -53.64 2.47 51.85
CA ASP A 45 -53.45 2.49 53.29
C ASP A 45 -54.79 2.74 53.97
N ARG A 46 -55.48 3.81 53.53
CA ARG A 46 -56.79 4.24 54.05
C ARG A 46 -57.85 3.15 54.10
N ILE A 47 -57.93 2.35 53.05
CA ILE A 47 -58.91 1.25 52.97
C ILE A 47 -58.46 0.01 53.78
N ALA A 48 -57.13 -0.16 54.01
CA ALA A 48 -56.58 -1.24 54.83
C ALA A 48 -56.71 -0.94 56.32
N LYS A 49 -57.07 0.32 56.69
CA LYS A 49 -57.39 0.72 58.07
C LYS A 49 -58.73 0.08 58.41
N GLY A 50 -59.56 -0.06 57.38
CA GLY A 50 -60.95 -0.47 57.44
C GLY A 50 -61.76 0.80 57.44
N HIS A 51 -61.17 1.90 56.92
CA HIS A 51 -61.74 3.24 56.90
C HIS A 51 -62.93 3.29 55.97
N PHE A 52 -62.82 2.60 54.83
CA PHE A 52 -63.88 2.56 53.84
C PHE A 52 -64.85 1.35 54.04
N ALA A 53 -64.84 0.70 55.22
CA ALA A 53 -65.74 -0.43 55.49
C ALA A 53 -67.17 0.02 55.83
N GLU A 54 -67.32 1.25 56.37
CA GLU A 54 -68.63 1.80 56.74
C GLU A 54 -69.49 2.30 55.58
N ALA A 55 -68.89 2.45 54.39
CA ALA A 55 -69.64 2.83 53.22
C ALA A 55 -70.33 1.58 52.73
N THR A 56 -71.65 1.51 52.97
CA THR A 56 -72.48 0.38 52.59
C THR A 56 -72.79 0.39 51.09
N THR A 57 -73.08 1.58 50.52
CA THR A 57 -73.48 1.71 49.13
C THR A 57 -72.49 2.45 48.27
N ASP A 58 -72.59 2.23 46.96
CA ASP A 58 -71.75 2.84 45.95
C ASP A 58 -71.76 4.37 46.07
N LYS A 59 -72.94 4.97 46.27
CA LYS A 59 -73.06 6.42 46.45
C LYS A 59 -72.25 6.88 47.64
N ALA A 60 -72.47 6.26 48.80
CA ALA A 60 -71.78 6.57 50.05
C ALA A 60 -70.26 6.43 49.88
N LEU A 61 -69.86 5.33 49.25
CA LEU A 61 -68.46 5.02 48.96
C LEU A 61 -67.86 6.13 48.09
N TYR A 62 -68.59 6.52 47.03
CA TYR A 62 -68.17 7.62 46.14
C TYR A 62 -68.10 8.91 46.93
N GLU A 63 -69.10 9.17 47.79
CA GLU A 63 -69.15 10.38 48.62
C GLU A 63 -67.95 10.48 49.54
N LYS A 64 -67.54 9.34 50.11
CA LYS A 64 -66.41 9.30 51.03
C LYS A 64 -65.10 9.64 50.32
N PHE A 65 -64.90 9.12 49.11
CA PHE A 65 -63.70 9.41 48.33
C PHE A 65 -63.47 10.91 48.11
N LEU A 66 -64.55 11.65 47.79
CA LEU A 66 -64.49 13.09 47.50
C LEU A 66 -63.92 13.88 48.69
N GLU A 67 -64.42 13.61 49.89
CA GLU A 67 -63.95 14.27 51.11
C GLU A 67 -62.48 13.95 51.34
N VAL A 68 -62.10 12.67 51.23
CA VAL A 68 -60.74 12.17 51.44
C VAL A 68 -59.74 12.80 50.49
N LEU A 69 -60.01 12.75 49.18
CA LEU A 69 -59.10 13.32 48.16
C LEU A 69 -58.86 14.81 48.40
N ARG A 70 -59.94 15.57 48.65
CA ARG A 70 -59.86 17.01 48.93
C ARG A 70 -59.06 17.26 50.23
N ASP A 71 -59.39 16.50 51.30
CA ASP A 71 -58.77 16.67 52.62
C ASP A 71 -57.28 16.28 52.67
N ASP A 72 -56.87 15.28 51.90
CA ASP A 72 -55.48 14.82 51.86
C ASP A 72 -54.62 15.55 50.82
N GLY A 73 -55.19 16.54 50.12
CA GLY A 73 -54.48 17.35 49.13
C GLY A 73 -54.23 16.72 47.79
N HIS A 74 -54.84 15.55 47.53
CA HIS A 74 -54.67 14.80 46.27
C HIS A 74 -55.28 15.52 45.06
N MET A 75 -56.50 16.09 45.22
CA MET A 75 -57.18 16.76 44.13
C MET A 75 -57.66 18.13 44.53
N ASP A 76 -57.71 19.03 43.54
CA ASP A 76 -58.18 20.41 43.65
C ASP A 76 -59.53 20.45 42.90
N PRO A 77 -60.29 21.56 42.85
CA PRO A 77 -61.58 21.54 42.13
C PRO A 77 -61.48 21.05 40.70
N GLU A 78 -60.47 21.53 39.95
CA GLU A 78 -60.25 21.19 38.54
C GLU A 78 -60.13 19.70 38.35
N ALA A 79 -59.28 19.07 39.19
CA ALA A 79 -59.02 17.63 39.15
C ALA A 79 -60.18 16.78 39.68
N LEU A 80 -60.93 17.30 40.67
CA LEU A 80 -62.08 16.59 41.23
C LEU A 80 -63.18 16.47 40.20
N SER A 81 -63.46 17.57 39.48
CA SER A 81 -64.45 17.65 38.41
C SER A 81 -64.12 16.66 37.30
N ALA A 82 -62.83 16.56 36.96
CA ALA A 82 -62.33 15.62 35.97
C ALA A 82 -62.44 14.17 36.44
N PHE A 83 -62.25 13.93 37.75
CA PHE A 83 -62.39 12.59 38.34
C PHE A 83 -63.83 12.08 38.19
N LYS A 84 -64.83 12.93 38.48
CA LYS A 84 -66.24 12.56 38.38
C LYS A 84 -66.61 12.13 36.95
N LEU A 85 -66.22 12.92 35.93
CA LEU A 85 -66.50 12.60 34.53
C LEU A 85 -65.84 11.28 34.10
N ALA A 86 -64.58 11.06 34.48
CA ALA A 86 -63.85 9.81 34.17
C ALA A 86 -64.49 8.62 34.88
N LEU A 87 -65.02 8.85 36.08
CA LEU A 87 -65.70 7.82 36.85
C LEU A 87 -67.05 7.49 36.18
N SER A 88 -67.76 8.50 35.59
CA SER A 88 -69.01 8.26 34.84
C SER A 88 -68.70 7.39 33.66
N LEU A 89 -67.68 7.77 32.90
CA LEU A 89 -67.24 7.01 31.72
C LEU A 89 -66.84 5.57 32.00
N ARG A 90 -66.52 5.24 33.29
CA ARG A 90 -66.15 3.91 33.77
C ARG A 90 -64.84 3.48 33.11
N THR A 91 -63.90 4.42 32.98
CA THR A 91 -62.61 4.26 32.28
C THR A 91 -61.70 3.23 32.89
N ALA A 92 -61.79 3.05 34.21
CA ALA A 92 -60.95 2.12 34.94
C ALA A 92 -61.42 0.67 34.86
N THR A 93 -62.70 0.41 34.47
CA THR A 93 -63.25 -0.96 34.41
C THR A 93 -62.46 -1.91 33.47
N PRO A 94 -62.08 -1.56 32.21
CA PRO A 94 -61.28 -2.49 31.40
C PRO A 94 -59.86 -2.72 31.97
N ARG A 95 -59.31 -1.73 32.71
CA ARG A 95 -57.99 -1.83 33.37
C ARG A 95 -57.97 -2.91 34.46
N VAL A 96 -59.11 -3.04 35.17
CA VAL A 96 -59.29 -4.01 36.25
C VAL A 96 -59.53 -5.42 35.67
N GLU A 97 -60.33 -5.51 34.60
CA GLU A 97 -60.60 -6.76 33.89
C GLU A 97 -59.32 -7.34 33.25
N ALA A 98 -58.29 -6.49 32.98
CA ALA A 98 -57.00 -6.92 32.45
C ALA A 98 -56.33 -7.84 33.46
N HIS A 99 -56.38 -7.43 34.75
CA HIS A 99 -55.86 -8.20 35.88
C HIS A 99 -56.52 -9.55 35.97
N TYR A 100 -57.85 -9.58 35.90
CA TYR A 100 -58.66 -10.79 35.99
C TYR A 100 -58.38 -11.76 34.84
N GLN A 101 -58.36 -11.27 33.58
CA GLN A 101 -58.05 -12.13 32.44
C GLN A 101 -56.65 -12.70 32.60
N TYR A 102 -55.69 -11.85 33.04
CA TYR A 102 -54.33 -12.32 33.28
C TYR A 102 -54.32 -13.40 34.37
N TYR A 103 -55.00 -13.13 35.48
CA TYR A 103 -55.10 -14.06 36.61
C TYR A 103 -55.76 -15.41 36.20
N THR A 104 -56.85 -15.35 35.44
CA THR A 104 -57.58 -16.54 35.02
C THR A 104 -56.80 -17.39 34.02
N ALA A 105 -56.04 -16.77 33.10
CA ALA A 105 -55.33 -17.48 32.02
C ALA A 105 -53.87 -17.83 32.25
N THR A 106 -53.15 -17.10 33.12
CA THR A 106 -51.74 -17.40 33.36
C THR A 106 -51.46 -17.80 34.82
N VAL A 107 -52.19 -17.25 35.82
CA VAL A 107 -51.94 -17.58 37.23
C VAL A 107 -52.51 -18.94 37.67
N GLU A 108 -53.83 -19.12 37.55
CA GLU A 108 -54.51 -20.35 37.98
C GLU A 108 -53.94 -21.65 37.36
N PRO A 109 -53.67 -21.74 36.03
CA PRO A 109 -53.12 -23.00 35.49
C PRO A 109 -51.64 -23.27 35.80
N SER A 110 -50.90 -22.25 36.24
CA SER A 110 -49.49 -22.37 36.59
C SER A 110 -49.31 -22.56 38.08
N LEU A 111 -50.41 -22.51 38.85
CA LEU A 111 -50.40 -22.65 40.29
C LEU A 111 -50.95 -24.01 40.66
N SER A 112 -50.04 -24.99 40.69
CA SER A 112 -50.36 -26.35 41.05
C SER A 112 -50.63 -26.48 42.58
N GLY A 113 -51.63 -27.29 42.90
CA GLY A 113 -52.07 -27.54 44.27
C GLY A 113 -53.59 -27.55 44.40
N THR A 114 -54.09 -27.47 45.62
CA THR A 114 -55.52 -27.43 45.93
C THR A 114 -55.77 -26.14 46.67
N GLN A 115 -56.37 -25.17 45.99
CA GLN A 115 -56.61 -23.85 46.57
C GLN A 115 -57.95 -23.75 47.27
N GLU A 116 -57.90 -23.48 48.57
CA GLU A 116 -59.09 -23.16 49.36
C GLU A 116 -58.57 -22.56 50.66
N GLY A 117 -59.00 -21.35 50.94
CA GLY A 117 -58.50 -20.55 52.06
C GLY A 117 -57.42 -19.59 51.62
N CYS A 118 -56.91 -19.78 50.38
CA CYS A 118 -55.87 -18.94 49.79
C CYS A 118 -56.52 -17.85 48.99
N ASP A 119 -57.35 -17.03 49.65
CA ASP A 119 -58.01 -15.92 48.97
C ASP A 119 -56.97 -14.91 48.54
N GLN A 120 -55.98 -14.62 49.40
CA GLN A 120 -54.85 -13.75 49.08
C GLN A 120 -53.59 -14.56 49.22
N TRP A 121 -52.53 -14.22 48.46
CA TRP A 121 -51.25 -14.90 48.60
C TRP A 121 -50.12 -14.20 47.87
N PHE A 122 -49.01 -14.04 48.58
CA PHE A 122 -47.81 -13.46 48.03
C PHE A 122 -47.11 -14.47 47.18
N LEU A 123 -46.35 -14.02 46.19
CA LEU A 123 -45.54 -14.90 45.37
C LEU A 123 -44.11 -14.45 45.55
N ILE A 124 -43.26 -15.35 46.13
CA ILE A 124 -41.84 -15.08 46.35
C ILE A 124 -41.02 -16.27 45.88
N ASP A 125 -40.02 -16.02 45.00
CA ASP A 125 -39.07 -17.01 44.46
C ASP A 125 -39.75 -18.32 43.96
N GLY A 126 -40.83 -18.14 43.20
CA GLY A 126 -41.61 -19.23 42.65
C GLY A 126 -42.31 -20.02 43.74
N GLU A 127 -42.61 -19.40 44.87
CA GLU A 127 -43.25 -20.04 46.01
C GLU A 127 -44.43 -19.20 46.44
N GLN A 128 -45.56 -19.86 46.65
CA GLN A 128 -46.80 -19.22 47.06
C GLN A 128 -46.96 -19.33 48.59
N TYR A 129 -47.33 -18.22 49.26
CA TYR A 129 -47.58 -18.21 50.72
C TYR A 129 -48.97 -17.61 51.02
N CYS A 130 -49.92 -18.47 51.45
CA CYS A 130 -51.31 -18.09 51.76
C CYS A 130 -51.48 -17.37 53.11
N SER A 131 -50.37 -17.14 53.85
CA SER A 131 -50.40 -16.49 55.16
C SER A 131 -49.36 -15.36 55.22
N PRO A 132 -49.62 -14.24 55.95
CA PRO A 132 -48.56 -13.22 56.11
C PRO A 132 -47.40 -13.72 56.97
N THR A 133 -47.69 -14.65 57.92
CA THR A 133 -46.71 -15.31 58.79
C THR A 133 -45.61 -16.02 57.98
N LEU A 134 -45.89 -16.35 56.70
CA LEU A 134 -44.92 -16.82 55.72
C LEU A 134 -44.20 -18.15 56.07
N ASP A 135 -44.76 -18.98 56.94
CA ASP A 135 -44.05 -20.20 57.34
C ASP A 135 -44.04 -21.32 56.28
N THR A 136 -45.20 -21.61 55.65
CA THR A 136 -45.31 -22.72 54.69
C THR A 136 -45.51 -22.25 53.27
N SER A 137 -44.87 -22.94 52.30
CA SER A 137 -45.01 -22.70 50.86
C SER A 137 -45.85 -23.81 50.23
N HIS A 138 -47.00 -23.47 49.63
CA HIS A 138 -47.85 -24.45 48.97
C HIS A 138 -47.29 -24.98 47.66
N GLY A 139 -46.67 -24.12 46.84
CA GLY A 139 -46.16 -24.62 45.58
C GLY A 139 -45.00 -23.95 44.88
N LYS A 140 -44.43 -24.74 43.97
CA LYS A 140 -43.41 -24.35 43.02
C LYS A 140 -44.29 -24.00 41.82
N VAL A 141 -44.37 -22.71 41.45
CA VAL A 141 -45.27 -22.30 40.37
C VAL A 141 -44.67 -22.58 38.99
N LYS A 142 -45.42 -23.33 38.18
CA LYS A 142 -45.05 -23.70 36.79
C LYS A 142 -45.29 -22.47 35.85
N GLY A 143 -45.14 -22.66 34.54
CA GLY A 143 -45.45 -21.63 33.55
C GLY A 143 -44.48 -20.48 33.45
N GLU A 144 -44.75 -19.58 32.47
CA GLU A 144 -43.90 -18.43 32.19
C GLU A 144 -43.83 -17.46 33.36
N ASP A 145 -42.77 -16.64 33.37
CA ASP A 145 -42.44 -15.71 34.43
C ASP A 145 -43.56 -14.74 34.75
N GLN A 146 -43.86 -14.59 36.03
CA GLN A 146 -44.88 -13.65 36.48
C GLN A 146 -44.23 -12.38 36.99
N LEU A 147 -42.89 -12.27 36.88
CA LEU A 147 -42.19 -11.05 37.25
C LEU A 147 -42.17 -10.03 36.13
N ARG A 148 -42.88 -10.31 35.00
CA ARG A 148 -43.01 -9.38 33.88
C ARG A 148 -43.46 -8.05 34.42
N THR A 149 -42.59 -7.05 34.36
CA THR A 149 -42.99 -5.69 34.73
C THR A 149 -43.83 -5.29 33.51
N LEU A 150 -45.16 -5.39 33.65
CA LEU A 150 -46.09 -5.18 32.55
C LEU A 150 -46.99 -3.93 32.79
N PRO A 151 -47.62 -3.41 31.70
CA PRO A 151 -48.33 -2.12 31.78
C PRO A 151 -49.19 -1.77 32.98
N PHE A 152 -50.00 -2.70 33.50
CA PHE A 152 -50.87 -2.34 34.61
C PHE A 152 -50.22 -2.43 35.99
N ASP A 153 -48.93 -2.81 36.06
CA ASP A 153 -48.23 -2.91 37.34
C ASP A 153 -47.95 -1.56 37.99
N ARG A 154 -47.78 -1.62 39.31
CA ARG A 154 -47.36 -0.50 40.15
C ARG A 154 -46.28 -1.03 41.04
N LYS A 155 -45.28 -0.23 41.38
CA LYS A 155 -44.23 -0.67 42.30
C LYS A 155 -44.12 0.32 43.43
N PHE A 156 -43.92 -0.19 44.63
CA PHE A 156 -43.74 0.62 45.80
C PHE A 156 -42.41 0.21 46.37
N GLY A 157 -41.49 1.16 46.42
CA GLY A 157 -40.17 0.95 46.97
C GLY A 157 -39.23 0.18 46.07
N VAL A 158 -37.95 0.20 46.46
CA VAL A 158 -36.87 -0.49 45.76
C VAL A 158 -36.42 -1.59 46.67
N GLY A 159 -36.11 -2.72 46.10
CA GLY A 159 -35.62 -3.85 46.87
C GLY A 159 -35.12 -4.94 45.98
N SER A 160 -34.06 -5.63 46.46
CA SER A 160 -33.42 -6.74 45.75
C SER A 160 -34.45 -7.80 45.43
N ARG A 161 -35.16 -8.25 46.47
CA ARG A 161 -36.21 -9.25 46.31
C ARG A 161 -37.48 -8.62 45.79
N ASP A 162 -38.23 -9.36 44.96
CA ASP A 162 -39.44 -8.82 44.35
C ASP A 162 -40.62 -9.60 44.89
N VAL A 163 -41.62 -8.90 45.45
CA VAL A 163 -42.82 -9.53 46.04
C VAL A 163 -44.09 -9.07 45.36
N ILE A 164 -44.99 -10.03 45.08
CA ILE A 164 -46.26 -9.75 44.42
C ILE A 164 -47.37 -10.29 45.27
N LEU A 165 -48.42 -9.47 45.50
CA LEU A 165 -49.59 -9.84 46.29
C LEU A 165 -50.83 -9.86 45.39
N TYR A 166 -51.46 -11.04 45.20
CA TYR A 166 -52.68 -11.19 44.40
C TYR A 166 -53.80 -11.09 45.39
N ALA A 167 -54.50 -9.95 45.44
CA ALA A 167 -55.52 -9.75 46.46
C ALA A 167 -56.91 -9.43 45.98
N ASP A 168 -57.86 -9.85 46.83
CA ASP A 168 -59.25 -9.53 46.74
C ASP A 168 -59.35 -8.47 47.84
N ILE A 169 -59.32 -7.20 47.44
CA ILE A 169 -59.34 -6.07 48.36
C ILE A 169 -60.63 -5.99 49.18
N THR A 170 -61.77 -6.33 48.54
CA THR A 170 -63.12 -6.23 49.10
C THR A 170 -63.22 -6.63 50.56
N SER A 171 -62.72 -7.84 50.90
CA SER A 171 -62.77 -8.36 52.27
C SER A 171 -61.73 -7.72 53.17
N LYS A 172 -61.84 -7.93 54.50
CA LYS A 172 -60.87 -7.40 55.45
C LYS A 172 -59.78 -8.45 55.76
N SER A 173 -59.85 -9.63 55.08
CA SER A 173 -58.79 -10.64 55.10
C SER A 173 -57.52 -10.08 54.41
N PHE A 174 -57.68 -9.03 53.58
CA PHE A 174 -56.62 -8.34 52.83
C PHE A 174 -55.68 -7.49 53.71
N ALA A 175 -56.22 -6.56 54.52
CA ALA A 175 -55.48 -5.59 55.37
C ALA A 175 -54.19 -6.10 56.05
N PRO A 176 -54.14 -7.27 56.76
CA PRO A 176 -52.88 -7.70 57.36
C PRO A 176 -51.78 -8.00 56.36
N PHE A 177 -52.12 -8.68 55.23
CA PHE A 177 -51.18 -9.05 54.15
C PHE A 177 -50.48 -7.80 53.60
N HIS A 178 -51.27 -6.77 53.29
CA HIS A 178 -50.79 -5.48 52.78
C HIS A 178 -49.70 -4.88 53.67
N GLU A 179 -50.03 -4.68 54.97
CA GLU A 179 -49.13 -4.08 55.96
C GLU A 179 -47.82 -4.83 56.17
N VAL A 180 -47.82 -6.15 55.94
CA VAL A 180 -46.63 -6.99 56.02
C VAL A 180 -45.65 -6.57 54.96
N ALA A 181 -46.12 -6.36 53.73
CA ALA A 181 -45.30 -5.96 52.61
C ALA A 181 -45.11 -4.47 52.47
N MET A 182 -46.02 -3.68 53.02
CA MET A 182 -45.88 -2.24 52.97
C MET A 182 -44.67 -1.89 53.82
N ASP A 183 -44.63 -2.43 55.06
CA ASP A 183 -43.51 -2.23 55.99
C ASP A 183 -42.21 -2.82 55.43
N LEU A 184 -42.26 -4.02 54.84
CA LEU A 184 -41.06 -4.64 54.28
C LEU A 184 -40.48 -3.83 53.13
N ALA A 185 -41.32 -3.11 52.39
CA ALA A 185 -40.89 -2.20 51.34
C ALA A 185 -40.40 -0.89 51.96
N LYS A 186 -41.06 -0.39 53.05
CA LYS A 186 -40.66 0.82 53.80
C LYS A 186 -39.23 0.64 54.35
N LYS A 187 -38.89 -0.59 54.79
CA LYS A 187 -37.57 -0.94 55.28
C LYS A 187 -36.58 -0.98 54.12
N GLY A 188 -37.01 -1.54 52.98
CA GLY A 188 -36.21 -1.64 51.77
C GLY A 188 -35.72 -3.03 51.44
N LYS A 189 -36.30 -4.03 52.11
CA LYS A 189 -35.93 -5.42 51.93
C LYS A 189 -36.34 -5.94 50.51
N ALA A 190 -37.52 -5.51 50.02
CA ALA A 190 -38.04 -5.90 48.70
C ALA A 190 -38.98 -4.83 48.17
N SER A 191 -39.27 -4.87 46.85
CA SER A 191 -40.18 -3.93 46.18
C SER A 191 -41.57 -4.55 46.09
N TYR A 192 -42.59 -3.76 46.44
CA TYR A 192 -43.97 -4.19 46.57
C TYR A 192 -44.83 -3.81 45.38
N ARG A 193 -45.66 -4.75 44.92
CA ARG A 193 -46.62 -4.50 43.85
C ARG A 193 -47.86 -5.34 44.00
N VAL A 194 -49.03 -4.74 43.66
CA VAL A 194 -50.32 -5.38 43.81
C VAL A 194 -50.93 -5.77 42.48
N ARG A 195 -51.48 -7.00 42.42
CA ARG A 195 -52.21 -7.55 41.30
C ARG A 195 -53.56 -7.98 41.80
N TYR A 196 -54.61 -7.99 40.94
CA TYR A 196 -55.95 -8.29 41.40
C TYR A 196 -56.42 -9.70 41.19
N ARG A 197 -57.39 -10.05 42.03
CA ARG A 197 -58.04 -11.32 42.05
C ARG A 197 -59.54 -11.04 41.97
N ARG A 198 -60.23 -11.76 41.08
CA ARG A 198 -61.67 -11.63 40.89
C ARG A 198 -62.32 -11.96 42.23
N SER A 199 -63.00 -10.96 42.79
CA SER A 199 -63.61 -11.02 44.10
C SER A 199 -64.99 -11.67 44.09
N PRO A 200 -65.17 -12.86 44.72
CA PRO A 200 -66.50 -13.51 44.73
C PRO A 200 -67.61 -12.86 45.58
N SER A 201 -67.33 -11.70 46.26
CA SER A 201 -68.35 -10.95 47.00
C SER A 201 -69.26 -10.25 45.99
N HIS A 202 -68.71 -9.93 44.80
CA HIS A 202 -69.45 -9.30 43.72
C HIS A 202 -70.07 -10.33 42.80
N SER A 203 -71.16 -9.95 42.15
CA SER A 203 -71.90 -10.82 41.26
C SER A 203 -71.39 -10.71 39.82
N ARG A 204 -71.94 -11.61 38.98
CA ARG A 204 -71.64 -11.70 37.56
C ARG A 204 -72.66 -10.82 36.78
N GLU A 205 -72.90 -9.57 37.25
CA GLU A 205 -73.79 -8.66 36.54
C GLU A 205 -72.98 -8.04 35.44
N SER A 206 -73.51 -7.89 34.20
CA SER A 206 -72.76 -7.27 33.09
C SER A 206 -72.64 -5.78 33.31
N LEU A 207 -71.66 -5.16 32.67
CA LEU A 207 -71.36 -3.74 32.83
C LEU A 207 -72.14 -2.85 31.87
N SER A 208 -72.75 -1.77 32.39
CA SER A 208 -73.47 -0.80 31.56
C SER A 208 -72.50 0.31 31.21
N VAL A 209 -72.34 0.56 29.90
CA VAL A 209 -71.38 1.54 29.37
C VAL A 209 -72.07 2.81 28.88
N ASN A 210 -71.25 3.85 28.68
CA ASN A 210 -71.66 5.14 28.14
C ASN A 210 -70.45 5.78 27.46
N GLY A 211 -70.71 6.82 26.69
CA GLY A 211 -69.71 7.50 25.88
C GLY A 211 -69.88 7.23 24.40
N TYR A 212 -71.08 6.78 24.00
CA TYR A 212 -71.46 6.46 22.63
C TYR A 212 -72.66 7.30 22.23
N GLY A 213 -73.03 7.22 20.97
CA GLY A 213 -74.17 7.93 20.42
C GLY A 213 -75.12 7.01 19.69
N VAL A 214 -76.41 7.38 19.65
CA VAL A 214 -77.44 6.62 18.93
C VAL A 214 -78.03 7.56 17.88
N GLU A 215 -78.37 7.01 16.71
CA GLU A 215 -78.98 7.79 15.64
C GLU A 215 -80.24 7.10 15.15
N LEU A 216 -81.26 7.88 14.76
CA LEU A 216 -82.49 7.38 14.16
C LEU A 216 -82.55 7.97 12.80
N VAL A 217 -82.18 7.16 11.81
CA VAL A 217 -82.06 7.58 10.42
C VAL A 217 -83.35 7.37 9.66
N LEU A 218 -83.74 8.41 8.90
CA LEU A 218 -84.91 8.40 8.03
C LEU A 218 -84.52 7.60 6.81
N LYS A 219 -85.20 6.47 6.56
CA LYS A 219 -84.82 5.64 5.44
C LYS A 219 -85.45 6.09 4.12
N ARG A 220 -86.49 6.94 4.16
CA ARG A 220 -87.07 7.48 2.94
C ARG A 220 -86.81 8.97 2.95
N THR A 221 -85.86 9.42 2.13
CA THR A 221 -85.52 10.83 1.92
C THR A 221 -86.05 11.32 0.56
N ASP A 222 -86.47 10.36 -0.33
CA ASP A 222 -87.00 10.59 -1.68
C ASP A 222 -88.04 11.72 -1.78
N TYR A 223 -88.95 11.83 -0.79
CA TYR A 223 -89.96 12.88 -0.84
C TYR A 223 -89.42 14.24 -0.34
N ILE A 224 -89.33 15.22 -1.28
CA ILE A 224 -89.02 16.66 -1.13
C ILE A 224 -89.69 17.24 -2.38
N VAL A 225 -90.29 18.45 -2.27
CA VAL A 225 -91.00 19.05 -3.40
C VAL A 225 -90.02 19.79 -4.33
N LYS A 267 -90.78 22.60 0.04
CA LYS A 267 -90.38 23.12 -1.27
C LYS A 267 -88.97 23.58 -1.16
N SER A 268 -88.14 23.26 -2.17
CA SER A 268 -86.68 23.46 -2.16
C SER A 268 -86.17 24.88 -1.89
N GLU A 269 -86.33 25.31 -0.64
CA GLU A 269 -85.78 26.54 -0.12
C GLU A 269 -84.96 26.04 1.01
N LEU A 270 -84.03 25.16 0.64
CA LEU A 270 -83.13 24.53 1.58
C LEU A 270 -82.06 25.52 1.93
N ALA A 271 -81.53 26.24 0.92
CA ALA A 271 -80.44 27.21 1.07
C ALA A 271 -80.42 28.01 2.37
N ALA A 272 -81.60 28.47 2.85
CA ALA A 272 -81.72 29.27 4.06
C ALA A 272 -81.70 28.50 5.40
N LEU A 273 -81.84 27.17 5.39
CA LEU A 273 -81.91 26.38 6.62
C LEU A 273 -80.80 26.61 7.60
N GLY A 274 -79.56 26.46 7.13
CA GLY A 274 -78.39 26.67 7.97
C GLY A 274 -78.36 28.08 8.52
N MET A 275 -78.60 29.05 7.64
CA MET A 275 -78.60 30.47 7.99
C MET A 275 -79.71 30.86 8.97
N LYS A 276 -80.95 30.41 8.75
CA LYS A 276 -82.07 30.68 9.67
C LYS A 276 -81.88 29.90 10.95
N ALA A 277 -81.45 28.63 10.87
CA ALA A 277 -81.18 27.81 12.04
C ALA A 277 -80.14 28.48 12.95
N ALA A 278 -79.07 29.10 12.37
CA ALA A 278 -78.02 29.82 13.13
C ALA A 278 -78.57 31.02 13.91
N SER A 279 -79.46 31.78 13.26
CA SER A 279 -80.09 32.97 13.86
C SER A 279 -81.02 32.64 15.02
N PHE A 280 -81.89 31.63 14.83
CA PHE A 280 -82.85 31.14 15.85
C PHE A 280 -82.20 31.04 17.21
N VAL A 281 -80.99 30.47 17.22
CA VAL A 281 -80.16 30.21 18.39
C VAL A 281 -79.65 31.51 18.98
N MET A 282 -79.10 32.37 18.14
CA MET A 282 -78.56 33.66 18.59
C MET A 282 -79.66 34.46 19.28
N GLN A 283 -80.87 34.40 18.72
CA GLN A 283 -82.06 35.07 19.23
C GLN A 283 -82.55 34.55 20.57
N SER A 284 -82.64 33.21 20.71
CA SER A 284 -83.17 32.52 21.89
C SER A 284 -82.71 33.05 23.25
N GLU A 285 -81.41 33.36 23.39
CA GLU A 285 -80.78 33.81 24.64
C GLU A 285 -81.00 32.80 25.77
N LYS A 286 -80.44 31.63 25.47
CA LYS A 286 -80.18 30.35 26.17
C LYS A 286 -79.63 29.58 24.95
N PRO A 287 -78.50 30.06 24.37
CA PRO A 287 -78.12 29.60 23.03
C PRO A 287 -77.59 28.21 22.96
N PHE A 288 -76.79 27.81 23.91
CA PHE A 288 -76.23 26.49 23.85
C PHE A 288 -77.29 25.42 23.96
N GLU A 289 -78.32 25.66 24.79
CA GLU A 289 -79.41 24.72 25.00
C GLU A 289 -80.30 24.64 23.76
N ALA A 290 -80.49 25.76 23.06
CA ALA A 290 -81.28 25.83 21.84
C ALA A 290 -80.70 24.91 20.76
N LEU A 291 -79.39 25.03 20.55
CA LEU A 291 -78.64 24.26 19.57
C LEU A 291 -78.75 22.80 19.83
N LEU A 292 -78.64 22.39 21.09
CA LEU A 292 -78.79 21.01 21.49
C LEU A 292 -80.19 20.53 21.19
N LYS A 293 -81.22 21.29 21.64
CA LYS A 293 -82.63 20.94 21.40
C LYS A 293 -82.98 20.93 19.92
N LEU A 294 -82.46 21.88 19.15
CA LEU A 294 -82.69 21.98 17.73
C LEU A 294 -81.93 20.89 16.99
N THR A 295 -80.62 20.78 17.26
CA THR A 295 -79.75 19.83 16.56
C THR A 295 -80.13 18.35 16.83
N GLN A 296 -80.64 18.00 18.02
CA GLN A 296 -81.00 16.61 18.32
C GLN A 296 -82.23 16.12 17.51
N ASP A 297 -83.27 16.96 17.39
CA ASP A 297 -84.49 16.64 16.67
C ASP A 297 -84.65 17.47 15.38
N PHE A 298 -83.53 17.90 14.78
CA PHE A 298 -83.48 18.76 13.59
C PHE A 298 -84.41 18.38 12.42
N PRO A 299 -84.53 17.09 11.97
CA PRO A 299 -85.41 16.80 10.82
C PRO A 299 -86.87 17.24 11.00
N LYS A 300 -87.35 17.07 12.23
CA LYS A 300 -88.67 17.42 12.72
C LYS A 300 -88.95 18.94 12.63
N TYR A 301 -87.93 19.77 12.90
CA TYR A 301 -88.08 21.24 12.93
C TYR A 301 -87.77 21.96 11.62
N SER A 302 -87.51 21.24 10.51
CA SER A 302 -87.17 21.90 9.24
C SER A 302 -88.24 22.88 8.74
N ASN A 303 -89.48 22.40 8.61
CA ASN A 303 -90.60 23.22 8.12
C ASN A 303 -91.01 24.26 9.17
N SER A 304 -90.73 23.99 10.47
CA SER A 304 -91.01 24.89 11.59
C SER A 304 -90.08 26.11 11.62
N LEU A 305 -88.98 26.11 10.83
CA LEU A 305 -88.04 27.22 10.75
C LEU A 305 -88.48 28.15 9.64
N GLY A 306 -88.03 29.40 9.72
CA GLY A 306 -88.41 30.44 8.78
C GLY A 306 -89.53 31.29 9.30
N SER A 307 -89.86 31.14 10.61
CA SER A 307 -90.99 31.83 11.23
C SER A 307 -90.64 33.16 11.96
N GLN A 308 -91.60 34.14 11.89
CA GLN A 308 -91.63 35.49 12.51
C GLN A 308 -90.40 36.36 12.19
N ASN A 309 -90.25 36.68 10.88
CA ASN A 309 -89.14 37.47 10.29
C ASN A 309 -87.84 37.07 10.96
N VAL A 310 -87.58 35.76 10.72
CA VAL A 310 -86.54 34.84 11.16
C VAL A 310 -85.08 35.15 10.73
N SER A 311 -84.75 35.57 9.46
CA SER A 311 -83.35 35.70 9.01
C SER A 311 -82.43 36.48 9.95
N ALA A 312 -82.84 37.69 10.41
CA ALA A 312 -82.05 38.53 11.35
C ALA A 312 -80.60 38.55 10.94
N GLU A 313 -80.39 38.75 9.63
CA GLU A 313 -79.07 38.70 9.08
C GLU A 313 -78.28 39.95 9.43
N PHE A 314 -77.89 40.04 10.69
CA PHE A 314 -76.92 41.02 11.10
C PHE A 314 -75.65 40.34 10.55
N GLU A 315 -75.55 39.03 10.82
CA GLU A 315 -74.43 38.20 10.45
C GLU A 315 -74.39 37.72 9.00
N ALA A 316 -74.36 38.67 8.10
CA ALA A 316 -73.80 38.63 6.77
C ALA A 316 -72.54 39.43 6.98
N GLU A 317 -72.43 40.12 8.12
CA GLU A 317 -71.27 40.90 8.48
C GLU A 317 -70.07 40.00 8.81
N HIS A 318 -70.33 38.85 9.45
CA HIS A 318 -69.28 37.93 9.87
C HIS A 318 -68.83 36.99 8.80
N ARG A 319 -69.06 37.32 7.53
CA ARG A 319 -68.49 36.58 6.43
C ARG A 319 -67.23 37.33 6.08
N GLY A 320 -66.95 38.39 6.84
CA GLY A 320 -65.68 39.07 6.87
C GLY A 320 -64.78 38.07 7.56
N ASN A 321 -65.39 37.28 8.49
CA ASN A 321 -64.75 36.14 9.13
C ASN A 321 -64.53 35.05 8.11
N ARG A 322 -65.56 34.71 7.32
CA ARG A 322 -65.38 33.72 6.27
C ARG A 322 -64.29 34.19 5.30
N GLU A 323 -64.38 35.41 4.75
CA GLU A 323 -63.41 35.95 3.79
C GLU A 323 -61.97 35.64 4.12
N VAL A 324 -61.60 35.82 5.40
CA VAL A 324 -60.24 35.58 5.86
C VAL A 324 -59.87 34.10 6.10
N PHE A 325 -60.67 33.31 6.86
CA PHE A 325 -60.18 32.00 7.25
C PHE A 325 -60.96 30.75 6.80
N LEU A 326 -62.16 30.45 7.28
CA LEU A 326 -62.74 29.16 6.92
C LEU A 326 -63.92 29.18 6.00
N PRO A 327 -63.99 28.17 5.09
CA PRO A 327 -65.16 28.05 4.20
C PRO A 327 -66.44 27.60 4.91
N GLU A 328 -67.56 28.19 4.49
CA GLU A 328 -68.90 27.95 5.01
C GLU A 328 -69.29 26.46 5.10
N GLY A 329 -69.93 26.10 6.22
CA GLY A 329 -70.41 24.75 6.48
C GLY A 329 -69.40 23.73 7.01
N SER A 330 -68.20 24.18 7.42
CA SER A 330 -67.12 23.30 7.85
C SER A 330 -67.02 23.24 9.38
N ASN A 331 -66.92 22.03 9.93
CA ASN A 331 -66.79 21.82 11.38
C ASN A 331 -65.30 21.70 11.74
N VAL A 332 -64.80 22.54 12.69
CA VAL A 332 -63.39 22.50 13.10
C VAL A 332 -63.26 22.78 14.59
N LEU A 333 -62.51 21.95 15.29
CA LEU A 333 -62.30 22.13 16.73
C LEU A 333 -60.83 22.33 17.05
N TRP A 334 -60.57 23.22 18.00
CA TRP A 334 -59.23 23.51 18.50
C TRP A 334 -59.20 23.40 20.00
N LEU A 335 -58.10 22.88 20.54
CA LEU A 335 -57.89 22.76 21.98
C LEU A 335 -56.54 23.39 22.26
N ASN A 336 -56.57 24.65 22.72
CA ASN A 336 -55.37 25.43 23.04
C ASN A 336 -54.48 25.60 21.79
N GLY A 337 -55.11 25.83 20.63
CA GLY A 337 -54.44 25.95 19.34
C GLY A 337 -54.35 24.65 18.55
N LEU A 338 -54.37 23.49 19.24
CA LEU A 338 -54.27 22.19 18.60
C LEU A 338 -55.49 21.85 17.81
N HIS A 339 -55.31 21.57 16.53
CA HIS A 339 -56.41 21.17 15.67
C HIS A 339 -56.69 19.68 15.91
N LEU A 340 -57.95 19.33 16.30
CA LEU A 340 -58.32 17.95 16.57
C LEU A 340 -59.05 17.31 15.40
N ILE A 341 -58.68 16.06 15.11
CA ILE A 341 -59.32 15.27 14.06
C ILE A 341 -60.59 14.66 14.65
N ASP A 342 -61.48 14.19 13.79
CA ASP A 342 -62.76 13.65 14.20
C ASP A 342 -62.67 12.44 15.13
N ARG A 343 -61.71 11.57 14.90
CA ARG A 343 -61.51 10.39 15.73
C ARG A 343 -61.18 10.77 17.17
N GLN A 344 -60.59 11.95 17.40
CA GLN A 344 -60.22 12.40 18.75
C GLN A 344 -61.38 13.04 19.45
N ILE A 345 -62.57 13.10 18.83
CA ILE A 345 -63.71 13.81 19.38
C ILE A 345 -64.76 12.85 19.83
N GLN A 346 -64.40 12.21 20.91
CA GLN A 346 -65.22 11.30 21.65
C GLN A 346 -64.87 11.62 23.11
N PRO A 347 -65.60 11.05 24.05
CA PRO A 347 -65.35 11.37 25.45
C PRO A 347 -64.04 10.85 25.96
N PHE A 348 -63.65 9.65 25.54
CA PHE A 348 -62.43 9.01 25.99
C PHE A 348 -61.21 9.71 25.45
N GLY A 349 -61.24 10.01 24.16
CA GLY A 349 -60.20 10.73 23.43
C GLY A 349 -60.00 12.11 23.99
N LEU A 350 -61.11 12.80 24.31
CA LEU A 350 -61.04 14.14 24.88
C LEU A 350 -60.58 14.20 26.33
N VAL A 351 -60.99 13.24 27.16
CA VAL A 351 -60.55 13.19 28.57
C VAL A 351 -59.03 13.00 28.64
N ASP A 352 -58.47 12.14 27.77
CA ASP A 352 -57.04 11.89 27.77
C ASP A 352 -56.27 13.11 27.32
N LEU A 353 -56.82 13.93 26.42
CA LEU A 353 -56.15 15.15 25.97
C LEU A 353 -56.08 16.22 27.03
N LEU A 354 -57.15 16.40 27.80
CA LEU A 354 -57.17 17.38 28.89
C LEU A 354 -56.11 17.02 29.92
N THR A 355 -56.13 15.74 30.36
CA THR A 355 -55.22 15.16 31.35
C THR A 355 -53.77 15.46 31.00
N ARG A 356 -53.38 15.22 29.73
CA ARG A 356 -52.04 15.49 29.20
C ARG A 356 -51.75 17.01 29.15
N GLU A 357 -52.73 17.79 28.68
CA GLU A 357 -52.61 19.24 28.52
C GLU A 357 -52.50 20.00 29.85
N ARG A 358 -53.28 19.60 30.84
CA ARG A 358 -53.25 20.25 32.14
C ARG A 358 -51.91 20.04 32.80
N LYS A 359 -51.41 18.78 32.83
CA LYS A 359 -50.09 18.45 33.36
C LYS A 359 -49.02 19.40 32.80
N LEU A 360 -49.13 19.70 31.49
CA LEU A 360 -48.26 20.60 30.74
C LEU A 360 -48.38 22.05 31.23
N ILE A 361 -49.62 22.56 31.29
CA ILE A 361 -49.90 23.95 31.69
C ILE A 361 -49.60 24.21 33.15
N LYS A 362 -50.01 23.31 34.06
CA LYS A 362 -49.77 23.45 35.49
C LYS A 362 -48.31 23.66 35.74
N SER A 363 -47.47 22.88 35.03
CA SER A 363 -46.03 23.02 35.10
C SER A 363 -45.59 24.44 34.76
N VAL A 364 -46.22 25.03 33.74
CA VAL A 364 -45.94 26.40 33.31
C VAL A 364 -46.43 27.45 34.32
N LEU A 365 -47.65 27.30 34.84
CA LEU A 365 -48.21 28.33 35.70
C LEU A 365 -47.74 28.26 37.16
N ASP A 366 -46.64 27.56 37.45
CA ASP A 366 -45.99 27.58 38.75
C ASP A 366 -44.95 28.71 38.71
N LEU A 367 -44.85 29.40 37.55
CA LEU A 367 -44.01 30.57 37.33
C LEU A 367 -44.86 31.83 37.26
N GLY A 368 -46.09 31.79 37.76
CA GLY A 368 -46.96 32.96 37.77
C GLY A 368 -47.46 33.44 36.42
N LEU A 369 -47.95 32.50 35.58
CA LEU A 369 -48.54 32.80 34.27
C LEU A 369 -49.99 32.36 34.33
N THR A 370 -50.94 33.16 33.82
CA THR A 370 -52.35 32.75 33.81
C THR A 370 -52.53 31.70 32.74
N GLY A 371 -53.61 30.92 32.86
CA GLY A 371 -53.95 29.91 31.87
C GLY A 371 -53.97 30.53 30.49
N GLN A 372 -54.52 31.75 30.44
CA GLN A 372 -54.63 32.53 29.21
C GLN A 372 -53.27 32.95 28.65
N GLN A 373 -52.35 33.41 29.54
CA GLN A 373 -50.99 33.81 29.15
C GLN A 373 -50.18 32.61 28.67
N ALA A 374 -50.29 31.48 29.41
CA ALA A 374 -49.59 30.24 29.12
C ALA A 374 -49.92 29.71 27.71
N VAL A 375 -51.20 29.65 27.37
CA VAL A 375 -51.67 29.16 26.07
C VAL A 375 -51.20 30.11 24.95
N ASP A 376 -51.30 31.43 25.18
CA ASP A 376 -50.86 32.47 24.24
C ASP A 376 -49.38 32.31 23.85
N LEU A 377 -48.54 31.94 24.83
CA LEU A 377 -47.12 31.70 24.64
C LEU A 377 -46.89 30.44 23.79
N LEU A 378 -47.70 29.38 24.02
CA LEU A 378 -47.60 28.10 23.30
C LEU A 378 -47.90 28.21 21.80
N GLY A 379 -48.93 28.99 21.44
CA GLY A 379 -49.31 29.18 20.05
C GLY A 379 -48.71 30.40 19.40
N HIS A 380 -47.63 30.98 20.00
CA HIS A 380 -47.02 32.22 19.50
C HIS A 380 -46.35 32.03 18.13
N ALA A 381 -46.34 33.11 17.29
CA ALA A 381 -45.80 33.14 15.92
C ALA A 381 -44.33 32.75 15.84
N GLU A 382 -43.47 33.34 16.68
CA GLU A 382 -42.06 33.00 16.72
C GLU A 382 -41.80 31.51 17.05
N VAL A 383 -42.68 30.87 17.87
CA VAL A 383 -42.59 29.46 18.28
C VAL A 383 -42.88 28.54 17.08
N ALA A 384 -44.07 28.71 16.47
CA ALA A 384 -44.50 27.93 15.30
C ALA A 384 -43.55 28.08 14.11
N HIS A 385 -43.01 29.31 13.91
CA HIS A 385 -42.05 29.60 12.86
C HIS A 385 -40.86 28.67 13.02
N ALA A 386 -40.35 28.47 14.25
CA ALA A 386 -39.19 27.58 14.52
C ALA A 386 -39.43 26.15 14.13
N LYS A 387 -40.65 25.63 14.36
CA LYS A 387 -40.95 24.26 13.94
C LYS A 387 -40.91 24.15 12.40
N SER A 388 -41.50 25.11 11.72
CA SER A 388 -41.49 25.21 10.25
C SER A 388 -40.10 25.58 9.70
N GLY A 389 -39.29 26.11 10.60
CA GLY A 389 -37.91 26.47 10.39
C GLY A 389 -36.98 25.34 10.04
N ASP A 390 -37.46 24.17 9.52
CA ASP A 390 -36.54 23.25 8.88
C ASP A 390 -36.61 23.46 7.35
N ASP A 391 -37.01 24.68 6.98
CA ASP A 391 -36.89 25.19 5.64
C ASP A 391 -35.45 25.74 5.66
N GLU A 392 -34.94 26.16 6.87
CA GLU A 392 -33.55 26.61 7.10
C GLU A 392 -32.67 25.35 6.99
N PRO A 393 -32.02 25.02 5.87
CA PRO A 393 -31.29 23.75 5.85
C PRO A 393 -29.93 23.83 6.50
N ARG A 394 -29.53 22.72 7.18
CA ARG A 394 -28.20 22.59 7.78
C ARG A 394 -27.38 21.69 6.87
N ARG A 395 -26.14 22.11 6.58
CA ARG A 395 -25.28 21.40 5.65
C ARG A 395 -24.01 20.92 6.32
N PHE A 396 -23.43 19.87 5.75
CA PHE A 396 -22.22 19.25 6.24
C PHE A 396 -21.17 19.18 5.12
N ASP A 397 -19.95 19.44 5.49
CA ASP A 397 -18.79 19.57 4.62
C ASP A 397 -18.35 18.24 4.00
N TRP A 398 -18.66 18.06 2.76
CA TRP A 398 -18.44 16.81 2.01
C TRP A 398 -17.07 16.66 1.39
N ARG A 399 -16.17 17.56 1.66
CA ARG A 399 -14.89 17.56 1.01
C ARG A 399 -13.89 16.47 1.49
N ASP A 400 -12.96 16.20 0.58
CA ASP A 400 -11.83 15.27 0.64
C ASP A 400 -10.66 15.87 1.41
N ASP A 401 -10.64 17.20 1.58
CA ASP A 401 -9.55 18.01 2.15
C ASP A 401 -8.98 17.44 3.47
N ILE A 402 -9.84 16.92 4.35
CA ILE A 402 -9.41 16.29 5.59
C ILE A 402 -8.69 14.97 5.27
N GLU A 403 -9.21 14.21 4.27
CA GLU A 403 -8.66 12.93 3.80
C GLU A 403 -7.69 13.09 2.62
N GLU A 404 -7.09 14.28 2.50
CA GLU A 404 -6.06 14.63 1.55
C GLU A 404 -6.38 14.26 0.08
N GLY A 405 -7.61 14.46 -0.33
CA GLY A 405 -8.01 14.24 -1.73
C GLY A 405 -8.00 12.82 -2.26
N GLN A 406 -7.91 11.79 -1.38
CA GLN A 406 -7.79 10.43 -1.87
C GLN A 406 -9.01 9.55 -1.63
N VAL A 407 -10.22 10.13 -1.51
CA VAL A 407 -11.42 9.29 -1.27
C VAL A 407 -12.52 9.41 -2.35
N ILE A 408 -12.83 10.63 -2.88
CA ILE A 408 -13.92 10.80 -3.85
C ILE A 408 -13.44 10.61 -5.25
N ILE A 409 -14.16 9.76 -6.01
CA ILE A 409 -13.80 9.45 -7.40
C ILE A 409 -14.87 10.04 -8.33
N TRP A 410 -14.58 11.27 -8.80
CA TRP A 410 -15.46 12.07 -9.63
C TRP A 410 -15.51 11.54 -11.02
N LEU A 411 -16.70 11.64 -11.63
CA LEU A 411 -17.00 11.27 -13.03
C LEU A 411 -16.95 12.56 -13.95
N ASN A 412 -16.85 13.74 -13.29
CA ASN A 412 -16.89 15.04 -13.89
C ASN A 412 -15.81 15.97 -13.38
N ASN A 413 -15.66 17.04 -14.15
CA ASN A 413 -14.98 18.27 -13.86
C ASN A 413 -15.62 19.23 -14.84
N LEU A 414 -16.25 20.27 -14.35
CA LEU A 414 -16.97 21.18 -15.22
C LEU A 414 -16.08 22.25 -15.78
N GLU A 415 -14.92 22.45 -15.17
CA GLU A 415 -14.00 23.49 -15.62
C GLU A 415 -13.08 22.96 -16.69
N LYS A 416 -12.87 21.63 -16.75
CA LYS A 416 -11.95 21.02 -17.70
C LYS A 416 -12.45 19.65 -18.21
N ASP A 417 -13.62 19.54 -18.86
CA ASP A 417 -14.00 18.20 -19.37
C ASP A 417 -14.19 18.16 -20.88
N LYS A 418 -14.20 19.32 -21.56
CA LYS A 418 -14.34 19.40 -23.02
C LYS A 418 -15.61 18.72 -23.54
N ARG A 419 -16.63 18.83 -22.73
CA ARG A 419 -18.02 18.44 -22.92
C ARG A 419 -18.79 19.74 -22.73
N TYR A 420 -18.39 20.46 -21.70
CA TYR A 420 -18.91 21.73 -21.28
C TYR A 420 -18.15 22.87 -21.95
N LYS A 421 -17.05 22.56 -22.71
CA LYS A 421 -16.24 23.53 -23.51
C LYS A 421 -17.08 24.64 -24.14
N SER A 422 -18.26 24.26 -24.64
CA SER A 422 -19.25 25.15 -25.22
C SER A 422 -19.64 26.31 -24.30
N PHE A 423 -19.76 26.03 -23.01
CA PHE A 423 -20.25 26.97 -22.02
C PHE A 423 -19.27 28.03 -21.58
N SER A 424 -19.84 29.11 -21.02
CA SER A 424 -19.07 30.24 -20.51
C SER A 424 -18.75 30.01 -19.05
N PRO A 425 -17.54 30.39 -18.62
CA PRO A 425 -17.21 30.29 -17.21
C PRO A 425 -17.42 31.68 -16.55
N SER A 426 -18.63 32.25 -16.67
CA SER A 426 -18.89 33.58 -16.10
C SER A 426 -19.96 33.51 -15.03
N ILE A 427 -19.79 34.34 -14.01
CA ILE A 427 -20.74 34.45 -12.93
C ILE A 427 -22.09 34.98 -13.42
N TRP A 428 -22.05 35.99 -14.32
CA TRP A 428 -23.25 36.61 -14.84
C TRP A 428 -24.15 35.68 -15.62
N VAL A 429 -23.65 34.49 -15.97
CA VAL A 429 -24.44 33.45 -16.61
C VAL A 429 -25.46 32.96 -15.58
N LEU A 430 -25.03 32.82 -14.33
CA LEU A 430 -25.89 32.36 -13.25
C LEU A 430 -26.93 33.41 -12.93
N ILE A 431 -26.49 34.61 -12.64
CA ILE A 431 -27.33 35.72 -12.21
C ILE A 431 -28.43 36.05 -13.23
N HIS A 432 -28.06 36.11 -14.54
CA HIS A 432 -29.03 36.39 -15.59
C HIS A 432 -29.68 35.13 -16.11
N HIS A 433 -30.51 34.50 -15.29
CA HIS A 433 -31.18 33.30 -15.72
C HIS A 433 -32.66 33.42 -15.48
N PHE A 434 -33.42 32.92 -16.45
CA PHE A 434 -34.86 32.88 -16.43
C PHE A 434 -35.29 31.63 -17.19
N GLY A 435 -36.41 31.04 -16.78
CA GLY A 435 -36.97 29.85 -17.41
C GLY A 435 -36.96 28.64 -16.51
N HIS A 436 -37.12 27.46 -17.14
CA HIS A 436 -37.19 26.14 -16.47
C HIS A 436 -35.87 25.35 -16.58
N GLY A 437 -34.95 25.81 -17.44
CA GLY A 437 -33.69 25.13 -17.69
C GLY A 437 -32.65 25.37 -16.61
N LEU A 438 -31.71 24.43 -16.47
CA LEU A 438 -30.62 24.57 -15.50
C LEU A 438 -29.43 25.24 -16.18
N PRO A 439 -28.87 26.31 -15.56
CA PRO A 439 -27.88 27.14 -16.25
C PRO A 439 -26.59 26.47 -16.60
N GLN A 440 -26.22 26.62 -17.87
CA GLN A 440 -25.02 26.08 -18.44
C GLN A 440 -23.88 26.99 -18.05
N ILE A 441 -22.79 26.44 -17.53
CA ILE A 441 -21.64 27.23 -17.12
C ILE A 441 -20.41 26.32 -17.01
N ARG A 442 -19.21 26.85 -17.29
CA ARG A 442 -17.95 26.13 -17.14
C ARG A 442 -17.38 26.55 -15.82
N ARG A 443 -17.98 26.05 -14.76
CA ARG A 443 -17.53 26.36 -13.41
C ARG A 443 -18.01 25.30 -12.47
N ASP A 444 -17.38 25.16 -11.29
CA ASP A 444 -17.82 24.15 -10.34
C ASP A 444 -18.80 24.86 -9.45
N VAL A 445 -20.05 24.37 -9.39
CA VAL A 445 -21.08 25.02 -8.57
C VAL A 445 -21.89 24.04 -7.76
N PHE A 446 -22.37 22.98 -8.39
CA PHE A 446 -23.18 21.99 -7.69
C PHE A 446 -22.42 20.71 -7.66
N ASN A 447 -22.51 20.00 -6.52
CA ASN A 447 -21.84 18.71 -6.35
C ASN A 447 -22.76 17.67 -5.74
N LEU A 448 -22.59 16.43 -6.16
CA LEU A 448 -23.32 15.35 -5.58
C LEU A 448 -22.40 14.17 -5.33
N VAL A 449 -22.28 13.74 -4.03
CA VAL A 449 -21.45 12.59 -3.62
C VAL A 449 -22.35 11.51 -3.08
N VAL A 450 -22.35 10.36 -3.73
CA VAL A 450 -23.18 9.23 -3.34
C VAL A 450 -22.32 8.03 -2.88
N PRO A 451 -22.42 7.59 -1.58
CA PRO A 451 -21.65 6.40 -1.15
C PRO A 451 -22.27 5.10 -1.68
N VAL A 452 -21.47 4.31 -2.41
CA VAL A 452 -21.91 3.10 -3.10
C VAL A 452 -21.16 1.86 -2.64
N ASP A 453 -21.86 0.73 -2.44
CA ASP A 453 -21.24 -0.57 -2.10
C ASP A 453 -20.99 -1.33 -3.43
N LEU A 454 -19.73 -1.69 -3.71
CA LEU A 454 -19.36 -2.33 -4.98
C LEU A 454 -19.62 -3.83 -5.07
N THR A 455 -19.98 -4.46 -3.95
CA THR A 455 -20.37 -5.87 -3.96
C THR A 455 -21.76 -5.97 -4.61
N LYS A 456 -22.68 -5.09 -4.14
CA LYS A 456 -24.07 -5.03 -4.51
C LYS A 456 -24.31 -4.50 -5.89
N ALA A 457 -25.00 -5.30 -6.71
CA ALA A 457 -25.35 -4.94 -8.08
C ALA A 457 -26.27 -3.71 -8.13
N ASP A 458 -27.29 -3.64 -7.26
CA ASP A 458 -28.23 -2.50 -7.19
C ASP A 458 -27.48 -1.17 -6.98
N ASP A 459 -26.48 -1.19 -6.11
CA ASP A 459 -25.62 -0.06 -5.78
C ASP A 459 -24.71 0.30 -6.95
N VAL A 460 -24.11 -0.70 -7.58
CA VAL A 460 -23.21 -0.50 -8.72
C VAL A 460 -23.99 0.03 -9.93
N LYS A 461 -25.18 -0.54 -10.20
CA LYS A 461 -26.11 -0.12 -11.26
C LYS A 461 -26.44 1.38 -11.20
N ILE A 462 -26.52 1.96 -9.97
CA ILE A 462 -26.79 3.39 -9.74
C ILE A 462 -25.71 4.22 -10.40
N VAL A 463 -24.45 3.88 -10.15
CA VAL A 463 -23.34 4.60 -10.74
C VAL A 463 -23.36 4.47 -12.23
N VAL A 464 -23.36 3.22 -12.70
CA VAL A 464 -23.26 2.89 -14.11
C VAL A 464 -24.47 3.42 -14.95
N GLU A 465 -25.70 3.28 -14.48
CA GLU A 465 -26.85 3.76 -15.25
C GLU A 465 -27.21 5.15 -14.82
N GLY A 466 -27.53 5.31 -13.54
CA GLY A 466 -27.97 6.57 -12.96
C GLY A 466 -27.01 7.72 -13.11
N LEU A 467 -25.82 7.59 -12.51
CA LEU A 467 -24.83 8.67 -12.52
C LEU A 467 -24.27 9.02 -13.89
N LEU A 468 -23.98 8.03 -14.71
CA LEU A 468 -23.43 8.30 -16.03
C LEU A 468 -24.40 8.95 -16.99
N SER A 469 -25.69 8.57 -16.99
CA SER A 469 -26.67 9.20 -17.88
C SER A 469 -26.58 10.69 -17.69
N PHE A 470 -26.61 11.12 -16.43
CA PHE A 470 -26.50 12.53 -16.05
C PHE A 470 -25.24 13.22 -16.58
N VAL A 471 -24.12 12.49 -16.58
CA VAL A 471 -22.86 13.01 -17.13
C VAL A 471 -23.04 13.23 -18.65
N LYS A 472 -23.45 12.16 -19.35
CA LYS A 472 -23.72 12.08 -20.80
C LYS A 472 -24.66 13.18 -21.22
N ARG A 473 -25.69 13.44 -20.40
CA ARG A 473 -26.74 14.45 -20.61
C ARG A 473 -26.26 15.91 -20.51
N LEU A 474 -25.00 16.15 -20.05
CA LEU A 474 -24.37 17.47 -19.92
C LEU A 474 -25.07 18.35 -18.88
N ILE A 475 -25.31 17.76 -17.72
CA ILE A 475 -25.96 18.45 -16.61
C ILE A 475 -24.87 19.25 -15.92
N PRO A 476 -25.17 20.49 -15.42
CA PRO A 476 -24.13 21.30 -14.75
C PRO A 476 -23.89 20.94 -13.25
N VAL A 477 -23.96 19.64 -12.92
CA VAL A 477 -23.74 19.10 -11.59
C VAL A 477 -22.57 18.15 -11.69
N ARG A 478 -21.62 18.22 -10.74
CA ARG A 478 -20.46 17.32 -10.73
C ARG A 478 -20.86 16.07 -9.94
N PHE A 479 -20.60 14.88 -10.50
CA PHE A 479 -21.02 13.62 -9.87
C PHE A 479 -19.85 12.84 -9.34
N GLY A 480 -19.91 12.57 -8.05
CA GLY A 480 -18.90 11.80 -7.34
C GLY A 480 -19.50 10.65 -6.59
N PHE A 481 -18.63 9.73 -6.18
CA PHE A 481 -19.08 8.60 -5.41
C PHE A 481 -17.96 8.04 -4.62
N VAL A 482 -18.29 7.54 -3.40
CA VAL A 482 -17.30 6.93 -2.52
C VAL A 482 -17.75 5.55 -2.17
N PRO A 483 -16.88 4.58 -2.42
CA PRO A 483 -17.26 3.19 -2.14
C PRO A 483 -17.49 2.91 -0.65
N LEU A 484 -18.34 1.94 -0.34
CA LEU A 484 -18.59 1.58 1.03
C LEU A 484 -17.76 0.34 1.21
N THR A 485 -17.09 0.25 2.37
CA THR A 485 -16.16 -0.81 2.75
C THR A 485 -16.62 -1.58 3.99
N PRO A 486 -17.81 -2.23 4.00
CA PRO A 486 -18.24 -2.93 5.20
C PRO A 486 -17.98 -4.45 5.18
N THR A 487 -17.49 -4.99 4.07
CA THR A 487 -17.17 -6.41 3.93
C THR A 487 -15.84 -6.53 3.24
N GLY A 488 -15.22 -7.69 3.36
CA GLY A 488 -13.93 -7.98 2.73
C GLY A 488 -13.94 -7.75 1.23
N GLN A 489 -14.91 -8.35 0.55
CA GLN A 489 -15.11 -8.25 -0.90
C GLN A 489 -15.18 -6.76 -1.36
N ALA A 490 -15.93 -5.95 -0.61
CA ALA A 490 -16.09 -4.53 -0.85
C ALA A 490 -14.77 -3.81 -0.78
N ILE A 491 -13.98 -4.10 0.29
CA ILE A 491 -12.64 -3.50 0.52
C ILE A 491 -11.73 -3.76 -0.68
N ASP A 492 -11.66 -5.03 -1.13
CA ASP A 492 -10.87 -5.48 -2.30
C ASP A 492 -11.29 -4.73 -3.56
N GLN A 493 -12.58 -4.69 -3.84
CA GLN A 493 -13.05 -4.01 -5.01
C GLN A 493 -12.86 -2.51 -4.98
N ALA A 494 -12.80 -1.89 -3.79
CA ALA A 494 -12.50 -0.46 -3.70
C ALA A 494 -11.05 -0.31 -4.18
N LYS A 495 -10.12 -1.15 -3.62
CA LYS A 495 -8.69 -1.18 -3.98
C LYS A 495 -8.50 -1.26 -5.50
N VAL A 496 -9.18 -2.26 -6.11
CA VAL A 496 -9.11 -2.54 -7.54
C VAL A 496 -9.45 -1.30 -8.37
N VAL A 497 -10.64 -0.75 -8.12
CA VAL A 497 -11.18 0.40 -8.82
C VAL A 497 -10.27 1.65 -8.61
N TYR A 498 -9.81 1.85 -7.36
CA TYR A 498 -8.91 2.94 -7.00
C TYR A 498 -7.57 2.84 -7.74
N TYR A 499 -6.97 1.64 -7.77
CA TYR A 499 -5.72 1.39 -8.50
C TYR A 499 -5.87 1.76 -9.93
N LEU A 500 -6.87 1.16 -10.56
CA LEU A 500 -7.20 1.32 -11.95
C LEU A 500 -7.42 2.79 -12.34
N LEU A 501 -7.88 3.61 -11.40
CA LEU A 501 -8.03 5.03 -11.66
C LEU A 501 -6.66 5.72 -11.64
N GLU A 502 -5.91 5.48 -10.56
CA GLU A 502 -4.60 6.07 -10.29
C GLU A 502 -3.64 6.00 -11.47
N ASN A 503 -3.39 4.83 -12.03
CA ASN A 503 -2.43 4.70 -13.13
C ASN A 503 -3.04 4.86 -14.51
N TYR A 504 -4.09 4.09 -14.80
CA TYR A 504 -4.69 4.01 -16.12
C TYR A 504 -5.72 5.10 -16.42
N GLY A 505 -6.53 5.45 -15.43
CA GLY A 505 -7.52 6.51 -15.62
C GLY A 505 -8.96 6.11 -15.45
N LEU A 506 -9.80 7.14 -15.42
CA LEU A 506 -11.22 7.03 -15.15
C LEU A 506 -11.93 6.08 -16.07
N ALA A 507 -11.74 6.21 -17.38
CA ALA A 507 -12.43 5.38 -18.37
C ALA A 507 -12.17 3.91 -18.18
N ALA A 508 -10.94 3.56 -17.78
CA ALA A 508 -10.55 2.18 -17.56
C ALA A 508 -11.28 1.63 -16.32
N ALA A 509 -11.35 2.45 -15.24
CA ALA A 509 -12.05 2.08 -13.98
C ALA A 509 -13.52 1.92 -14.25
N THR A 510 -14.08 2.93 -14.93
CA THR A 510 -15.46 2.97 -15.39
C THR A 510 -15.73 1.70 -16.15
N ALA A 511 -14.87 1.42 -17.13
CA ALA A 511 -14.95 0.25 -17.97
C ALA A 511 -15.03 -1.03 -17.15
N TYR A 512 -14.16 -1.21 -16.15
CA TYR A 512 -14.21 -2.40 -15.30
C TYR A 512 -15.59 -2.52 -14.63
N LEU A 513 -16.11 -1.40 -14.06
CA LEU A 513 -17.41 -1.38 -13.40
C LEU A 513 -18.53 -1.76 -14.35
N GLU A 514 -18.58 -1.14 -15.54
CA GLU A 514 -19.64 -1.40 -16.52
C GLU A 514 -19.63 -2.87 -16.90
N LYS A 515 -18.45 -3.37 -17.32
CA LYS A 515 -18.20 -4.77 -17.73
C LYS A 515 -18.62 -5.71 -16.61
N SER A 516 -18.10 -5.45 -15.40
CA SER A 516 -18.41 -6.29 -14.26
C SER A 516 -19.89 -6.37 -14.03
N TYR A 517 -20.59 -5.23 -14.05
CA TYR A 517 -22.03 -5.27 -13.81
C TYR A 517 -22.75 -6.15 -14.80
N GLU A 518 -22.54 -5.91 -16.09
CA GLU A 518 -23.22 -6.73 -17.07
C GLU A 518 -22.79 -8.21 -16.95
N GLU A 519 -23.82 -8.94 -16.42
CA GLU A 519 -23.99 -10.37 -16.10
C GLU A 519 -23.05 -10.90 -15.01
N GLN A 520 -21.69 -10.80 -15.14
CA GLN A 520 -20.82 -11.35 -14.09
C GLN A 520 -21.34 -10.88 -12.71
N SER A 521 -21.88 -9.60 -12.65
CA SER A 521 -22.48 -8.88 -11.51
C SER A 521 -21.60 -9.10 -10.23
N THR A 522 -20.25 -9.00 -10.42
CA THR A 522 -19.23 -9.42 -9.45
C THR A 522 -19.30 -8.77 -8.03
N GLY A 523 -19.39 -9.66 -7.05
CA GLY A 523 -19.31 -9.32 -5.65
C GLY A 523 -17.85 -9.05 -5.31
N GLN A 524 -16.94 -10.01 -5.68
CA GLN A 524 -15.49 -9.95 -5.44
C GLN A 524 -14.74 -9.71 -6.75
N PRO A 525 -13.57 -9.02 -6.78
CA PRO A 525 -12.91 -8.72 -8.07
C PRO A 525 -12.60 -9.91 -8.96
N ASN A 526 -12.88 -9.78 -10.27
CA ASN A 526 -12.69 -10.84 -11.26
C ASN A 526 -11.56 -10.48 -12.24
N GLU A 527 -10.52 -11.32 -12.27
CA GLU A 527 -9.35 -11.13 -13.14
C GLU A 527 -9.73 -11.40 -14.59
N ARG A 528 -10.53 -12.47 -14.83
CA ARG A 528 -11.00 -12.81 -16.18
C ARG A 528 -11.53 -11.57 -16.82
N ILE A 529 -12.34 -10.79 -16.08
CA ILE A 529 -12.87 -9.52 -16.55
C ILE A 529 -11.88 -8.35 -16.37
N PHE A 530 -11.08 -8.31 -15.28
CA PHE A 530 -10.12 -7.24 -15.03
C PHE A 530 -9.04 -7.20 -16.11
N ASN A 531 -8.40 -8.35 -16.36
CA ASN A 531 -7.30 -8.46 -17.32
C ASN A 531 -7.67 -8.08 -18.74
N GLU A 532 -8.89 -8.37 -19.17
CA GLU A 532 -9.37 -7.99 -20.52
C GLU A 532 -9.40 -6.47 -20.65
N VAL A 533 -9.81 -5.79 -19.56
CA VAL A 533 -9.89 -4.33 -19.48
C VAL A 533 -8.48 -3.79 -19.68
N ILE A 534 -7.50 -4.25 -18.89
CA ILE A 534 -6.12 -3.81 -19.09
C ILE A 534 -5.62 -4.16 -20.50
N LYS A 535 -5.87 -5.38 -21.01
CA LYS A 535 -5.37 -5.77 -22.34
C LYS A 535 -5.48 -4.67 -23.42
N ASP A 536 -6.65 -4.03 -23.56
CA ASP A 536 -6.81 -2.92 -24.50
C ASP A 536 -6.74 -1.55 -23.82
N LYS A 537 -7.44 -1.38 -22.68
CA LYS A 537 -7.47 -0.12 -21.89
C LYS A 537 -6.15 0.22 -21.21
N SER A 538 -5.18 -0.69 -21.26
CA SER A 538 -3.87 -0.48 -20.67
C SER A 538 -2.97 0.23 -21.60
N LEU A 539 -3.54 0.90 -22.61
CA LEU A 539 -2.77 1.77 -23.46
C LEU A 539 -2.47 3.02 -22.61
N ARG A 540 -1.19 3.44 -22.61
CA ARG A 540 -0.68 4.65 -21.96
C ARG A 540 -1.17 4.86 -20.47
N PRO A 541 -0.89 3.96 -19.52
CA PRO A 541 -1.17 4.31 -18.15
C PRO A 541 -0.04 5.24 -17.69
N ASP A 542 -0.37 6.50 -17.67
CA ASP A 542 0.45 7.68 -17.36
C ASP A 542 1.11 7.68 -15.97
N GLY A 543 1.97 8.71 -15.76
CA GLY A 543 2.68 9.01 -14.52
C GLY A 543 3.25 7.81 -13.78
N VAL A 544 2.81 7.59 -12.52
CA VAL A 544 3.30 6.50 -11.66
C VAL A 544 2.91 5.16 -12.30
N GLU A 545 3.81 4.22 -12.24
CA GLU A 545 3.72 2.93 -12.87
C GLU A 545 2.78 1.96 -12.16
N LEU A 546 2.48 0.89 -12.88
CA LEU A 546 1.71 -0.30 -12.52
C LEU A 546 2.26 -1.12 -11.33
N SER A 547 1.38 -1.94 -10.66
CA SER A 547 1.64 -3.02 -9.68
C SER A 547 1.14 -4.39 -10.26
N PHE A 548 -0.03 -4.34 -10.95
CA PHE A 548 -0.79 -5.45 -11.57
C PHE A 548 -1.27 -6.51 -10.59
N LYS A 549 -2.41 -7.17 -10.95
CA LYS A 549 -3.06 -8.36 -10.38
C LYS A 549 -3.30 -8.35 -8.87
N ASP A 550 -2.22 -8.23 -8.10
CA ASP A 550 -2.15 -8.26 -6.64
C ASP A 550 -2.03 -6.89 -5.95
N ILE A 551 -2.99 -6.60 -5.06
CA ILE A 551 -2.97 -5.38 -4.29
C ILE A 551 -3.07 -5.63 -2.85
N PHE A 552 -2.13 -4.98 -2.20
CA PHE A 552 -1.81 -4.95 -0.79
C PHE A 552 -0.86 -3.76 -0.58
N ILE A 553 -0.99 -2.70 -1.39
CA ILE A 553 -0.04 -1.60 -1.36
C ILE A 553 -0.14 -0.98 -0.02
N SER A 554 1.01 -0.85 0.64
CA SER A 554 1.05 -0.28 1.98
C SER A 554 0.29 1.02 2.03
N GLU A 555 0.43 1.85 0.99
CA GLU A 555 -0.26 3.13 0.93
C GLU A 555 -1.62 3.07 0.24
N LYS A 556 -1.73 2.43 -0.92
CA LYS A 556 -3.00 2.30 -1.62
C LYS A 556 -4.04 1.53 -0.84
N HIS A 557 -3.70 0.38 -0.28
CA HIS A 557 -4.66 -0.33 0.57
C HIS A 557 -4.82 0.44 1.87
N GLU A 558 -3.73 0.89 2.50
CA GLU A 558 -3.93 1.49 3.80
C GLU A 558 -4.56 2.87 3.68
N LYS A 559 -3.79 3.84 3.17
CA LYS A 559 -4.27 5.21 3.10
C LYS A 559 -5.58 5.33 2.41
N GLN A 560 -5.69 4.91 1.17
CA GLN A 560 -6.95 5.07 0.45
C GLN A 560 -8.16 4.45 1.16
N ILE A 561 -8.11 3.15 1.50
CA ILE A 561 -9.23 2.51 2.17
C ILE A 561 -9.52 3.08 3.54
N HIS A 562 -8.50 3.31 4.35
CA HIS A 562 -8.76 3.84 5.69
C HIS A 562 -9.22 5.27 5.66
N LEU A 563 -8.72 6.08 4.68
CA LEU A 563 -9.16 7.46 4.52
C LEU A 563 -10.63 7.47 4.12
N SER A 564 -11.04 6.53 3.24
CA SER A 564 -12.45 6.39 2.83
C SER A 564 -13.36 6.09 4.01
N LYS A 565 -12.97 5.12 4.81
CA LYS A 565 -13.69 4.77 6.02
C LYS A 565 -13.85 5.98 6.93
N HIS A 566 -12.82 6.83 7.02
CA HIS A 566 -12.81 8.05 7.83
C HIS A 566 -13.78 9.07 7.32
N TRP A 567 -14.00 9.10 6.03
CA TRP A 567 -14.95 10.01 5.44
C TRP A 567 -16.39 9.56 5.77
N VAL A 568 -16.68 8.27 5.58
CA VAL A 568 -18.01 7.71 5.76
C VAL A 568 -18.40 7.89 7.21
N GLU A 569 -17.47 7.57 8.11
CA GLU A 569 -17.68 7.65 9.56
C GLU A 569 -17.91 9.10 9.98
N ARG A 570 -17.15 10.03 9.44
CA ARG A 570 -17.25 11.45 9.82
C ARG A 570 -18.61 12.07 9.56
N LEU A 571 -19.26 11.66 8.46
CA LEU A 571 -20.58 12.18 8.07
C LEU A 571 -21.70 11.14 8.26
N ARG A 572 -21.40 10.03 8.94
CA ARG A 572 -22.32 8.93 9.20
C ARG A 572 -23.12 8.64 7.91
N ALA A 573 -22.37 8.36 6.86
CA ALA A 573 -22.90 8.11 5.53
C ALA A 573 -23.09 6.64 5.20
N GLY A 574 -23.17 5.78 6.21
CA GLY A 574 -23.35 4.35 5.99
C GLY A 574 -24.41 3.70 6.84
N GLY A 575 -24.37 2.37 6.79
CA GLY A 575 -25.22 1.48 7.57
C GLY A 575 -26.37 0.87 6.83
N ASP A 576 -27.50 0.71 7.54
CA ASP A 576 -28.74 0.12 7.03
C ASP A 576 -29.20 0.93 5.81
N VAL A 577 -29.26 2.25 6.00
CA VAL A 577 -29.63 3.21 4.97
C VAL A 577 -28.49 4.21 4.80
N PRO A 578 -27.76 4.13 3.67
CA PRO A 578 -26.69 5.11 3.44
C PRO A 578 -27.22 6.52 3.19
N THR A 579 -26.33 7.52 3.25
CA THR A 579 -26.70 8.93 3.10
C THR A 579 -25.95 9.60 1.93
N VAL A 580 -26.70 10.23 1.01
CA VAL A 580 -26.17 10.98 -0.13
C VAL A 580 -26.05 12.44 0.26
N PHE A 581 -24.98 13.13 -0.20
CA PHE A 581 -24.78 14.56 0.11
C PHE A 581 -24.72 15.39 -1.14
N PHE A 582 -25.76 16.22 -1.30
CA PHE A 582 -25.88 17.15 -2.39
C PHE A 582 -25.63 18.51 -1.78
N ASP A 583 -24.55 19.21 -2.18
CA ASP A 583 -24.20 20.55 -1.65
C ASP A 583 -24.15 20.58 -0.13
N GLY A 584 -23.71 19.48 0.46
CA GLY A 584 -23.64 19.32 1.91
C GLY A 584 -24.98 19.11 2.58
N PHE A 585 -25.97 18.68 1.82
CA PHE A 585 -27.26 18.46 2.37
C PHE A 585 -27.51 16.97 2.35
N PRO A 586 -27.67 16.33 3.52
CA PRO A 586 -27.92 14.89 3.54
C PRO A 586 -29.28 14.49 3.01
N ILE A 587 -29.30 13.53 2.10
CA ILE A 587 -30.51 12.94 1.54
C ILE A 587 -30.30 11.43 1.68
N PRO A 588 -31.05 10.72 2.56
CA PRO A 588 -30.85 9.26 2.69
C PRO A 588 -31.14 8.54 1.38
N ARG A 589 -30.34 7.51 1.04
CA ARG A 589 -30.53 6.73 -0.19
C ARG A 589 -31.77 5.85 -0.09
N GLU A 590 -32.95 6.44 -0.30
CA GLU A 590 -34.23 5.76 -0.26
C GLU A 590 -35.18 6.31 -1.31
N ASP A 591 -36.13 5.45 -1.76
CA ASP A 591 -37.17 5.72 -2.76
C ASP A 591 -36.69 6.62 -3.91
N ASN A 592 -37.17 7.88 -4.04
CA ASN A 592 -36.76 8.77 -5.12
C ASN A 592 -35.99 9.94 -4.53
N TRP A 593 -34.77 9.67 -4.13
CA TRP A 593 -33.89 10.69 -3.55
C TRP A 593 -33.52 11.74 -4.59
N LEU A 594 -33.45 11.34 -5.87
CA LEU A 594 -33.13 12.26 -6.96
C LEU A 594 -34.20 13.35 -7.07
N ARG A 595 -35.47 12.98 -6.86
CA ARG A 595 -36.59 13.90 -6.85
C ARG A 595 -36.34 14.98 -5.82
N VAL A 596 -35.93 14.55 -4.61
CA VAL A 596 -35.61 15.44 -3.50
C VAL A 596 -34.39 16.28 -3.81
N MET A 597 -33.35 15.67 -4.43
CA MET A 597 -32.11 16.36 -4.83
C MET A 597 -32.40 17.49 -5.82
N ASN A 598 -33.21 17.19 -6.84
CA ASN A 598 -33.60 18.17 -7.84
C ASN A 598 -34.34 19.35 -7.17
N HIS A 599 -35.13 19.07 -6.13
CA HIS A 599 -35.84 20.10 -5.38
C HIS A 599 -34.92 21.07 -4.71
N ARG A 600 -33.91 20.56 -4.04
CA ARG A 600 -32.88 21.38 -3.40
C ARG A 600 -31.99 22.05 -4.46
N LEU A 601 -31.77 21.40 -5.61
CA LEU A 601 -30.96 21.95 -6.70
C LEU A 601 -31.59 23.27 -7.21
N MET A 602 -32.92 23.30 -7.37
CA MET A 602 -33.62 24.51 -7.76
C MET A 602 -33.63 25.53 -6.61
N GLN A 603 -33.82 25.08 -5.36
CA GLN A 603 -33.83 25.96 -4.17
C GLN A 603 -32.46 26.60 -3.87
N ASP A 604 -31.38 25.90 -4.22
CA ASP A 604 -30.01 26.39 -4.10
C ASP A 604 -29.70 27.41 -5.20
N LEU A 605 -30.16 27.15 -6.43
CA LEU A 605 -29.98 28.04 -7.59
C LEU A 605 -30.58 29.41 -7.32
N GLN A 606 -31.80 29.43 -6.79
CA GLN A 606 -32.50 30.67 -6.43
C GLN A 606 -31.74 31.38 -5.30
N ALA A 607 -31.03 30.61 -4.43
CA ALA A 607 -30.22 31.12 -3.34
C ALA A 607 -28.97 31.81 -3.89
N LEU A 608 -28.42 31.32 -5.01
CA LEU A 608 -27.24 31.94 -5.67
C LEU A 608 -27.62 33.24 -6.37
N GLN A 609 -28.71 33.20 -7.19
CA GLN A 609 -29.23 34.33 -7.96
C GLN A 609 -29.38 35.59 -7.09
N GLN A 610 -30.09 35.45 -5.93
CA GLN A 610 -30.33 36.57 -5.00
C GLN A 610 -29.05 37.18 -4.45
N ALA A 611 -28.01 36.37 -4.22
CA ALA A 611 -26.73 36.88 -3.72
C ALA A 611 -26.05 37.69 -4.82
N GLY A 612 -26.20 37.23 -6.07
CA GLY A 612 -25.66 37.91 -7.23
C GLY A 612 -26.24 39.28 -7.49
N TYR A 613 -27.57 39.42 -7.36
CA TYR A 613 -28.26 40.71 -7.54
C TYR A 613 -27.94 41.71 -6.42
N PHE A 614 -27.45 41.22 -5.28
CA PHE A 614 -27.02 42.06 -4.17
C PHE A 614 -25.49 42.25 -4.23
N GLY A 615 -24.86 41.68 -5.27
CA GLY A 615 -23.44 41.79 -5.54
C GLY A 615 -22.54 41.13 -4.51
N MET A 616 -23.08 40.14 -3.78
CA MET A 616 -22.34 39.41 -2.73
C MET A 616 -21.26 38.56 -3.37
N LEU A 617 -21.56 38.06 -4.57
CA LEU A 617 -20.68 37.21 -5.34
C LEU A 617 -19.65 38.01 -6.12
N ASN A 618 -18.50 37.37 -6.42
CA ASN A 618 -17.44 37.98 -7.24
C ASN A 618 -16.75 36.93 -8.10
N GLU A 619 -16.04 37.36 -9.15
CA GLU A 619 -15.43 36.48 -10.16
C GLU A 619 -14.33 35.55 -9.65
N SER A 620 -13.61 35.92 -8.59
CA SER A 620 -12.58 35.07 -8.01
C SER A 620 -13.23 34.37 -6.82
N MET A 621 -13.92 33.25 -7.07
CA MET A 621 -14.65 32.54 -6.03
C MET A 621 -14.87 31.10 -6.38
N TRP A 622 -14.87 30.29 -5.38
CA TRP A 622 -15.23 28.89 -5.50
C TRP A 622 -16.67 28.91 -5.10
N LEU A 623 -17.56 28.71 -6.06
CA LEU A 623 -19.00 28.80 -5.82
C LEU A 623 -19.56 27.72 -4.85
N PRO A 624 -19.09 26.45 -4.84
CA PRO A 624 -19.60 25.49 -3.85
C PRO A 624 -19.37 25.89 -2.39
N GLY A 625 -18.34 26.72 -2.15
CA GLY A 625 -17.96 27.26 -0.84
C GLY A 625 -18.93 28.26 -0.27
N PHE A 626 -19.92 28.69 -1.07
CA PHE A 626 -20.98 29.60 -0.66
C PHE A 626 -21.89 28.88 0.32
N PHE A 627 -22.05 27.59 0.09
CA PHE A 627 -22.87 26.69 0.91
C PHE A 627 -22.15 26.12 2.13
N LEU A 628 -20.85 25.91 1.97
CA LEU A 628 -19.99 25.34 2.99
C LEU A 628 -19.53 26.41 3.99
N GLU A 629 -19.97 27.67 3.82
CA GLU A 629 -19.60 28.79 4.69
C GLU A 629 -19.81 28.43 6.14
N LYS A 630 -21.04 28.01 6.49
CA LYS A 630 -21.36 27.64 7.87
C LYS A 630 -21.55 26.09 8.07
N ALA A 631 -21.08 25.25 7.12
CA ALA A 631 -21.16 23.78 7.25
C ALA A 631 -20.25 23.25 8.35
N LEU A 632 -20.70 22.18 9.02
CA LEU A 632 -19.95 21.55 10.09
C LEU A 632 -19.15 20.40 9.48
N SER A 633 -17.92 20.18 9.95
CA SER A 633 -17.08 19.08 9.47
C SER A 633 -17.66 17.72 9.90
N ARG A 634 -18.08 17.59 11.16
CA ARG A 634 -18.60 16.33 11.67
C ARG A 634 -20.13 16.34 11.81
N ARG A 635 -20.76 15.23 11.39
CA ARG A 635 -22.22 15.08 11.45
C ARG A 635 -22.65 14.06 12.52
N ASN A 636 -23.46 14.53 13.50
CA ASN A 636 -23.95 13.72 14.60
C ASN A 636 -25.35 13.25 14.29
N THR A 637 -25.56 11.93 14.21
CA THR A 637 -26.86 11.29 13.97
C THR A 637 -27.76 11.41 15.17
N LEU A 638 -27.19 11.64 16.34
CA LEU A 638 -27.95 11.84 17.55
C LEU A 638 -28.66 13.18 17.51
N ILE A 639 -27.89 14.27 17.29
CA ILE A 639 -28.46 15.61 17.25
C ILE A 639 -29.32 15.79 16.00
N PHE A 640 -28.79 15.33 14.87
CA PHE A 640 -29.41 15.48 13.58
C PHE A 640 -29.79 14.12 13.06
N PRO A 641 -30.86 13.50 13.59
CA PRO A 641 -31.28 12.21 13.01
C PRO A 641 -31.91 12.51 11.68
N GLU A 642 -31.79 11.64 10.67
CA GLU A 642 -32.37 11.99 9.34
C GLU A 642 -33.89 11.83 9.35
N ASP A 643 -34.44 11.04 10.27
CA ASP A 643 -35.86 11.03 10.43
C ASP A 643 -36.00 12.15 11.44
N LYS A 644 -36.53 13.27 11.02
CA LYS A 644 -36.65 14.47 11.84
C LYS A 644 -37.58 14.31 13.03
N ASN A 645 -38.52 13.39 12.93
CA ASN A 645 -39.53 13.13 13.96
C ASN A 645 -38.98 12.39 15.19
N GLU A 646 -37.93 11.62 14.99
CA GLU A 646 -37.22 10.85 16.02
C GLU A 646 -36.72 11.87 17.11
N LEU A 647 -37.49 12.07 18.19
CA LEU A 647 -37.12 13.07 19.23
C LEU A 647 -37.79 12.75 20.53
N THR A 648 -37.08 12.98 21.66
CA THR A 648 -37.59 12.72 22.98
C THR A 648 -37.28 13.87 23.89
N VAL A 649 -38.31 14.36 24.53
CA VAL A 649 -38.23 15.47 25.45
C VAL A 649 -38.96 15.05 26.70
N LEU A 650 -38.45 15.44 27.88
CA LEU A 650 -39.06 15.12 29.18
C LEU A 650 -39.57 16.37 29.84
N ASN A 651 -40.63 16.26 30.69
CA ASN A 651 -41.08 17.43 31.43
C ASN A 651 -40.06 17.66 32.51
N VAL A 652 -39.37 18.81 32.45
CA VAL A 652 -38.31 19.16 33.40
C VAL A 652 -38.89 19.38 34.78
N ASN A 653 -40.02 20.08 34.87
CA ASN A 653 -40.62 20.34 36.17
C ASN A 653 -40.89 19.04 36.92
N LYS A 654 -41.45 18.07 36.22
CA LYS A 654 -41.74 16.74 36.75
C LYS A 654 -40.48 16.09 37.30
N ILE A 655 -39.40 16.11 36.51
CA ILE A 655 -38.11 15.51 36.87
C ILE A 655 -37.56 16.05 38.20
N TYR A 656 -37.69 17.38 38.44
CA TYR A 656 -37.17 18.00 39.67
C TYR A 656 -38.21 17.99 40.81
N ILE A 657 -39.45 17.51 40.53
CA ILE A 657 -40.49 17.40 41.55
C ILE A 657 -40.50 15.98 42.15
N GLU A 658 -40.58 14.95 41.30
CA GLU A 658 -40.67 13.55 41.73
C GLU A 658 -39.37 13.06 42.35
N ASN A 659 -38.23 13.43 41.74
CA ASN A 659 -36.89 13.00 42.13
C ASN A 659 -36.08 14.06 42.87
N HIS A 660 -36.76 14.85 43.70
CA HIS A 660 -36.08 15.88 44.48
C HIS A 660 -34.95 15.29 45.32
N ASP A 661 -35.19 14.12 45.89
CA ASP A 661 -34.19 13.43 46.73
C ASP A 661 -32.92 13.17 45.95
N LEU A 662 -33.05 12.77 44.68
CA LEU A 662 -31.91 12.50 43.81
C LEU A 662 -31.24 13.79 43.35
N MET A 663 -32.03 14.75 42.80
CA MET A 663 -31.53 16.00 42.18
C MET A 663 -30.96 17.05 43.14
N SER A 664 -31.14 16.86 44.47
CA SER A 664 -30.55 17.72 45.50
C SER A 664 -29.17 17.18 45.91
N LYS A 665 -28.88 15.90 45.56
CA LYS A 665 -27.65 15.20 45.93
C LYS A 665 -26.71 14.84 44.79
N VAL A 666 -27.00 15.25 43.55
CA VAL A 666 -26.10 14.93 42.42
C VAL A 666 -25.05 16.03 42.37
N PRO A 667 -23.78 15.80 41.93
CA PRO A 667 -22.83 16.93 41.82
C PRO A 667 -23.34 17.97 40.82
N VAL A 668 -23.58 19.20 41.30
CA VAL A 668 -24.16 20.26 40.48
C VAL A 668 -23.18 21.41 40.35
N ILE A 669 -22.97 21.88 39.12
CA ILE A 669 -22.18 23.07 38.88
C ILE A 669 -23.23 24.09 38.50
N GLU A 670 -23.49 25.04 39.40
CA GLU A 670 -24.47 26.08 39.09
C GLU A 670 -23.87 26.96 38.04
N ALA A 671 -24.73 27.52 37.21
CA ALA A 671 -24.30 28.47 36.20
C ALA A 671 -23.88 29.76 36.90
N SER A 672 -23.01 30.52 36.26
CA SER A 672 -22.44 31.73 36.82
C SER A 672 -23.44 32.80 37.28
N LYS A 673 -22.99 33.63 38.22
CA LYS A 673 -23.76 34.73 38.83
C LYS A 673 -23.84 35.91 37.89
N GLU A 674 -22.85 36.04 37.00
CA GLU A 674 -22.70 37.14 36.08
C GLU A 674 -22.84 36.60 34.66
N SER A 675 -24.05 36.12 34.35
CA SER A 675 -24.37 35.57 33.04
C SER A 675 -25.78 35.96 32.68
N THR A 676 -26.02 36.08 31.38
CA THR A 676 -27.27 36.57 30.87
C THR A 676 -28.25 35.50 30.48
N ARG A 677 -29.52 35.91 30.49
CA ARG A 677 -30.69 35.15 30.11
C ARG A 677 -30.45 34.40 28.81
N ASP A 678 -29.84 35.06 27.82
CA ASP A 678 -29.51 34.41 26.55
C ASP A 678 -28.52 33.27 26.77
N ASP A 679 -27.49 33.50 27.61
CA ASP A 679 -26.49 32.48 27.92
C ASP A 679 -27.04 31.30 28.65
N TRP A 680 -28.08 31.48 29.48
CA TRP A 680 -28.67 30.40 30.28
C TRP A 680 -29.15 29.16 29.51
N ALA A 681 -28.78 27.99 30.08
CA ALA A 681 -29.07 26.64 29.60
C ALA A 681 -28.80 25.67 30.73
N ALA A 682 -29.56 24.58 30.76
CA ALA A 682 -29.45 23.56 31.81
C ALA A 682 -29.07 22.19 31.19
N LEU A 683 -27.98 21.57 31.68
CA LEU A 683 -27.48 20.30 31.17
C LEU A 683 -27.41 19.31 32.30
N THR A 684 -27.78 18.05 31.99
CA THR A 684 -27.72 16.88 32.89
C THR A 684 -27.05 15.73 32.11
N VAL A 685 -25.95 15.15 32.65
CA VAL A 685 -25.21 14.05 32.00
C VAL A 685 -25.49 12.80 32.81
N VAL A 686 -25.99 11.75 32.15
CA VAL A 686 -26.31 10.46 32.75
C VAL A 686 -25.23 9.51 32.20
N ALA A 687 -24.40 8.90 33.06
CA ALA A 687 -23.33 8.04 32.58
C ALA A 687 -22.89 7.03 33.57
N ASP A 688 -22.40 5.90 33.04
CA ASP A 688 -21.87 4.78 33.84
C ASP A 688 -20.42 5.11 34.16
N LEU A 689 -20.15 5.60 35.37
CA LEU A 689 -18.79 5.92 35.75
C LEU A 689 -17.94 4.70 36.05
N ASP A 690 -18.51 3.48 35.94
CA ASP A 690 -17.75 2.24 36.06
C ASP A 690 -17.23 1.81 34.67
N ASP A 691 -17.39 2.65 33.62
CA ASP A 691 -16.94 2.38 32.25
C ASP A 691 -16.19 3.57 31.73
N ILE A 692 -15.20 3.32 30.87
CA ILE A 692 -14.37 4.36 30.25
C ILE A 692 -15.22 5.36 29.47
N GLU A 693 -16.21 4.88 28.71
CA GLU A 693 -17.09 5.71 27.86
C GLU A 693 -17.89 6.66 28.73
N GLY A 694 -18.34 6.14 29.86
CA GLY A 694 -19.11 6.93 30.81
C GLY A 694 -18.36 8.05 31.48
N GLN A 695 -17.09 7.81 31.84
CA GLN A 695 -16.25 8.82 32.49
C GLN A 695 -15.57 9.72 31.48
N GLU A 696 -15.37 9.23 30.23
CA GLU A 696 -14.81 10.04 29.14
C GLU A 696 -15.79 11.16 28.83
N LEU A 697 -17.06 10.77 28.61
CA LEU A 697 -18.17 11.66 28.34
C LEU A 697 -18.31 12.82 29.36
N VAL A 698 -18.10 12.55 30.66
CA VAL A 698 -18.21 13.56 31.72
C VAL A 698 -17.05 14.50 31.66
N TYR A 699 -15.85 14.02 31.37
CA TYR A 699 -14.72 14.92 31.26
C TYR A 699 -14.95 15.97 30.18
N TYR A 700 -15.50 15.58 29.05
CA TYR A 700 -15.84 16.49 27.96
C TYR A 700 -16.92 17.51 28.36
N ALA A 701 -17.88 17.08 29.16
CA ALA A 701 -18.96 17.94 29.66
C ALA A 701 -18.41 18.99 30.60
N LEU A 702 -17.43 18.60 31.42
CA LEU A 702 -16.74 19.51 32.35
C LEU A 702 -15.90 20.53 31.61
N ARG A 703 -15.18 20.07 30.58
CA ARG A 703 -14.38 20.93 29.70
C ARG A 703 -15.27 21.99 29.04
N PHE A 704 -16.41 21.52 28.50
CA PHE A 704 -17.44 22.36 27.87
C PHE A 704 -17.97 23.41 28.85
N ARG A 705 -18.12 23.06 30.14
CA ARG A 705 -18.59 23.99 31.16
C ARG A 705 -17.60 25.11 31.46
N LYS A 706 -16.28 24.84 31.40
CA LYS A 706 -15.25 25.86 31.62
C LYS A 706 -15.47 27.01 30.65
N SER A 707 -15.70 26.67 29.37
CA SER A 707 -15.92 27.62 28.27
C SER A 707 -17.24 28.42 28.39
N ASN A 708 -18.36 27.72 28.67
CA ASN A 708 -19.68 28.31 28.74
C ASN A 708 -20.11 28.55 30.18
N ASP A 709 -19.94 29.77 30.63
CA ASP A 709 -20.28 30.21 31.98
C ASP A 709 -21.80 30.21 32.30
N GLY A 710 -22.66 30.27 31.28
CA GLY A 710 -24.10 30.30 31.48
C GLY A 710 -24.76 28.99 31.80
N VAL A 711 -24.08 27.85 31.49
CA VAL A 711 -24.60 26.49 31.67
C VAL A 711 -24.61 26.05 33.12
N ARG A 712 -25.65 25.29 33.51
CA ARG A 712 -25.84 24.69 34.82
C ARG A 712 -25.77 23.17 34.61
N LEU A 713 -24.69 22.53 35.09
CA LEU A 713 -24.43 21.10 34.89
C LEU A 713 -24.81 20.23 36.08
N ASP A 714 -25.32 19.00 35.78
CA ASP A 714 -25.68 17.94 36.73
C ASP A 714 -25.01 16.66 36.24
N ILE A 715 -24.50 15.84 37.16
CA ILE A 715 -23.92 14.55 36.78
C ILE A 715 -24.67 13.43 37.50
N VAL A 716 -25.29 12.53 36.73
CA VAL A 716 -26.05 11.42 37.28
C VAL A 716 -25.26 10.16 36.97
N HIS A 717 -24.85 9.45 38.00
CA HIS A 717 -24.10 8.23 37.80
C HIS A 717 -25.07 7.08 37.66
N ASN A 718 -25.14 6.51 36.45
CA ASN A 718 -26.02 5.38 36.10
C ASN A 718 -25.20 4.13 35.82
N PRO A 719 -25.02 3.28 36.81
CA PRO A 719 -24.20 2.08 36.60
C PRO A 719 -24.94 0.86 36.10
N LYS A 720 -24.23 0.02 35.33
CA LYS A 720 -24.77 -1.21 34.79
C LYS A 720 -25.02 -2.21 35.93
N ASP A 721 -24.11 -2.27 36.93
CA ASP A 721 -24.21 -3.13 38.12
C ASP A 721 -24.77 -2.32 39.28
N THR A 722 -25.93 -2.72 39.80
CA THR A 722 -26.58 -2.07 40.94
C THR A 722 -26.53 -2.99 42.20
N SER A 723 -25.67 -4.01 42.18
CA SER A 723 -25.44 -4.88 43.33
C SER A 723 -24.55 -4.12 44.34
N ARG A 724 -23.72 -3.19 43.85
CA ARG A 724 -22.88 -2.29 44.67
C ARG A 724 -23.58 -0.92 44.57
N SER A 725 -23.84 -0.26 45.72
CA SER A 725 -24.62 0.98 45.74
C SER A 725 -24.11 2.11 44.81
N PRO A 726 -25.01 2.69 44.01
CA PRO A 726 -24.64 3.83 43.16
C PRO A 726 -24.31 5.12 43.94
N SER A 727 -24.84 5.26 45.19
CA SER A 727 -24.64 6.46 46.02
C SER A 727 -23.18 6.74 46.34
N VAL A 728 -22.34 5.72 46.39
CA VAL A 728 -20.93 5.89 46.69
C VAL A 728 -20.18 6.81 45.71
N LEU A 729 -20.21 6.51 44.41
CA LEU A 729 -19.48 7.30 43.41
C LEU A 729 -20.05 8.71 43.25
N ALA A 730 -21.34 8.90 43.55
CA ALA A 730 -21.98 10.20 43.52
C ALA A 730 -21.48 11.02 44.70
N GLN A 731 -21.39 10.37 45.88
CA GLN A 731 -20.85 11.00 47.10
C GLN A 731 -19.36 11.37 46.96
N ARG A 732 -18.58 10.59 46.16
CA ARG A 732 -17.15 10.84 45.90
C ARG A 732 -16.98 12.18 45.18
N LEU A 733 -17.88 12.49 44.24
CA LEU A 733 -17.85 13.72 43.44
C LEU A 733 -18.44 14.92 44.10
N LYS A 734 -19.54 14.77 44.85
CA LYS A 734 -20.16 15.91 45.49
C LYS A 734 -19.24 16.53 46.56
N SER A 735 -18.30 15.73 47.08
CA SER A 735 -17.28 16.23 48.00
C SER A 735 -16.27 17.12 47.24
N ARG A 736 -15.97 16.72 46.00
CA ARG A 736 -15.05 17.42 45.12
C ARG A 736 -15.75 18.42 44.20
N GLU A 737 -17.07 18.60 44.39
CA GLU A 737 -17.95 19.48 43.61
C GLU A 737 -17.42 20.89 43.44
N ASP A 738 -16.83 21.44 44.50
CA ASP A 738 -16.28 22.80 44.53
C ASP A 738 -15.07 22.90 43.59
N LYS A 739 -14.30 21.84 43.55
CA LYS A 739 -13.06 21.73 42.80
C LYS A 739 -13.29 21.19 41.40
N LEU A 740 -14.53 20.88 41.07
CA LEU A 740 -14.81 20.39 39.74
C LEU A 740 -14.35 21.39 38.70
N LEU A 741 -14.00 20.87 37.52
CA LEU A 741 -13.45 21.56 36.36
C LEU A 741 -12.16 22.35 36.67
N ASP A 742 -11.30 21.75 37.52
CA ASP A 742 -9.93 22.20 37.80
C ASP A 742 -9.04 20.98 37.51
N PHE A 743 -9.57 20.07 36.67
CA PHE A 743 -8.92 18.85 36.24
C PHE A 743 -8.13 19.20 35.02
N THR A 744 -6.87 19.51 35.25
CA THR A 744 -5.91 19.85 34.22
C THR A 744 -5.86 18.69 33.21
N ARG A 745 -5.83 17.43 33.74
CA ARG A 745 -5.79 16.19 32.94
C ARG A 745 -6.89 15.24 33.34
N PHE A 746 -7.15 14.26 32.47
CA PHE A 746 -8.21 13.29 32.68
C PHE A 746 -8.00 12.41 33.87
N LEU A 747 -6.75 12.02 34.15
CA LEU A 747 -6.48 11.16 35.31
C LEU A 747 -6.93 11.79 36.64
N ASP A 748 -6.95 13.14 36.74
CA ASP A 748 -7.38 13.80 37.97
C ASP A 748 -8.84 13.42 38.29
N LEU A 749 -9.69 13.24 37.24
CA LEU A 749 -11.08 12.80 37.39
C LEU A 749 -11.11 11.34 37.73
N GLU A 750 -10.29 10.50 37.03
CA GLU A 750 -10.22 9.05 37.28
C GLU A 750 -9.89 8.79 38.72
N THR A 751 -8.84 9.45 39.23
CA THR A 751 -8.36 9.30 40.61
C THR A 751 -9.38 9.76 41.64
N ALA A 752 -10.04 10.90 41.42
CA ALA A 752 -11.07 11.44 42.32
C ALA A 752 -12.26 10.49 42.51
N LEU A 753 -12.60 9.71 41.46
CA LEU A 753 -13.67 8.71 41.50
C LEU A 753 -13.31 7.52 42.40
N GLU A 754 -12.04 7.10 42.38
CA GLU A 754 -11.53 5.93 43.11
C GLU A 754 -11.31 6.16 44.61
N THR A 755 -10.84 7.36 44.99
CA THR A 755 -10.47 7.69 46.37
C THR A 755 -11.61 8.25 47.22
N GLY A 756 -11.64 7.80 48.48
CA GLY A 756 -12.62 8.26 49.46
C GLY A 756 -13.43 7.11 49.98
N GLU A 757 -13.85 7.18 51.25
CA GLU A 757 -14.64 6.14 51.87
C GLU A 757 -16.01 6.68 52.19
N PHE A 758 -17.05 6.02 51.68
CA PHE A 758 -18.41 6.44 51.86
C PHE A 758 -19.41 5.31 52.17
N GLU A 759 -20.46 5.69 52.89
CA GLU A 759 -21.59 4.84 53.27
C GLU A 759 -22.57 4.83 52.12
N PRO A 760 -23.57 3.99 52.14
CA PRO A 760 -24.57 4.09 51.08
C PRO A 760 -25.77 4.91 51.54
N ASP A 761 -26.17 5.95 50.76
CA ASP A 761 -27.43 6.66 51.02
C ASP A 761 -28.40 5.84 50.20
N VAL A 762 -29.14 4.94 50.85
CA VAL A 762 -30.06 4.06 50.14
C VAL A 762 -31.30 4.82 49.70
N ALA A 763 -31.55 6.01 50.28
CA ALA A 763 -32.65 6.88 49.83
C ALA A 763 -32.32 7.41 48.43
N TYR A 764 -31.04 7.74 48.20
CA TYR A 764 -30.55 8.23 46.93
C TYR A 764 -30.76 7.17 45.87
N ASP A 765 -30.31 5.93 46.15
CA ASP A 765 -30.40 4.75 45.27
C ASP A 765 -31.83 4.54 44.73
N ALA A 766 -32.82 4.65 45.62
CA ALA A 766 -34.23 4.47 45.29
C ALA A 766 -34.77 5.53 44.34
N SER A 767 -34.47 6.81 44.62
CA SER A 767 -34.92 7.91 43.76
C SER A 767 -34.23 7.86 42.39
N LEU A 768 -32.97 7.32 42.37
CA LEU A 768 -32.16 7.14 41.17
C LEU A 768 -32.87 6.19 40.21
N ALA A 769 -33.20 4.96 40.68
CA ALA A 769 -33.90 3.93 39.89
C ALA A 769 -35.29 4.36 39.45
N ASN A 770 -35.94 5.25 40.21
CA ASN A 770 -37.27 5.77 39.86
C ASN A 770 -37.15 6.73 38.66
N PHE A 771 -36.13 7.57 38.69
CA PHE A 771 -35.86 8.55 37.65
C PHE A 771 -35.63 7.90 36.29
N LEU A 772 -34.79 6.87 36.26
CA LEU A 772 -34.46 6.19 35.03
C LEU A 772 -35.68 5.49 34.47
N ALA A 773 -36.51 4.89 35.36
CA ALA A 773 -37.74 4.19 34.98
C ALA A 773 -38.76 5.17 34.40
N SER A 774 -38.90 6.33 35.04
CA SER A 774 -39.80 7.38 34.56
C SER A 774 -39.29 7.90 33.19
N SER A 775 -37.97 8.11 33.06
CA SER A 775 -37.32 8.61 31.86
C SER A 775 -37.01 7.55 30.79
N ASN A 776 -37.35 6.27 31.06
CA ASN A 776 -37.13 5.10 30.20
C ASN A 776 -35.70 5.01 29.72
N MET A 777 -34.81 4.89 30.69
CA MET A 777 -33.40 4.75 30.46
C MET A 777 -32.96 3.40 31.01
N LYS A 778 -32.08 2.72 30.27
CA LYS A 778 -31.53 1.41 30.65
C LYS A 778 -30.35 1.65 31.66
N ALA A 779 -29.97 0.61 32.41
CA ALA A 779 -28.82 0.65 33.32
C ALA A 779 -27.54 0.53 32.52
N GLY A 780 -26.53 1.27 32.93
CA GLY A 780 -25.23 1.25 32.28
C GLY A 780 -25.19 1.91 30.92
N ASP A 781 -26.21 2.78 30.63
CA ASP A 781 -26.32 3.47 29.35
C ASP A 781 -26.11 4.96 29.55
N ASN A 782 -25.38 5.55 28.61
CA ASN A 782 -24.99 6.95 28.67
C ASN A 782 -25.98 7.86 27.89
N PHE A 783 -26.37 8.99 28.49
CA PHE A 783 -27.31 9.92 27.90
C PHE A 783 -26.89 11.31 28.22
N VAL A 784 -27.38 12.26 27.45
CA VAL A 784 -27.11 13.69 27.64
C VAL A 784 -28.47 14.42 27.58
N ILE A 785 -28.78 15.27 28.59
CA ILE A 785 -30.04 16.03 28.65
C ILE A 785 -29.83 17.54 28.73
N LEU A 786 -30.12 18.27 27.65
CA LEU A 786 -30.02 19.71 27.67
C LEU A 786 -31.41 20.22 27.50
N ASN A 787 -31.90 20.97 28.50
CA ASN A 787 -33.22 21.58 28.51
C ASN A 787 -34.36 20.59 28.18
N GLY A 788 -34.32 19.43 28.84
CA GLY A 788 -35.33 18.37 28.69
C GLY A 788 -35.14 17.40 27.55
N ARG A 789 -34.35 17.77 26.51
CA ARG A 789 -34.14 16.92 25.35
C ARG A 789 -33.07 15.89 25.61
N VAL A 790 -33.43 14.62 25.42
CA VAL A 790 -32.54 13.49 25.65
C VAL A 790 -31.94 12.97 24.38
N LEU A 791 -30.64 12.72 24.39
CA LEU A 791 -29.92 12.10 23.29
C LEU A 791 -29.20 10.90 23.83
N GLY A 792 -29.36 9.78 23.15
CA GLY A 792 -28.70 8.55 23.54
C GLY A 792 -29.46 7.32 23.13
N PRO A 793 -28.97 6.14 23.55
CA PRO A 793 -27.77 5.91 24.36
C PRO A 793 -26.47 6.12 23.60
N ILE A 794 -25.47 6.70 24.28
CA ILE A 794 -24.17 6.96 23.70
C ILE A 794 -23.35 5.69 23.82
N THR A 795 -23.12 5.06 22.65
CA THR A 795 -22.40 3.79 22.53
C THR A 795 -20.92 3.98 22.86
N SER A 796 -20.34 5.00 22.19
CA SER A 796 -18.95 5.37 22.31
C SER A 796 -18.89 6.86 22.62
N ALA A 797 -18.09 7.25 23.63
CA ALA A 797 -17.90 8.63 24.04
C ALA A 797 -17.17 9.50 22.99
N ASP A 798 -16.59 8.88 21.93
CA ASP A 798 -15.96 9.58 20.79
C ASP A 798 -17.07 10.23 19.90
N ASP A 799 -18.31 9.68 19.98
CA ASP A 799 -19.47 10.22 19.30
C ASP A 799 -19.83 11.57 19.91
N PHE A 800 -19.72 11.75 21.26
CA PHE A 800 -20.05 13.00 21.91
C PHE A 800 -18.83 13.60 22.58
N LYS A 801 -18.18 14.52 21.88
CA LYS A 801 -17.02 15.24 22.40
C LYS A 801 -17.41 16.67 22.82
N LYS A 802 -16.46 17.45 23.39
CA LYS A 802 -16.64 18.86 23.83
C LYS A 802 -17.27 19.71 22.70
N GLU A 803 -16.81 19.50 21.47
CA GLU A 803 -17.28 20.20 20.29
C GLU A 803 -18.70 19.80 19.97
N ASP A 804 -19.09 18.56 20.28
CA ASP A 804 -20.45 18.08 20.06
C ASP A 804 -21.45 18.61 21.08
N PHE A 805 -21.01 18.99 22.28
CA PHE A 805 -21.87 19.63 23.26
C PHE A 805 -22.17 21.05 22.82
N GLU A 806 -21.13 21.73 22.27
CA GLU A 806 -21.22 23.10 21.79
C GLU A 806 -22.20 23.25 20.65
N VAL A 807 -22.26 22.28 19.74
CA VAL A 807 -23.21 22.27 18.61
C VAL A 807 -24.59 21.93 19.11
N PHE A 808 -24.69 20.96 19.99
CA PHE A 808 -25.95 20.55 20.59
C PHE A 808 -26.63 21.72 21.28
N LEU A 809 -25.85 22.53 21.97
CA LEU A 809 -26.34 23.74 22.60
C LEU A 809 -26.65 24.79 21.50
N GLN A 810 -25.79 24.95 20.49
CA GLN A 810 -25.98 25.92 19.39
C GLN A 810 -27.32 25.69 18.68
N ALA A 811 -27.58 24.43 18.27
CA ALA A 811 -28.78 24.04 17.51
C ALA A 811 -30.03 24.09 18.38
N GLU A 812 -29.96 23.47 19.57
CA GLU A 812 -31.05 23.41 20.54
C GLU A 812 -31.44 24.79 20.94
N ARG A 813 -30.42 25.63 21.17
CA ARG A 813 -30.60 27.00 21.57
C ARG A 813 -31.44 27.69 20.54
N ARG A 814 -31.02 27.62 19.26
CA ARG A 814 -31.71 28.23 18.13
C ARG A 814 -33.18 27.92 18.17
N THR A 815 -33.53 26.64 17.96
CA THR A 815 -34.90 26.19 17.88
C THR A 815 -35.69 26.43 19.10
N ARG A 816 -35.34 25.81 20.17
CA ARG A 816 -36.26 25.83 21.29
C ARG A 816 -36.04 27.00 22.19
N ILE A 817 -34.82 27.35 22.47
CA ILE A 817 -34.65 28.44 23.39
C ILE A 817 -34.88 29.81 22.76
N LEU A 818 -34.41 30.09 21.56
CA LEU A 818 -34.61 31.46 21.13
C LEU A 818 -36.03 31.76 20.78
N PRO A 819 -36.80 30.91 20.13
CA PRO A 819 -38.23 31.19 19.95
C PRO A 819 -39.00 31.32 21.27
N VAL A 820 -38.62 30.62 22.36
CA VAL A 820 -39.32 30.83 23.63
C VAL A 820 -38.96 32.22 24.14
N TYR A 821 -37.67 32.58 24.19
CA TYR A 821 -37.24 33.91 24.69
C TYR A 821 -37.91 35.08 23.98
N LYS A 822 -37.92 35.10 22.64
CA LYS A 822 -38.56 36.18 21.86
C LYS A 822 -40.06 36.29 22.20
N ALA A 823 -40.82 35.21 21.88
CA ALA A 823 -42.26 35.09 22.11
C ALA A 823 -42.64 35.55 23.51
N LEU A 824 -41.96 34.99 24.51
CA LEU A 824 -42.14 35.30 25.93
C LEU A 824 -42.00 36.82 26.18
N GLU A 825 -40.91 37.44 25.67
CA GLU A 825 -40.64 38.89 25.77
C GLU A 825 -41.71 39.73 25.03
N ASP A 826 -42.19 39.28 23.86
CA ASP A 826 -43.22 39.97 23.10
C ASP A 826 -44.50 40.17 23.94
N LEU A 827 -44.84 39.18 24.77
CA LEU A 827 -45.98 39.23 25.67
C LEU A 827 -45.63 39.99 26.98
N GLY A 828 -44.33 40.19 27.24
CA GLY A 828 -43.82 40.87 28.42
C GLY A 828 -43.88 40.01 29.67
N LEU A 829 -43.59 38.74 29.51
CA LEU A 829 -43.60 37.77 30.60
C LEU A 829 -42.12 37.42 30.97
N ASP A 830 -41.14 38.14 30.36
CA ASP A 830 -39.70 37.89 30.52
C ASP A 830 -39.12 38.15 31.94
N ASP A 831 -39.98 38.53 32.91
CA ASP A 831 -39.58 38.71 34.30
C ASP A 831 -39.64 37.36 35.01
N LYS A 832 -40.48 36.45 34.50
CA LYS A 832 -40.77 35.12 35.08
C LYS A 832 -39.62 34.10 34.95
N VAL A 833 -38.58 34.43 34.16
CA VAL A 833 -37.41 33.55 34.01
C VAL A 833 -36.36 33.98 35.01
N SER A 834 -36.12 33.17 36.02
CA SER A 834 -35.22 33.53 37.10
C SER A 834 -33.89 32.73 37.15
N GLY A 835 -33.64 31.86 36.18
CA GLY A 835 -32.42 31.06 36.19
C GLY A 835 -32.36 29.98 35.13
N PRO A 836 -31.24 29.21 35.02
CA PRO A 836 -31.13 28.18 33.97
C PRO A 836 -32.15 27.09 34.08
N LEU A 837 -32.42 26.65 35.30
CA LEU A 837 -33.40 25.62 35.59
C LEU A 837 -34.81 26.20 35.45
N SER A 838 -35.00 27.48 35.82
CA SER A 838 -36.27 28.17 35.67
C SER A 838 -36.67 28.27 34.18
N ALA A 839 -35.70 28.60 33.32
CA ALA A 839 -35.86 28.71 31.85
C ALA A 839 -36.22 27.39 31.18
N ALA A 840 -35.45 26.32 31.50
CA ALA A 840 -35.64 24.97 30.98
C ALA A 840 -37.09 24.44 31.12
N LYS A 841 -37.78 24.79 32.22
CA LYS A 841 -39.14 24.32 32.44
C LYS A 841 -40.04 24.88 31.37
N LEU A 842 -39.90 26.18 30.96
CA LEU A 842 -40.70 26.79 29.90
C LEU A 842 -40.37 26.22 28.53
N THR A 843 -39.07 26.24 28.15
CA THR A 843 -38.59 25.73 26.84
C THR A 843 -38.92 24.23 26.62
N SER A 844 -38.74 23.40 27.66
CA SER A 844 -39.06 21.97 27.65
C SER A 844 -40.55 21.74 27.47
N VAL A 845 -41.41 22.54 28.14
CA VAL A 845 -42.87 22.42 28.08
C VAL A 845 -43.38 22.79 26.69
N THR A 846 -42.90 23.89 26.09
CA THR A 846 -43.35 24.31 24.76
C THR A 846 -42.87 23.40 23.62
N ALA A 847 -41.80 22.63 23.84
CA ALA A 847 -41.31 21.65 22.86
C ALA A 847 -42.22 20.42 22.91
N LEU A 848 -42.71 20.05 24.11
CA LEU A 848 -43.64 18.94 24.32
C LEU A 848 -45.05 19.27 23.79
N SER A 849 -45.42 20.55 23.74
CA SER A 849 -46.72 20.96 23.23
C SER A 849 -46.91 20.64 21.74
N THR A 850 -45.81 20.67 20.98
CA THR A 850 -45.77 20.45 19.53
C THR A 850 -45.36 18.99 19.17
N ILE A 851 -45.65 18.06 20.10
CA ILE A 851 -45.30 16.66 20.04
C ILE A 851 -46.43 15.83 19.47
N SER A 852 -46.13 15.12 18.38
CA SER A 852 -47.10 14.29 17.65
C SER A 852 -47.30 12.93 18.34
N ASP A 853 -48.51 12.72 18.88
CA ASP A 853 -48.89 11.47 19.55
C ASP A 853 -49.30 10.50 18.46
N LEU A 854 -50.03 11.02 17.43
CA LEU A 854 -50.47 10.27 16.26
C LEU A 854 -49.53 10.55 15.08
N PRO A 855 -48.83 9.51 14.62
CA PRO A 855 -47.86 9.68 13.55
C PRO A 855 -48.41 10.32 12.32
N GLN A 856 -47.58 11.17 11.73
CA GLN A 856 -47.91 11.93 10.54
C GLN A 856 -47.99 10.98 9.33
N GLY A 857 -49.08 11.10 8.58
CA GLY A 857 -49.35 10.26 7.42
C GLY A 857 -50.37 9.16 7.61
N ILE A 858 -50.81 8.89 8.85
CA ILE A 858 -51.78 7.81 9.11
C ILE A 858 -53.23 8.34 9.14
N PHE A 859 -53.52 9.25 10.09
CA PHE A 859 -54.86 9.81 10.30
C PHE A 859 -55.02 11.17 9.61
N ASP A 860 -53.95 11.95 9.50
CA ASP A 860 -53.89 13.22 8.73
C ASP A 860 -52.43 13.53 8.45
N ASN A 861 -52.13 14.07 7.26
CA ASN A 861 -50.76 14.45 6.90
C ASN A 861 -50.29 15.71 7.61
N ALA A 862 -51.21 16.69 7.81
CA ALA A 862 -50.95 18.03 8.37
C ALA A 862 -50.04 18.01 9.60
N PRO A 863 -49.05 18.94 9.69
CA PRO A 863 -48.13 18.94 10.85
C PRO A 863 -48.72 19.36 12.19
N THR A 864 -47.99 18.98 13.26
CA THR A 864 -48.38 19.22 14.65
C THR A 864 -48.15 20.70 14.99
N VAL A 865 -49.00 21.65 14.49
CA VAL A 865 -48.78 23.08 14.79
C VAL A 865 -50.06 23.73 15.38
N ARG A 866 -49.88 24.56 16.45
CA ARG A 866 -50.93 25.29 17.16
C ARG A 866 -51.18 26.63 16.50
N THR A 867 -52.36 26.79 15.86
CA THR A 867 -52.73 28.05 15.19
C THR A 867 -53.33 29.06 16.18
N THR A 868 -53.15 30.35 15.87
CA THR A 868 -53.71 31.49 16.61
C THR A 868 -54.53 32.34 15.62
N LEU A 869 -54.74 31.78 14.43
CA LEU A 869 -55.32 32.38 13.24
C LEU A 869 -56.84 32.71 13.30
N PHE A 870 -57.52 32.23 14.32
CA PHE A 870 -58.96 32.45 14.54
C PHE A 870 -59.20 33.60 15.51
N LYS A 871 -58.11 34.19 15.99
CA LYS A 871 -58.17 35.31 16.91
C LYS A 871 -58.53 36.60 16.15
N GLN A 872 -58.29 36.59 14.83
CA GLN A 872 -58.57 37.71 13.90
C GLN A 872 -60.08 37.95 13.80
N TRP A 873 -60.85 36.85 13.88
CA TRP A 873 -62.31 36.85 13.73
C TRP A 873 -63.11 37.73 14.71
N ASN A 874 -64.09 38.50 14.17
CA ASN A 874 -65.04 39.28 14.98
C ASN A 874 -66.01 38.25 15.55
N SER A 875 -66.47 38.46 16.77
CA SER A 875 -67.29 37.47 17.46
C SER A 875 -68.69 37.86 17.93
N THR A 876 -69.03 39.15 17.95
CA THR A 876 -70.29 39.64 18.53
C THR A 876 -71.56 38.87 18.10
N TYR A 877 -71.76 38.65 16.79
CA TYR A 877 -73.01 38.05 16.31
C TYR A 877 -72.98 36.54 15.95
N THR A 878 -71.84 35.85 16.01
CA THR A 878 -71.82 34.39 15.73
C THR A 878 -71.33 33.57 16.90
N SER A 879 -70.76 34.19 17.93
CA SER A 879 -70.17 33.45 19.01
C SER A 879 -70.86 33.58 20.34
N PHE A 880 -70.68 32.55 21.17
CA PHE A 880 -71.10 32.52 22.56
C PHE A 880 -70.08 31.72 23.37
N GLU A 881 -69.77 32.20 24.57
CA GLU A 881 -68.76 31.56 25.41
C GLU A 881 -69.37 31.02 26.69
N VAL A 882 -68.75 29.95 27.22
CA VAL A 882 -69.15 29.29 28.46
C VAL A 882 -67.89 28.99 29.28
N GLY A 883 -67.92 29.34 30.56
CA GLY A 883 -66.80 29.15 31.48
C GLY A 883 -66.02 30.44 31.65
N ASP A 884 -65.27 30.56 32.76
CA ASP A 884 -64.49 31.77 33.04
C ASP A 884 -63.13 31.64 32.38
N ALA A 885 -62.84 32.58 31.47
CA ALA A 885 -61.56 32.64 30.76
C ALA A 885 -60.40 32.91 31.73
N SER A 886 -60.61 33.74 32.78
CA SER A 886 -59.59 34.06 33.77
C SER A 886 -59.06 32.83 34.50
N THR A 887 -59.96 31.95 34.93
CA THR A 887 -59.59 30.74 35.67
C THR A 887 -59.31 29.53 34.79
N ALA A 888 -59.97 29.41 33.62
CA ALA A 888 -59.83 28.26 32.72
C ALA A 888 -58.40 27.92 32.33
N THR A 889 -58.09 26.62 32.39
CA THR A 889 -56.81 26.04 31.97
C THR A 889 -56.98 25.48 30.55
N ILE A 890 -58.21 25.05 30.20
CA ILE A 890 -58.54 24.50 28.90
C ILE A 890 -59.36 25.49 28.10
N PHE A 891 -58.96 25.73 26.84
CA PHE A 891 -59.63 26.67 25.96
C PHE A 891 -60.05 25.98 24.69
N PHE A 892 -61.35 25.91 24.48
CA PHE A 892 -61.91 25.25 23.33
C PHE A 892 -62.44 26.28 22.38
N VAL A 893 -62.24 26.05 21.07
CA VAL A 893 -62.77 26.88 19.98
C VAL A 893 -63.43 25.94 18.98
N ALA A 894 -64.78 25.93 19.00
CA ALA A 894 -65.60 25.09 18.14
C ALA A 894 -66.18 25.94 17.01
N VAL A 895 -66.07 25.44 15.77
CA VAL A 895 -66.63 26.07 14.59
C VAL A 895 -67.58 25.03 14.03
N ILE A 896 -68.87 25.17 14.36
CA ILE A 896 -69.91 24.22 14.00
C ILE A 896 -70.91 24.79 12.96
N ASN A 897 -71.33 23.94 12.03
CA ASN A 897 -72.34 24.25 11.01
C ASN A 897 -73.67 23.63 11.58
N PRO A 898 -74.68 24.44 11.96
CA PRO A 898 -75.92 23.86 12.53
C PRO A 898 -76.65 22.83 11.67
N ALA A 899 -76.55 22.97 10.34
CA ALA A 899 -77.19 22.09 9.37
C ALA A 899 -76.46 20.74 9.20
N SER A 900 -75.30 20.53 9.87
CA SER A 900 -74.53 19.30 9.71
C SER A 900 -74.97 18.22 10.67
N GLU A 901 -74.78 16.96 10.25
CA GLU A 901 -75.06 15.77 11.06
C GLU A 901 -73.91 15.53 12.07
N ILE A 902 -72.68 15.96 11.69
CA ILE A 902 -71.47 15.86 12.53
C ILE A 902 -71.59 16.84 13.69
N GLY A 903 -72.23 17.98 13.45
CA GLY A 903 -72.50 18.98 14.47
C GLY A 903 -73.34 18.44 15.60
N GLN A 904 -74.27 17.51 15.29
CA GLN A 904 -75.17 16.87 16.28
C GLN A 904 -74.40 16.22 17.41
N ARG A 905 -73.35 15.45 17.04
CA ARG A 905 -72.45 14.79 18.00
C ARG A 905 -71.60 15.80 18.76
N TRP A 906 -70.95 16.72 18.02
CA TRP A 906 -70.06 17.75 18.56
C TRP A 906 -70.71 18.58 19.66
N VAL A 907 -71.96 19.02 19.46
CA VAL A 907 -72.71 19.80 20.45
C VAL A 907 -72.88 19.02 21.74
N ALA A 908 -73.41 17.79 21.62
CA ALA A 908 -73.69 16.88 22.73
C ALA A 908 -72.47 16.62 23.62
N VAL A 909 -71.33 16.32 23.00
CA VAL A 909 -70.09 16.03 23.72
C VAL A 909 -69.56 17.31 24.36
N LEU A 910 -69.50 18.42 23.59
CA LEU A 910 -68.99 19.73 24.05
C LEU A 910 -69.75 20.29 25.26
N LYS A 911 -71.07 20.05 25.31
CA LYS A 911 -71.87 20.53 26.43
C LYS A 911 -71.45 19.85 27.74
N VAL A 912 -71.15 18.55 27.70
CA VAL A 912 -70.73 17.77 28.87
C VAL A 912 -69.32 18.16 29.30
N LEU A 913 -68.42 18.47 28.35
CA LEU A 913 -67.06 18.89 28.69
C LEU A 913 -67.04 20.35 29.15
N SER A 914 -68.03 21.16 28.72
CA SER A 914 -68.13 22.55 29.14
C SER A 914 -68.55 22.61 30.61
N GLU A 915 -69.27 21.57 31.09
CA GLU A 915 -69.72 21.42 32.47
C GLU A 915 -68.56 21.27 33.46
N LEU A 916 -67.38 20.84 32.98
CA LEU A 916 -66.20 20.71 33.84
C LEU A 916 -65.67 22.06 34.27
N GLU A 917 -65.16 22.12 35.51
CA GLU A 917 -64.63 23.34 36.07
C GLU A 917 -63.21 23.51 35.61
N GLY A 918 -62.87 24.74 35.20
CA GLY A 918 -61.56 25.11 34.69
C GLY A 918 -61.46 24.97 33.18
N VAL A 919 -62.62 24.88 32.47
CA VAL A 919 -62.67 24.74 31.02
C VAL A 919 -63.47 25.92 30.46
N HIS A 920 -62.96 26.51 29.36
CA HIS A 920 -63.58 27.61 28.63
C HIS A 920 -63.89 27.15 27.20
N LEU A 921 -65.09 27.48 26.70
CA LEU A 921 -65.52 27.15 25.34
C LEU A 921 -66.11 28.38 24.68
N ARG A 922 -65.89 28.51 23.36
CA ARG A 922 -66.37 29.60 22.52
C ARG A 922 -66.83 28.98 21.20
N VAL A 923 -68.09 29.21 20.80
CA VAL A 923 -68.66 28.58 19.61
C VAL A 923 -68.92 29.54 18.47
N PHE A 924 -68.60 29.11 17.25
CA PHE A 924 -68.82 29.87 16.02
C PHE A 924 -69.74 29.03 15.13
N LEU A 925 -70.79 29.64 14.60
CA LEU A 925 -71.73 28.91 13.76
C LEU A 925 -71.52 29.30 12.33
N ASN A 926 -71.20 28.35 11.43
CA ASN A 926 -70.98 28.74 10.04
C ASN A 926 -71.73 27.83 9.06
N PRO A 927 -72.97 28.23 8.68
CA PRO A 927 -73.72 27.43 7.70
C PRO A 927 -73.33 27.73 6.25
N THR A 928 -73.86 26.91 5.33
CA THR A 928 -73.62 27.06 3.89
C THR A 928 -74.92 27.46 3.19
N VAL A 929 -74.78 28.19 2.07
CA VAL A 929 -75.89 28.60 1.21
C VAL A 929 -76.10 27.52 0.15
N MET A 930 -75.12 26.61 -0.02
CA MET A 930 -75.14 25.53 -1.01
C MET A 930 -75.72 24.27 -0.40
N ILE A 931 -77.04 24.08 -0.54
CA ILE A 931 -77.76 22.91 -0.04
C ILE A 931 -78.60 22.32 -1.18
N GLU A 932 -77.97 21.34 -1.87
CA GLU A 932 -78.52 20.58 -3.01
C GLU A 932 -79.59 19.58 -2.57
N GLU A 933 -79.35 18.96 -1.42
CA GLU A 933 -80.16 17.88 -0.85
C GLU A 933 -80.41 18.21 0.61
N LEU A 934 -81.34 17.49 1.24
CA LEU A 934 -81.69 17.67 2.65
C LEU A 934 -80.44 17.63 3.57
N PRO A 935 -80.24 18.64 4.45
CA PRO A 935 -79.00 18.70 5.25
C PRO A 935 -78.87 17.66 6.36
N VAL A 936 -79.86 17.53 7.23
CA VAL A 936 -79.84 16.57 8.32
C VAL A 936 -81.00 15.61 8.08
N LYS A 937 -80.69 14.32 8.00
CA LYS A 937 -81.66 13.26 7.72
C LYS A 937 -81.76 12.24 8.89
N ARG A 938 -81.53 12.67 10.14
CA ARG A 938 -81.59 11.77 11.30
C ARG A 938 -81.79 12.52 12.63
N PHE A 939 -82.23 11.78 13.66
CA PHE A 939 -82.34 12.29 15.04
C PHE A 939 -81.12 11.75 15.80
N TYR A 940 -80.62 12.47 16.82
CA TYR A 940 -79.41 12.04 17.53
C TYR A 940 -79.40 12.28 19.04
N ARG A 941 -78.90 11.29 19.81
CA ARG A 941 -78.73 11.34 21.27
C ARG A 941 -77.38 10.77 21.68
N TYR A 942 -76.67 11.48 22.59
CA TYR A 942 -75.35 11.06 23.10
C TYR A 942 -75.47 10.61 24.55
N VAL A 943 -75.06 9.37 24.84
CA VAL A 943 -75.14 8.80 26.20
C VAL A 943 -73.87 9.16 26.94
N LEU A 944 -73.95 10.20 27.79
CA LEU A 944 -72.81 10.71 28.55
C LEU A 944 -73.25 11.66 29.71
N SER A 945 -72.60 11.55 30.88
CA SER A 945 -72.86 12.41 32.06
C SER A 945 -71.55 12.96 32.59
N SER A 946 -71.53 14.24 33.07
CA SER A 946 -70.32 14.89 33.62
C SER A 946 -69.98 14.44 35.04
N SER A 947 -70.91 13.72 35.73
CA SER A 947 -70.72 13.20 37.09
C SER A 947 -71.64 11.97 37.29
N PRO A 948 -71.23 10.94 38.10
CA PRO A 948 -72.07 9.73 38.24
C PRO A 948 -73.46 9.96 38.83
N SER A 949 -74.40 9.10 38.45
CA SER A 949 -75.78 9.14 38.90
C SER A 949 -76.03 7.94 39.80
N PHE A 950 -76.84 8.11 40.86
CA PHE A 950 -77.08 7.03 41.82
C PHE A 950 -78.53 6.63 42.03
N ASP A 951 -78.70 5.39 42.48
CA ASP A 951 -79.98 4.75 42.68
C ASP A 951 -80.65 5.20 43.96
N GLU A 952 -81.89 4.76 44.12
CA GLU A 952 -82.69 5.00 45.32
C GLU A 952 -82.11 4.04 46.40
N SER A 953 -81.66 2.84 45.96
CA SER A 953 -80.96 1.87 46.80
C SER A 953 -79.41 2.12 46.78
N GLY A 954 -78.99 3.28 46.23
CA GLY A 954 -77.61 3.73 46.19
C GLY A 954 -76.68 3.18 45.14
N LYS A 955 -77.15 2.27 44.28
CA LYS A 955 -76.31 1.69 43.22
C LYS A 955 -76.05 2.68 42.12
N VAL A 956 -75.06 2.45 41.28
CA VAL A 956 -74.83 3.39 40.18
C VAL A 956 -75.86 3.17 39.06
N LYS A 957 -76.50 4.26 38.63
CA LYS A 957 -77.51 4.24 37.57
C LYS A 957 -76.88 3.96 36.23
N ALA A 958 -77.54 3.14 35.43
CA ALA A 958 -77.07 2.88 34.07
C ALA A 958 -77.59 4.02 33.20
N LEU A 959 -76.93 4.26 32.06
CA LEU A 959 -77.29 5.35 31.17
C LEU A 959 -77.87 4.83 29.86
N SER A 960 -78.92 5.54 29.36
CA SER A 960 -79.66 5.18 28.14
C SER A 960 -79.98 6.38 27.24
N ALA A 961 -80.19 6.12 25.94
CA ALA A 961 -80.57 7.13 24.94
C ALA A 961 -82.07 7.03 24.75
N ARG A 962 -82.82 8.01 25.25
CA ARG A 962 -84.28 8.03 25.17
C ARG A 962 -84.72 9.15 24.25
N PHE A 963 -85.40 8.80 23.14
CA PHE A 963 -85.92 9.75 22.16
C PHE A 963 -87.37 9.93 22.43
N THR A 964 -87.79 11.17 22.65
CA THR A 964 -89.16 11.49 23.00
C THR A 964 -89.81 12.33 21.92
N GLY A 965 -91.11 12.13 21.74
CA GLY A 965 -91.90 12.84 20.73
C GLY A 965 -91.48 12.43 19.34
N VAL A 966 -91.49 11.10 19.09
CA VAL A 966 -91.10 10.49 17.81
C VAL A 966 -92.34 10.53 16.85
N PRO A 967 -92.23 11.00 15.57
CA PRO A 967 -93.40 10.97 14.67
C PRO A 967 -93.87 9.55 14.44
N ARG A 968 -95.19 9.40 14.41
CA ARG A 968 -95.88 8.12 14.38
C ARG A 968 -95.75 7.38 13.04
N GLU A 969 -95.77 8.11 11.89
CA GLU A 969 -95.74 7.46 10.56
C GLU A 969 -94.41 7.51 9.82
N THR A 970 -93.36 8.07 10.39
CA THR A 970 -92.05 8.05 9.69
C THR A 970 -91.30 6.72 9.90
N LEU A 971 -90.73 6.15 8.81
CA LEU A 971 -89.96 4.91 8.87
C LEU A 971 -88.54 5.25 9.29
N LEU A 972 -88.03 4.63 10.38
CA LEU A 972 -86.71 4.93 10.94
C LEU A 972 -85.80 3.72 11.05
N VAL A 973 -84.49 3.98 11.09
CA VAL A 973 -83.45 2.95 11.21
C VAL A 973 -82.62 3.30 12.43
N VAL A 974 -82.33 2.32 13.29
CA VAL A 974 -81.50 2.55 14.46
C VAL A 974 -80.05 2.29 14.10
N GLY A 975 -79.20 3.22 14.48
CA GLY A 975 -77.77 3.16 14.26
C GLY A 975 -76.98 3.57 15.49
N MET A 976 -75.78 3.01 15.63
CA MET A 976 -74.90 3.28 16.76
C MET A 976 -73.66 4.03 16.28
N ASP A 977 -73.39 5.19 16.92
CA ASP A 977 -72.27 6.08 16.64
C ASP A 977 -71.26 5.87 17.79
N VAL A 978 -70.50 4.81 17.63
CA VAL A 978 -69.60 4.21 18.59
C VAL A 978 -68.11 4.59 18.42
N PRO A 979 -67.36 4.78 19.54
CA PRO A 979 -65.91 5.08 19.42
C PRO A 979 -65.14 4.10 18.52
N PRO A 980 -64.07 4.57 17.85
CA PRO A 980 -63.38 3.73 16.86
C PRO A 980 -63.01 2.30 17.24
N ALA A 981 -62.56 2.07 18.47
CA ALA A 981 -62.11 0.74 18.86
C ALA A 981 -63.22 -0.26 19.11
N TRP A 982 -64.47 0.17 19.16
CA TRP A 982 -65.56 -0.69 19.55
C TRP A 982 -66.26 -1.44 18.41
N LEU A 983 -66.71 -2.66 18.72
CA LEU A 983 -67.50 -3.53 17.85
C LEU A 983 -68.79 -3.81 18.61
N VAL A 984 -69.94 -3.44 17.99
CA VAL A 984 -71.24 -3.51 18.65
C VAL A 984 -72.31 -4.24 17.80
N THR A 985 -73.17 -5.03 18.47
CA THR A 985 -74.29 -5.76 17.85
C THR A 985 -75.49 -5.73 18.77
N SER A 986 -76.68 -5.84 18.16
CA SER A 986 -77.94 -5.87 18.90
C SER A 986 -78.05 -7.21 19.62
N LYS A 987 -78.46 -7.21 20.90
CA LYS A 987 -78.64 -8.42 21.69
C LYS A 987 -80.10 -8.66 22.10
N VAL A 988 -80.79 -7.60 22.56
CA VAL A 988 -82.20 -7.68 22.91
C VAL A 988 -83.00 -6.64 22.16
N ALA A 989 -83.96 -7.11 21.37
CA ALA A 989 -84.88 -6.26 20.60
C ALA A 989 -85.92 -7.18 20.03
N VAL A 990 -87.17 -6.75 20.12
CA VAL A 990 -88.30 -7.50 19.61
C VAL A 990 -88.77 -6.89 18.30
N ASP A 991 -88.40 -5.63 18.06
CA ASP A 991 -88.76 -4.86 16.89
C ASP A 991 -87.74 -5.03 15.75
N ASP A 992 -88.13 -4.57 14.54
CA ASP A 992 -87.22 -4.53 13.42
C ASP A 992 -86.56 -3.17 13.52
N LEU A 993 -85.29 -3.16 13.92
CA LEU A 993 -84.53 -1.92 14.09
C LEU A 993 -84.21 -1.30 12.74
N ASP A 994 -84.23 -2.09 11.65
CA ASP A 994 -84.02 -1.59 10.29
C ASP A 994 -85.31 -0.98 9.76
N ASN A 995 -86.50 -1.40 10.23
CA ASN A 995 -87.80 -0.87 9.77
C ASN A 995 -88.71 -0.49 10.96
N LEU A 996 -88.37 0.61 11.68
CA LEU A 996 -89.15 1.07 12.83
C LEU A 996 -90.27 2.03 12.43
N ARG A 997 -91.49 1.80 12.95
CA ARG A 997 -92.63 2.70 12.79
C ARG A 997 -93.47 2.57 14.02
N ILE A 998 -93.85 3.69 14.65
CA ILE A 998 -94.61 3.63 15.90
C ILE A 998 -96.04 3.14 15.67
N LYS A 999 -96.72 3.60 14.59
CA LYS A 999 -98.10 3.18 14.30
C LYS A 999 -98.28 1.66 14.20
N ASP A 1000 -97.30 0.95 13.64
CA ASP A 1000 -97.36 -0.51 13.48
C ASP A 1000 -97.14 -1.23 14.80
N ILE A 1001 -96.17 -0.74 15.58
CA ILE A 1001 -95.83 -1.30 16.88
C ILE A 1001 -97.02 -1.05 17.80
N LYS A 1002 -97.62 0.14 17.74
CA LYS A 1002 -98.80 0.46 18.54
C LYS A 1002 -99.93 -0.51 18.15
N ALA A 1003 -100.15 -0.73 16.85
CA ALA A 1003 -101.20 -1.64 16.40
C ALA A 1003 -100.94 -3.10 16.73
N LYS A 1004 -99.69 -3.54 16.64
CA LYS A 1004 -99.36 -4.93 16.87
C LYS A 1004 -99.07 -5.28 18.32
N ARG A 1005 -98.24 -4.48 18.99
CA ARG A 1005 -97.84 -4.72 20.38
C ARG A 1005 -98.67 -3.99 21.43
N GLY A 1006 -99.32 -2.87 21.05
CA GLY A 1006 -100.12 -2.06 21.96
C GLY A 1006 -99.32 -0.97 22.66
N THR A 1007 -98.01 -0.89 22.39
CA THR A 1007 -97.11 0.05 23.03
C THR A 1007 -96.52 1.05 22.03
N GLU A 1008 -96.48 2.33 22.45
CA GLU A 1008 -95.87 3.44 21.71
C GLU A 1008 -94.39 3.61 22.15
N HIS A 1009 -93.89 2.73 23.05
CA HIS A 1009 -92.55 2.82 23.62
C HIS A 1009 -91.71 1.61 23.21
N VAL A 1010 -90.54 1.86 22.63
CA VAL A 1010 -89.64 0.82 22.12
C VAL A 1010 -88.37 0.75 22.96
N GLU A 1011 -87.91 -0.48 23.25
CA GLU A 1011 -86.68 -0.74 24.03
C GLU A 1011 -85.78 -1.74 23.30
N ALA A 1012 -84.48 -1.40 23.16
CA ALA A 1012 -83.47 -2.25 22.54
C ALA A 1012 -82.18 -2.19 23.34
N ILE A 1013 -81.45 -3.32 23.40
CA ILE A 1013 -80.18 -3.43 24.10
C ILE A 1013 -79.10 -3.98 23.20
N TYR A 1014 -77.94 -3.32 23.21
CA TYR A 1014 -76.80 -3.71 22.41
C TYR A 1014 -75.73 -4.29 23.29
N GLU A 1015 -74.75 -4.95 22.67
CA GLU A 1015 -73.61 -5.50 23.38
C GLU A 1015 -72.31 -5.05 22.76
N LEU A 1016 -71.38 -4.57 23.61
CA LEU A 1016 -70.02 -4.21 23.21
C LEU A 1016 -69.28 -5.55 23.31
N GLU A 1017 -69.37 -6.31 22.24
CA GLU A 1017 -68.83 -7.67 22.18
C GLU A 1017 -67.32 -7.72 22.13
N HIS A 1018 -66.70 -6.83 21.32
CA HIS A 1018 -65.24 -6.78 21.15
C HIS A 1018 -64.69 -5.36 21.17
N ILE A 1019 -63.37 -5.26 21.43
CA ILE A 1019 -62.54 -4.05 21.46
C ILE A 1019 -61.32 -4.38 20.56
N LEU A 1020 -61.00 -3.47 19.61
CA LEU A 1020 -59.94 -3.69 18.63
C LEU A 1020 -58.50 -3.51 19.09
N ILE A 1021 -57.65 -4.36 18.51
CA ILE A 1021 -56.20 -4.28 18.55
C ILE A 1021 -55.93 -4.01 17.09
N GLU A 1022 -55.54 -2.80 16.75
CA GLU A 1022 -55.27 -2.47 15.37
C GLU A 1022 -53.90 -1.83 15.26
N GLY A 1023 -53.22 -2.11 14.18
CA GLY A 1023 -51.89 -1.56 13.96
C GLY A 1023 -51.47 -1.33 12.54
N HIS A 1024 -50.35 -0.60 12.39
CA HIS A 1024 -49.77 -0.25 11.09
C HIS A 1024 -48.31 -0.75 11.00
N SER A 1025 -48.11 -1.82 10.22
CA SER A 1025 -46.80 -2.45 10.04
C SER A 1025 -45.88 -1.72 9.09
N ARG A 1026 -44.61 -2.11 9.12
CA ARG A 1026 -43.59 -1.61 8.19
C ARG A 1026 -42.40 -2.55 8.16
N GLU A 1027 -41.72 -2.62 7.01
CA GLU A 1027 -40.55 -3.46 6.79
C GLU A 1027 -39.35 -2.65 7.26
N ILE A 1028 -38.27 -3.33 7.61
CA ILE A 1028 -37.04 -2.67 8.03
C ILE A 1028 -35.88 -3.20 7.14
N PRO A 1029 -34.95 -2.33 6.66
CA PRO A 1029 -34.82 -0.88 6.89
C PRO A 1029 -35.52 -0.04 5.86
N GLY A 1030 -35.75 -0.60 4.66
CA GLY A 1030 -36.41 0.08 3.56
C GLY A 1030 -37.86 -0.15 3.84
N ALA A 1031 -38.41 0.78 4.63
CA ALA A 1031 -39.76 0.71 5.18
C ALA A 1031 -40.90 0.80 4.17
N HIS A 1032 -41.54 -0.36 3.96
CA HIS A 1032 -42.69 -0.58 3.11
C HIS A 1032 -43.65 -1.46 3.88
N ALA A 1033 -44.89 -1.40 3.54
CA ALA A 1033 -45.93 -2.22 4.15
C ALA A 1033 -45.75 -3.70 3.70
N PRO A 1034 -45.52 -4.67 4.61
CA PRO A 1034 -45.35 -6.06 4.17
C PRO A 1034 -46.71 -6.71 3.92
N ARG A 1035 -47.14 -6.76 2.65
CA ARG A 1035 -48.46 -7.27 2.29
C ARG A 1035 -48.42 -8.76 2.06
N GLY A 1036 -49.48 -9.42 2.54
CA GLY A 1036 -49.66 -10.86 2.45
C GLY A 1036 -49.21 -11.59 3.68
N VAL A 1037 -48.53 -10.86 4.62
CA VAL A 1037 -47.99 -11.43 5.84
C VAL A 1037 -49.16 -11.88 6.65
N GLN A 1038 -49.07 -13.07 7.27
CA GLN A 1038 -50.15 -13.63 8.09
C GLN A 1038 -49.74 -13.51 9.56
N LEU A 1039 -50.72 -13.19 10.42
CA LEU A 1039 -50.46 -13.03 11.84
C LEU A 1039 -51.38 -13.90 12.66
N VAL A 1040 -50.89 -14.26 13.88
CA VAL A 1040 -51.62 -15.07 14.85
C VAL A 1040 -51.52 -14.37 16.20
N LEU A 1041 -52.67 -14.16 16.84
CA LEU A 1041 -52.76 -13.57 18.17
C LEU A 1041 -52.92 -14.74 19.14
N GLU A 1042 -52.25 -14.68 20.31
CA GLU A 1042 -52.32 -15.77 21.27
C GLU A 1042 -52.36 -15.32 22.73
N THR A 1043 -52.69 -16.27 23.62
CA THR A 1043 -52.78 -16.09 25.07
C THR A 1043 -52.13 -17.34 25.71
N GLU A 1044 -51.78 -17.29 27.02
CA GLU A 1044 -51.16 -18.45 27.68
C GLU A 1044 -52.10 -19.66 27.64
N ASN A 1045 -53.43 -19.42 27.76
CA ASN A 1045 -54.45 -20.47 27.67
C ASN A 1045 -54.48 -21.11 26.30
N ASN A 1046 -54.53 -20.30 25.24
CA ASN A 1046 -54.60 -20.84 23.89
C ASN A 1046 -53.62 -20.16 22.98
N PRO A 1047 -52.93 -20.94 22.16
CA PRO A 1047 -51.95 -20.35 21.22
C PRO A 1047 -52.54 -19.85 19.89
N HIS A 1048 -53.87 -19.79 19.78
CA HIS A 1048 -54.53 -19.35 18.57
C HIS A 1048 -55.85 -18.63 18.88
N PHE A 1049 -55.72 -17.41 19.40
CA PHE A 1049 -56.87 -16.58 19.71
C PHE A 1049 -57.50 -16.15 18.42
N ALA A 1050 -56.69 -15.55 17.53
CA ALA A 1050 -57.18 -15.03 16.27
C ALA A 1050 -56.10 -15.01 15.22
N ASP A 1051 -56.48 -14.72 13.98
CA ASP A 1051 -55.57 -14.62 12.83
C ASP A 1051 -56.11 -13.63 11.79
N THR A 1052 -55.19 -12.88 11.16
CA THR A 1052 -55.51 -11.89 10.11
C THR A 1052 -54.31 -11.80 9.18
N ILE A 1053 -54.46 -11.07 8.07
CA ILE A 1053 -53.38 -10.88 7.12
C ILE A 1053 -53.11 -9.41 7.00
N ILE A 1054 -51.84 -9.08 6.74
CA ILE A 1054 -51.38 -7.71 6.60
C ILE A 1054 -51.82 -7.17 5.22
N MET A 1055 -52.46 -6.01 5.24
CA MET A 1055 -52.93 -5.35 4.03
C MET A 1055 -51.83 -4.47 3.47
N ALA A 1056 -51.95 -4.11 2.22
CA ALA A 1056 -51.00 -3.22 1.55
C ALA A 1056 -51.15 -1.78 2.05
N ASN A 1057 -52.39 -1.36 2.36
CA ASN A 1057 -52.68 0.01 2.75
C ASN A 1057 -52.34 0.21 4.21
N LEU A 1058 -51.23 0.93 4.48
CA LEU A 1058 -50.68 1.24 5.81
C LEU A 1058 -50.23 0.02 6.60
N GLY A 1059 -49.99 -1.12 5.94
CA GLY A 1059 -49.64 -2.35 6.64
C GLY A 1059 -50.68 -2.63 7.70
N TYR A 1060 -51.96 -2.38 7.36
CA TYR A 1060 -53.06 -2.48 8.30
C TYR A 1060 -53.46 -3.88 8.62
N PHE A 1061 -53.87 -4.07 9.87
CA PHE A 1061 -54.37 -5.35 10.37
C PHE A 1061 -55.23 -5.09 11.62
N GLN A 1062 -56.12 -6.01 11.98
CA GLN A 1062 -56.91 -5.86 13.19
C GLN A 1062 -57.32 -7.20 13.79
N PHE A 1063 -57.55 -7.19 15.11
CA PHE A 1063 -57.98 -8.35 15.90
C PHE A 1063 -59.16 -7.89 16.77
N LYS A 1064 -60.11 -8.80 17.01
CA LYS A 1064 -61.28 -8.53 17.84
C LYS A 1064 -60.98 -9.15 19.21
N ALA A 1065 -60.87 -8.34 20.30
CA ALA A 1065 -60.52 -8.87 21.62
C ALA A 1065 -61.12 -8.08 22.76
N ASN A 1066 -60.91 -8.53 23.99
CA ASN A 1066 -61.40 -7.85 25.18
C ASN A 1066 -60.22 -7.64 26.16
N PRO A 1067 -60.38 -7.01 27.34
CA PRO A 1067 -59.21 -6.74 28.19
C PRO A 1067 -58.38 -7.96 28.57
N GLY A 1068 -57.04 -7.84 28.47
CA GLY A 1068 -56.13 -8.92 28.83
C GLY A 1068 -54.75 -8.82 28.21
N VAL A 1069 -53.86 -9.77 28.62
CA VAL A 1069 -52.47 -9.89 28.13
C VAL A 1069 -52.37 -10.92 26.98
N TYR A 1070 -51.91 -10.44 25.81
CA TYR A 1070 -51.79 -11.23 24.59
C TYR A 1070 -50.34 -11.15 24.02
N ASN A 1071 -50.12 -11.88 22.90
CA ASN A 1071 -48.87 -11.91 22.17
C ASN A 1071 -49.14 -12.11 20.67
N ILE A 1072 -48.32 -11.54 19.79
CA ILE A 1072 -48.48 -11.70 18.34
C ILE A 1072 -47.32 -12.50 17.74
N ARG A 1073 -47.60 -13.62 17.10
CA ARG A 1073 -46.58 -14.42 16.45
C ARG A 1073 -46.89 -14.46 14.94
N LEU A 1074 -45.86 -14.42 14.09
CA LEU A 1074 -46.03 -14.56 12.64
C LEU A 1074 -46.52 -15.99 12.40
N LYS A 1075 -47.50 -16.17 11.51
CA LYS A 1075 -48.03 -17.51 11.26
C LYS A 1075 -46.97 -18.40 10.68
N GLU A 1076 -46.92 -19.61 11.19
CA GLU A 1076 -46.02 -20.67 10.76
C GLU A 1076 -46.22 -20.90 9.27
N GLY A 1077 -45.12 -20.90 8.53
CA GLY A 1077 -45.15 -21.13 7.10
C GLY A 1077 -44.20 -20.19 6.40
N ARG A 1078 -44.67 -19.60 5.30
CA ARG A 1078 -43.87 -18.70 4.50
C ARG A 1078 -43.56 -17.39 5.20
N SER A 1079 -44.50 -16.89 5.99
CA SER A 1079 -44.33 -15.65 6.74
C SER A 1079 -43.14 -15.72 7.71
N SER A 1080 -43.03 -16.79 8.51
CA SER A 1080 -41.91 -16.94 9.45
C SER A 1080 -40.62 -17.26 8.71
N GLU A 1081 -40.72 -17.92 7.54
CA GLU A 1081 -39.56 -18.25 6.69
C GLU A 1081 -38.86 -16.98 6.18
N ILE A 1082 -39.62 -15.99 5.67
CA ILE A 1082 -39.03 -14.75 5.14
C ILE A 1082 -38.68 -13.73 6.22
N PHE A 1083 -39.55 -13.52 7.22
CA PHE A 1083 -39.35 -12.47 8.21
C PHE A 1083 -39.17 -12.89 9.63
N THR A 1084 -38.69 -11.93 10.40
CA THR A 1084 -38.57 -11.96 11.84
C THR A 1084 -39.10 -10.62 12.29
N LEU A 1085 -40.09 -10.60 13.19
CA LEU A 1085 -40.62 -9.33 13.67
C LEU A 1085 -39.91 -8.95 14.94
N GLU A 1086 -39.11 -7.88 14.84
CA GLU A 1086 -38.31 -7.35 15.93
C GLU A 1086 -39.22 -6.80 17.03
N SER A 1087 -40.36 -6.21 16.62
CA SER A 1087 -41.27 -5.62 17.58
C SER A 1087 -42.70 -5.37 17.08
N VAL A 1088 -43.57 -5.19 18.06
CA VAL A 1088 -44.95 -4.75 17.93
C VAL A 1088 -44.80 -3.35 18.51
N GLY A 1089 -45.18 -2.33 17.76
CA GLY A 1089 -44.90 -0.97 18.17
C GLY A 1089 -45.88 -0.43 19.17
N ALA A 1090 -45.88 -1.02 20.35
CA ALA A 1090 -46.82 -0.65 21.40
C ALA A 1090 -46.46 0.64 22.11
N LYS A 1091 -45.20 1.08 21.97
CA LYS A 1091 -44.71 2.28 22.63
C LYS A 1091 -44.91 3.52 21.77
N GLY A 1092 -44.99 3.30 20.48
CA GLY A 1092 -45.20 4.34 19.49
C GLY A 1092 -44.58 3.94 18.18
N TRP A 1093 -44.47 4.89 17.28
CA TRP A 1093 -43.86 4.66 15.99
C TRP A 1093 -42.44 4.21 16.25
N GLY A 1094 -41.71 5.00 17.03
CA GLY A 1094 -40.34 4.69 17.45
C GLY A 1094 -39.36 4.35 16.34
N PRO A 1095 -38.36 3.47 16.59
CA PRO A 1095 -38.14 2.64 17.82
C PRO A 1095 -37.77 3.35 19.14
N ILE A 1096 -38.59 3.07 20.13
CA ILE A 1096 -38.41 3.56 21.47
C ILE A 1096 -37.65 2.46 22.12
N PRO A 1097 -36.63 2.72 22.93
CA PRO A 1097 -35.97 1.62 23.63
C PRO A 1097 -36.93 0.91 24.57
N GLY A 1098 -36.73 -0.39 24.72
CA GLY A 1098 -37.55 -1.22 25.59
C GLY A 1098 -38.79 -1.78 24.94
N ASP A 1099 -38.97 -1.49 23.64
CA ASP A 1099 -40.10 -1.96 22.87
C ASP A 1099 -39.76 -3.18 22.02
N ASP A 1100 -38.54 -3.79 22.18
CA ASP A 1100 -38.07 -4.97 21.41
C ASP A 1100 -38.85 -6.22 21.88
N ASN A 1101 -40.15 -6.16 21.69
CA ASN A 1101 -41.09 -7.09 22.23
C ASN A 1101 -42.23 -7.36 21.32
N THR A 1102 -42.98 -8.37 21.66
CA THR A 1102 -44.12 -8.76 20.87
C THR A 1102 -45.34 -8.93 21.75
N GLU A 1103 -45.40 -8.16 22.84
CA GLU A 1103 -46.47 -8.27 23.80
C GLU A 1103 -47.45 -7.14 23.64
N VAL A 1104 -48.76 -7.47 23.58
CA VAL A 1104 -49.85 -6.49 23.51
C VAL A 1104 -50.80 -6.72 24.65
N VAL A 1105 -51.29 -5.64 25.24
CA VAL A 1105 -52.21 -5.68 26.36
C VAL A 1105 -53.29 -4.66 26.11
N LEU A 1106 -54.58 -4.97 26.34
CA LEU A 1106 -55.56 -3.89 26.22
C LEU A 1106 -56.28 -3.71 27.54
N MET A 1107 -56.22 -2.49 28.05
CA MET A 1107 -56.73 -2.08 29.36
C MET A 1107 -57.42 -0.72 29.21
N ASP A 1108 -58.03 -0.47 28.03
CA ASP A 1108 -58.71 0.79 27.78
C ASP A 1108 -59.81 0.64 26.76
N PHE A 1109 -60.73 1.62 26.76
CA PHE A 1109 -61.84 1.72 25.81
C PHE A 1109 -61.42 2.31 24.46
N GLN A 1110 -60.14 2.66 24.33
CA GLN A 1110 -59.54 3.17 23.12
C GLN A 1110 -58.80 2.01 22.40
N GLY A 1111 -58.84 0.81 22.98
CA GLY A 1111 -58.21 -0.37 22.43
C GLY A 1111 -56.70 -0.30 22.52
N THR A 1112 -56.03 -0.82 21.50
CA THR A 1112 -54.58 -0.80 21.41
C THR A 1112 -54.14 -0.50 19.98
N THR A 1113 -53.34 0.55 19.80
CA THR A 1113 -52.83 0.92 18.51
C THR A 1113 -51.35 0.58 18.50
N LEU A 1114 -50.93 -0.17 17.47
CA LEU A 1114 -49.59 -0.72 17.33
C LEU A 1114 -48.89 -0.28 16.04
N TYR A 1115 -47.55 -0.24 16.04
CA TYR A 1115 -46.70 0.07 14.86
C TYR A 1115 -45.59 -0.96 14.75
N PRO A 1116 -45.97 -2.23 14.46
CA PRO A 1116 -44.96 -3.31 14.40
C PRO A 1116 -43.91 -3.11 13.33
N ARG A 1117 -42.79 -3.81 13.51
CA ARG A 1117 -41.65 -3.73 12.61
C ARG A 1117 -41.18 -5.10 12.26
N LEU A 1118 -40.82 -5.33 10.99
CA LEU A 1118 -40.40 -6.63 10.48
C LEU A 1118 -39.16 -6.46 9.63
N ARG A 1119 -38.06 -7.19 9.91
CA ARG A 1119 -36.87 -7.12 9.04
C ARG A 1119 -36.66 -8.46 8.36
N ARG A 1120 -36.37 -8.41 7.08
CA ARG A 1120 -36.20 -9.59 6.25
C ARG A 1120 -35.04 -10.43 6.70
N LYS A 1121 -35.18 -11.73 6.55
CA LYS A 1121 -34.14 -12.70 6.89
C LYS A 1121 -33.05 -12.72 5.81
N PRO A 1122 -31.85 -13.25 6.15
CA PRO A 1122 -30.73 -13.25 5.21
C PRO A 1122 -31.03 -13.33 3.73
N GLY A 1123 -30.68 -12.23 3.05
CA GLY A 1123 -30.80 -12.04 1.61
C GLY A 1123 -32.07 -12.54 0.95
N MET A 1124 -33.21 -11.90 1.26
CA MET A 1124 -34.46 -12.30 0.66
C MET A 1124 -35.13 -11.19 -0.09
N GLU A 1125 -35.59 -11.54 -1.28
CA GLU A 1125 -36.36 -10.71 -2.22
C GLU A 1125 -37.67 -11.43 -2.49
N GLU A 1126 -37.97 -12.40 -1.63
CA GLU A 1126 -39.05 -13.33 -1.76
C GLU A 1126 -40.35 -12.64 -1.42
N GLU A 1127 -41.49 -13.22 -1.85
CA GLU A 1127 -42.81 -12.67 -1.57
C GLU A 1127 -43.67 -13.78 -1.00
N ASP A 1128 -44.47 -13.47 0.03
CA ASP A 1128 -45.32 -14.45 0.70
C ASP A 1128 -46.36 -15.06 -0.19
N VAL A 1129 -47.07 -14.18 -0.87
CA VAL A 1129 -48.10 -14.46 -1.87
C VAL A 1129 -47.63 -15.58 -2.83
N LEU A 1130 -46.33 -15.64 -3.19
CA LEU A 1130 -45.83 -16.70 -4.06
C LEU A 1130 -45.05 -17.77 -3.28
N GLU A 1131 -45.59 -18.97 -3.34
CA GLU A 1131 -45.05 -20.27 -2.94
C GLU A 1131 -43.56 -20.52 -3.37
N PRO A 1132 -42.78 -21.42 -2.72
CA PRO A 1132 -41.39 -21.67 -3.18
C PRO A 1132 -41.34 -22.51 -4.45
N GLU A 1167 -50.08 -28.29 0.57
CA GLU A 1167 -50.75 -29.20 -0.35
C GLU A 1167 -52.05 -29.79 0.26
N ALA A 1168 -52.01 -30.22 1.55
CA ALA A 1168 -53.19 -30.75 2.28
C ALA A 1168 -53.94 -29.54 2.82
N THR A 1169 -54.35 -28.67 1.91
CA THR A 1169 -54.97 -27.37 2.14
C THR A 1169 -56.51 -27.41 2.18
N LYS A 1170 -57.11 -28.37 1.43
CA LYS A 1170 -58.56 -28.54 1.30
C LYS A 1170 -59.07 -29.40 2.48
N SER A 1171 -58.64 -30.68 2.56
CA SER A 1171 -59.00 -31.66 3.61
C SER A 1171 -59.19 -31.03 4.99
N VAL A 1172 -58.21 -30.18 5.30
CA VAL A 1172 -58.04 -29.43 6.53
C VAL A 1172 -59.27 -28.60 6.85
N SER A 1173 -59.64 -27.71 5.93
CA SER A 1173 -60.80 -26.82 6.09
C SER A 1173 -62.09 -27.62 6.23
N LYS A 1174 -62.23 -28.67 5.43
CA LYS A 1174 -63.42 -29.52 5.46
C LYS A 1174 -63.57 -30.17 6.82
N THR A 1175 -62.47 -30.74 7.32
CA THR A 1175 -62.42 -31.38 8.63
C THR A 1175 -62.82 -30.39 9.75
N GLU A 1176 -62.21 -29.20 9.74
CA GLU A 1176 -62.45 -28.15 10.73
C GLU A 1176 -63.83 -27.55 10.64
N HIS A 1177 -64.28 -27.30 9.42
CA HIS A 1177 -65.53 -26.61 9.14
C HIS A 1177 -66.59 -27.54 8.58
N ALA A 1178 -66.65 -27.75 7.24
CA ALA A 1178 -67.67 -28.62 6.65
C ALA A 1178 -67.36 -28.93 5.21
N GLU A 1179 -68.14 -29.87 4.62
CA GLU A 1179 -68.00 -30.23 3.21
C GLU A 1179 -68.25 -29.01 2.37
N ILE A 1180 -69.32 -28.29 2.72
CA ILE A 1180 -69.76 -27.07 2.04
C ILE A 1180 -69.71 -25.89 3.00
N ASN A 1181 -69.22 -24.76 2.53
CA ASN A 1181 -69.18 -23.55 3.33
C ASN A 1181 -69.94 -22.49 2.56
N ILE A 1182 -71.12 -22.11 3.05
CA ILE A 1182 -71.99 -21.09 2.43
C ILE A 1182 -72.08 -19.88 3.35
N PHE A 1183 -72.04 -18.65 2.79
CA PHE A 1183 -72.18 -17.42 3.58
C PHE A 1183 -73.23 -16.51 3.02
N SER A 1184 -73.85 -15.71 3.87
CA SER A 1184 -74.91 -14.82 3.45
C SER A 1184 -75.12 -13.67 4.44
N VAL A 1185 -76.04 -12.78 4.08
CA VAL A 1185 -76.42 -11.62 4.90
C VAL A 1185 -77.87 -11.18 4.56
N ALA A 1186 -78.58 -10.70 5.61
CA ALA A 1186 -79.98 -10.24 5.56
C ALA A 1186 -80.17 -8.98 6.42
N SER A 1187 -80.99 -8.02 5.94
CA SER A 1187 -81.20 -6.73 6.61
C SER A 1187 -82.71 -6.37 6.81
N GLY A 1188 -83.45 -7.34 7.32
CA GLY A 1188 -84.87 -7.16 7.57
C GLY A 1188 -85.49 -8.47 8.02
N HIS A 1189 -86.63 -8.39 8.72
CA HIS A 1189 -87.32 -9.60 9.19
C HIS A 1189 -87.75 -10.52 8.05
N LEU A 1190 -88.10 -9.94 6.90
CA LEU A 1190 -88.48 -10.72 5.72
C LEU A 1190 -87.25 -11.39 5.16
N TYR A 1191 -86.19 -10.64 4.90
CA TYR A 1191 -84.96 -11.20 4.36
C TYR A 1191 -84.35 -12.27 5.27
N GLU A 1192 -84.58 -12.18 6.58
CA GLU A 1192 -84.13 -13.18 7.56
C GLU A 1192 -85.02 -14.41 7.48
N ARG A 1193 -86.32 -14.19 7.26
CA ARG A 1193 -87.31 -15.25 7.08
C ARG A 1193 -87.03 -16.02 5.78
N MET A 1194 -86.61 -15.31 4.72
CA MET A 1194 -86.28 -15.90 3.42
C MET A 1194 -84.97 -16.69 3.50
N LEU A 1195 -84.05 -16.23 4.37
CA LEU A 1195 -82.73 -16.83 4.63
C LEU A 1195 -82.90 -18.20 5.29
N ASN A 1196 -83.90 -18.32 6.19
CA ASN A 1196 -84.24 -19.58 6.87
C ASN A 1196 -84.66 -20.62 5.84
N ILE A 1197 -85.44 -20.18 4.82
CA ILE A 1197 -85.94 -21.01 3.72
C ILE A 1197 -84.78 -21.46 2.83
N MET A 1198 -83.88 -20.53 2.49
CA MET A 1198 -82.71 -20.81 1.66
C MET A 1198 -81.85 -21.92 2.26
N MET A 1199 -81.57 -21.84 3.56
CA MET A 1199 -80.74 -22.83 4.27
C MET A 1199 -81.42 -24.19 4.24
N ALA A 1200 -82.74 -24.23 4.49
CA ALA A 1200 -83.51 -25.47 4.49
C ALA A 1200 -83.49 -26.17 3.15
N SER A 1201 -83.66 -25.41 2.05
CA SER A 1201 -83.66 -25.95 0.69
C SER A 1201 -82.35 -26.67 0.39
N VAL A 1202 -81.22 -26.10 0.83
CA VAL A 1202 -79.88 -26.69 0.66
C VAL A 1202 -79.86 -28.06 1.35
N MET A 1203 -80.23 -28.07 2.64
CA MET A 1203 -80.22 -29.26 3.51
C MET A 1203 -81.05 -30.42 2.99
N HIS A 1204 -82.28 -30.15 2.50
CA HIS A 1204 -83.12 -31.20 1.93
C HIS A 1204 -82.48 -31.77 0.67
N HIS A 1205 -81.74 -30.91 -0.07
CA HIS A 1205 -81.16 -31.21 -1.38
C HIS A 1205 -79.71 -31.71 -1.37
N THR A 1206 -79.11 -31.98 -0.18
CA THR A 1206 -77.79 -32.58 -0.11
C THR A 1206 -77.62 -33.48 1.09
N ASN A 1207 -77.08 -34.67 0.86
CA ASN A 1207 -76.76 -35.55 1.97
C ASN A 1207 -75.26 -35.43 2.19
N HIS A 1208 -74.84 -34.18 2.55
CA HIS A 1208 -73.45 -33.80 2.78
C HIS A 1208 -73.36 -32.84 3.97
N THR A 1209 -72.15 -32.54 4.45
CA THR A 1209 -71.99 -31.67 5.61
C THR A 1209 -71.85 -30.21 5.18
N VAL A 1210 -72.67 -29.34 5.79
CA VAL A 1210 -72.73 -27.92 5.46
C VAL A 1210 -72.45 -27.07 6.70
N LYS A 1211 -71.71 -25.98 6.50
CA LYS A 1211 -71.46 -24.97 7.51
C LYS A 1211 -71.94 -23.66 6.95
N PHE A 1212 -72.71 -22.91 7.74
CA PHE A 1212 -73.25 -21.61 7.31
C PHE A 1212 -72.52 -20.46 8.03
N TRP A 1213 -72.17 -19.41 7.26
CA TRP A 1213 -71.45 -18.24 7.76
C TRP A 1213 -72.31 -16.98 7.60
N PHE A 1214 -72.37 -16.14 8.63
CA PHE A 1214 -73.19 -14.94 8.56
C PHE A 1214 -72.45 -13.70 8.99
N ILE A 1215 -72.84 -12.56 8.43
CA ILE A 1215 -72.27 -11.28 8.82
C ILE A 1215 -73.09 -10.83 10.03
N GLU A 1216 -72.51 -11.13 11.20
CA GLU A 1216 -72.99 -10.92 12.57
C GLU A 1216 -73.83 -9.65 12.87
N GLN A 1217 -73.30 -8.47 12.59
CA GLN A 1217 -73.95 -7.21 12.98
C GLN A 1217 -75.21 -6.78 12.19
N PHE A 1218 -75.49 -7.33 11.00
CA PHE A 1218 -76.67 -6.95 10.21
C PHE A 1218 -77.90 -7.77 10.52
N LEU A 1219 -77.77 -8.75 11.44
CA LEU A 1219 -78.85 -9.65 11.81
C LEU A 1219 -79.56 -9.22 13.09
N SER A 1220 -80.86 -9.57 13.18
CA SER A 1220 -81.69 -9.22 14.32
C SER A 1220 -81.45 -10.21 15.46
N PRO A 1221 -81.67 -9.81 16.74
CA PRO A 1221 -81.51 -10.77 17.85
C PRO A 1221 -82.50 -11.92 17.78
N SER A 1222 -83.69 -11.64 17.23
CA SER A 1222 -84.74 -12.63 17.01
C SER A 1222 -84.22 -13.78 16.12
N PHE A 1223 -83.49 -13.41 15.05
CA PHE A 1223 -82.86 -14.36 14.14
C PHE A 1223 -81.70 -15.06 14.86
N LYS A 1224 -80.85 -14.26 15.52
CA LYS A 1224 -79.68 -14.74 16.25
C LYS A 1224 -80.03 -15.78 17.30
N ASP A 1225 -81.11 -15.53 18.04
CA ASP A 1225 -81.57 -16.43 19.09
C ASP A 1225 -82.22 -17.68 18.50
N PHE A 1226 -82.65 -17.64 17.22
CA PHE A 1226 -83.32 -18.78 16.60
C PHE A 1226 -82.42 -19.86 16.00
N ILE A 1227 -81.32 -19.48 15.32
CA ILE A 1227 -80.45 -20.44 14.62
C ILE A 1227 -80.00 -21.71 15.39
N PRO A 1228 -79.62 -21.72 16.69
CA PRO A 1228 -79.26 -23.03 17.32
C PRO A 1228 -80.34 -24.09 17.15
N HIS A 1229 -81.62 -23.64 17.17
CA HIS A 1229 -82.79 -24.49 16.97
C HIS A 1229 -82.87 -24.98 15.50
N MET A 1230 -82.47 -24.14 14.52
CA MET A 1230 -82.39 -24.53 13.11
C MET A 1230 -81.25 -25.55 12.95
N ALA A 1231 -80.09 -25.29 13.61
CA ALA A 1231 -78.91 -26.15 13.58
C ALA A 1231 -79.16 -27.52 14.17
N ALA A 1232 -80.00 -27.61 15.20
CA ALA A 1232 -80.35 -28.88 15.83
C ALA A 1232 -81.23 -29.72 14.90
N GLU A 1233 -82.23 -29.06 14.28
CA GLU A 1233 -83.19 -29.69 13.36
C GLU A 1233 -82.60 -30.14 12.03
N TYR A 1234 -81.87 -29.24 11.37
CA TYR A 1234 -81.33 -29.51 10.04
C TYR A 1234 -79.92 -30.14 10.05
N GLY A 1235 -79.24 -30.13 11.21
CA GLY A 1235 -77.94 -30.77 11.38
C GLY A 1235 -76.81 -30.12 10.61
N PHE A 1236 -76.61 -28.83 10.82
CA PHE A 1236 -75.50 -28.06 10.20
C PHE A 1236 -74.73 -27.33 11.31
N LYS A 1237 -73.56 -26.75 10.97
CA LYS A 1237 -72.76 -25.95 11.88
C LYS A 1237 -72.83 -24.52 11.38
N TYR A 1238 -72.74 -23.55 12.28
CA TYR A 1238 -72.78 -22.14 11.87
C TYR A 1238 -71.75 -21.33 12.61
N GLU A 1239 -71.34 -20.22 12.02
CA GLU A 1239 -70.40 -19.34 12.68
C GLU A 1239 -70.64 -17.91 12.27
N MET A 1240 -70.60 -17.01 13.26
CA MET A 1240 -70.81 -15.57 13.08
C MET A 1240 -69.46 -14.90 12.85
N VAL A 1241 -69.37 -14.12 11.77
CA VAL A 1241 -68.15 -13.41 11.41
C VAL A 1241 -68.45 -11.94 11.21
N THR A 1242 -67.40 -11.10 11.35
CA THR A 1242 -67.43 -9.66 11.13
C THR A 1242 -66.00 -9.09 11.06
N TYR A 1243 -65.88 -7.85 10.57
CA TYR A 1243 -64.64 -7.10 10.43
C TYR A 1243 -65.05 -5.63 10.52
N LYS A 1244 -64.30 -4.78 11.25
CA LYS A 1244 -64.71 -3.39 11.34
C LYS A 1244 -64.16 -2.63 10.15
N TRP A 1245 -65.02 -1.83 9.51
CA TRP A 1245 -64.64 -1.02 8.34
C TRP A 1245 -63.43 -0.13 8.68
N PRO A 1246 -62.27 -0.35 8.03
CA PRO A 1246 -61.07 0.45 8.36
C PRO A 1246 -61.26 1.96 8.30
N HIS A 1247 -60.53 2.66 9.16
CA HIS A 1247 -60.60 4.11 9.22
C HIS A 1247 -60.21 4.78 7.90
N TRP A 1248 -59.16 4.26 7.25
CA TRP A 1248 -58.61 4.78 5.96
C TRP A 1248 -59.55 4.53 4.76
N LEU A 1249 -60.24 3.38 4.76
CA LEU A 1249 -61.15 2.96 3.69
C LEU A 1249 -62.39 3.84 3.74
N ARG A 1250 -62.90 4.19 2.55
CA ARG A 1250 -64.04 5.08 2.37
C ARG A 1250 -65.36 4.44 2.79
N GLN A 1251 -66.07 5.09 3.72
CA GLN A 1251 -67.33 4.60 4.28
C GLN A 1251 -68.50 4.69 3.29
N GLN A 1252 -69.63 4.11 3.71
CA GLN A 1252 -70.88 4.17 2.97
C GLN A 1252 -71.96 4.72 3.91
N LYS A 1253 -72.52 5.92 3.58
CA LYS A 1253 -73.56 6.52 4.43
C LYS A 1253 -74.81 5.64 4.47
N GLU A 1254 -75.15 5.04 3.33
CA GLU A 1254 -76.33 4.21 3.21
C GLU A 1254 -76.01 2.75 3.49
N LYS A 1255 -76.69 2.21 4.52
CA LYS A 1255 -76.52 0.83 5.00
C LYS A 1255 -76.60 -0.26 3.92
N GLN A 1256 -77.52 -0.12 2.95
CA GLN A 1256 -77.63 -1.12 1.87
C GLN A 1256 -76.32 -1.23 1.12
N ARG A 1257 -75.63 -0.10 0.93
CA ARG A 1257 -74.36 -0.03 0.24
C ARG A 1257 -73.25 -0.64 1.13
N GLU A 1258 -73.33 -0.44 2.47
CA GLU A 1258 -72.38 -1.03 3.43
C GLU A 1258 -72.37 -2.54 3.25
N ILE A 1259 -73.57 -3.14 3.29
CA ILE A 1259 -73.79 -4.58 3.18
C ILE A 1259 -73.16 -5.14 1.92
N TRP A 1260 -73.37 -4.48 0.78
CA TRP A 1260 -72.79 -4.88 -0.51
C TRP A 1260 -71.26 -4.89 -0.41
N GLY A 1261 -70.69 -3.89 0.26
CA GLY A 1261 -69.25 -3.76 0.50
C GLY A 1261 -68.65 -4.89 1.30
N TYR A 1262 -69.40 -5.36 2.27
CA TYR A 1262 -68.98 -6.46 3.12
C TYR A 1262 -68.86 -7.78 2.36
N LYS A 1263 -69.64 -7.93 1.27
CA LYS A 1263 -69.64 -9.16 0.46
C LYS A 1263 -68.46 -9.23 -0.46
N ILE A 1264 -67.89 -8.07 -0.86
CA ILE A 1264 -66.81 -8.05 -1.87
C ILE A 1264 -65.45 -7.52 -1.32
N LEU A 1265 -65.43 -6.49 -0.47
CA LEU A 1265 -64.18 -5.87 -0.01
C LEU A 1265 -63.31 -6.68 0.97
N PHE A 1266 -63.92 -7.41 1.94
CA PHE A 1266 -63.18 -8.10 3.00
C PHE A 1266 -63.18 -9.62 2.93
N LEU A 1267 -63.31 -10.21 1.74
CA LEU A 1267 -63.35 -11.67 1.61
C LEU A 1267 -62.12 -12.42 2.13
N ASP A 1268 -60.93 -11.86 1.94
CA ASP A 1268 -59.67 -12.46 2.41
C ASP A 1268 -59.45 -12.40 3.93
N VAL A 1269 -60.00 -11.38 4.59
CA VAL A 1269 -59.80 -11.13 6.02
C VAL A 1269 -61.02 -11.47 6.91
N LEU A 1270 -62.23 -11.59 6.34
CA LEU A 1270 -63.45 -11.87 7.10
C LEU A 1270 -63.50 -13.31 7.60
N PHE A 1271 -62.91 -14.26 6.85
CA PHE A 1271 -62.92 -15.68 7.21
C PHE A 1271 -61.54 -16.16 7.72
N PRO A 1272 -61.51 -17.12 8.68
CA PRO A 1272 -60.21 -17.61 9.19
C PRO A 1272 -59.35 -18.23 8.11
N LEU A 1273 -58.02 -18.11 8.25
CA LEU A 1273 -57.07 -18.62 7.28
C LEU A 1273 -57.24 -20.12 6.99
N SER A 1274 -57.70 -20.90 7.99
CA SER A 1274 -57.93 -22.34 7.86
C SER A 1274 -58.97 -22.73 6.77
N LEU A 1275 -59.82 -21.78 6.35
CA LEU A 1275 -60.85 -22.00 5.35
C LEU A 1275 -60.36 -21.95 3.91
N ASP A 1276 -60.54 -23.03 3.17
CA ASP A 1276 -60.09 -23.16 1.79
C ASP A 1276 -60.96 -22.35 0.83
N LYS A 1277 -62.29 -22.50 0.93
CA LYS A 1277 -63.22 -21.86 -0.01
C LYS A 1277 -64.56 -21.62 0.63
N VAL A 1278 -65.33 -20.66 0.06
CA VAL A 1278 -66.67 -20.28 0.51
C VAL A 1278 -67.56 -19.98 -0.68
N ILE A 1279 -68.88 -20.06 -0.47
CA ILE A 1279 -69.88 -19.79 -1.49
C ILE A 1279 -70.91 -18.77 -0.96
N PHE A 1280 -71.21 -17.73 -1.73
CA PHE A 1280 -72.24 -16.76 -1.34
C PHE A 1280 -73.56 -17.14 -2.01
N VAL A 1281 -74.64 -17.13 -1.24
CA VAL A 1281 -75.99 -17.39 -1.73
C VAL A 1281 -76.85 -16.26 -1.17
N ASP A 1282 -77.60 -15.55 -2.02
CA ASP A 1282 -78.43 -14.42 -1.58
C ASP A 1282 -79.59 -14.92 -0.72
N ALA A 1283 -80.04 -14.10 0.24
CA ALA A 1283 -81.13 -14.43 1.16
C ALA A 1283 -82.44 -14.86 0.46
N ASP A 1284 -82.85 -14.14 -0.59
CA ASP A 1284 -84.08 -14.44 -1.36
C ASP A 1284 -84.03 -15.75 -2.18
N GLN A 1285 -82.84 -16.33 -2.37
CA GLN A 1285 -82.67 -17.54 -3.16
C GLN A 1285 -83.22 -18.81 -2.57
N ILE A 1286 -83.34 -19.82 -3.44
CA ILE A 1286 -83.79 -21.18 -3.12
C ILE A 1286 -82.94 -22.13 -3.98
N VAL A 1287 -82.52 -23.27 -3.44
CA VAL A 1287 -81.66 -24.20 -4.17
C VAL A 1287 -82.24 -25.58 -4.16
N ARG A 1288 -82.31 -26.17 -5.37
CA ARG A 1288 -82.77 -27.52 -5.67
C ARG A 1288 -81.60 -28.52 -5.89
N THR A 1289 -80.38 -28.00 -5.96
CA THR A 1289 -79.13 -28.72 -6.21
C THR A 1289 -78.44 -29.19 -4.96
N ASP A 1290 -77.64 -30.27 -5.09
CA ASP A 1290 -76.72 -30.71 -4.05
C ASP A 1290 -75.54 -29.76 -4.30
N MET A 1291 -75.31 -28.86 -3.36
CA MET A 1291 -74.37 -27.75 -3.49
C MET A 1291 -72.90 -28.09 -3.60
N TYR A 1292 -72.48 -29.32 -3.30
CA TYR A 1292 -71.07 -29.72 -3.42
C TYR A 1292 -70.60 -29.41 -4.81
N ASP A 1293 -71.34 -29.85 -5.81
CA ASP A 1293 -71.04 -29.65 -7.23
C ASP A 1293 -70.34 -28.32 -7.50
N LEU A 1294 -70.80 -27.23 -6.87
CA LEU A 1294 -70.18 -25.90 -7.02
C LEU A 1294 -68.74 -25.83 -6.49
N VAL A 1295 -68.45 -26.56 -5.42
CA VAL A 1295 -67.12 -26.67 -4.86
C VAL A 1295 -66.21 -27.35 -5.89
N GLU A 1296 -66.60 -28.53 -6.35
CA GLU A 1296 -65.82 -29.31 -7.32
C GLU A 1296 -65.63 -28.62 -8.66
N HIS A 1297 -66.52 -27.66 -9.01
CA HIS A 1297 -66.43 -26.94 -10.28
C HIS A 1297 -65.04 -26.35 -10.50
N PRO A 1298 -64.42 -26.68 -11.65
CA PRO A 1298 -63.07 -26.18 -11.92
C PRO A 1298 -63.11 -24.69 -12.24
N LEU A 1299 -62.28 -23.91 -11.54
CA LEU A 1299 -62.20 -22.48 -11.73
C LEU A 1299 -61.01 -22.10 -12.62
N ASP A 1300 -60.21 -23.10 -13.05
CA ASP A 1300 -59.04 -22.92 -13.91
C ASP A 1300 -58.13 -21.80 -13.45
N GLY A 1301 -57.61 -21.93 -12.24
CA GLY A 1301 -56.71 -20.96 -11.66
C GLY A 1301 -57.27 -19.56 -11.42
N ALA A 1302 -58.62 -19.41 -11.33
CA ALA A 1302 -59.25 -18.10 -11.08
C ALA A 1302 -59.60 -17.98 -9.60
N PRO A 1303 -59.51 -16.78 -8.99
CA PRO A 1303 -59.84 -16.65 -7.56
C PRO A 1303 -61.31 -16.86 -7.21
N TYR A 1304 -62.23 -16.45 -8.11
CA TYR A 1304 -63.65 -16.56 -7.84
C TYR A 1304 -64.47 -16.78 -9.11
N GLY A 1305 -65.64 -17.40 -8.95
CA GLY A 1305 -66.53 -17.72 -10.06
C GLY A 1305 -67.94 -17.19 -9.92
N PHE A 1306 -68.47 -16.61 -10.99
CA PHE A 1306 -69.81 -16.05 -11.01
C PHE A 1306 -70.64 -16.63 -12.13
N ALA A 1307 -71.97 -16.41 -12.09
CA ALA A 1307 -72.91 -16.85 -13.11
C ALA A 1307 -73.35 -15.65 -13.97
N PRO A 1308 -73.46 -15.80 -15.29
CA PRO A 1308 -73.82 -14.65 -16.12
C PRO A 1308 -75.32 -14.33 -16.15
N MET A 1309 -75.65 -13.19 -16.77
CA MET A 1309 -77.02 -12.75 -17.00
C MET A 1309 -77.68 -13.57 -18.11
N CYS A 1310 -78.93 -13.99 -17.88
CA CYS A 1310 -79.72 -14.77 -18.84
C CYS A 1310 -79.95 -14.01 -20.12
N ASP A 1311 -79.76 -14.67 -21.25
CA ASP A 1311 -80.08 -14.10 -22.55
C ASP A 1311 -81.30 -14.82 -23.13
N SER A 1312 -81.79 -15.88 -22.43
CA SER A 1312 -82.90 -16.74 -22.84
C SER A 1312 -84.22 -15.99 -23.03
N ARG A 1313 -84.64 -15.10 -22.10
CA ARG A 1313 -85.86 -14.29 -22.34
C ARG A 1313 -85.51 -13.35 -23.51
N VAL A 1314 -86.26 -13.41 -24.64
CA VAL A 1314 -85.95 -12.58 -25.82
C VAL A 1314 -86.60 -11.19 -25.73
N GLU A 1315 -87.91 -11.16 -25.45
CA GLU A 1315 -88.75 -9.94 -25.31
C GLU A 1315 -88.31 -8.91 -24.26
N MET A 1316 -87.39 -9.29 -23.37
CA MET A 1316 -86.90 -8.44 -22.30
C MET A 1316 -85.81 -7.48 -22.73
N GLU A 1317 -85.14 -7.72 -23.89
CA GLU A 1317 -83.98 -6.95 -24.43
C GLU A 1317 -83.86 -5.47 -24.04
N GLY A 1318 -84.97 -4.75 -24.04
CA GLY A 1318 -85.03 -3.34 -23.67
C GLY A 1318 -84.41 -3.04 -22.31
N TYR A 1319 -84.70 -3.88 -21.31
CA TYR A 1319 -84.18 -3.73 -19.97
C TYR A 1319 -82.75 -4.28 -19.80
N ARG A 1320 -82.11 -4.80 -20.87
CA ARG A 1320 -80.74 -5.30 -20.80
C ARG A 1320 -79.80 -4.14 -21.06
N PHE A 1321 -79.43 -3.44 -19.97
CA PHE A 1321 -78.54 -2.27 -19.98
C PHE A 1321 -77.03 -2.56 -20.11
N TRP A 1322 -76.65 -3.83 -20.16
CA TRP A 1322 -75.25 -4.21 -20.26
C TRP A 1322 -74.90 -4.54 -21.73
N LYS A 1323 -75.72 -4.03 -22.67
CA LYS A 1323 -75.55 -4.09 -24.12
C LYS A 1323 -75.50 -2.63 -24.63
N THR A 1324 -75.40 -1.65 -23.70
CA THR A 1324 -75.36 -0.20 -23.96
C THR A 1324 -73.90 0.23 -24.08
N GLY A 1325 -73.70 1.47 -24.49
CA GLY A 1325 -72.40 2.10 -24.61
C GLY A 1325 -71.39 1.77 -23.53
N TYR A 1326 -71.54 2.33 -22.32
CA TYR A 1326 -70.51 2.09 -21.30
C TYR A 1326 -70.27 0.64 -20.99
N TRP A 1327 -71.31 -0.17 -20.74
CA TRP A 1327 -71.02 -1.56 -20.37
C TRP A 1327 -70.53 -2.38 -21.56
N ALA A 1328 -71.08 -2.19 -22.77
CA ALA A 1328 -70.60 -2.93 -23.95
C ALA A 1328 -69.22 -2.46 -24.42
N ASN A 1329 -68.88 -1.15 -24.27
CA ASN A 1329 -67.55 -0.65 -24.66
C ASN A 1329 -66.54 -1.26 -23.73
N TYR A 1330 -66.78 -1.13 -22.41
CA TYR A 1330 -65.89 -1.66 -21.38
C TYR A 1330 -65.78 -3.18 -21.48
N LEU A 1331 -66.90 -3.92 -21.34
CA LEU A 1331 -66.90 -5.38 -21.47
C LEU A 1331 -66.86 -5.68 -22.97
N LYS A 1332 -65.67 -5.62 -23.58
CA LYS A 1332 -65.55 -5.80 -25.02
C LYS A 1332 -66.19 -7.10 -25.46
N GLY A 1333 -65.76 -8.20 -24.86
CA GLY A 1333 -66.34 -9.52 -25.09
C GLY A 1333 -66.82 -10.20 -23.82
N LYS A 1334 -66.42 -9.70 -22.66
CA LYS A 1334 -66.70 -10.35 -21.40
C LYS A 1334 -68.16 -10.21 -20.96
N PRO A 1335 -68.64 -11.16 -20.14
CA PRO A 1335 -70.04 -11.11 -19.67
C PRO A 1335 -70.34 -10.17 -18.50
N TYR A 1336 -71.64 -9.86 -18.33
CA TYR A 1336 -72.15 -9.04 -17.24
C TYR A 1336 -72.73 -10.02 -16.22
N HIS A 1337 -72.01 -10.20 -15.16
CA HIS A 1337 -72.31 -11.20 -14.16
C HIS A 1337 -73.30 -10.79 -13.07
N ILE A 1338 -73.80 -11.81 -12.33
CA ILE A 1338 -74.77 -11.70 -11.22
C ILE A 1338 -74.16 -12.08 -9.85
N SER A 1339 -74.32 -11.15 -8.87
CA SER A 1339 -73.78 -11.26 -7.52
C SER A 1339 -74.69 -11.92 -6.50
N ALA A 1340 -75.71 -12.61 -6.96
CA ALA A 1340 -76.60 -13.31 -6.08
C ALA A 1340 -75.93 -14.61 -5.63
N LEU A 1341 -75.11 -15.22 -6.52
CA LEU A 1341 -74.40 -16.47 -6.23
C LEU A 1341 -73.00 -16.42 -6.85
N TYR A 1342 -72.00 -16.90 -6.08
CA TYR A 1342 -70.61 -16.99 -6.51
C TYR A 1342 -69.72 -17.82 -5.58
N VAL A 1343 -68.62 -18.34 -6.12
CA VAL A 1343 -67.61 -19.16 -5.40
C VAL A 1343 -66.37 -18.33 -5.23
N VAL A 1344 -65.68 -18.48 -4.10
CA VAL A 1344 -64.40 -17.81 -3.88
C VAL A 1344 -63.43 -18.86 -3.42
N ASP A 1345 -62.40 -19.17 -4.24
CA ASP A 1345 -61.34 -20.07 -3.86
C ASP A 1345 -60.46 -19.18 -3.01
N LEU A 1346 -60.77 -19.12 -1.70
CA LEU A 1346 -60.10 -18.23 -0.75
C LEU A 1346 -58.60 -18.37 -0.73
N GLN A 1347 -58.08 -19.59 -0.75
CA GLN A 1347 -56.63 -19.77 -0.73
C GLN A 1347 -55.98 -19.09 -1.93
N ARG A 1348 -56.55 -19.24 -3.12
CA ARG A 1348 -56.06 -18.56 -4.32
C ARG A 1348 -56.34 -17.05 -4.20
N PHE A 1349 -57.52 -16.66 -3.73
CA PHE A 1349 -57.90 -15.24 -3.61
C PHE A 1349 -56.82 -14.49 -2.86
N ARG A 1350 -56.44 -15.01 -1.70
CA ARG A 1350 -55.44 -14.41 -0.82
C ARG A 1350 -54.10 -14.45 -1.53
N GLU A 1351 -53.77 -15.60 -2.12
CA GLU A 1351 -52.52 -15.85 -2.83
C GLU A 1351 -52.33 -14.86 -3.95
N LEU A 1352 -53.40 -14.53 -4.66
CA LEU A 1352 -53.34 -13.59 -5.77
C LEU A 1352 -53.37 -12.14 -5.28
N ALA A 1353 -53.77 -11.90 -4.01
CA ALA A 1353 -53.87 -10.57 -3.41
C ALA A 1353 -54.95 -9.79 -4.14
N ALA A 1354 -56.08 -10.45 -4.35
CA ALA A 1354 -57.20 -9.88 -5.06
C ALA A 1354 -57.90 -8.82 -4.21
N GLY A 1355 -58.03 -9.07 -2.89
CA GLY A 1355 -58.70 -8.19 -1.96
C GLY A 1355 -58.19 -6.77 -1.97
N ASP A 1356 -56.86 -6.61 -1.92
CA ASP A 1356 -56.25 -5.27 -1.87
C ASP A 1356 -56.49 -4.47 -3.13
N ARG A 1357 -56.59 -5.12 -4.29
CA ARG A 1357 -56.93 -4.45 -5.54
C ARG A 1357 -58.35 -3.95 -5.49
N LEU A 1358 -59.30 -4.82 -5.07
CA LEU A 1358 -60.72 -4.49 -4.97
C LEU A 1358 -60.87 -3.27 -4.07
N ARG A 1359 -60.22 -3.31 -2.89
CA ARG A 1359 -60.25 -2.22 -1.91
C ARG A 1359 -59.75 -0.90 -2.47
N GLN A 1360 -58.56 -0.89 -3.08
CA GLN A 1360 -58.02 0.38 -3.60
C GLN A 1360 -58.80 0.87 -4.85
N GLN A 1361 -59.30 -0.02 -5.71
CA GLN A 1361 -60.10 0.43 -6.85
C GLN A 1361 -61.44 0.95 -6.35
N TYR A 1362 -62.07 0.29 -5.36
CA TYR A 1362 -63.31 0.78 -4.76
C TYR A 1362 -63.12 2.19 -4.19
N HIS A 1363 -62.08 2.39 -3.38
CA HIS A 1363 -61.81 3.68 -2.77
C HIS A 1363 -61.67 4.75 -3.82
N ALA A 1364 -60.92 4.47 -4.90
CA ALA A 1364 -60.67 5.41 -6.00
C ALA A 1364 -61.91 5.71 -6.81
N LEU A 1365 -62.72 4.68 -7.10
CA LEU A 1365 -63.96 4.80 -7.88
C LEU A 1365 -65.02 5.54 -7.10
N SER A 1366 -65.07 5.30 -5.80
CA SER A 1366 -66.04 5.85 -4.89
C SER A 1366 -66.03 7.40 -4.73
N ALA A 1367 -64.97 8.11 -5.15
CA ALA A 1367 -64.90 9.58 -5.09
C ALA A 1367 -66.04 10.21 -5.90
N ASP A 1368 -66.43 9.57 -7.01
CA ASP A 1368 -67.58 9.96 -7.79
C ASP A 1368 -68.80 9.31 -7.09
N PRO A 1369 -69.80 10.09 -6.64
CA PRO A 1369 -70.96 9.48 -5.96
C PRO A 1369 -71.82 8.55 -6.82
N ASN A 1370 -71.94 8.83 -8.12
CA ASN A 1370 -72.78 8.06 -9.06
C ASN A 1370 -71.99 6.92 -9.75
N SER A 1371 -70.93 6.44 -9.10
CA SER A 1371 -69.99 5.47 -9.63
C SER A 1371 -70.53 4.06 -9.82
N LEU A 1372 -70.97 3.46 -8.72
CA LEU A 1372 -71.42 2.08 -8.73
C LEU A 1372 -72.85 2.00 -8.29
N ALA A 1373 -73.75 1.66 -9.22
CA ALA A 1373 -75.17 1.52 -8.91
C ALA A 1373 -75.33 0.44 -7.86
N ASN A 1374 -74.83 -0.77 -8.19
CA ASN A 1374 -74.81 -1.92 -7.31
C ASN A 1374 -73.35 -2.29 -7.31
N LEU A 1375 -72.62 -1.91 -6.26
CA LEU A 1375 -71.18 -2.16 -6.23
C LEU A 1375 -70.85 -3.64 -6.28
N ASP A 1376 -71.61 -4.48 -5.55
CA ASP A 1376 -71.40 -5.92 -5.52
C ASP A 1376 -71.25 -6.53 -6.92
N GLN A 1377 -72.14 -6.20 -7.87
CA GLN A 1377 -72.05 -6.69 -9.25
C GLN A 1377 -71.02 -5.93 -10.05
N ASP A 1378 -71.02 -4.61 -9.92
CA ASP A 1378 -70.17 -3.73 -10.69
C ASP A 1378 -68.66 -3.83 -10.37
N LEU A 1379 -68.25 -4.11 -9.12
CA LEU A 1379 -66.82 -4.20 -8.84
C LEU A 1379 -66.20 -5.43 -9.51
N PRO A 1380 -66.69 -6.68 -9.33
CA PRO A 1380 -66.10 -7.82 -10.07
C PRO A 1380 -66.10 -7.63 -11.59
N ASN A 1381 -67.14 -6.99 -12.16
CA ASN A 1381 -67.20 -6.76 -13.61
C ASN A 1381 -66.17 -5.74 -14.07
N HIS A 1382 -65.92 -4.67 -13.29
CA HIS A 1382 -64.88 -3.66 -13.61
C HIS A 1382 -63.47 -4.24 -13.43
N MET A 1383 -63.32 -5.24 -12.55
CA MET A 1383 -62.03 -5.84 -12.28
C MET A 1383 -61.82 -7.17 -13.04
N GLN A 1384 -62.68 -7.58 -14.01
CA GLN A 1384 -62.48 -8.88 -14.64
C GLN A 1384 -61.34 -8.90 -15.67
N PHE A 1385 -60.90 -7.74 -16.10
CA PHE A 1385 -59.77 -7.62 -17.01
C PHE A 1385 -58.50 -7.91 -16.21
N THR A 1386 -58.40 -7.23 -15.08
CA THR A 1386 -57.30 -7.28 -14.12
C THR A 1386 -57.28 -8.58 -13.29
N ILE A 1387 -58.45 -8.95 -12.69
CA ILE A 1387 -58.69 -10.13 -11.84
C ILE A 1387 -59.59 -11.09 -12.60
N PRO A 1388 -59.11 -12.30 -12.93
CA PRO A 1388 -59.96 -13.23 -13.66
C PRO A 1388 -61.23 -13.67 -12.93
N ILE A 1389 -62.32 -13.80 -13.68
CA ILE A 1389 -63.59 -14.30 -13.17
C ILE A 1389 -63.88 -15.55 -13.93
N ALA A 1390 -64.01 -16.67 -13.22
CA ALA A 1390 -64.40 -17.92 -13.84
C ALA A 1390 -65.91 -17.78 -14.12
N THR A 1391 -66.35 -18.08 -15.37
CA THR A 1391 -67.77 -17.98 -15.70
C THR A 1391 -68.43 -19.33 -15.47
N LEU A 1392 -69.63 -19.31 -14.90
CA LEU A 1392 -70.35 -20.51 -14.53
C LEU A 1392 -71.40 -20.91 -15.52
N PRO A 1393 -71.70 -22.22 -15.55
CA PRO A 1393 -72.83 -22.67 -16.37
C PRO A 1393 -74.08 -21.94 -15.93
N GLN A 1394 -74.96 -21.59 -16.87
CA GLN A 1394 -76.18 -20.91 -16.50
C GLN A 1394 -77.24 -21.83 -15.97
N GLU A 1395 -76.93 -23.14 -15.86
CA GLU A 1395 -77.77 -24.09 -15.15
C GLU A 1395 -77.83 -23.53 -13.72
N TRP A 1396 -76.76 -22.83 -13.28
CA TRP A 1396 -76.61 -22.29 -11.93
C TRP A 1396 -77.48 -21.10 -11.57
N LEU A 1397 -78.23 -20.50 -12.51
CA LEU A 1397 -79.11 -19.42 -12.10
C LEU A 1397 -80.32 -19.27 -12.95
N TRP A 1398 -81.45 -18.97 -12.31
CA TRP A 1398 -82.71 -18.74 -12.96
C TRP A 1398 -83.43 -17.58 -12.33
N CYS A 1399 -84.00 -16.76 -13.18
CA CYS A 1399 -84.79 -15.60 -12.77
C CYS A 1399 -85.81 -15.41 -13.82
N GLU A 1400 -87.07 -15.35 -13.43
CA GLU A 1400 -88.16 -15.21 -14.39
C GLU A 1400 -87.96 -14.00 -15.31
N THR A 1401 -87.58 -12.86 -14.70
CA THR A 1401 -87.34 -11.58 -15.39
C THR A 1401 -86.47 -11.71 -16.66
N TRP A 1402 -85.34 -12.46 -16.59
CA TRP A 1402 -84.41 -12.57 -17.73
C TRP A 1402 -84.24 -13.99 -18.32
N CYS A 1403 -84.79 -15.07 -17.71
CA CYS A 1403 -84.72 -16.44 -18.24
C CYS A 1403 -86.09 -16.93 -18.67
N SER A 1404 -86.15 -17.71 -19.76
CA SER A 1404 -87.42 -18.24 -20.26
C SER A 1404 -87.96 -19.31 -19.35
N ASP A 1405 -89.26 -19.56 -19.43
CA ASP A 1405 -89.94 -20.58 -18.63
C ASP A 1405 -89.47 -22.01 -18.96
N GLU A 1406 -89.06 -22.23 -20.22
CA GLU A 1406 -88.53 -23.51 -20.68
C GLU A 1406 -87.19 -23.83 -19.99
N THR A 1407 -86.44 -22.78 -19.65
CA THR A 1407 -85.13 -22.91 -19.00
C THR A 1407 -85.22 -23.53 -17.59
N LEU A 1408 -86.26 -23.20 -16.81
CA LEU A 1408 -86.45 -23.66 -15.43
C LEU A 1408 -86.33 -25.16 -15.16
N LYS A 1409 -86.63 -25.99 -16.16
CA LYS A 1409 -86.53 -27.46 -16.02
C LYS A 1409 -85.11 -27.86 -15.55
N ASP A 1410 -84.07 -27.29 -16.21
CA ASP A 1410 -82.64 -27.55 -15.99
C ASP A 1410 -81.99 -26.57 -15.00
N ALA A 1411 -82.80 -25.70 -14.36
CA ALA A 1411 -82.27 -24.71 -13.42
C ALA A 1411 -81.85 -25.35 -12.10
N ARG A 1412 -80.72 -24.87 -11.53
CA ARG A 1412 -80.12 -25.35 -10.27
C ARG A 1412 -80.61 -24.52 -9.08
N THR A 1413 -80.56 -23.17 -9.19
CA THR A 1413 -81.01 -22.25 -8.13
C THR A 1413 -81.78 -21.08 -8.73
N ILE A 1414 -82.68 -20.47 -7.94
CA ILE A 1414 -83.53 -19.35 -8.39
C ILE A 1414 -83.38 -18.08 -7.58
N ASP A 1415 -83.01 -16.97 -8.22
CA ASP A 1415 -83.01 -15.67 -7.56
C ASP A 1415 -84.34 -15.04 -7.86
N LEU A 1416 -84.82 -14.21 -6.95
CA LEU A 1416 -86.02 -13.43 -7.15
C LEU A 1416 -85.53 -12.03 -7.52
N CYS A 1417 -85.14 -11.83 -8.77
CA CYS A 1417 -84.64 -10.50 -9.17
C CYS A 1417 -85.77 -9.58 -9.37
N ASN A 1418 -85.48 -8.28 -9.24
CA ASN A 1418 -86.44 -7.19 -9.34
C ASN A 1418 -87.23 -7.18 -10.62
N ASN A 1419 -88.58 -6.95 -10.46
CA ASN A 1419 -89.67 -6.85 -11.43
C ASN A 1419 -89.10 -6.63 -12.86
N PRO A 1420 -88.82 -5.47 -13.52
CA PRO A 1420 -89.17 -4.07 -13.31
C PRO A 1420 -90.31 -3.64 -14.26
N MET A 1421 -90.94 -4.62 -14.95
CA MET A 1421 -92.09 -4.41 -15.83
C MET A 1421 -93.35 -4.64 -15.00
N THR A 1422 -93.18 -5.11 -13.74
CA THR A 1422 -94.25 -5.29 -12.77
C THR A 1422 -93.91 -4.50 -11.51
N LYS A 1423 -94.85 -4.56 -10.56
CA LYS A 1423 -94.77 -4.00 -9.22
C LYS A 1423 -94.95 -5.19 -8.25
N GLU A 1424 -95.05 -6.45 -8.75
CA GLU A 1424 -95.35 -7.56 -7.88
C GLU A 1424 -94.25 -7.72 -6.86
N PRO A 1425 -94.63 -7.86 -5.59
CA PRO A 1425 -93.61 -7.96 -4.53
C PRO A 1425 -93.00 -9.34 -4.38
N LYS A 1426 -91.86 -9.39 -3.67
CA LYS A 1426 -91.09 -10.62 -3.42
C LYS A 1426 -91.91 -11.74 -2.79
N LEU A 1427 -92.84 -11.44 -1.85
CA LEU A 1427 -93.68 -12.48 -1.23
C LEU A 1427 -94.56 -13.16 -2.27
N ASP A 1428 -95.07 -12.38 -3.24
CA ASP A 1428 -95.92 -12.89 -4.31
C ASP A 1428 -95.17 -13.74 -5.32
N ARG A 1429 -93.95 -13.29 -5.73
CA ARG A 1429 -93.10 -14.02 -6.68
C ARG A 1429 -92.80 -15.42 -6.14
N ALA A 1430 -92.36 -15.50 -4.89
CA ALA A 1430 -92.02 -16.76 -4.23
C ALA A 1430 -93.09 -17.82 -4.31
N ARG A 1431 -94.32 -17.48 -3.92
CA ARG A 1431 -95.43 -18.43 -3.92
C ARG A 1431 -95.85 -18.84 -5.32
N ARG A 1432 -95.85 -17.89 -6.26
CA ARG A 1432 -96.21 -18.15 -7.66
C ARG A 1432 -95.08 -18.87 -8.41
N GLN A 1433 -93.85 -18.35 -8.32
CA GLN A 1433 -92.68 -18.88 -9.01
C GLN A 1433 -92.30 -20.26 -8.50
N VAL A 1434 -92.19 -20.45 -7.17
CA VAL A 1434 -91.83 -21.76 -6.58
C VAL A 1434 -92.96 -22.33 -5.73
N PRO A 1435 -93.48 -23.53 -6.07
CA PRO A 1435 -94.57 -24.11 -5.25
C PRO A 1435 -94.12 -24.68 -3.89
N GLU A 1436 -92.88 -25.23 -3.81
CA GLU A 1436 -92.34 -25.81 -2.58
C GLU A 1436 -91.86 -24.77 -1.55
N TRP A 1437 -91.98 -23.46 -1.86
CA TRP A 1437 -91.60 -22.36 -0.97
C TRP A 1437 -92.43 -22.41 0.30
N THR A 1438 -93.74 -22.70 0.15
CA THR A 1438 -94.69 -22.79 1.26
C THR A 1438 -94.33 -23.97 2.18
N LYS A 1439 -93.98 -25.15 1.60
CA LYS A 1439 -93.58 -26.35 2.35
C LYS A 1439 -92.46 -26.02 3.32
N TYR A 1440 -91.45 -25.27 2.85
CA TYR A 1440 -90.33 -24.82 3.66
C TYR A 1440 -90.78 -23.86 4.73
N ASP A 1441 -91.62 -22.86 4.36
CA ASP A 1441 -92.15 -21.84 5.28
C ASP A 1441 -92.96 -22.47 6.44
N GLU A 1442 -93.76 -23.51 6.14
CA GLU A 1442 -94.58 -24.25 7.13
C GLU A 1442 -93.69 -24.98 8.17
N GLU A 1443 -92.63 -25.65 7.69
CA GLU A 1443 -91.67 -26.35 8.56
C GLU A 1443 -91.03 -25.40 9.57
N ILE A 1444 -90.60 -24.20 9.11
CA ILE A 1444 -89.98 -23.16 9.94
C ILE A 1444 -91.06 -22.66 10.94
N ALA A 1445 -92.29 -22.39 10.44
CA ALA A 1445 -93.44 -21.90 11.22
C ALA A 1445 -93.78 -22.79 12.41
N GLU A 1446 -93.85 -24.12 12.18
CA GLU A 1446 -94.16 -25.07 13.26
C GLU A 1446 -93.05 -25.10 14.31
N LEU A 1447 -91.78 -25.11 13.87
CA LEU A 1447 -90.63 -25.13 14.77
C LEU A 1447 -90.59 -23.88 15.64
N ALA A 1448 -90.82 -22.69 15.05
CA ALA A 1448 -90.88 -21.44 15.80
C ALA A 1448 -91.96 -21.56 16.90
N ARG A 1449 -93.17 -22.10 16.57
CA ARG A 1449 -94.26 -22.32 17.55
C ARG A 1449 -93.88 -23.38 18.60
N ARG A 1450 -93.17 -24.45 18.16
CA ARG A 1450 -92.68 -25.53 19.02
C ARG A 1450 -91.68 -24.98 20.04
N VAL A 1451 -90.83 -24.03 19.63
CA VAL A 1451 -89.83 -23.36 20.48
C VAL A 1451 -90.56 -22.43 21.47
N ARG A 1452 -91.56 -21.64 20.97
CA ARG A 1452 -92.40 -20.73 21.76
C ARG A 1452 -93.14 -21.51 22.87
N GLU A 1453 -93.59 -22.76 22.59
CA GLU A 1453 -94.26 -23.63 23.57
C GLU A 1453 -93.23 -24.44 24.41
N GLU A 1454 -91.97 -24.59 23.92
CA GLU A 1454 -90.92 -25.32 24.63
C GLU A 1454 -90.36 -24.55 25.83
N ALA B 7 16.76 12.03 7.15
CA ALA B 7 15.62 12.92 7.30
C ALA B 7 14.87 13.11 5.96
N SER B 8 15.56 13.62 4.93
CA SER B 8 15.02 13.78 3.56
C SER B 8 14.88 12.34 2.96
N PRO B 9 14.24 12.08 1.80
CA PRO B 9 14.22 10.68 1.29
C PRO B 9 15.65 10.29 0.92
N SER B 10 16.18 9.23 1.53
CA SER B 10 17.57 8.84 1.36
C SER B 10 17.80 7.43 0.85
N ILE B 11 19.01 7.19 0.37
CA ILE B 11 19.46 5.88 -0.11
C ILE B 11 20.80 5.59 0.57
N ASN B 12 20.95 4.41 1.21
CA ASN B 12 22.17 4.04 1.91
C ASN B 12 22.76 2.72 1.35
N VAL B 13 24.07 2.74 1.06
CA VAL B 13 24.78 1.57 0.55
C VAL B 13 26.08 1.32 1.32
N ALA B 14 26.27 0.05 1.76
CA ALA B 14 27.46 -0.38 2.51
C ALA B 14 28.11 -1.62 1.88
N LEU B 15 29.45 -1.79 2.09
CA LEU B 15 30.22 -2.92 1.56
C LEU B 15 30.92 -3.63 2.71
N LYS B 16 30.88 -4.98 2.66
CA LYS B 16 31.51 -5.86 3.61
C LYS B 16 32.33 -6.93 2.88
N ALA B 17 33.52 -7.27 3.41
CA ALA B 17 34.40 -8.26 2.80
C ALA B 17 33.92 -9.71 2.99
N ALA B 18 34.58 -10.63 2.28
CA ALA B 18 34.27 -12.05 2.32
C ALA B 18 34.98 -12.78 3.47
N PHE B 19 35.79 -12.08 4.26
CA PHE B 19 36.54 -12.66 5.35
C PHE B 19 36.28 -11.89 6.68
N PRO B 20 36.37 -12.57 7.85
CA PRO B 20 36.12 -11.86 9.11
C PRO B 20 37.12 -10.78 9.48
N SER B 21 36.67 -9.85 10.35
CA SER B 21 37.48 -8.73 10.82
C SER B 21 38.53 -9.19 11.81
N PRO B 22 39.85 -9.02 11.49
CA PRO B 22 40.90 -9.38 12.45
C PRO B 22 40.90 -8.48 13.70
N PRO B 23 41.49 -8.94 14.84
CA PRO B 23 41.51 -8.12 16.05
C PRO B 23 42.16 -6.79 15.80
N TYR B 24 41.61 -5.76 16.40
CA TYR B 24 42.13 -4.43 16.17
C TYR B 24 43.56 -4.26 16.62
N LEU B 25 43.98 -4.91 17.72
CA LEU B 25 45.37 -4.79 18.18
C LEU B 25 46.39 -5.15 17.11
N VAL B 26 46.27 -6.35 16.53
CA VAL B 26 47.20 -6.81 15.49
C VAL B 26 47.16 -5.91 14.27
N GLU B 27 45.98 -5.35 13.95
CA GLU B 27 45.81 -4.44 12.83
C GLU B 27 46.64 -3.16 13.04
N LEU B 28 46.66 -2.64 14.27
CA LEU B 28 47.42 -1.42 14.58
C LEU B 28 48.92 -1.66 14.55
N LEU B 29 49.36 -2.85 14.96
CA LEU B 29 50.78 -3.20 14.97
C LEU B 29 51.29 -3.16 13.54
N GLU B 30 50.59 -3.85 12.66
CA GLU B 30 50.91 -3.96 11.25
C GLU B 30 50.81 -2.64 10.50
N THR B 31 49.72 -1.87 10.73
CA THR B 31 49.55 -0.58 10.07
C THR B 31 50.72 0.32 10.51
N ALA B 32 50.98 0.38 11.83
CA ALA B 32 52.02 1.22 12.42
C ALA B 32 53.41 0.97 11.85
N ALA B 33 53.81 -0.29 11.81
CA ALA B 33 55.12 -0.73 11.28
C ALA B 33 54.89 -1.25 9.90
N SER B 34 54.82 -0.35 8.93
CA SER B 34 54.56 -0.75 7.57
C SER B 34 55.69 -1.64 7.04
N ASP B 35 56.85 -1.00 6.75
CA ASP B 35 58.07 -1.60 6.17
C ASP B 35 59.18 -1.78 7.19
N ASN B 36 59.05 -1.07 8.30
CA ASN B 36 60.10 -1.02 9.25
C ASN B 36 59.91 -2.11 10.25
N THR B 37 60.91 -2.97 10.39
CA THR B 37 60.89 -4.05 11.36
C THR B 37 61.22 -3.51 12.75
N THR B 38 62.09 -2.51 12.85
CA THR B 38 62.44 -1.95 14.15
C THR B 38 61.20 -1.45 14.88
N ILE B 39 60.31 -0.73 14.18
CA ILE B 39 59.05 -0.26 14.77
C ILE B 39 58.21 -1.47 15.20
N TYR B 40 58.22 -2.56 14.41
CA TYR B 40 57.43 -3.76 14.68
C TYR B 40 57.79 -4.41 16.00
N TYR B 41 59.06 -4.85 16.15
CA TYR B 41 59.51 -5.51 17.38
C TYR B 41 59.61 -4.54 18.57
N SER B 42 59.89 -3.23 18.33
CA SER B 42 59.89 -2.20 19.39
C SER B 42 58.49 -2.09 19.99
N LEU B 43 57.44 -2.29 19.17
CA LEU B 43 56.04 -2.26 19.62
C LEU B 43 55.65 -3.62 20.18
N LEU B 44 56.22 -4.70 19.61
CA LEU B 44 55.95 -6.05 20.09
C LEU B 44 56.44 -6.25 21.53
N ASP B 45 57.50 -5.51 21.91
CA ASP B 45 58.02 -5.52 23.28
C ASP B 45 57.02 -4.88 24.21
N ARG B 46 56.59 -3.66 23.88
CA ARG B 46 55.68 -2.88 24.72
C ARG B 46 54.36 -3.62 25.02
N ILE B 47 53.76 -4.36 24.04
CA ILE B 47 52.52 -5.12 24.26
C ILE B 47 52.79 -6.43 25.06
N ALA B 48 54.04 -6.96 25.01
CA ALA B 48 54.45 -8.15 25.77
C ALA B 48 54.77 -7.79 27.24
N LYS B 49 54.86 -6.47 27.56
CA LYS B 49 54.98 -5.97 28.95
C LYS B 49 53.63 -6.19 29.63
N GLY B 50 52.58 -6.11 28.81
CA GLY B 50 51.18 -6.10 29.22
C GLY B 50 50.77 -4.64 29.29
N HIS B 51 51.50 -3.78 28.55
CA HIS B 51 51.33 -2.33 28.53
C HIS B 51 50.01 -1.96 27.89
N PHE B 52 49.66 -2.69 26.82
CA PHE B 52 48.42 -2.44 26.10
C PHE B 52 47.25 -3.33 26.59
N ALA B 53 47.34 -3.92 27.80
CA ALA B 53 46.26 -4.75 28.36
C ALA B 53 45.13 -3.90 28.94
N GLU B 54 45.43 -2.67 29.41
CA GLU B 54 44.45 -1.77 30.01
C GLU B 54 43.50 -1.08 29.02
N ALA B 55 43.84 -1.13 27.72
CA ALA B 55 42.96 -0.57 26.70
C ALA B 55 41.86 -1.59 26.48
N THR B 56 40.68 -1.28 27.01
CA THR B 56 39.52 -2.14 26.91
C THR B 56 38.87 -2.07 25.52
N THR B 57 38.79 -0.86 24.95
CA THR B 57 38.12 -0.64 23.66
C THR B 57 39.05 -0.23 22.55
N ASP B 58 38.58 -0.44 21.33
CA ASP B 58 39.29 -0.11 20.11
C ASP B 58 39.73 1.36 20.10
N LYS B 59 38.84 2.29 20.50
CA LYS B 59 39.18 3.71 20.57
C LYS B 59 40.33 3.95 21.51
N ALA B 60 40.22 3.43 22.73
CA ALA B 60 41.25 3.56 23.77
C ALA B 60 42.59 2.98 23.29
N LEU B 61 42.52 1.80 22.69
CA LEU B 61 43.67 1.10 22.13
C LEU B 61 44.33 1.97 21.07
N TYR B 62 43.52 2.53 20.15
CA TYR B 62 44.00 3.45 19.11
C TYR B 62 44.61 4.69 19.74
N GLU B 63 43.95 5.24 20.77
CA GLU B 63 44.43 6.43 21.47
C GLU B 63 45.78 6.19 22.10
N LYS B 64 45.99 5.00 22.67
CA LYS B 64 47.24 4.66 23.32
C LYS B 64 48.39 4.60 22.31
N PHE B 65 48.14 4.02 21.14
CA PHE B 65 49.17 3.93 20.10
C PHE B 65 49.74 5.29 19.70
N LEU B 66 48.87 6.31 19.57
CA LEU B 66 49.25 7.66 19.14
C LEU B 66 50.27 8.28 20.09
N GLU B 67 50.01 8.19 21.41
CA GLU B 67 50.92 8.72 22.43
C GLU B 67 52.26 8.01 22.37
N VAL B 68 52.22 6.67 22.29
CA VAL B 68 53.40 5.80 22.23
C VAL B 68 54.30 6.09 21.04
N LEU B 69 53.74 6.10 19.82
CA LEU B 69 54.50 6.36 18.59
C LEU B 69 55.18 7.72 18.64
N ARG B 70 54.44 8.77 19.04
CA ARG B 70 54.99 10.11 19.18
C ARG B 70 56.09 10.16 20.25
N ASP B 71 55.83 9.56 21.42
CA ASP B 71 56.77 9.56 22.56
C ASP B 71 58.06 8.77 22.33
N ASP B 72 57.99 7.66 21.56
CA ASP B 72 59.15 6.83 21.27
C ASP B 72 59.91 7.26 19.99
N GLY B 73 59.49 8.36 19.35
CA GLY B 73 60.15 8.92 18.17
C GLY B 73 59.88 8.20 16.86
N HIS B 74 58.92 7.25 16.85
CA HIS B 74 58.58 6.47 15.66
C HIS B 74 57.92 7.30 14.56
N MET B 75 56.98 8.19 14.93
CA MET B 75 56.27 9.01 13.95
C MET B 75 56.30 10.46 14.34
N ASP B 76 56.28 11.31 13.31
CA ASP B 76 56.24 12.77 13.39
C ASP B 76 54.81 13.19 12.95
N PRO B 77 54.40 14.47 12.98
CA PRO B 77 53.03 14.79 12.57
C PRO B 77 52.64 14.26 11.19
N GLU B 78 53.54 14.43 10.20
CA GLU B 78 53.32 14.01 8.82
C GLU B 78 52.98 12.55 8.73
N ALA B 79 53.79 11.71 9.41
CA ALA B 79 53.62 10.26 9.44
C ALA B 79 52.44 9.79 10.29
N LEU B 80 52.11 10.53 11.37
CA LEU B 80 50.97 10.18 12.23
C LEU B 80 49.66 10.38 11.48
N SER B 81 49.55 11.48 10.74
CA SER B 81 48.39 11.82 9.91
C SER B 81 48.16 10.75 8.85
N ALA B 82 49.26 10.29 8.24
CA ALA B 82 49.24 9.22 7.24
C ALA B 82 48.84 7.87 7.87
N PHE B 83 49.28 7.60 9.12
CA PHE B 83 48.92 6.38 9.83
C PHE B 83 47.40 6.30 10.04
N LYS B 84 46.76 7.40 10.47
CA LYS B 84 45.32 7.46 10.71
C LYS B 84 44.53 7.11 9.44
N LEU B 85 44.87 7.74 8.30
CA LEU B 85 44.20 7.48 7.03
C LEU B 85 44.34 6.01 6.58
N ALA B 86 45.55 5.45 6.68
CA ALA B 86 45.82 4.04 6.33
C ALA B 86 45.07 3.10 7.26
N LEU B 87 44.90 3.49 8.51
CA LEU B 87 44.16 2.73 9.51
C LEU B 87 42.66 2.78 9.19
N SER B 88 42.14 3.93 8.67
CA SER B 88 40.73 4.05 8.24
C SER B 88 40.50 3.10 7.10
N LEU B 89 41.39 3.16 6.10
CA LEU B 89 41.31 2.29 4.93
C LEU B 89 41.35 0.79 5.25
N ARG B 90 41.86 0.42 6.46
CA ARG B 90 41.96 -0.95 6.96
C ARG B 90 42.91 -1.76 6.08
N THR B 91 44.01 -1.12 5.66
CA THR B 91 45.01 -1.65 4.71
C THR B 91 45.73 -2.90 5.19
N ALA B 92 45.90 -3.00 6.51
CA ALA B 92 46.60 -4.12 7.12
C ALA B 92 45.74 -5.37 7.26
N THR B 93 44.38 -5.27 7.18
CA THR B 93 43.49 -6.43 7.37
C THR B 93 43.74 -7.59 6.36
N PRO B 94 43.90 -7.38 5.03
CA PRO B 94 44.21 -8.52 4.15
C PRO B 94 45.60 -9.13 4.41
N ARG B 95 46.56 -8.32 4.94
CA ARG B 95 47.92 -8.78 5.29
C ARG B 95 47.89 -9.79 6.43
N VAL B 96 46.96 -9.59 7.38
CA VAL B 96 46.77 -10.44 8.55
C VAL B 96 46.03 -11.72 8.17
N GLU B 97 45.01 -11.61 7.30
CA GLU B 97 44.25 -12.75 6.78
C GLU B 97 45.14 -13.69 5.94
N ALA B 98 46.27 -13.17 5.38
CA ALA B 98 47.25 -13.96 4.61
C ALA B 98 47.84 -15.01 5.54
N HIS B 99 48.21 -14.57 6.76
CA HIS B 99 48.76 -15.43 7.81
C HIS B 99 47.78 -16.54 8.15
N TYR B 100 46.52 -16.18 8.37
CA TYR B 100 45.46 -17.12 8.75
C TYR B 100 45.19 -18.14 7.65
N GLN B 101 45.05 -17.71 6.39
CA GLN B 101 44.84 -18.65 5.29
C GLN B 101 46.03 -19.59 5.18
N TYR B 102 47.25 -19.05 5.33
CA TYR B 102 48.45 -19.87 5.31
C TYR B 102 48.43 -20.89 6.46
N TYR B 103 48.12 -20.42 7.67
CA TYR B 103 48.03 -21.25 8.88
C TYR B 103 46.96 -22.36 8.74
N THR B 104 45.78 -22.01 8.22
CA THR B 104 44.67 -22.95 8.08
C THR B 104 44.93 -24.02 7.01
N ALA B 105 45.60 -23.66 5.90
CA ALA B 105 45.80 -24.56 4.77
C ALA B 105 47.12 -25.32 4.71
N THR B 106 48.19 -24.80 5.33
CA THR B 106 49.48 -25.48 5.28
C THR B 106 49.97 -25.91 6.68
N VAL B 107 49.68 -25.15 7.76
CA VAL B 107 50.15 -25.51 9.11
C VAL B 107 49.34 -26.64 9.78
N GLU B 108 48.04 -26.43 9.97
CA GLU B 108 47.17 -27.40 10.64
C GLU B 108 47.20 -28.82 10.04
N PRO B 109 47.10 -29.01 8.69
CA PRO B 109 47.14 -30.39 8.16
C PRO B 109 48.52 -31.08 8.16
N SER B 110 49.61 -30.30 8.34
CA SER B 110 50.97 -30.82 8.37
C SER B 110 51.43 -31.02 9.82
N LEU B 111 50.60 -30.62 10.79
CA LEU B 111 50.91 -30.74 12.20
C LEU B 111 50.11 -31.88 12.81
N SER B 112 50.72 -33.07 12.74
CA SER B 112 50.13 -34.28 13.28
C SER B 112 50.19 -34.28 14.83
N GLY B 113 49.11 -34.76 15.44
CA GLY B 113 48.96 -34.82 16.89
C GLY B 113 47.57 -34.40 17.33
N THR B 114 47.42 -34.16 18.63
CA THR B 114 46.16 -33.71 19.24
C THR B 114 46.47 -32.38 19.90
N GLN B 115 46.01 -31.31 19.29
CA GLN B 115 46.28 -29.96 19.79
C GLN B 115 45.24 -29.48 20.76
N GLU B 116 45.66 -29.20 21.98
CA GLU B 116 44.84 -28.55 22.98
C GLU B 116 45.80 -28.10 24.07
N GLY B 117 45.79 -26.80 24.34
CA GLY B 117 46.73 -26.15 25.23
C GLY B 117 47.89 -25.54 24.46
N CYS B 118 48.01 -25.90 23.18
CA CYS B 118 49.06 -25.41 22.29
C CYS B 118 48.56 -24.20 21.56
N ASP B 119 48.17 -23.16 22.30
CA ASP B 119 47.70 -21.93 21.69
C ASP B 119 48.85 -21.27 20.96
N GLN B 120 50.05 -21.25 21.56
CA GLN B 120 51.27 -20.74 20.92
C GLN B 120 52.26 -21.88 20.86
N TRP B 121 53.15 -21.88 19.85
CA TRP B 121 54.19 -22.90 19.76
C TRP B 121 55.28 -22.57 18.76
N PHE B 122 56.53 -22.73 19.18
CA PHE B 122 57.67 -22.51 18.32
C PHE B 122 57.84 -23.71 17.44
N LEU B 123 58.45 -23.50 16.28
CA LEU B 123 58.78 -24.59 15.37
C LEU B 123 60.29 -24.59 15.19
N ILE B 124 60.96 -25.66 15.64
CA ILE B 124 62.40 -25.82 15.53
C ILE B 124 62.75 -27.21 15.00
N ASP B 125 63.54 -27.27 13.91
CA ASP B 125 64.02 -28.50 13.26
C ASP B 125 62.91 -29.57 13.04
N GLY B 126 61.77 -29.11 12.52
CA GLY B 126 60.61 -29.94 12.25
C GLY B 126 60.00 -30.47 13.53
N GLU B 127 60.16 -29.76 14.64
CA GLU B 127 59.66 -30.16 15.94
C GLU B 127 58.89 -29.02 16.55
N GLN B 128 57.69 -29.31 17.06
CA GLN B 128 56.80 -28.34 17.67
C GLN B 128 56.99 -28.36 19.20
N TYR B 129 57.10 -27.18 19.84
CA TYR B 129 57.22 -27.07 21.31
C TYR B 129 56.16 -26.09 21.84
N CYS B 130 55.14 -26.64 22.56
CA CYS B 130 54.02 -25.86 23.13
C CYS B 130 54.37 -25.10 24.42
N SER B 131 55.64 -25.17 24.88
CA SER B 131 56.10 -24.52 26.09
C SER B 131 57.39 -23.72 25.83
N PRO B 132 57.62 -22.57 26.50
CA PRO B 132 58.92 -21.89 26.34
C PRO B 132 60.07 -22.69 26.96
N THR B 133 59.75 -23.49 28.02
CA THR B 133 60.68 -24.40 28.72
C THR B 133 61.33 -25.40 27.75
N LEU B 134 60.68 -25.66 26.59
CA LEU B 134 61.23 -26.41 25.47
C LEU B 134 61.62 -27.86 25.77
N ASP B 135 61.07 -28.48 26.81
CA ASP B 135 61.50 -29.83 27.14
C ASP B 135 60.95 -30.93 26.20
N THR B 136 59.65 -30.90 25.87
CA THR B 136 59.02 -31.94 25.05
C THR B 136 58.62 -31.48 23.68
N SER B 137 58.84 -32.34 22.65
CA SER B 137 58.43 -32.10 21.27
C SER B 137 57.18 -32.94 20.93
N HIS B 138 56.07 -32.29 20.59
CA HIS B 138 54.84 -32.99 20.23
C HIS B 138 54.92 -33.69 18.88
N GLY B 139 55.55 -33.08 17.87
CA GLY B 139 55.58 -33.73 16.57
C GLY B 139 56.66 -33.44 15.58
N LYS B 140 56.78 -34.38 14.64
CA LYS B 140 57.62 -34.30 13.46
C LYS B 140 56.61 -33.74 12.46
N VAL B 141 56.79 -32.51 12.01
CA VAL B 141 55.82 -31.88 11.13
C VAL B 141 55.97 -32.35 9.68
N LYS B 142 54.86 -32.87 9.12
CA LYS B 142 54.78 -33.35 7.73
C LYS B 142 54.66 -32.13 6.76
N GLY B 143 54.44 -32.39 5.47
CA GLY B 143 54.21 -31.33 4.49
C GLY B 143 55.41 -30.50 4.08
N GLU B 144 55.19 -29.61 3.11
CA GLU B 144 56.24 -28.75 2.54
C GLU B 144 56.84 -27.81 3.58
N ASP B 145 58.06 -27.35 3.27
CA ASP B 145 58.87 -26.52 4.16
C ASP B 145 58.17 -25.26 4.61
N GLN B 146 58.22 -25.00 5.91
CA GLN B 146 57.64 -23.80 6.48
C GLN B 146 58.72 -22.76 6.73
N LEU B 147 59.97 -23.04 6.33
CA LEU B 147 61.04 -22.06 6.42
C LEU B 147 61.07 -21.12 5.24
N ARG B 148 60.07 -21.21 4.32
CA ARG B 148 59.95 -20.30 3.18
C ARG B 148 60.02 -18.89 3.68
N THR B 149 61.10 -18.18 3.36
CA THR B 149 61.19 -16.77 3.67
C THR B 149 60.23 -16.17 2.64
N LEU B 150 58.99 -15.87 3.07
CA LEU B 150 57.93 -15.41 2.17
C LEU B 150 57.50 -13.96 2.50
N PRO B 151 56.82 -13.29 1.54
CA PRO B 151 56.51 -11.85 1.66
C PRO B 151 56.08 -11.25 2.99
N PHE B 152 55.18 -11.91 3.74
CA PHE B 152 54.72 -11.27 4.98
C PHE B 152 55.63 -11.53 6.19
N ASP B 153 56.74 -12.26 6.00
CA ASP B 153 57.67 -12.53 7.11
C ASP B 153 58.45 -11.31 7.56
N ARG B 154 58.91 -11.38 8.81
CA ARG B 154 59.78 -10.41 9.44
C ARG B 154 60.86 -11.20 10.12
N LYS B 155 62.09 -10.71 10.15
CA LYS B 155 63.17 -11.42 10.84
C LYS B 155 63.81 -10.47 11.83
N PHE B 156 64.14 -11.00 12.99
CA PHE B 156 64.82 -10.26 14.03
C PHE B 156 66.07 -11.02 14.32
N GLY B 157 67.20 -10.37 14.09
CA GLY B 157 68.51 -10.95 14.32
C GLY B 157 68.93 -11.97 13.29
N VAL B 158 70.22 -12.32 13.34
CA VAL B 158 70.84 -13.32 12.47
C VAL B 158 71.21 -14.46 13.37
N GLY B 159 71.04 -15.66 12.86
CA GLY B 159 71.38 -16.84 13.61
C GLY B 159 71.33 -18.08 12.75
N SER B 160 72.24 -19.01 13.04
CA SER B 160 72.38 -20.29 12.33
C SER B 160 71.04 -21.02 12.34
N ARG B 161 70.50 -21.22 13.55
CA ARG B 161 69.22 -21.89 13.72
C ARG B 161 68.09 -20.92 13.44
N ASP B 162 66.99 -21.42 12.88
CA ASP B 162 65.86 -20.57 12.52
C ASP B 162 64.68 -20.97 13.37
N VAL B 163 64.06 -19.99 14.08
CA VAL B 163 62.93 -20.24 14.97
C VAL B 163 61.71 -19.45 14.54
N ILE B 164 60.54 -20.10 14.55
CA ILE B 164 59.28 -19.50 14.15
C ILE B 164 58.30 -19.66 15.28
N LEU B 165 57.60 -18.57 15.65
CA LEU B 165 56.59 -18.59 16.71
C LEU B 165 55.22 -18.26 16.11
N TYR B 166 54.26 -19.22 16.16
CA TYR B 166 52.89 -19.03 15.67
C TYR B 166 52.12 -18.59 16.86
N ALA B 167 51.79 -17.30 16.96
CA ALA B 167 51.14 -16.79 18.16
C ALA B 167 49.80 -16.09 17.97
N ASP B 168 49.00 -16.20 19.05
CA ASP B 168 47.77 -15.49 19.25
C ASP B 168 48.23 -14.44 20.25
N ILE B 169 48.51 -13.24 19.74
CA ILE B 169 49.03 -12.13 20.54
C ILE B 169 48.03 -11.65 21.60
N THR B 170 46.73 -11.68 21.27
CA THR B 170 45.63 -11.17 22.09
C THR B 170 45.76 -11.49 23.57
N SER B 171 45.98 -12.78 23.89
CA SER B 171 46.11 -13.24 25.29
C SER B 171 47.48 -12.90 25.88
N LYS B 172 47.63 -13.05 27.21
CA LYS B 172 48.91 -12.80 27.87
C LYS B 172 49.70 -14.11 28.02
N SER B 173 49.15 -15.23 27.47
CA SER B 173 49.87 -16.51 27.36
C SER B 173 51.05 -16.35 26.36
N PHE B 174 50.99 -15.33 25.49
CA PHE B 174 51.99 -14.98 24.48
C PHE B 174 53.31 -14.43 25.05
N ALA B 175 53.25 -13.35 25.87
CA ALA B 175 54.41 -12.62 26.46
C ALA B 175 55.64 -13.47 26.88
N PRO B 176 55.51 -14.58 27.65
CA PRO B 176 56.71 -15.35 28.01
C PRO B 176 57.43 -15.98 26.82
N PHE B 177 56.66 -16.56 25.86
CA PHE B 177 57.19 -17.20 24.63
C PHE B 177 58.04 -16.20 23.84
N HIS B 178 57.52 -14.99 23.61
CA HIS B 178 58.20 -13.91 22.90
C HIS B 178 59.59 -13.63 23.48
N GLU B 179 59.64 -13.32 24.79
CA GLU B 179 60.88 -12.98 25.51
C GLU B 179 61.96 -14.07 25.49
N VAL B 180 61.53 -15.35 25.39
CA VAL B 180 62.43 -16.51 25.28
C VAL B 180 63.22 -16.41 23.99
N ALA B 181 62.53 -16.09 22.89
CA ALA B 181 63.15 -15.97 21.56
C ALA B 181 63.70 -14.61 21.27
N MET B 182 63.20 -13.57 21.93
CA MET B 182 63.72 -12.23 21.72
C MET B 182 65.14 -12.24 22.26
N ASP B 183 65.33 -12.75 23.49
CA ASP B 183 66.64 -12.86 24.13
C ASP B 183 67.56 -13.81 23.35
N LEU B 184 67.00 -14.95 22.88
CA LEU B 184 67.78 -15.93 22.14
C LEU B 184 68.32 -15.35 20.82
N ALA B 185 67.58 -14.40 20.22
CA ALA B 185 67.99 -13.66 19.02
C ALA B 185 68.96 -12.54 19.39
N LYS B 186 68.74 -11.85 20.56
CA LYS B 186 69.62 -10.79 21.10
C LYS B 186 71.03 -11.36 21.33
N LYS B 187 71.11 -12.64 21.78
CA LYS B 187 72.37 -13.34 21.98
C LYS B 187 73.00 -13.68 20.63
N GLY B 188 72.18 -14.09 19.66
CA GLY B 188 72.60 -14.42 18.30
C GLY B 188 72.61 -15.91 18.00
N LYS B 189 71.97 -16.69 18.88
CA LYS B 189 71.89 -18.14 18.73
C LYS B 189 71.03 -18.54 17.52
N ALA B 190 69.92 -17.81 17.26
CA ALA B 190 69.01 -18.06 16.13
C ALA B 190 68.30 -16.79 15.73
N SER B 191 67.71 -16.77 14.54
CA SER B 191 66.95 -15.63 14.01
C SER B 191 65.46 -15.83 14.28
N TYR B 192 64.82 -14.77 14.79
CA TYR B 192 63.45 -14.78 15.26
C TYR B 192 62.48 -14.20 14.27
N ARG B 193 61.33 -14.87 14.07
CA ARG B 193 60.26 -14.38 13.23
C ARG B 193 58.90 -14.82 13.72
N VAL B 194 57.91 -13.93 13.59
CA VAL B 194 56.56 -14.16 14.07
C VAL B 194 55.57 -14.39 12.93
N ARG B 195 54.71 -15.40 13.11
CA ARG B 195 53.61 -15.74 12.22
C ARG B 195 52.34 -15.76 13.04
N TYR B 196 51.17 -15.49 12.43
CA TYR B 196 49.94 -15.38 13.21
C TYR B 196 49.07 -16.61 13.22
N ARG B 197 48.27 -16.63 14.28
CA ARG B 197 47.30 -17.66 14.56
C ARG B 197 45.97 -16.96 14.79
N ARG B 198 44.92 -17.48 14.14
CA ARG B 198 43.57 -16.96 14.27
C ARG B 198 43.19 -17.05 15.73
N SER B 199 42.97 -15.88 16.34
CA SER B 199 42.69 -15.73 17.75
C SER B 199 41.21 -15.95 18.09
N PRO B 200 40.88 -17.03 18.86
CA PRO B 200 39.46 -17.26 19.20
C PRO B 200 38.81 -16.30 20.22
N SER B 201 39.54 -15.26 20.72
CA SER B 201 38.97 -14.23 21.59
C SER B 201 38.08 -13.33 20.74
N HIS B 202 38.39 -13.21 19.44
CA HIS B 202 37.62 -12.43 18.49
C HIS B 202 36.54 -13.27 17.82
N SER B 203 35.48 -12.60 17.38
CA SER B 203 34.34 -13.24 16.74
C SER B 203 34.51 -13.32 15.23
N ARG B 204 33.55 -14.05 14.61
CA ARG B 204 33.45 -14.25 13.17
C ARG B 204 32.56 -13.13 12.57
N GLU B 205 32.79 -11.87 12.96
CA GLU B 205 32.04 -10.75 12.39
C GLU B 205 32.71 -10.41 11.08
N SER B 206 31.96 -10.14 9.98
CA SER B 206 32.57 -9.79 8.69
C SER B 206 33.14 -8.38 8.75
N LEU B 207 34.08 -8.09 7.86
CA LEU B 207 34.79 -6.81 7.82
C LEU B 207 34.08 -5.77 6.99
N SER B 208 33.93 -4.54 7.52
CA SER B 208 33.32 -3.42 6.79
C SER B 208 34.46 -2.65 6.16
N VAL B 209 34.37 -2.48 4.82
CA VAL B 209 35.40 -1.82 4.00
C VAL B 209 35.00 -0.42 3.56
N ASN B 210 36.00 0.33 3.11
CA ASN B 210 35.85 1.69 2.56
C ASN B 210 36.99 1.93 1.59
N GLY B 211 36.85 2.98 0.81
CA GLY B 211 37.78 3.35 -0.26
C GLY B 211 37.21 3.10 -1.64
N TYR B 212 35.86 3.01 -1.73
CA TYR B 212 35.10 2.78 -2.95
C TYR B 212 34.13 3.92 -3.15
N GLY B 213 33.47 3.92 -4.30
CA GLY B 213 32.47 4.92 -4.63
C GLY B 213 31.17 4.29 -5.07
N VAL B 214 30.06 5.01 -4.85
CA VAL B 214 28.72 4.56 -5.26
C VAL B 214 28.17 5.61 -6.24
N GLU B 215 27.45 5.16 -7.27
CA GLU B 215 26.84 6.06 -8.24
C GLU B 215 25.37 5.75 -8.39
N LEU B 216 24.54 6.78 -8.63
CA LEU B 216 23.12 6.63 -8.89
C LEU B 216 22.90 7.20 -10.25
N VAL B 217 22.81 6.30 -11.23
CA VAL B 217 22.72 6.64 -12.64
C VAL B 217 21.28 6.79 -13.09
N LEU B 218 21.02 7.88 -13.83
CA LEU B 218 19.73 8.19 -14.41
C LEU B 218 19.60 7.29 -15.62
N LYS B 219 18.62 6.40 -15.62
CA LYS B 219 18.48 5.47 -16.74
C LYS B 219 17.71 6.07 -17.93
N ARG B 220 16.99 7.18 -17.73
CA ARG B 220 16.31 7.84 -18.84
C ARG B 220 16.96 9.21 -18.99
N THR B 221 17.77 9.36 -20.04
CA THR B 221 18.42 10.62 -20.42
C THR B 221 17.73 11.21 -21.66
N ASP B 222 16.89 10.40 -22.36
CA ASP B 222 16.14 10.75 -23.57
C ASP B 222 15.45 12.11 -23.54
N TYR B 223 14.86 12.50 -22.39
CA TYR B 223 14.16 13.79 -22.32
C TYR B 223 15.14 14.96 -22.08
N ILE B 224 15.23 15.86 -23.10
CA ILE B 224 15.95 17.16 -23.22
C ILE B 224 15.23 17.86 -24.40
N VAL B 225 15.07 19.20 -24.40
CA VAL B 225 14.39 19.92 -25.50
C VAL B 225 15.38 20.32 -26.60
N ILE B 259 13.14 20.37 -2.13
CA ILE B 259 13.84 20.85 -3.31
C ILE B 259 14.03 19.74 -4.34
N ALA B 260 14.31 18.48 -3.88
CA ALA B 260 14.51 17.33 -4.76
C ALA B 260 13.15 16.73 -5.26
N ASP B 261 12.82 16.96 -6.58
CA ASP B 261 11.56 16.58 -7.25
C ASP B 261 11.77 15.56 -8.42
N ILE B 262 12.32 16.04 -9.55
CA ILE B 262 12.68 15.29 -10.77
C ILE B 262 13.36 16.27 -11.71
N LYS B 263 14.51 15.90 -12.29
CA LYS B 263 15.28 16.75 -13.21
C LYS B 263 14.41 17.55 -14.25
N PRO B 264 14.40 18.93 -14.26
CA PRO B 264 13.56 19.65 -15.25
C PRO B 264 14.35 19.80 -16.54
N LEU B 265 14.12 18.89 -17.54
CA LEU B 265 14.97 18.89 -18.73
C LEU B 265 14.71 20.06 -19.66
N GLU B 266 15.81 20.80 -19.84
CA GLU B 266 15.92 22.13 -20.42
C GLU B 266 16.14 22.19 -21.94
N LYS B 267 16.04 23.44 -22.47
CA LYS B 267 16.35 23.77 -23.85
C LYS B 267 17.85 23.83 -23.95
N SER B 268 18.40 23.27 -25.05
CA SER B 268 19.84 23.05 -25.26
C SER B 268 20.73 24.29 -25.15
N GLU B 269 20.92 24.75 -23.91
CA GLU B 269 21.85 25.78 -23.55
C GLU B 269 22.72 25.09 -22.57
N LEU B 270 23.29 23.98 -23.05
CA LEU B 270 24.19 23.15 -22.30
C LEU B 270 25.54 23.80 -22.25
N ALA B 271 26.00 24.34 -23.40
CA ALA B 271 27.29 24.99 -23.57
C ALA B 271 27.82 25.76 -22.36
N ALA B 272 26.95 26.53 -21.68
CA ALA B 272 27.32 27.35 -20.52
C ALA B 272 27.45 26.61 -19.18
N LEU B 273 26.97 25.38 -19.06
CA LEU B 273 26.98 24.64 -17.79
C LEU B 273 28.32 24.56 -17.10
N GLY B 274 29.32 24.06 -17.81
CA GLY B 274 30.67 23.95 -17.28
C GLY B 274 31.20 25.29 -16.85
N MET B 275 31.04 26.29 -17.73
CA MET B 275 31.50 27.66 -17.50
C MET B 275 30.80 28.35 -16.32
N LYS B 276 29.47 28.25 -16.23
CA LYS B 276 28.71 28.84 -15.11
C LYS B 276 28.99 28.05 -13.83
N ALA B 277 29.01 26.71 -13.93
CA ALA B 277 29.33 25.86 -12.79
C ALA B 277 30.68 26.23 -12.18
N ALA B 278 31.72 26.53 -13.03
CA ALA B 278 33.08 26.92 -12.58
C ALA B 278 33.05 28.25 -11.79
N SER B 279 32.28 29.22 -12.27
CA SER B 279 32.15 30.55 -11.64
C SER B 279 31.45 30.50 -10.28
N PHE B 280 30.32 29.77 -10.20
CA PHE B 280 29.53 29.58 -8.96
C PHE B 280 30.43 29.30 -7.77
N VAL B 281 31.42 28.43 -7.99
CA VAL B 281 32.40 27.95 -7.01
C VAL B 281 33.37 29.06 -6.65
N MET B 282 33.91 29.74 -7.65
CA MET B 282 34.85 30.82 -7.42
C MET B 282 34.20 31.91 -6.58
N GLN B 283 32.93 32.17 -6.84
CA GLN B 283 32.10 33.15 -6.13
C GLN B 283 31.82 32.80 -4.69
N SER B 284 31.41 31.55 -4.44
CA SER B 284 31.01 31.03 -3.12
C SER B 284 31.90 31.44 -1.93
N GLU B 285 33.23 31.38 -2.11
CA GLU B 285 34.22 31.67 -1.08
C GLU B 285 34.02 30.76 0.16
N LYS B 286 34.16 29.48 -0.17
CA LYS B 286 34.23 28.19 0.55
C LYS B 286 34.25 27.27 -0.71
N PRO B 287 35.30 27.43 -1.57
CA PRO B 287 35.22 26.85 -2.91
C PRO B 287 35.32 25.36 -3.00
N PHE B 288 36.19 24.77 -2.22
CA PHE B 288 36.35 23.34 -2.30
C PHE B 288 35.09 22.61 -1.88
N GLU B 289 34.38 23.14 -0.86
CA GLU B 289 33.16 22.55 -0.35
C GLU B 289 32.03 22.71 -1.35
N ALA B 290 31.99 23.83 -2.07
CA ALA B 290 30.99 24.10 -3.09
C ALA B 290 31.03 23.06 -4.20
N LEU B 291 32.23 22.80 -4.71
CA LEU B 291 32.50 21.84 -5.77
C LEU B 291 32.07 20.46 -5.38
N LEU B 292 32.35 20.07 -4.15
CA LEU B 292 31.95 18.79 -3.61
C LEU B 292 30.41 18.71 -3.55
N LYS B 293 29.76 19.73 -2.97
CA LYS B 293 28.30 19.78 -2.86
C LYS B 293 27.62 19.85 -4.22
N LEU B 294 28.19 20.62 -5.15
CA LEU B 294 27.67 20.75 -6.50
C LEU B 294 27.93 19.49 -7.30
N THR B 295 29.17 19.01 -7.32
CA THR B 295 29.57 17.85 -8.11
C THR B 295 28.88 16.54 -7.67
N GLN B 296 28.58 16.36 -6.37
CA GLN B 296 27.93 15.14 -5.89
C GLN B 296 26.48 15.00 -6.36
N ASP B 297 25.71 16.10 -6.31
CA ASP B 297 24.30 16.12 -6.74
C ASP B 297 24.08 16.95 -8.02
N PHE B 298 25.11 17.03 -8.88
CA PHE B 298 25.11 17.83 -10.11
C PHE B 298 23.86 17.70 -11.01
N PRO B 299 23.31 16.50 -11.33
CA PRO B 299 22.13 16.45 -12.25
C PRO B 299 20.93 17.28 -11.77
N LYS B 300 20.73 17.25 -10.46
CA LYS B 300 19.69 17.97 -9.73
C LYS B 300 19.81 19.50 -9.86
N TYR B 301 21.05 20.03 -9.87
CA TYR B 301 21.31 21.47 -9.93
C TYR B 301 21.50 22.07 -11.33
N SER B 302 21.30 21.30 -12.40
CA SER B 302 21.50 21.81 -13.77
C SER B 302 20.63 23.04 -14.08
N ASN B 303 19.31 22.92 -13.89
CA ASN B 303 18.36 24.00 -14.17
C ASN B 303 18.52 25.15 -13.15
N SER B 304 19.00 24.83 -11.93
CA SER B 304 19.24 25.78 -10.85
C SER B 304 20.44 26.71 -11.12
N LEU B 305 21.28 26.38 -12.12
CA LEU B 305 22.44 27.18 -12.48
C LEU B 305 22.01 28.24 -13.48
N GLY B 306 22.83 29.29 -13.59
CA GLY B 306 22.58 30.47 -14.40
C GLY B 306 22.09 31.65 -13.55
N SER B 307 22.05 31.48 -12.22
CA SER B 307 21.59 32.42 -11.21
C SER B 307 22.75 33.25 -10.54
N GLN B 308 22.43 34.50 -10.08
CA GLN B 308 23.31 35.49 -9.41
C GLN B 308 24.57 35.87 -10.24
N ASN B 309 24.30 36.50 -11.43
CA ASN B 309 25.28 36.93 -12.44
C ASN B 309 26.40 35.89 -12.51
N VAL B 310 25.99 34.63 -12.76
CA VAL B 310 26.92 33.52 -12.76
C VAL B 310 27.66 33.43 -14.09
N SER B 311 27.27 34.20 -15.13
CA SER B 311 28.07 34.30 -16.37
C SER B 311 29.51 34.78 -15.97
N ALA B 312 29.60 35.73 -14.98
CA ALA B 312 30.81 36.33 -14.38
C ALA B 312 32.13 35.78 -14.88
N GLU B 313 32.39 36.13 -16.13
CA GLU B 313 33.53 35.72 -16.92
C GLU B 313 34.68 36.70 -16.86
N PHE B 314 35.36 36.68 -15.71
CA PHE B 314 36.63 37.36 -15.61
C PHE B 314 37.51 36.36 -16.37
N GLU B 315 37.32 35.07 -16.03
CA GLU B 315 38.07 33.96 -16.58
C GLU B 315 37.64 33.47 -17.97
N ALA B 316 37.71 34.37 -18.92
CA ALA B 316 37.91 34.17 -20.33
C ALA B 316 39.35 34.58 -20.47
N GLU B 317 39.91 35.24 -19.42
CA GLU B 317 41.30 35.66 -19.39
C GLU B 317 42.24 34.46 -19.26
N HIS B 318 41.84 33.44 -18.49
CA HIS B 318 42.66 32.26 -18.25
C HIS B 318 42.58 31.23 -19.33
N ARG B 319 42.16 31.59 -20.52
CA ARG B 319 42.25 30.72 -21.67
C ARG B 319 43.55 31.08 -22.35
N GLY B 320 44.27 32.03 -21.74
CA GLY B 320 45.66 32.32 -22.04
C GLY B 320 46.38 31.12 -21.50
N ASN B 321 45.82 30.54 -20.39
CA ASN B 321 46.26 29.27 -19.84
C ASN B 321 45.93 28.16 -20.80
N ARG B 322 44.69 28.10 -21.32
CA ARG B 322 44.34 27.09 -22.31
C ARG B 322 45.26 27.23 -23.52
N GLU B 323 45.39 28.44 -24.13
CA GLU B 323 46.21 28.67 -25.31
C GLU B 323 47.56 27.97 -25.29
N VAL B 324 48.25 28.06 -24.15
CA VAL B 324 49.56 27.45 -23.98
C VAL B 324 49.56 25.93 -23.73
N PHE B 325 48.77 25.40 -22.75
CA PHE B 325 48.95 24.00 -22.39
C PHE B 325 47.77 23.02 -22.58
N LEU B 326 46.69 23.06 -21.81
CA LEU B 326 45.72 21.99 -21.94
C LEU B 326 44.41 22.33 -22.58
N PRO B 327 43.86 21.38 -23.38
CA PRO B 327 42.53 21.58 -23.98
C PRO B 327 41.37 21.49 -22.98
N GLU B 328 40.39 22.39 -23.18
CA GLU B 328 39.19 22.52 -22.36
C GLU B 328 38.44 21.19 -22.07
N GLY B 329 38.02 21.03 -20.82
CA GLY B 329 37.27 19.86 -20.36
C GLY B 329 38.05 18.62 -20.00
N SER B 330 39.39 18.71 -19.90
CA SER B 330 40.28 17.58 -19.64
C SER B 330 40.71 17.50 -18.17
N ASN B 331 40.59 16.31 -17.56
CA ASN B 331 41.00 16.10 -16.17
C ASN B 331 42.43 15.57 -16.14
N VAL B 332 43.34 16.24 -15.38
CA VAL B 332 44.74 15.81 -15.29
C VAL B 332 45.28 16.05 -13.90
N LEU B 333 45.94 15.05 -13.31
CA LEU B 333 46.51 15.18 -11.98
C LEU B 333 48.00 14.96 -12.02
N TRP B 334 48.72 15.75 -11.22
CA TRP B 334 50.17 15.65 -11.07
C TRP B 334 50.52 15.55 -9.60
N LEU B 335 51.54 14.75 -9.28
CA LEU B 335 52.03 14.58 -7.93
C LEU B 335 53.52 14.80 -7.99
N ASN B 336 53.95 16.02 -7.64
CA ASN B 336 55.37 16.43 -7.67
C ASN B 336 55.95 16.34 -9.09
N GLY B 337 55.15 16.74 -10.09
CA GLY B 337 55.50 16.65 -11.50
C GLY B 337 55.03 15.37 -12.19
N LEU B 338 54.86 14.27 -11.43
CA LEU B 338 54.45 12.98 -11.99
C LEU B 338 53.04 13.00 -12.45
N HIS B 339 52.82 12.69 -13.71
CA HIS B 339 51.49 12.60 -14.26
C HIS B 339 50.87 11.25 -13.84
N LEU B 340 49.70 11.26 -13.15
CA LEU B 340 49.05 10.03 -12.70
C LEU B 340 47.93 9.60 -13.61
N ILE B 341 47.86 8.29 -13.88
CA ILE B 341 46.81 7.68 -14.69
C ILE B 341 45.61 7.46 -13.78
N ASP B 342 44.45 7.24 -14.38
CA ASP B 342 43.19 7.10 -13.65
C ASP B 342 43.17 5.93 -12.67
N ARG B 343 43.79 4.80 -13.04
CA ARG B 343 43.84 3.63 -12.17
C ARG B 343 44.58 3.92 -10.87
N GLN B 344 45.52 4.89 -10.89
CA GLN B 344 46.29 5.25 -9.70
C GLN B 344 45.55 6.21 -8.81
N ILE B 345 44.32 6.60 -9.16
CA ILE B 345 43.58 7.61 -8.43
C ILE B 345 42.43 6.98 -7.67
N GLN B 346 42.85 6.28 -6.66
CA GLN B 346 42.01 5.65 -5.68
C GLN B 346 42.76 5.88 -4.36
N PRO B 347 42.15 5.55 -3.24
CA PRO B 347 42.81 5.81 -1.96
C PRO B 347 44.01 4.94 -1.72
N PHE B 348 43.94 3.69 -2.11
CA PHE B 348 45.01 2.73 -1.88
C PHE B 348 46.22 3.04 -2.74
N GLY B 349 45.96 3.31 -4.02
CA GLY B 349 46.95 3.70 -5.00
C GLY B 349 47.65 4.97 -4.61
N LEU B 350 46.88 5.96 -4.13
CA LEU B 350 47.44 7.25 -3.70
C LEU B 350 48.23 7.18 -2.40
N VAL B 351 47.78 6.39 -1.41
CA VAL B 351 48.51 6.24 -0.14
C VAL B 351 49.88 5.63 -0.40
N ASP B 352 49.97 4.63 -1.30
CA ASP B 352 51.23 3.99 -1.60
C ASP B 352 52.18 4.93 -2.31
N LEU B 353 51.67 5.86 -3.12
CA LEU B 353 52.52 6.83 -3.81
C LEU B 353 53.13 7.86 -2.89
N LEU B 354 52.37 8.34 -1.90
CA LEU B 354 52.87 9.30 -0.93
C LEU B 354 54.00 8.67 -0.14
N THR B 355 53.74 7.47 0.40
CA THR B 355 54.66 6.66 1.21
C THR B 355 56.01 6.54 0.52
N ARG B 356 56.01 6.17 -0.79
CA ARG B 356 57.21 6.04 -1.63
C ARG B 356 57.88 7.41 -1.87
N GLU B 357 57.07 8.43 -2.17
CA GLU B 357 57.55 9.79 -2.47
C GLU B 357 58.17 10.50 -1.27
N ARG B 358 57.57 10.35 -0.09
CA ARG B 358 58.07 10.98 1.11
C ARG B 358 59.41 10.42 1.47
N LYS B 359 59.53 9.06 1.49
CA LYS B 359 60.81 8.37 1.74
C LYS B 359 61.93 8.98 0.88
N LEU B 360 61.60 9.27 -0.39
CA LEU B 360 62.48 9.87 -1.39
C LEU B 360 62.89 11.30 -1.01
N ILE B 361 61.88 12.15 -0.71
CA ILE B 361 62.10 13.57 -0.38
C ILE B 361 62.80 13.76 0.94
N LYS B 362 62.38 13.02 1.99
CA LYS B 362 62.99 13.11 3.33
C LYS B 362 64.47 12.90 3.23
N SER B 363 64.86 11.91 2.41
CA SER B 363 66.27 11.64 2.14
C SER B 363 66.98 12.88 1.58
N VAL B 364 66.30 13.66 0.73
CA VAL B 364 66.87 14.90 0.17
C VAL B 364 66.96 15.98 1.18
N LEU B 365 65.87 16.20 1.89
CA LEU B 365 65.84 17.36 2.77
C LEU B 365 66.61 17.19 4.09
N ASP B 366 67.50 16.19 4.17
CA ASP B 366 68.44 16.05 5.29
C ASP B 366 69.70 16.82 4.90
N LEU B 367 69.70 17.46 3.69
CA LEU B 367 70.76 18.31 3.19
C LEU B 367 70.30 19.78 3.21
N GLY B 368 69.26 20.10 3.97
CA GLY B 368 68.78 21.47 4.09
C GLY B 368 68.12 22.04 2.85
N LEU B 369 67.20 21.26 2.24
CA LEU B 369 66.41 21.69 1.07
C LEU B 369 64.95 21.68 1.50
N THR B 370 64.16 22.69 1.14
CA THR B 370 62.74 22.70 1.51
C THR B 370 62.01 21.75 0.59
N GLY B 371 60.83 21.32 1.02
CA GLY B 371 60.01 20.43 0.23
C GLY B 371 59.81 21.02 -1.16
N GLN B 372 59.63 22.34 -1.19
CA GLN B 372 59.46 23.09 -2.43
C GLN B 372 60.71 23.10 -3.30
N GLN B 373 61.89 23.30 -2.69
CA GLN B 373 63.18 23.29 -3.40
C GLN B 373 63.49 21.90 -3.95
N ALA B 374 63.26 20.89 -3.12
CA ALA B 374 63.51 19.49 -3.46
C ALA B 374 62.71 19.07 -4.72
N VAL B 375 61.42 19.34 -4.72
CA VAL B 375 60.56 18.97 -5.83
C VAL B 375 61.00 19.72 -7.10
N ASP B 376 61.34 21.02 -6.96
CA ASP B 376 61.82 21.88 -8.07
C ASP B 376 63.05 21.27 -8.77
N LEU B 377 63.92 20.53 -8.02
CA LEU B 377 65.06 19.81 -8.62
C LEU B 377 64.52 18.70 -9.56
N LEU B 378 63.57 17.90 -9.05
CA LEU B 378 63.03 16.75 -9.77
C LEU B 378 62.18 17.07 -10.98
N GLY B 379 61.67 18.28 -11.06
CA GLY B 379 60.89 18.72 -12.22
C GLY B 379 61.73 19.36 -13.32
N HIS B 380 62.87 20.01 -12.92
CA HIS B 380 63.78 20.73 -13.83
C HIS B 380 63.90 20.02 -15.17
N ALA B 381 63.94 20.79 -16.24
CA ALA B 381 64.02 20.21 -17.58
C ALA B 381 65.40 19.63 -17.89
N GLU B 382 66.51 20.38 -17.61
CA GLU B 382 67.91 19.92 -17.86
C GLU B 382 68.13 18.48 -17.34
N VAL B 383 67.47 18.18 -16.22
CA VAL B 383 67.44 16.87 -15.61
C VAL B 383 66.83 15.92 -16.63
N ALA B 384 65.56 16.18 -16.97
CA ALA B 384 64.74 15.40 -17.88
C ALA B 384 65.05 15.69 -19.36
N HIS B 385 66.34 15.85 -19.69
CA HIS B 385 66.85 16.06 -21.03
C HIS B 385 67.98 15.05 -21.22
N ALA B 386 68.95 15.03 -20.27
CA ALA B 386 70.03 14.06 -20.23
C ALA B 386 69.41 12.68 -20.11
N LYS B 387 68.34 12.58 -19.32
CA LYS B 387 67.56 11.34 -19.19
C LYS B 387 66.70 11.14 -20.47
N SER B 388 65.89 12.15 -20.85
CA SER B 388 64.92 12.07 -21.95
C SER B 388 65.50 12.07 -23.37
N GLY B 389 66.02 13.22 -23.81
CA GLY B 389 66.60 13.37 -25.12
C GLY B 389 67.92 12.67 -25.11
N ASP B 390 67.88 11.33 -25.26
CA ASP B 390 69.04 10.45 -25.30
C ASP B 390 69.37 10.17 -26.79
N ASP B 391 69.35 11.22 -27.65
CA ASP B 391 69.59 11.11 -29.10
C ASP B 391 71.00 11.60 -29.37
N GLU B 392 71.89 10.94 -28.66
CA GLU B 392 73.31 11.13 -28.66
C GLU B 392 73.86 9.78 -28.16
N PRO B 393 73.68 8.70 -28.99
CA PRO B 393 74.12 7.37 -28.55
C PRO B 393 75.64 7.18 -28.68
N ARG B 394 76.31 6.55 -27.66
CA ARG B 394 77.76 6.34 -27.72
C ARG B 394 78.02 5.37 -28.88
N ARG B 395 78.66 5.91 -29.91
CA ARG B 395 78.88 5.20 -31.16
C ARG B 395 79.90 4.06 -30.95
N PHE B 396 79.81 2.96 -31.75
CA PHE B 396 80.70 1.79 -31.66
C PHE B 396 81.51 1.47 -32.89
N ASP B 397 82.72 0.88 -32.66
CA ASP B 397 83.65 0.52 -33.74
C ASP B 397 83.42 -0.92 -34.20
N TRP B 398 82.81 -1.05 -35.39
CA TRP B 398 82.56 -2.36 -36.01
C TRP B 398 83.70 -2.76 -36.90
N ARG B 399 84.73 -1.93 -37.04
CA ARG B 399 85.79 -2.24 -37.98
C ARG B 399 86.54 -3.56 -37.64
N ASP B 400 87.15 -4.17 -38.65
CA ASP B 400 87.95 -5.38 -38.48
C ASP B 400 89.40 -5.03 -38.22
N ASP B 401 89.77 -3.73 -38.21
CA ASP B 401 91.14 -3.25 -37.97
C ASP B 401 91.82 -3.95 -36.73
N ILE B 402 91.05 -4.21 -35.69
CA ILE B 402 91.56 -4.94 -34.54
C ILE B 402 91.77 -6.40 -34.94
N GLU B 403 90.79 -6.94 -35.71
CA GLU B 403 90.75 -8.31 -36.27
C GLU B 403 91.57 -8.48 -37.58
N GLU B 404 92.44 -7.53 -37.90
CA GLU B 404 93.25 -7.57 -39.09
C GLU B 404 92.46 -7.89 -40.37
N GLY B 405 91.21 -7.41 -40.48
CA GLY B 405 90.36 -7.55 -41.66
C GLY B 405 89.52 -8.80 -41.81
N GLN B 406 90.13 -9.96 -41.49
CA GLN B 406 89.58 -11.32 -41.68
C GLN B 406 88.26 -11.64 -40.93
N VAL B 407 87.15 -10.98 -41.30
CA VAL B 407 85.88 -11.28 -40.65
C VAL B 407 84.68 -10.68 -41.39
N ILE B 408 84.69 -9.36 -41.74
CA ILE B 408 83.53 -8.80 -42.46
C ILE B 408 83.69 -9.18 -43.88
N ILE B 409 82.62 -9.74 -44.43
CA ILE B 409 82.53 -10.14 -45.82
C ILE B 409 81.45 -9.28 -46.51
N TRP B 410 81.93 -8.18 -47.12
CA TRP B 410 81.13 -7.18 -47.77
C TRP B 410 80.60 -7.66 -49.06
N LEU B 411 79.36 -7.26 -49.38
CA LEU B 411 78.65 -7.52 -50.65
C LEU B 411 78.80 -6.29 -51.65
N ASN B 412 79.38 -5.19 -51.12
CA ASN B 412 79.53 -3.93 -51.78
C ASN B 412 80.89 -3.33 -51.61
N ASN B 413 81.14 -2.36 -52.47
CA ASN B 413 82.16 -1.33 -52.44
C ASN B 413 81.58 -0.24 -53.29
N LEU B 414 81.38 0.93 -52.73
CA LEU B 414 80.74 2.01 -53.45
C LEU B 414 81.71 2.79 -54.30
N GLU B 415 83.00 2.67 -54.01
CA GLU B 415 84.01 3.41 -54.73
C GLU B 415 84.44 2.66 -55.96
N LYS B 416 84.28 1.32 -55.98
CA LYS B 416 84.73 0.49 -57.09
C LYS B 416 83.77 -0.69 -57.37
N ASP B 417 82.47 -0.48 -57.69
CA ASP B 417 81.64 -1.66 -58.01
C ASP B 417 81.07 -1.64 -59.41
N LYS B 418 81.19 -0.51 -60.15
CA LYS B 418 80.71 -0.39 -61.54
C LYS B 418 79.22 -0.70 -61.69
N ARG B 419 78.51 -0.31 -60.63
CA ARG B 419 77.07 -0.30 -60.45
C ARG B 419 76.74 1.15 -60.17
N TYR B 420 77.57 1.73 -59.32
CA TYR B 420 77.53 3.09 -58.86
C TYR B 420 78.37 3.98 -59.79
N LYS B 421 79.12 3.39 -60.77
CA LYS B 421 79.91 4.10 -61.80
C LYS B 421 79.26 5.40 -62.29
N SER B 422 77.94 5.37 -62.45
CA SER B 422 77.11 6.49 -62.83
C SER B 422 77.30 7.71 -61.91
N PHE B 423 77.44 7.47 -60.62
CA PHE B 423 77.49 8.50 -59.60
C PHE B 423 78.80 9.26 -59.48
N SER B 424 78.70 10.44 -58.88
CA SER B 424 79.85 11.31 -58.65
C SER B 424 80.45 11.01 -57.32
N PRO B 425 81.79 11.04 -57.21
CA PRO B 425 82.44 10.85 -55.92
C PRO B 425 82.79 12.22 -55.33
N SER B 426 81.79 13.12 -55.18
CA SER B 426 82.05 14.46 -54.64
C SER B 426 81.32 14.69 -53.35
N ILE B 427 81.96 15.42 -52.46
CA ILE B 427 81.38 15.78 -51.18
C ILE B 427 80.14 16.68 -51.36
N TRP B 428 80.21 17.62 -52.30
CA TRP B 428 79.13 18.57 -52.54
C TRP B 428 77.84 17.92 -53.01
N VAL B 429 77.90 16.65 -53.40
CA VAL B 429 76.72 15.87 -53.74
C VAL B 429 75.91 15.68 -52.48
N LEU B 430 76.59 15.42 -51.37
CA LEU B 430 75.95 15.21 -50.07
C LEU B 430 75.36 16.50 -49.57
N ILE B 431 76.21 17.54 -49.51
CA ILE B 431 75.89 18.86 -48.97
C ILE B 431 74.63 19.39 -49.67
N HIS B 432 74.64 19.42 -51.01
CA HIS B 432 73.53 19.96 -51.82
C HIS B 432 72.45 18.91 -52.06
N HIS B 433 71.73 18.55 -51.02
CA HIS B 433 70.68 17.57 -51.17
C HIS B 433 69.41 18.10 -50.56
N PHE B 434 68.31 17.83 -51.25
CA PHE B 434 66.97 18.18 -50.80
C PHE B 434 66.02 17.09 -51.32
N GLY B 435 64.96 16.84 -50.56
CA GLY B 435 63.93 15.86 -50.90
C GLY B 435 63.90 14.66 -49.98
N HIS B 436 63.24 13.59 -50.46
CA HIS B 436 63.04 12.32 -49.74
C HIS B 436 64.00 11.22 -50.22
N GLY B 437 64.70 11.44 -51.32
CA GLY B 437 65.62 10.46 -51.88
C GLY B 437 66.93 10.38 -51.13
N LEU B 438 67.60 9.21 -51.18
CA LEU B 438 68.90 9.02 -50.53
C LEU B 438 70.01 9.35 -51.53
N PRO B 439 70.98 10.21 -51.14
CA PRO B 439 71.94 10.74 -52.12
C PRO B 439 72.86 9.74 -52.75
N GLN B 440 72.91 9.80 -54.08
CA GLN B 440 73.75 8.95 -54.90
C GLN B 440 75.14 9.51 -54.87
N ILE B 441 76.14 8.68 -54.60
CA ILE B 441 77.53 9.12 -54.54
C ILE B 441 78.46 7.90 -54.68
N ARG B 442 79.64 8.09 -55.30
CA ARG B 442 80.67 7.04 -55.42
C ARG B 442 81.65 7.28 -54.30
N ARG B 443 81.23 6.96 -53.08
CA ARG B 443 82.07 7.13 -51.91
C ARG B 443 81.58 6.23 -50.81
N ASP B 444 82.43 5.92 -49.83
CA ASP B 444 81.99 5.06 -48.73
C ASP B 444 81.47 6.00 -47.67
N VAL B 445 80.20 5.88 -47.29
CA VAL B 445 79.62 6.78 -46.29
C VAL B 445 78.81 6.07 -45.24
N PHE B 446 77.91 5.18 -45.66
CA PHE B 446 77.07 4.45 -44.72
C PHE B 446 77.48 3.00 -44.80
N ASN B 447 77.91 2.44 -43.61
CA ASN B 447 78.44 1.08 -43.44
C ASN B 447 77.62 0.19 -42.42
N LEU B 448 76.74 -0.68 -42.96
CA LEU B 448 75.94 -1.61 -42.19
C LEU B 448 76.61 -2.93 -42.17
N VAL B 449 76.85 -3.48 -40.95
CA VAL B 449 77.39 -4.83 -40.70
C VAL B 449 76.34 -5.62 -39.91
N VAL B 450 76.08 -6.86 -40.31
CA VAL B 450 75.05 -7.67 -39.67
C VAL B 450 75.54 -9.14 -39.32
N PRO B 451 75.40 -9.62 -38.03
CA PRO B 451 75.85 -10.98 -37.71
C PRO B 451 74.78 -12.03 -38.03
N VAL B 452 75.22 -13.08 -38.81
CA VAL B 452 74.35 -14.13 -39.34
C VAL B 452 74.85 -15.56 -38.98
N ASP B 453 73.94 -16.53 -38.53
CA ASP B 453 74.28 -17.97 -38.29
C ASP B 453 73.92 -18.82 -39.51
N LEU B 454 74.96 -19.35 -40.15
CA LEU B 454 74.85 -20.04 -41.43
C LEU B 454 74.17 -21.41 -41.36
N THR B 455 73.95 -21.95 -40.15
CA THR B 455 73.19 -23.19 -39.98
C THR B 455 71.77 -22.79 -40.42
N LYS B 456 71.22 -21.80 -39.69
CA LYS B 456 69.85 -21.35 -39.73
C LYS B 456 69.43 -20.77 -41.04
N ALA B 457 68.37 -21.35 -41.63
CA ALA B 457 67.82 -20.89 -42.89
C ALA B 457 67.27 -19.46 -42.80
N ASP B 458 66.54 -19.11 -41.71
CA ASP B 458 65.99 -17.76 -41.47
C ASP B 458 67.09 -16.69 -41.53
N ASP B 459 68.24 -17.01 -40.93
CA ASP B 459 69.42 -16.15 -40.87
C ASP B 459 70.07 -16.03 -42.26
N VAL B 460 70.21 -17.16 -42.95
CA VAL B 460 70.83 -17.20 -44.28
C VAL B 460 69.95 -16.46 -45.29
N LYS B 461 68.63 -16.69 -45.23
CA LYS B 461 67.60 -16.03 -46.07
C LYS B 461 67.70 -14.49 -46.00
N ILE B 462 68.09 -13.93 -44.83
CA ILE B 462 68.27 -12.49 -44.63
C ILE B 462 69.34 -11.96 -45.55
N VAL B 463 70.48 -12.63 -45.60
CA VAL B 463 71.56 -12.22 -46.48
C VAL B 463 71.13 -12.35 -47.92
N VAL B 464 70.71 -13.54 -48.30
CA VAL B 464 70.35 -13.88 -49.67
C VAL B 464 69.17 -13.05 -50.22
N GLU B 465 68.10 -12.83 -49.45
CA GLU B 465 66.97 -12.05 -49.94
C GLU B 465 67.09 -10.62 -49.51
N GLY B 466 67.13 -10.40 -48.21
CA GLY B 466 67.19 -9.07 -47.62
C GLY B 466 68.35 -8.22 -48.08
N LEU B 467 69.59 -8.67 -47.77
CA LEU B 467 70.80 -7.89 -48.09
C LEU B 467 71.07 -7.70 -49.57
N LEU B 468 70.88 -8.73 -50.38
CA LEU B 468 71.13 -8.62 -51.80
C LEU B 468 70.15 -7.73 -52.54
N SER B 469 68.84 -7.74 -52.20
CA SER B 469 67.87 -6.87 -52.86
C SER B 469 68.40 -5.46 -52.80
N PHE B 470 68.79 -5.04 -51.61
CA PHE B 470 69.36 -3.72 -51.36
C PHE B 470 70.59 -3.40 -52.22
N VAL B 471 71.44 -4.40 -52.44
CA VAL B 471 72.61 -4.24 -53.31
C VAL B 471 72.12 -3.98 -54.76
N LYS B 472 71.28 -4.90 -55.26
CA LYS B 472 70.64 -4.90 -56.59
C LYS B 472 69.95 -3.58 -56.86
N ARG B 473 69.26 -3.05 -55.82
CA ARG B 473 68.50 -1.79 -55.84
C ARG B 473 69.35 -0.50 -55.95
N LEU B 474 70.69 -0.62 -55.83
CA LEU B 474 71.67 0.48 -55.93
C LEU B 474 71.52 1.51 -54.82
N ILE B 475 71.43 1.01 -53.59
CA ILE B 475 71.28 1.83 -52.42
C ILE B 475 72.69 2.33 -52.06
N PRO B 476 72.87 3.58 -51.58
CA PRO B 476 74.23 4.07 -51.24
C PRO B 476 74.74 3.66 -49.84
N VAL B 477 74.40 2.42 -49.41
CA VAL B 477 74.81 1.84 -48.14
C VAL B 477 75.62 0.60 -48.45
N ARG B 478 76.77 0.42 -47.79
CA ARG B 478 77.60 -0.76 -48.00
C ARG B 478 77.09 -1.86 -47.07
N PHE B 479 76.87 -3.08 -47.58
CA PHE B 479 76.30 -4.17 -46.78
C PHE B 479 77.31 -5.23 -46.48
N GLY B 480 77.48 -5.50 -45.22
CA GLY B 480 78.40 -6.53 -44.79
C GLY B 480 77.74 -7.47 -43.80
N PHE B 481 78.41 -8.58 -43.50
CA PHE B 481 77.89 -9.56 -42.56
C PHE B 481 78.98 -10.42 -42.02
N VAL B 482 78.85 -10.85 -40.75
CA VAL B 482 79.80 -11.77 -40.13
C VAL B 482 79.11 -13.13 -39.89
N PRO B 483 79.87 -14.23 -39.95
CA PRO B 483 79.27 -15.55 -39.72
C PRO B 483 79.33 -15.94 -38.25
N LEU B 484 78.24 -16.52 -37.73
CA LEU B 484 78.25 -16.98 -36.37
C LEU B 484 78.74 -18.40 -36.33
N THR B 485 79.46 -18.72 -35.25
CA THR B 485 80.17 -19.98 -35.04
C THR B 485 79.90 -20.55 -33.65
N PRO B 486 78.65 -20.67 -33.23
CA PRO B 486 78.37 -21.23 -31.90
C PRO B 486 78.17 -22.75 -31.89
N THR B 487 78.18 -23.40 -33.06
CA THR B 487 78.02 -24.84 -33.19
C THR B 487 79.04 -25.33 -34.19
N GLY B 488 79.29 -26.64 -34.16
CA GLY B 488 80.24 -27.29 -35.06
C GLY B 488 79.92 -27.03 -36.52
N GLN B 489 78.67 -27.29 -36.90
CA GLN B 489 78.17 -27.12 -38.27
C GLN B 489 78.40 -25.67 -38.77
N ALA B 490 78.07 -24.66 -37.92
CA ALA B 490 78.20 -23.22 -38.25
C ALA B 490 79.63 -22.81 -38.52
N ILE B 491 80.60 -23.42 -37.80
CA ILE B 491 82.02 -23.18 -37.99
C ILE B 491 82.44 -23.75 -39.33
N ASP B 492 82.18 -25.03 -39.54
CA ASP B 492 82.53 -25.71 -40.80
C ASP B 492 82.05 -24.89 -41.98
N GLN B 493 80.75 -24.62 -42.00
CA GLN B 493 80.17 -23.85 -43.08
C GLN B 493 80.75 -22.44 -43.10
N ALA B 494 81.06 -21.82 -41.94
CA ALA B 494 81.69 -20.47 -41.93
C ALA B 494 83.09 -20.45 -42.64
N LYS B 495 83.92 -21.48 -42.43
CA LYS B 495 85.26 -21.57 -43.04
C LYS B 495 85.21 -21.74 -44.58
N VAL B 496 84.34 -22.67 -45.16
CA VAL B 496 84.21 -22.85 -46.66
C VAL B 496 83.88 -21.52 -47.27
N VAL B 497 82.94 -20.83 -46.65
CA VAL B 497 82.51 -19.54 -47.12
C VAL B 497 83.67 -18.54 -47.06
N TYR B 498 84.62 -18.64 -46.09
CA TYR B 498 85.85 -17.80 -46.07
C TYR B 498 86.81 -18.15 -47.25
N TYR B 499 86.97 -19.45 -47.48
CA TYR B 499 87.78 -20.05 -48.56
C TYR B 499 87.25 -19.75 -49.99
N LEU B 500 85.94 -19.86 -50.17
CA LEU B 500 85.22 -19.60 -51.44
C LEU B 500 85.45 -18.18 -52.00
N LEU B 501 86.14 -17.31 -51.25
CA LEU B 501 86.45 -15.95 -51.63
C LEU B 501 87.92 -15.55 -51.40
N GLU B 502 88.64 -16.21 -50.46
CA GLU B 502 90.07 -15.95 -50.21
C GLU B 502 90.84 -16.47 -51.47
N ASN B 503 90.75 -17.80 -51.76
CA ASN B 503 91.42 -18.42 -52.92
C ASN B 503 90.56 -18.27 -54.20
N TYR B 504 89.27 -17.85 -54.08
CA TYR B 504 88.34 -17.64 -55.21
C TYR B 504 87.70 -16.18 -55.14
N GLY B 505 86.35 -16.01 -55.19
CA GLY B 505 85.70 -14.70 -55.20
C GLY B 505 84.34 -14.62 -54.50
N LEU B 506 83.78 -13.38 -54.37
CA LEU B 506 82.48 -13.13 -53.71
C LEU B 506 81.32 -13.87 -54.34
N ALA B 507 81.19 -13.76 -55.66
CA ALA B 507 80.06 -14.36 -56.35
C ALA B 507 80.05 -15.88 -56.32
N ALA B 508 81.19 -16.53 -56.03
CA ALA B 508 81.25 -17.97 -55.85
C ALA B 508 80.70 -18.32 -54.43
N ALA B 509 81.10 -17.54 -53.39
CA ALA B 509 80.63 -17.73 -52.00
C ALA B 509 79.16 -17.46 -51.92
N THR B 510 78.75 -16.33 -52.52
CA THR B 510 77.36 -15.93 -52.65
C THR B 510 76.59 -17.06 -53.26
N ALA B 511 77.11 -17.55 -54.41
CA ALA B 511 76.51 -18.64 -55.18
C ALA B 511 76.29 -19.87 -54.31
N TYR B 512 77.30 -20.30 -53.52
CA TYR B 512 77.12 -21.45 -52.64
C TYR B 512 75.96 -21.23 -51.69
N LEU B 513 75.92 -20.05 -51.07
CA LEU B 513 74.88 -19.72 -50.11
C LEU B 513 73.45 -19.57 -50.71
N GLU B 514 73.33 -19.04 -51.93
CA GLU B 514 72.04 -18.98 -52.62
C GLU B 514 71.56 -20.40 -52.91
N LYS B 515 72.43 -21.19 -53.59
CA LYS B 515 72.19 -22.60 -53.99
C LYS B 515 71.84 -23.42 -52.76
N SER B 516 72.68 -23.34 -51.73
CA SER B 516 72.47 -24.03 -50.47
C SER B 516 71.10 -23.74 -49.95
N TYR B 517 70.74 -22.45 -49.81
CA TYR B 517 69.44 -22.08 -49.23
C TYR B 517 68.29 -22.72 -49.98
N GLU B 518 68.24 -22.51 -51.30
CA GLU B 518 67.15 -23.10 -52.05
C GLU B 518 67.26 -24.63 -52.01
N GLU B 519 68.43 -25.22 -52.47
CA GLU B 519 68.72 -26.67 -52.56
C GLU B 519 68.06 -27.45 -51.39
N GLN B 520 68.72 -27.57 -50.24
CA GLN B 520 68.20 -28.35 -49.13
C GLN B 520 68.15 -27.57 -47.85
N SER B 521 68.48 -26.25 -47.88
CA SER B 521 68.48 -25.43 -46.68
C SER B 521 69.52 -25.97 -45.69
N THR B 522 70.64 -26.46 -46.28
CA THR B 522 71.69 -27.18 -45.60
C THR B 522 72.17 -26.46 -44.32
N GLY B 523 72.32 -27.29 -43.27
CA GLY B 523 72.81 -26.94 -41.94
C GLY B 523 74.31 -27.18 -41.82
N GLN B 524 74.79 -28.31 -42.37
CA GLN B 524 76.23 -28.64 -42.45
C GLN B 524 76.66 -28.60 -43.94
N PRO B 525 77.92 -28.26 -44.27
CA PRO B 525 78.29 -28.12 -45.69
C PRO B 525 78.04 -29.32 -46.60
N ASN B 526 77.52 -29.08 -47.83
CA ASN B 526 77.21 -30.12 -48.80
C ASN B 526 78.16 -30.06 -50.02
N GLU B 527 78.91 -31.13 -50.26
CA GLU B 527 79.87 -31.21 -51.36
C GLU B 527 79.12 -31.33 -52.69
N ARG B 528 78.04 -32.14 -52.73
CA ARG B 528 77.21 -32.30 -53.94
C ARG B 528 76.89 -30.94 -54.48
N ILE B 529 76.48 -30.02 -53.60
CA ILE B 529 76.22 -28.62 -53.97
C ILE B 529 77.50 -27.77 -54.05
N PHE B 530 78.49 -27.98 -53.17
CA PHE B 530 79.74 -27.20 -53.17
C PHE B 530 80.52 -27.42 -54.45
N ASN B 531 80.77 -28.67 -54.81
CA ASN B 531 81.57 -29.03 -55.99
C ASN B 531 80.99 -28.52 -57.30
N GLU B 532 79.67 -28.47 -57.44
CA GLU B 532 79.03 -27.95 -58.65
C GLU B 532 79.36 -26.48 -58.82
N VAL B 533 79.40 -25.74 -57.69
CA VAL B 533 79.72 -24.32 -57.64
C VAL B 533 81.15 -24.16 -58.16
N ILE B 534 82.12 -24.87 -57.59
CA ILE B 534 83.49 -24.79 -58.10
C ILE B 534 83.55 -25.21 -59.58
N LYS B 535 82.89 -26.31 -59.99
CA LYS B 535 82.98 -26.80 -61.39
C LYS B 535 82.93 -25.66 -62.45
N ASP B 536 81.97 -24.74 -62.37
CA ASP B 536 81.89 -23.60 -63.29
C ASP B 536 82.45 -22.31 -62.67
N LYS B 537 82.08 -22.02 -61.40
CA LYS B 537 82.55 -20.83 -60.67
C LYS B 537 84.09 -20.86 -60.35
N SER B 538 84.87 -21.87 -60.93
CA SER B 538 86.34 -21.96 -60.90
C SER B 538 86.96 -20.77 -61.60
N LEU B 539 86.16 -20.14 -62.53
CA LEU B 539 86.47 -18.94 -63.35
C LEU B 539 87.26 -17.99 -62.43
N ARG B 540 88.35 -17.43 -62.97
CA ARG B 540 89.24 -16.46 -62.31
C ARG B 540 89.69 -16.91 -60.87
N PRO B 541 90.36 -18.08 -60.74
CA PRO B 541 90.89 -18.44 -59.42
C PRO B 541 92.17 -17.61 -59.24
N ASP B 542 92.04 -16.43 -58.57
CA ASP B 542 93.13 -15.46 -58.38
C ASP B 542 94.31 -15.93 -57.52
N GLY B 543 95.39 -15.16 -57.53
CA GLY B 543 96.60 -15.31 -56.70
C GLY B 543 96.93 -16.68 -56.15
N VAL B 544 96.89 -16.85 -54.80
CA VAL B 544 97.16 -18.14 -54.09
C VAL B 544 95.97 -19.11 -54.41
N GLU B 545 96.19 -20.46 -54.60
CA GLU B 545 95.06 -21.30 -55.01
C GLU B 545 94.84 -22.64 -54.25
N LEU B 546 93.54 -23.03 -54.30
CA LEU B 546 92.74 -24.09 -53.68
C LEU B 546 93.41 -25.11 -52.77
N SER B 547 92.80 -25.29 -51.58
CA SER B 547 93.10 -26.37 -50.62
C SER B 547 92.13 -27.49 -51.01
N PHE B 548 90.84 -27.08 -51.13
CA PHE B 548 89.71 -27.85 -51.63
C PHE B 548 89.18 -28.92 -50.70
N LYS B 549 87.87 -29.21 -50.84
CA LYS B 549 87.09 -30.24 -50.15
C LYS B 549 87.21 -30.21 -48.63
N ASP B 550 88.42 -30.39 -48.13
CA ASP B 550 88.81 -30.50 -46.73
C ASP B 550 89.41 -29.20 -46.15
N ILE B 551 88.69 -28.57 -45.18
CA ILE B 551 89.16 -27.33 -44.55
C ILE B 551 89.20 -27.54 -43.01
N PHE B 552 90.41 -27.28 -42.50
CA PHE B 552 90.93 -27.49 -41.15
C PHE B 552 92.22 -26.65 -40.98
N ILE B 553 92.44 -25.68 -41.88
CA ILE B 553 93.72 -25.01 -42.01
C ILE B 553 93.80 -23.77 -41.24
N SER B 554 94.97 -23.61 -40.60
CA SER B 554 95.35 -22.49 -39.73
C SER B 554 94.75 -21.17 -40.13
N GLU B 555 94.75 -20.85 -41.43
CA GLU B 555 94.14 -19.61 -41.86
C GLU B 555 92.63 -19.71 -41.73
N LYS B 556 91.96 -20.51 -42.60
CA LYS B 556 90.49 -20.59 -42.56
C LYS B 556 89.95 -20.95 -41.19
N HIS B 557 90.62 -21.88 -40.51
CA HIS B 557 90.21 -22.26 -39.19
C HIS B 557 90.66 -21.23 -38.10
N GLU B 558 91.78 -21.46 -37.41
CA GLU B 558 92.19 -20.65 -36.26
C GLU B 558 92.30 -19.13 -36.52
N LYS B 559 92.51 -18.65 -37.75
CA LYS B 559 92.57 -17.20 -37.87
C LYS B 559 91.18 -16.74 -38.12
N GLN B 560 90.73 -16.74 -39.39
CA GLN B 560 89.44 -16.22 -39.85
C GLN B 560 88.26 -16.54 -38.92
N ILE B 561 88.17 -17.79 -38.45
CA ILE B 561 87.08 -18.23 -37.56
C ILE B 561 87.26 -17.69 -36.15
N HIS B 562 88.51 -17.60 -35.67
CA HIS B 562 88.81 -17.04 -34.34
C HIS B 562 88.64 -15.51 -34.34
N LEU B 563 88.98 -14.88 -35.45
CA LEU B 563 88.83 -13.44 -35.60
C LEU B 563 87.35 -13.12 -35.80
N SER B 564 86.58 -14.09 -36.33
CA SER B 564 85.12 -14.01 -36.43
C SER B 564 84.46 -14.23 -35.06
N LYS B 565 85.20 -14.79 -34.09
CA LYS B 565 84.72 -14.94 -32.71
C LYS B 565 85.16 -13.66 -31.96
N HIS B 566 86.41 -13.23 -32.11
CA HIS B 566 86.83 -12.04 -31.38
C HIS B 566 85.96 -10.87 -31.73
N TRP B 567 85.82 -10.59 -33.01
CA TRP B 567 84.98 -9.51 -33.50
C TRP B 567 83.62 -9.50 -32.78
N VAL B 568 82.89 -10.59 -32.90
CA VAL B 568 81.54 -10.75 -32.37
C VAL B 568 81.51 -10.48 -30.88
N GLU B 569 82.48 -11.02 -30.13
CA GLU B 569 82.54 -10.84 -28.68
C GLU B 569 82.89 -9.41 -28.34
N ARG B 570 83.84 -8.81 -29.09
CA ARG B 570 84.28 -7.44 -28.85
C ARG B 570 83.14 -6.39 -28.95
N LEU B 571 82.02 -6.72 -29.61
CA LEU B 571 80.82 -5.88 -29.73
C LEU B 571 79.63 -6.43 -28.94
N ARG B 572 79.75 -7.63 -28.34
CA ARG B 572 78.71 -8.40 -27.63
C ARG B 572 77.51 -8.74 -28.56
N ALA B 573 77.80 -8.73 -29.89
CA ALA B 573 76.85 -8.93 -30.98
C ALA B 573 76.61 -10.39 -31.32
N GLY B 574 75.87 -11.07 -30.46
CA GLY B 574 75.53 -12.46 -30.68
C GLY B 574 74.58 -12.97 -29.61
N GLY B 575 74.35 -14.29 -29.61
CA GLY B 575 73.49 -14.96 -28.63
C GLY B 575 72.04 -14.77 -28.98
N ASP B 576 71.25 -14.41 -27.96
CA ASP B 576 69.82 -14.19 -28.08
C ASP B 576 69.51 -13.13 -29.14
N VAL B 577 69.97 -11.91 -28.91
CA VAL B 577 69.74 -10.86 -29.87
C VAL B 577 71.07 -10.56 -30.46
N PRO B 578 71.32 -11.12 -31.65
CA PRO B 578 72.59 -10.86 -32.30
C PRO B 578 72.61 -9.43 -32.87
N THR B 579 73.08 -8.47 -32.03
CA THR B 579 73.13 -7.01 -32.29
C THR B 579 73.76 -6.63 -33.63
N VAL B 580 72.89 -6.17 -34.52
CA VAL B 580 73.20 -5.72 -35.87
C VAL B 580 73.87 -4.36 -35.72
N PHE B 581 74.62 -3.92 -36.76
CA PHE B 581 75.34 -2.65 -36.71
C PHE B 581 75.22 -1.73 -37.89
N PHE B 582 75.37 -0.43 -37.61
CA PHE B 582 75.33 0.62 -38.62
C PHE B 582 76.17 1.72 -38.05
N ASP B 583 76.64 2.63 -38.90
CA ASP B 583 77.46 3.80 -38.54
C ASP B 583 77.42 4.23 -37.04
N GLY B 584 78.22 3.55 -36.22
CA GLY B 584 78.24 3.73 -34.79
C GLY B 584 77.23 2.84 -34.08
N PHE B 585 76.15 3.46 -33.61
CA PHE B 585 74.98 2.90 -32.92
C PHE B 585 74.66 1.45 -33.30
N PRO B 586 74.31 0.61 -32.31
CA PRO B 586 73.93 -0.78 -32.61
C PRO B 586 72.45 -0.88 -32.90
N ILE B 587 72.03 -2.06 -33.37
CA ILE B 587 70.62 -2.34 -33.68
C ILE B 587 70.34 -3.79 -33.21
N PRO B 588 69.37 -4.05 -32.30
CA PRO B 588 69.13 -5.43 -31.91
C PRO B 588 68.36 -6.13 -33.01
N ARG B 589 68.84 -7.28 -33.48
CA ARG B 589 68.19 -8.08 -34.52
C ARG B 589 66.67 -8.37 -34.23
N GLU B 590 66.25 -8.30 -32.94
CA GLU B 590 64.88 -8.55 -32.42
C GLU B 590 63.72 -7.90 -33.19
N ASP B 591 62.56 -8.60 -33.23
CA ASP B 591 61.25 -8.26 -33.84
C ASP B 591 61.37 -7.09 -34.95
N ASN B 592 60.68 -5.90 -34.79
CA ASN B 592 60.76 -4.85 -35.82
C ASN B 592 62.07 -4.08 -35.75
N TRP B 593 63.05 -4.54 -36.56
CA TRP B 593 64.41 -3.99 -36.61
C TRP B 593 64.74 -3.28 -37.90
N LEU B 594 64.12 -3.71 -39.02
CA LEU B 594 64.31 -3.09 -40.33
C LEU B 594 64.04 -1.63 -40.07
N ARG B 595 62.89 -1.40 -39.42
CA ARG B 595 62.41 -0.12 -38.93
C ARG B 595 63.49 0.86 -38.54
N VAL B 596 64.51 0.38 -37.85
CA VAL B 596 65.46 1.25 -37.24
C VAL B 596 66.27 2.04 -38.22
N MET B 597 67.43 1.56 -38.70
CA MET B 597 68.30 2.35 -39.58
C MET B 597 67.57 2.91 -40.81
N ASN B 598 66.51 2.26 -41.35
CA ASN B 598 65.79 2.84 -42.49
C ASN B 598 65.12 4.19 -42.09
N HIS B 599 65.06 4.47 -40.77
CA HIS B 599 64.71 5.76 -40.15
C HIS B 599 65.99 6.41 -39.52
N ARG B 600 66.87 5.63 -38.85
CA ARG B 600 68.08 6.15 -38.21
C ARG B 600 69.20 6.50 -39.18
N LEU B 601 68.91 6.54 -40.50
CA LEU B 601 69.87 6.97 -41.52
C LEU B 601 69.41 8.28 -42.19
N MET B 602 68.08 8.58 -42.26
CA MET B 602 67.61 9.88 -42.76
C MET B 602 67.96 10.88 -41.61
N GLN B 603 68.30 10.34 -40.40
CA GLN B 603 68.85 11.07 -39.25
C GLN B 603 70.29 11.35 -39.59
N ASP B 604 71.03 10.28 -39.95
CA ASP B 604 72.46 10.33 -40.30
C ASP B 604 72.71 11.27 -41.50
N LEU B 605 71.97 11.10 -42.58
CA LEU B 605 72.11 11.99 -43.73
C LEU B 605 71.81 13.46 -43.34
N GLN B 606 70.65 13.73 -42.67
CA GLN B 606 70.25 15.10 -42.30
C GLN B 606 71.21 15.77 -41.25
N ALA B 607 72.16 15.03 -40.65
CA ALA B 607 73.15 15.58 -39.72
C ALA B 607 74.59 15.51 -40.27
N LEU B 608 74.80 14.67 -41.28
CA LEU B 608 76.09 14.58 -41.97
C LEU B 608 76.07 15.71 -43.01
N GLN B 609 74.91 15.89 -43.71
CA GLN B 609 74.75 16.94 -44.73
C GLN B 609 74.80 18.35 -44.13
N GLN B 610 74.31 18.58 -42.88
CA GLN B 610 74.44 19.91 -42.28
C GLN B 610 75.91 20.18 -41.88
N ALA B 611 76.74 19.13 -41.63
CA ALA B 611 78.15 19.28 -41.23
C ALA B 611 78.99 19.96 -42.30
N GLY B 612 78.64 19.74 -43.55
CA GLY B 612 79.30 20.38 -44.68
C GLY B 612 79.03 21.86 -44.81
N TYR B 613 77.81 22.35 -44.44
CA TYR B 613 77.46 23.79 -44.50
C TYR B 613 78.30 24.63 -43.54
N PHE B 614 78.92 24.02 -42.54
CA PHE B 614 79.81 24.70 -41.62
C PHE B 614 81.28 24.47 -42.05
N GLY B 615 81.45 23.77 -43.19
CA GLY B 615 82.74 23.50 -43.80
C GLY B 615 83.65 22.60 -42.99
N MET B 616 83.07 21.79 -42.10
CA MET B 616 83.83 20.88 -41.22
C MET B 616 84.45 19.76 -42.06
N LEU B 617 83.72 19.38 -43.12
CA LEU B 617 84.11 18.34 -44.04
C LEU B 617 85.06 18.85 -45.10
N ASN B 618 85.83 17.94 -45.70
CA ASN B 618 86.71 18.30 -46.81
C ASN B 618 86.83 17.10 -47.75
N GLU B 619 87.46 17.29 -48.89
CA GLU B 619 87.54 16.26 -49.93
C GLU B 619 88.43 15.06 -49.61
N SER B 620 89.44 15.23 -48.74
CA SER B 620 90.32 14.13 -48.32
C SER B 620 89.71 13.61 -47.00
N MET B 621 88.62 12.79 -47.12
CA MET B 621 87.80 12.33 -46.00
C MET B 621 87.25 10.92 -46.08
N TRP B 622 87.55 10.08 -45.04
CA TRP B 622 86.87 8.81 -44.96
C TRP B 622 85.63 9.23 -44.20
N LEU B 623 84.52 9.31 -44.93
CA LEU B 623 83.26 9.79 -44.34
C LEU B 623 82.68 8.90 -43.21
N PRO B 624 82.78 7.55 -43.24
CA PRO B 624 82.28 6.75 -42.10
C PRO B 624 82.98 7.06 -40.77
N GLY B 625 84.22 7.56 -40.83
CA GLY B 625 85.01 7.96 -39.67
C GLY B 625 84.51 9.18 -38.95
N PHE B 626 83.53 9.89 -39.52
CA PHE B 626 82.86 11.05 -38.92
C PHE B 626 82.01 10.57 -37.72
N PHE B 627 81.49 9.36 -37.80
CA PHE B 627 80.64 8.74 -36.79
C PHE B 627 81.46 7.96 -35.77
N LEU B 628 82.61 7.43 -36.20
CA LEU B 628 83.50 6.64 -35.37
C LEU B 628 84.44 7.54 -34.56
N GLU B 629 84.32 8.87 -34.68
CA GLU B 629 85.17 9.85 -34.01
C GLU B 629 85.26 9.54 -32.54
N LYS B 630 84.11 9.47 -31.86
CA LYS B 630 84.07 9.21 -30.42
C LYS B 630 83.52 7.79 -30.08
N ALA B 631 83.69 6.85 -31.03
CA ALA B 631 83.18 5.50 -30.86
C ALA B 631 84.07 4.61 -30.01
N LEU B 632 83.43 3.82 -29.16
CA LEU B 632 84.16 2.93 -28.28
C LEU B 632 84.54 1.65 -29.02
N SER B 633 85.41 0.87 -28.40
CA SER B 633 85.94 -0.38 -28.93
C SER B 633 84.99 -1.53 -28.69
N ARG B 634 84.60 -1.74 -27.42
CA ARG B 634 83.75 -2.84 -27.03
C ARG B 634 82.55 -2.39 -26.25
N ARG B 635 81.36 -2.95 -26.56
CA ARG B 635 80.17 -2.63 -25.81
C ARG B 635 80.24 -3.50 -24.58
N ASN B 636 80.13 -2.89 -23.39
CA ASN B 636 80.13 -3.63 -22.13
C ASN B 636 78.67 -3.61 -21.70
N THR B 637 77.87 -4.51 -22.29
CA THR B 637 76.43 -4.63 -22.08
C THR B 637 76.04 -4.17 -20.71
N LEU B 638 76.65 -4.74 -19.69
CA LEU B 638 76.36 -4.37 -18.32
C LEU B 638 76.17 -2.86 -18.16
N ILE B 639 77.12 -2.07 -18.65
CA ILE B 639 77.04 -0.62 -18.59
C ILE B 639 76.11 -0.09 -19.67
N PHE B 640 76.15 -0.66 -20.90
CA PHE B 640 75.36 -0.22 -22.09
C PHE B 640 74.31 -1.25 -22.48
N PRO B 641 73.15 -1.25 -21.78
CA PRO B 641 72.19 -2.33 -21.97
C PRO B 641 71.43 -2.31 -23.26
N GLU B 642 70.75 -3.43 -23.52
CA GLU B 642 69.95 -3.57 -24.71
C GLU B 642 68.56 -2.84 -24.51
N ASP B 643 68.17 -2.44 -23.25
CA ASP B 643 66.91 -1.70 -22.96
C ASP B 643 67.11 -0.53 -21.95
N LYS B 644 66.31 0.55 -22.11
CA LYS B 644 66.38 1.75 -21.28
C LYS B 644 65.51 1.73 -20.02
N ASN B 645 64.41 0.96 -20.02
CA ASN B 645 63.53 0.79 -18.84
C ASN B 645 64.27 -0.01 -17.73
N GLU B 646 65.26 -0.85 -18.10
CA GLU B 646 66.04 -1.61 -17.13
C GLU B 646 67.04 -0.66 -16.52
N LEU B 647 67.04 -0.53 -15.20
CA LEU B 647 67.97 0.31 -14.45
C LEU B 647 68.03 -0.18 -13.02
N THR B 648 69.21 -0.11 -12.41
CA THR B 648 69.41 -0.63 -11.06
C THR B 648 69.89 0.46 -10.11
N VAL B 649 68.96 1.29 -9.55
CA VAL B 649 69.34 2.35 -8.60
C VAL B 649 68.75 2.07 -7.23
N LEU B 650 69.62 2.17 -6.18
CA LEU B 650 69.32 1.96 -4.75
C LEU B 650 69.37 3.33 -4.05
N ASN B 651 68.54 3.58 -2.99
CA ASN B 651 68.65 4.88 -2.30
C ASN B 651 69.90 4.83 -1.46
N VAL B 652 70.82 5.80 -1.69
CA VAL B 652 72.10 5.83 -0.98
C VAL B 652 71.86 6.20 0.49
N ASN B 653 70.93 7.12 0.78
CA ASN B 653 70.76 7.55 2.16
C ASN B 653 70.33 6.41 3.05
N LYS B 654 69.36 5.63 2.57
CA LYS B 654 68.84 4.45 3.27
C LYS B 654 69.96 3.46 3.57
N ILE B 655 70.79 3.17 2.56
CA ILE B 655 71.92 2.23 2.66
C ILE B 655 72.88 2.61 3.78
N TYR B 656 73.19 3.92 3.95
CA TYR B 656 74.14 4.38 4.97
C TYR B 656 73.44 4.66 6.31
N ILE B 657 72.10 4.57 6.36
CA ILE B 657 71.34 4.77 7.60
C ILE B 657 71.07 3.42 8.30
N GLU B 658 70.50 2.45 7.56
CA GLU B 658 70.13 1.13 8.11
C GLU B 658 71.36 0.29 8.45
N ASN B 659 72.36 0.31 7.55
CA ASN B 659 73.57 -0.49 7.66
C ASN B 659 74.79 0.31 8.13
N HIS B 660 74.58 1.26 9.04
CA HIS B 660 75.69 2.05 9.56
C HIS B 660 76.76 1.15 10.17
N ASP B 661 76.34 0.11 10.87
CA ASP B 661 77.26 -0.85 11.50
C ASP B 661 78.20 -1.47 10.47
N LEU B 662 77.66 -1.82 9.31
CA LEU B 662 78.45 -2.41 8.23
C LEU B 662 79.32 -1.37 7.53
N MET B 663 78.73 -0.22 7.12
CA MET B 663 79.40 0.82 6.31
C MET B 663 80.45 1.65 7.05
N SER B 664 80.55 1.52 8.39
CA SER B 664 81.58 2.17 9.19
C SER B 664 82.81 1.24 9.30
N LYS B 665 82.62 -0.07 9.00
CA LYS B 665 83.63 -1.12 9.13
C LYS B 665 84.12 -1.75 7.81
N VAL B 666 83.70 -1.26 6.65
CA VAL B 666 84.17 -1.83 5.38
C VAL B 666 85.45 -1.10 5.02
N PRO B 667 86.46 -1.70 4.32
CA PRO B 667 87.65 -0.90 3.94
C PRO B 667 87.26 0.25 3.00
N VAL B 668 87.49 1.49 3.44
CA VAL B 668 87.09 2.66 2.69
C VAL B 668 88.29 3.46 2.28
N ILE B 669 88.35 3.84 1.02
CA ILE B 669 89.36 4.75 0.53
C ILE B 669 88.60 6.05 0.33
N GLU B 670 88.82 7.04 1.19
CA GLU B 670 88.13 8.31 1.04
C GLU B 670 88.70 8.98 -0.16
N ALA B 671 87.86 9.77 -0.80
CA ALA B 671 88.31 10.55 -1.94
C ALA B 671 89.22 11.66 -1.41
N SER B 672 90.09 12.16 -2.27
CA SER B 672 91.09 13.16 -1.92
C SER B 672 90.52 14.46 -1.32
N LYS B 673 91.38 15.13 -0.54
CA LYS B 673 91.08 16.39 0.16
C LYS B 673 91.10 17.56 -0.82
N GLU B 674 91.87 17.41 -1.90
CA GLU B 674 92.10 18.44 -2.89
C GLU B 674 91.50 17.97 -4.21
N SER B 675 90.17 17.83 -4.23
CA SER B 675 89.44 17.38 -5.42
C SER B 675 88.15 18.12 -5.49
N THR B 676 87.67 18.32 -6.71
CA THR B 676 86.49 19.12 -6.99
C THR B 676 85.22 18.34 -7.08
N ARG B 677 84.13 19.08 -6.84
CA ARG B 677 82.75 18.65 -6.92
C ARG B 677 82.49 17.85 -8.18
N ASP B 678 83.02 18.31 -9.33
CA ASP B 678 82.89 17.59 -10.60
C ASP B 678 83.58 16.23 -10.50
N ASP B 679 84.80 16.18 -9.92
CA ASP B 679 85.55 14.95 -9.78
C ASP B 679 84.89 13.95 -8.87
N TRP B 680 84.26 14.38 -7.79
CA TRP B 680 83.71 13.38 -6.88
C TRP B 680 82.57 12.54 -7.45
N ALA B 681 82.30 11.43 -6.68
CA ALA B 681 81.27 10.36 -6.75
C ALA B 681 81.68 9.31 -5.70
N ALA B 682 81.08 8.16 -5.70
CA ALA B 682 81.56 7.15 -4.78
C ALA B 682 81.19 5.77 -5.25
N LEU B 683 82.12 4.83 -5.08
CA LEU B 683 81.88 3.45 -5.50
C LEU B 683 81.93 2.53 -4.33
N THR B 684 81.31 1.36 -4.52
CA THR B 684 81.27 0.30 -3.55
C THR B 684 81.24 -0.99 -4.34
N VAL B 685 82.40 -1.67 -4.45
CA VAL B 685 82.50 -2.94 -5.18
C VAL B 685 82.05 -4.07 -4.23
N VAL B 686 81.06 -4.91 -4.67
CA VAL B 686 80.50 -6.03 -3.87
C VAL B 686 80.89 -7.28 -4.60
N ALA B 687 81.82 -8.08 -4.08
CA ALA B 687 82.29 -9.22 -4.86
C ALA B 687 82.73 -10.38 -4.02
N ASP B 688 82.98 -11.52 -4.71
CA ASP B 688 83.46 -12.77 -4.08
C ASP B 688 84.97 -12.64 -3.81
N LEU B 689 85.30 -12.09 -2.63
CA LEU B 689 86.69 -11.84 -2.23
C LEU B 689 87.12 -13.11 -1.63
N ASP B 690 87.32 -14.09 -2.47
CA ASP B 690 87.59 -15.48 -2.09
C ASP B 690 87.82 -16.34 -3.34
N ASP B 691 87.09 -16.08 -4.46
CA ASP B 691 87.31 -16.76 -5.74
C ASP B 691 87.80 -15.72 -6.75
N ILE B 692 88.89 -16.09 -7.44
CA ILE B 692 89.69 -15.33 -8.41
C ILE B 692 88.96 -14.21 -9.15
N GLU B 693 87.75 -14.47 -9.69
CA GLU B 693 87.04 -13.47 -10.49
C GLU B 693 86.37 -12.31 -9.69
N GLY B 694 86.35 -12.38 -8.36
CA GLY B 694 85.85 -11.30 -7.52
C GLY B 694 86.94 -10.39 -6.98
N GLN B 695 88.17 -10.91 -6.85
CA GLN B 695 89.34 -10.14 -6.38
C GLN B 695 90.11 -9.53 -7.55
N GLU B 696 90.10 -10.22 -8.70
CA GLU B 696 90.66 -9.69 -9.93
C GLU B 696 89.92 -8.36 -10.16
N LEU B 697 88.61 -8.37 -9.92
CA LEU B 697 87.75 -7.18 -10.01
C LEU B 697 88.24 -6.09 -9.05
N VAL B 698 88.35 -6.43 -7.77
CA VAL B 698 88.76 -5.47 -6.78
C VAL B 698 90.10 -4.87 -7.12
N TYR B 699 91.02 -5.67 -7.61
CA TYR B 699 92.31 -5.15 -7.99
C TYR B 699 92.17 -4.08 -9.07
N TYR B 700 91.29 -4.31 -10.07
CA TYR B 700 91.05 -3.34 -11.16
C TYR B 700 90.39 -2.02 -10.62
N ALA B 701 89.53 -2.11 -9.57
CA ALA B 701 88.90 -0.92 -8.99
C ALA B 701 89.94 -0.14 -8.19
N LEU B 702 90.91 -0.83 -7.51
CA LEU B 702 92.02 -0.18 -6.78
C LEU B 702 92.93 0.54 -7.73
N ARG B 703 93.26 -0.10 -8.87
CA ARG B 703 94.08 0.49 -9.94
C ARG B 703 93.41 1.77 -10.45
N PHE B 704 92.11 1.67 -10.70
CA PHE B 704 91.33 2.80 -11.16
C PHE B 704 91.41 3.94 -10.12
N ARG B 705 91.25 3.62 -8.85
CA ARG B 705 91.29 4.63 -7.80
C ARG B 705 92.59 5.41 -7.80
N LYS B 706 93.74 4.78 -8.12
CA LYS B 706 95.04 5.46 -8.17
C LYS B 706 94.94 6.61 -9.14
N SER B 707 94.35 6.36 -10.32
CA SER B 707 94.18 7.34 -11.39
C SER B 707 93.18 8.49 -11.05
N ASN B 708 92.01 8.13 -10.50
CA ASN B 708 90.97 9.10 -10.18
C ASN B 708 90.94 9.43 -8.71
N ASP B 709 91.55 10.56 -8.37
CA ASP B 709 91.65 11.07 -7.00
C ASP B 709 90.29 11.51 -6.37
N GLY B 710 89.29 11.80 -7.18
CA GLY B 710 87.99 12.24 -6.70
C GLY B 710 87.08 11.16 -6.17
N VAL B 711 87.34 9.89 -6.55
CA VAL B 711 86.50 8.74 -6.19
C VAL B 711 86.68 8.32 -4.74
N ARG B 712 85.57 7.91 -4.09
CA ARG B 712 85.52 7.37 -2.74
C ARG B 712 85.10 5.91 -2.88
N LEU B 713 86.04 4.97 -2.60
CA LEU B 713 85.82 3.53 -2.76
C LEU B 713 85.51 2.80 -1.43
N ASP B 714 84.60 1.82 -1.47
CA ASP B 714 84.27 0.92 -0.35
C ASP B 714 84.45 -0.47 -0.95
N ILE B 715 84.66 -1.50 -0.12
CA ILE B 715 84.73 -2.89 -0.61
C ILE B 715 83.96 -3.81 0.35
N VAL B 716 82.94 -4.50 -0.15
CA VAL B 716 82.13 -5.36 0.70
C VAL B 716 82.39 -6.78 0.28
N HIS B 717 82.57 -7.65 1.25
CA HIS B 717 82.96 -9.04 1.05
C HIS B 717 81.77 -9.99 0.91
N ASN B 718 81.39 -10.37 -0.33
CA ASN B 718 80.23 -11.26 -0.61
C ASN B 718 80.77 -12.66 -0.65
N PRO B 719 80.55 -13.50 0.33
CA PRO B 719 81.02 -14.86 0.19
C PRO B 719 79.85 -15.68 -0.34
N LYS B 720 80.15 -16.81 -0.95
CA LYS B 720 79.13 -17.79 -1.32
C LYS B 720 78.81 -18.67 -0.09
N ASP B 721 79.84 -19.02 0.72
CA ASP B 721 79.72 -19.83 1.94
C ASP B 721 79.67 -18.90 3.15
N THR B 722 78.58 -18.98 3.93
CA THR B 722 78.39 -18.16 5.14
C THR B 722 78.47 -19.04 6.41
N SER B 723 79.02 -20.26 6.26
CA SER B 723 79.25 -21.14 7.41
C SER B 723 80.51 -20.64 8.16
N ARG B 724 81.43 -19.98 7.42
CA ARG B 724 82.66 -19.35 7.96
C ARG B 724 82.36 -17.83 7.90
N SER B 725 82.53 -17.10 9.03
CA SER B 725 82.16 -15.69 9.10
C SER B 725 82.74 -14.79 8.00
N PRO B 726 81.88 -14.00 7.35
CA PRO B 726 82.41 -13.09 6.35
C PRO B 726 83.38 -12.11 7.02
N SER B 727 82.98 -11.48 8.17
CA SER B 727 83.72 -10.47 8.98
C SER B 727 85.23 -10.56 9.01
N VAL B 728 85.77 -11.77 8.90
CA VAL B 728 87.20 -12.03 8.89
C VAL B 728 87.95 -11.37 7.73
N LEU B 729 87.56 -11.65 6.47
CA LEU B 729 88.26 -11.09 5.30
C LEU B 729 88.11 -9.59 5.18
N ALA B 730 87.03 -9.03 5.74
CA ALA B 730 86.82 -7.59 5.77
C ALA B 730 87.79 -6.97 6.77
N GLN B 731 87.94 -7.61 7.94
CA GLN B 731 88.88 -7.18 8.97
C GLN B 731 90.37 -7.28 8.51
N ARG B 732 90.67 -8.25 7.61
CA ARG B 732 92.02 -8.43 7.04
C ARG B 732 92.43 -7.21 6.23
N LEU B 733 91.47 -6.63 5.49
CA LEU B 733 91.70 -5.47 4.63
C LEU B 733 91.65 -4.14 5.33
N LYS B 734 90.73 -3.98 6.30
CA LYS B 734 90.65 -2.70 7.00
C LYS B 734 91.92 -2.39 7.82
N SER B 735 92.68 -3.43 8.17
CA SER B 735 93.97 -3.28 8.82
C SER B 735 95.00 -2.72 7.80
N ARG B 736 94.89 -3.17 6.56
CA ARG B 736 95.77 -2.78 5.45
C ARG B 736 95.19 -1.60 4.65
N GLU B 737 94.06 -1.04 5.11
CA GLU B 737 93.33 0.07 4.48
C GLU B 737 94.19 1.27 4.10
N ASP B 738 95.12 1.60 4.99
CA ASP B 738 96.04 2.74 4.82
C ASP B 738 96.99 2.47 3.63
N LYS B 739 97.40 1.23 3.51
CA LYS B 739 98.35 0.77 2.52
C LYS B 739 97.68 0.35 1.25
N LEU B 740 96.35 0.42 1.20
CA LEU B 740 95.67 0.05 -0.01
C LEU B 740 96.17 0.88 -1.18
N LEU B 741 96.08 0.28 -2.37
CA LEU B 741 96.53 0.78 -3.66
C LEU B 741 98.04 1.17 -3.66
N ASP B 742 98.84 0.33 -2.98
CA ASP B 742 100.30 0.35 -3.01
C ASP B 742 100.72 -1.08 -3.40
N PHE B 743 99.78 -1.79 -4.07
CA PHE B 743 99.93 -3.14 -4.54
C PHE B 743 100.51 -3.03 -5.93
N THR B 744 101.83 -3.12 -5.97
CA THR B 744 102.61 -3.08 -7.19
C THR B 744 102.10 -4.19 -8.11
N ARG B 745 101.86 -5.41 -7.54
CA ARG B 745 101.38 -6.60 -8.25
C ARG B 745 100.16 -7.19 -7.58
N PHE B 746 99.45 -8.04 -8.31
CA PHE B 746 98.22 -8.65 -7.83
C PHE B 746 98.42 -9.56 -6.66
N LEU B 747 99.51 -10.30 -6.63
CA LEU B 747 99.78 -11.21 -5.51
C LEU B 747 99.82 -10.49 -4.15
N ASP B 748 100.22 -9.20 -4.13
CA ASP B 748 100.27 -8.43 -2.88
C ASP B 748 98.86 -8.37 -2.24
N LEU B 749 97.80 -8.28 -3.07
CA LEU B 749 96.40 -8.29 -2.61
C LEU B 749 96.02 -9.70 -2.20
N GLU B 750 96.40 -10.73 -3.01
CA GLU B 750 96.10 -12.14 -2.69
C GLU B 750 96.62 -12.50 -1.34
N THR B 751 97.90 -12.18 -1.10
CA THR B 751 98.60 -12.48 0.15
C THR B 751 98.01 -11.74 1.35
N ALA B 752 97.69 -10.46 1.19
CA ALA B 752 97.08 -9.65 2.27
C ALA B 752 95.74 -10.21 2.75
N LEU B 753 94.97 -10.83 1.84
CA LEU B 753 93.69 -11.48 2.16
C LEU B 753 93.86 -12.73 3.03
N GLU B 754 94.91 -13.51 2.77
CA GLU B 754 95.19 -14.78 3.44
C GLU B 754 95.80 -14.64 4.84
N THR B 755 96.67 -13.65 5.04
CA THR B 755 97.40 -13.45 6.28
C THR B 755 96.70 -12.60 7.34
N GLY B 756 96.81 -13.02 8.59
CA GLY B 756 96.24 -12.30 9.71
C GLY B 756 95.26 -13.16 10.47
N GLU B 757 95.16 -12.97 11.80
CA GLU B 757 94.24 -13.72 12.63
C GLU B 757 93.22 -12.79 13.21
N PHE B 758 91.95 -13.11 12.95
CA PHE B 758 90.84 -12.28 13.40
C PHE B 758 89.65 -13.07 13.96
N GLU B 759 88.94 -12.40 14.86
CA GLU B 759 87.71 -12.86 15.52
C GLU B 759 86.55 -12.56 14.61
N PRO B 760 85.37 -13.04 14.90
CA PRO B 760 84.24 -12.67 14.06
C PRO B 760 83.48 -11.53 14.71
N ASP B 761 83.26 -10.45 13.95
CA ASP B 761 82.45 -9.32 14.40
C ASP B 761 80.98 -9.74 14.30
N VAL B 762 80.53 -10.43 15.36
CA VAL B 762 79.16 -10.91 15.62
C VAL B 762 78.14 -10.12 14.80
N ALA B 763 78.22 -8.79 14.88
CA ALA B 763 77.31 -7.83 14.26
C ALA B 763 77.61 -7.39 12.84
N TYR B 764 78.87 -7.36 12.38
CA TYR B 764 79.11 -6.99 10.97
C TYR B 764 78.38 -8.07 10.18
N ASP B 765 78.68 -9.36 10.49
CA ASP B 765 78.02 -10.53 9.90
C ASP B 765 76.54 -10.23 9.66
N ALA B 766 75.90 -9.66 10.69
CA ALA B 766 74.46 -9.39 10.74
C ALA B 766 73.99 -8.24 9.87
N SER B 767 74.69 -7.11 9.96
CA SER B 767 74.35 -5.92 9.17
C SER B 767 74.66 -6.18 7.68
N LEU B 768 75.58 -7.10 7.35
CA LEU B 768 75.91 -7.47 5.97
C LEU B 768 74.74 -8.17 5.37
N ALA B 769 74.40 -9.28 5.99
CA ALA B 769 73.32 -10.07 5.47
C ALA B 769 72.07 -9.23 5.29
N ASN B 770 71.86 -8.19 6.13
CA ASN B 770 70.70 -7.31 6.02
C ASN B 770 70.80 -6.43 4.78
N PHE B 771 71.99 -5.93 4.53
CA PHE B 771 72.27 -5.07 3.38
C PHE B 771 72.02 -5.75 2.05
N LEU B 772 72.54 -6.97 1.91
CA LEU B 772 72.38 -7.72 0.68
C LEU B 772 70.92 -8.04 0.44
N ALA B 773 70.19 -8.39 1.52
CA ALA B 773 68.75 -8.71 1.46
C ALA B 773 67.94 -7.48 1.06
N SER B 774 68.26 -6.33 1.63
CA SER B 774 67.60 -5.08 1.29
C SER B 774 67.91 -4.70 -0.16
N SER B 775 69.18 -4.87 -0.59
CA SER B 775 69.65 -4.56 -1.94
C SER B 775 69.42 -5.67 -2.98
N ASN B 776 68.85 -6.79 -2.55
CA ASN B 776 68.56 -7.98 -3.35
C ASN B 776 69.77 -8.46 -4.15
N MET B 777 70.79 -8.84 -3.40
CA MET B 777 72.02 -9.37 -3.92
C MET B 777 72.16 -10.77 -3.42
N LYS B 778 72.64 -11.67 -4.30
CA LYS B 778 72.84 -13.08 -3.97
C LYS B 778 74.21 -13.22 -3.28
N ALA B 779 74.42 -14.36 -2.57
CA ALA B 779 75.68 -14.69 -1.94
C ALA B 779 76.64 -15.20 -3.00
N GLY B 780 77.90 -14.82 -2.86
CA GLY B 780 78.95 -15.24 -3.78
C GLY B 780 78.86 -14.60 -5.15
N ASP B 781 78.14 -13.45 -5.26
CA ASP B 781 77.96 -12.74 -6.51
C ASP B 781 78.64 -11.37 -6.48
N ASN B 782 79.07 -10.92 -7.69
CA ASN B 782 79.83 -9.71 -7.97
C ASN B 782 78.99 -8.58 -8.64
N PHE B 783 79.04 -7.30 -8.13
CA PHE B 783 78.33 -6.11 -8.64
C PHE B 783 79.25 -4.89 -8.47
N VAL B 784 78.86 -3.78 -9.06
CA VAL B 784 79.62 -2.51 -9.02
C VAL B 784 78.64 -1.38 -8.83
N ILE B 785 78.85 -0.55 -7.79
CA ILE B 785 77.91 0.51 -7.42
C ILE B 785 78.49 1.98 -7.46
N LEU B 786 78.32 2.73 -8.59
CA LEU B 786 78.76 4.15 -8.70
C LEU B 786 77.56 5.01 -8.36
N ASN B 787 77.71 5.94 -7.38
CA ASN B 787 76.65 6.82 -6.86
C ASN B 787 75.32 6.04 -6.59
N GLY B 788 75.43 4.84 -6.02
CA GLY B 788 74.26 4.01 -5.73
C GLY B 788 73.56 3.42 -6.94
N ARG B 789 74.24 3.40 -8.13
CA ARG B 789 73.75 2.82 -9.38
C ARG B 789 74.56 1.54 -9.56
N VAL B 790 73.90 0.39 -9.54
CA VAL B 790 74.54 -0.93 -9.54
C VAL B 790 74.64 -1.54 -10.93
N LEU B 791 75.45 -2.59 -11.07
CA LEU B 791 75.60 -3.41 -12.27
C LEU B 791 75.72 -4.88 -11.83
N GLY B 792 75.74 -5.79 -12.77
CA GLY B 792 75.93 -7.20 -12.47
C GLY B 792 74.72 -8.07 -12.32
N PRO B 793 74.90 -9.32 -11.80
CA PRO B 793 76.17 -9.94 -11.30
C PRO B 793 77.17 -10.13 -12.43
N ILE B 794 78.45 -9.78 -12.18
CA ILE B 794 79.49 -9.91 -13.20
C ILE B 794 79.90 -11.40 -13.12
N THR B 795 79.63 -12.15 -14.20
CA THR B 795 79.90 -13.59 -14.32
C THR B 795 81.40 -13.84 -14.39
N SER B 796 82.07 -13.10 -15.27
CA SER B 796 83.52 -13.16 -15.41
C SER B 796 84.12 -11.83 -14.83
N ALA B 797 85.46 -11.74 -14.73
CA ALA B 797 86.19 -10.53 -14.23
C ALA B 797 86.72 -9.64 -15.39
N ASP B 798 86.93 -10.25 -16.60
CA ASP B 798 87.34 -9.61 -17.86
C ASP B 798 86.06 -9.07 -18.62
N ASP B 799 84.81 -9.41 -18.12
CA ASP B 799 83.48 -8.84 -18.47
C ASP B 799 83.56 -7.37 -17.97
N PHE B 800 84.37 -7.13 -16.88
CA PHE B 800 84.63 -5.83 -16.25
C PHE B 800 86.10 -5.59 -15.96
N LYS B 801 86.80 -5.06 -16.94
CA LYS B 801 88.19 -4.67 -16.76
C LYS B 801 88.27 -3.20 -16.13
N LYS B 802 89.50 -2.58 -16.01
CA LYS B 802 89.77 -1.23 -15.41
C LYS B 802 89.21 -0.08 -16.22
N GLU B 803 89.51 -0.04 -17.52
CA GLU B 803 89.07 1.05 -18.38
C GLU B 803 87.58 1.08 -18.59
N ASP B 804 86.91 -0.02 -18.32
CA ASP B 804 85.46 -0.12 -18.43
C ASP B 804 84.81 0.72 -17.30
N PHE B 805 85.49 0.80 -16.12
CA PHE B 805 85.00 1.59 -14.99
C PHE B 805 85.17 3.05 -15.41
N GLU B 806 86.25 3.34 -16.21
CA GLU B 806 86.57 4.67 -16.83
C GLU B 806 85.39 5.19 -17.71
N VAL B 807 84.60 4.26 -18.27
CA VAL B 807 83.42 4.57 -19.07
C VAL B 807 82.20 4.54 -18.21
N PHE B 808 82.10 3.59 -17.25
CA PHE B 808 80.94 3.57 -16.37
C PHE B 808 80.83 4.96 -15.74
N LEU B 809 81.93 5.44 -15.19
CA LEU B 809 82.01 6.75 -14.57
C LEU B 809 81.65 7.91 -15.50
N GLN B 810 82.34 8.02 -16.64
CA GLN B 810 82.12 9.06 -17.66
C GLN B 810 80.69 9.03 -18.20
N ALA B 811 80.17 7.81 -18.53
CA ALA B 811 78.81 7.60 -19.09
C ALA B 811 77.72 7.96 -18.07
N GLU B 812 77.94 7.67 -16.77
CA GLU B 812 77.01 8.01 -15.71
C GLU B 812 76.97 9.49 -15.51
N ARG B 813 78.17 10.10 -15.39
CA ARG B 813 78.37 11.57 -15.24
C ARG B 813 77.45 12.30 -16.21
N ARG B 814 77.61 11.96 -17.50
CA ARG B 814 76.85 12.47 -18.64
C ARG B 814 75.32 12.48 -18.36
N THR B 815 74.80 11.40 -17.73
CA THR B 815 73.39 11.17 -17.58
C THR B 815 72.76 11.45 -16.19
N ARG B 816 73.47 11.29 -15.05
CA ARG B 816 72.83 11.47 -13.70
C ARG B 816 73.47 12.43 -12.68
N ILE B 817 74.64 12.98 -12.99
CA ILE B 817 75.45 13.81 -12.09
C ILE B 817 75.57 15.24 -12.60
N LEU B 818 76.14 15.36 -13.80
CA LEU B 818 76.36 16.63 -14.49
C LEU B 818 75.03 17.33 -14.69
N PRO B 819 73.94 16.67 -15.17
CA PRO B 819 72.63 17.35 -15.23
C PRO B 819 72.11 17.72 -13.84
N VAL B 820 72.37 16.87 -12.81
CA VAL B 820 71.93 17.10 -11.45
C VAL B 820 72.66 18.28 -10.83
N TYR B 821 73.95 18.45 -11.14
CA TYR B 821 74.71 19.61 -10.68
C TYR B 821 74.27 20.86 -11.44
N LYS B 822 74.12 20.72 -12.76
CA LYS B 822 73.73 21.79 -13.66
C LYS B 822 72.34 22.42 -13.34
N ALA B 823 71.35 21.60 -12.94
CA ALA B 823 70.03 22.11 -12.52
C ALA B 823 70.13 22.77 -11.15
N LEU B 824 71.03 22.27 -10.30
CA LEU B 824 71.22 22.79 -8.94
C LEU B 824 72.01 24.06 -8.93
N GLU B 825 73.07 24.14 -9.73
CA GLU B 825 73.92 25.34 -9.77
C GLU B 825 73.17 26.50 -10.39
N ASP B 826 72.28 26.20 -11.33
CA ASP B 826 71.39 27.19 -11.90
C ASP B 826 70.52 27.68 -10.72
N LEU B 827 69.91 26.70 -10.00
CA LEU B 827 69.04 26.92 -8.84
C LEU B 827 69.75 27.72 -7.72
N GLY B 828 71.06 27.47 -7.51
CA GLY B 828 71.90 28.20 -6.56
C GLY B 828 72.26 27.50 -5.28
N LEU B 829 71.91 26.20 -5.15
CA LEU B 829 72.15 25.42 -3.95
C LEU B 829 73.26 24.36 -4.10
N ASP B 830 74.41 24.76 -4.73
CA ASP B 830 75.60 23.90 -4.90
C ASP B 830 76.50 23.82 -3.64
N ASP B 831 76.09 24.53 -2.59
CA ASP B 831 76.72 24.57 -1.28
C ASP B 831 76.20 23.39 -0.45
N LYS B 832 75.01 22.85 -0.80
CA LYS B 832 74.46 21.69 -0.11
C LYS B 832 75.20 20.40 -0.46
N VAL B 833 75.97 20.38 -1.59
CA VAL B 833 76.80 19.22 -1.96
C VAL B 833 78.14 19.42 -1.30
N SER B 834 78.47 18.57 -0.32
CA SER B 834 79.69 18.71 0.43
C SER B 834 80.71 17.65 0.14
N GLY B 835 80.33 16.56 -0.51
CA GLY B 835 81.27 15.48 -0.73
C GLY B 835 80.90 14.42 -1.75
N PRO B 836 81.69 13.34 -1.75
CA PRO B 836 81.42 12.23 -2.70
C PRO B 836 80.16 11.50 -2.30
N LEU B 837 80.07 11.16 -1.01
CA LEU B 837 78.93 10.50 -0.43
C LEU B 837 77.87 11.53 -0.22
N SER B 838 78.33 12.64 0.32
CA SER B 838 77.55 13.81 0.67
C SER B 838 77.16 14.53 -0.65
N ALA B 839 76.32 13.87 -1.49
CA ALA B 839 75.87 14.34 -2.82
C ALA B 839 75.27 13.22 -3.62
N ALA B 840 75.86 12.01 -3.59
CA ALA B 840 75.37 10.90 -4.38
C ALA B 840 73.98 10.43 -3.96
N LYS B 841 73.54 10.83 -2.75
CA LYS B 841 72.17 10.56 -2.25
C LYS B 841 71.12 11.19 -3.21
N LEU B 842 71.45 12.37 -3.79
CA LEU B 842 70.60 13.13 -4.71
C LEU B 842 70.65 12.51 -6.07
N THR B 843 71.87 12.30 -6.64
CA THR B 843 72.08 11.77 -8.00
C THR B 843 71.39 10.44 -8.20
N SER B 844 71.26 9.64 -7.09
CA SER B 844 70.52 8.36 -7.05
C SER B 844 68.99 8.67 -6.89
N VAL B 845 68.58 9.54 -5.89
CA VAL B 845 67.16 9.94 -5.61
C VAL B 845 66.47 10.63 -6.83
N THR B 846 67.22 11.44 -7.52
CA THR B 846 66.78 12.10 -8.74
C THR B 846 66.58 11.10 -9.90
N ALA B 847 67.29 9.98 -9.84
CA ALA B 847 67.16 8.89 -10.80
C ALA B 847 66.02 7.93 -10.40
N LEU B 848 65.48 8.07 -9.19
CA LEU B 848 64.33 7.29 -8.73
C LEU B 848 62.99 8.03 -9.05
N SER B 849 63.07 9.37 -9.12
CA SER B 849 61.99 10.27 -9.55
C SER B 849 61.46 9.80 -10.91
N THR B 850 62.39 9.45 -11.81
CA THR B 850 62.15 8.98 -13.17
C THR B 850 62.09 7.42 -13.28
N ILE B 851 61.76 6.67 -12.16
CA ILE B 851 61.72 5.20 -12.16
C ILE B 851 60.30 4.67 -12.40
N SER B 852 60.14 3.85 -13.45
CA SER B 852 58.86 3.31 -13.87
C SER B 852 58.46 2.08 -13.02
N ASP B 853 57.41 2.24 -12.23
CA ASP B 853 56.87 1.18 -11.39
C ASP B 853 55.94 0.34 -12.26
N LEU B 854 55.16 1.02 -13.13
CA LEU B 854 54.25 0.39 -14.09
C LEU B 854 54.92 0.36 -15.47
N PRO B 855 55.18 -0.84 -15.97
CA PRO B 855 55.87 -0.99 -17.25
C PRO B 855 55.23 -0.24 -18.38
N GLN B 856 56.10 0.33 -19.22
CA GLN B 856 55.72 1.12 -20.36
C GLN B 856 55.09 0.22 -21.43
N GLY B 857 53.92 0.62 -21.92
CA GLY B 857 53.17 -0.13 -22.92
C GLY B 857 51.97 -0.89 -22.40
N ILE B 858 51.79 -1.02 -21.08
CA ILE B 858 50.66 -1.77 -20.52
C ILE B 858 49.46 -0.86 -20.22
N PHE B 859 49.65 0.13 -19.31
CA PHE B 859 48.60 1.05 -18.86
C PHE B 859 48.65 2.39 -19.63
N ASP B 860 49.83 2.75 -20.23
CA ASP B 860 50.05 3.93 -21.13
C ASP B 860 51.51 3.90 -21.67
N ASN B 861 51.75 4.21 -22.99
CA ASN B 861 53.11 4.22 -23.62
C ASN B 861 53.90 5.56 -23.39
N ALA B 862 53.28 6.59 -22.73
CA ALA B 862 54.01 7.83 -22.38
C ALA B 862 55.15 7.57 -21.39
N PRO B 863 56.34 8.18 -21.60
CA PRO B 863 57.46 7.94 -20.68
C PRO B 863 57.34 8.53 -19.27
N THR B 864 58.17 7.98 -18.36
CA THR B 864 58.22 8.34 -16.93
C THR B 864 58.90 9.69 -16.73
N VAL B 865 58.17 10.80 -16.84
CA VAL B 865 58.84 12.08 -16.62
C VAL B 865 57.98 13.07 -15.88
N ARG B 866 58.67 13.98 -15.19
CA ARG B 866 58.08 15.02 -14.35
C ARG B 866 58.07 16.38 -15.03
N THR B 867 56.85 16.88 -15.39
CA THR B 867 56.70 18.18 -16.05
C THR B 867 56.64 19.33 -15.03
N THR B 868 57.09 20.51 -15.47
CA THR B 868 57.05 21.77 -14.71
C THR B 868 56.29 22.80 -15.56
N LEU B 869 55.65 22.32 -16.61
CA LEU B 869 54.99 23.05 -17.69
C LEU B 869 53.68 23.78 -17.32
N PHE B 870 53.15 23.52 -16.12
CA PHE B 870 51.91 24.13 -15.61
C PHE B 870 52.22 25.32 -14.69
N LYS B 871 53.51 25.59 -14.50
CA LYS B 871 53.98 26.68 -13.67
C LYS B 871 53.80 28.00 -14.42
N GLN B 872 53.72 27.93 -15.76
CA GLN B 872 53.56 29.07 -16.68
C GLN B 872 52.17 29.73 -16.47
N TRP B 873 51.18 28.90 -16.14
CA TRP B 873 49.79 29.30 -15.96
C TRP B 873 49.50 30.36 -14.90
N ASN B 874 48.67 31.39 -15.26
CA ASN B 874 48.17 32.41 -14.31
C ASN B 874 47.12 31.71 -13.48
N SER B 875 47.03 32.05 -12.21
CA SER B 875 46.16 31.33 -11.30
C SER B 875 45.08 32.09 -10.55
N THR B 876 45.11 33.44 -10.55
CA THR B 876 44.20 34.27 -9.74
C THR B 876 42.70 33.88 -9.83
N TYR B 877 42.15 33.72 -11.04
CA TYR B 877 40.70 33.48 -11.18
C TYR B 877 40.25 32.02 -11.43
N THR B 878 41.15 31.03 -11.58
CA THR B 878 40.70 29.63 -11.74
C THR B 878 41.20 28.70 -10.65
N SER B 879 42.14 29.16 -9.83
CA SER B 879 42.74 28.29 -8.86
C SER B 879 42.45 28.63 -7.44
N PHE B 880 42.54 27.58 -6.59
CA PHE B 880 42.46 27.69 -5.13
C PHE B 880 43.39 26.65 -4.53
N GLU B 881 44.10 27.04 -3.47
CA GLU B 881 45.08 26.15 -2.84
C GLU B 881 44.69 25.82 -1.43
N VAL B 882 45.10 24.61 -0.97
CA VAL B 882 44.84 24.11 0.39
C VAL B 882 46.13 23.48 0.91
N GLY B 883 46.50 23.84 2.13
CA GLY B 883 47.73 23.36 2.79
C GLY B 883 48.84 24.38 2.68
N ASP B 884 49.84 24.30 3.58
CA ASP B 884 50.96 25.23 3.58
C ASP B 884 52.04 24.72 2.64
N ALA B 885 52.36 25.52 1.62
CA ALA B 885 53.39 25.21 0.64
C ALA B 885 54.79 25.14 1.29
N SER B 886 55.06 26.01 2.28
CA SER B 886 56.34 26.04 2.99
C SER B 886 56.67 24.73 3.66
N THR B 887 55.69 24.14 4.36
CA THR B 887 55.88 22.88 5.10
C THR B 887 55.60 21.63 4.28
N ALA B 888 54.67 21.70 3.30
CA ALA B 888 54.27 20.54 2.50
C ALA B 888 55.43 19.80 1.82
N THR B 889 55.38 18.46 1.92
CA THR B 889 56.30 17.54 1.27
C THR B 889 55.66 17.03 -0.03
N ILE B 890 54.32 16.96 -0.06
CA ILE B 890 53.55 16.51 -1.20
C ILE B 890 52.86 17.68 -1.88
N PHE B 891 53.01 17.78 -3.20
CA PHE B 891 52.42 18.87 -3.98
C PHE B 891 51.54 18.32 -5.06
N PHE B 892 50.25 18.61 -4.97
CA PHE B 892 49.28 18.13 -5.91
C PHE B 892 48.83 19.27 -6.79
N VAL B 893 48.65 18.97 -8.09
CA VAL B 893 48.12 19.91 -9.08
C VAL B 893 47.02 19.17 -9.82
N ALA B 894 45.77 19.53 -9.51
CA ALA B 894 44.57 18.95 -10.11
C ALA B 894 43.98 19.92 -11.14
N VAL B 895 43.65 19.40 -12.34
CA VAL B 895 43.04 20.16 -13.41
C VAL B 895 41.75 19.42 -13.65
N ILE B 896 40.66 19.92 -13.06
CA ILE B 896 39.34 19.30 -13.11
C ILE B 896 38.33 20.12 -13.95
N ASN B 897 37.48 19.40 -14.69
CA ASN B 897 36.39 19.97 -15.47
C ASN B 897 35.12 19.75 -14.58
N PRO B 898 34.48 20.82 -14.04
CA PRO B 898 33.30 20.62 -13.18
C PRO B 898 32.13 19.82 -13.77
N ALA B 899 31.95 19.92 -15.10
CA ALA B 899 30.90 19.23 -15.85
C ALA B 899 31.19 17.72 -16.06
N SER B 900 32.37 17.21 -15.65
CA SER B 900 32.71 15.81 -15.87
C SER B 900 32.23 14.90 -14.76
N GLU B 901 31.98 13.64 -15.11
CA GLU B 901 31.57 12.58 -14.18
C GLU B 901 32.83 12.04 -13.44
N ILE B 902 34.00 12.10 -14.11
CA ILE B 902 35.30 11.69 -13.55
C ILE B 902 35.71 12.67 -12.46
N GLY B 903 35.38 13.95 -12.64
CA GLY B 903 35.63 14.99 -11.67
C GLY B 903 34.96 14.72 -10.34
N GLN B 904 33.77 14.08 -10.37
CA GLN B 904 32.98 13.73 -9.16
C GLN B 904 33.81 12.90 -8.19
N ARG B 905 34.49 11.87 -8.70
CA ARG B 905 35.37 10.99 -7.93
C ARG B 905 36.61 11.74 -7.46
N TRP B 906 37.28 12.43 -8.39
CA TRP B 906 38.52 13.18 -8.14
C TRP B 906 38.38 14.17 -6.98
N VAL B 907 37.30 14.94 -6.94
CA VAL B 907 37.04 15.90 -5.88
C VAL B 907 36.97 15.22 -4.53
N ALA B 908 36.13 14.19 -4.44
CA ALA B 908 35.88 13.42 -3.22
C ALA B 908 37.15 12.83 -2.60
N VAL B 909 38.01 12.22 -3.44
CA VAL B 909 39.24 11.59 -2.99
C VAL B 909 40.23 12.69 -2.59
N LEU B 910 40.40 13.72 -3.44
CA LEU B 910 41.35 14.84 -3.20
C LEU B 910 41.07 15.61 -1.91
N LYS B 911 39.80 15.76 -1.54
CA LYS B 911 39.43 16.45 -0.31
C LYS B 911 39.97 15.70 0.92
N VAL B 912 39.88 14.37 0.92
CA VAL B 912 40.33 13.52 2.03
C VAL B 912 41.87 13.50 2.11
N LEU B 913 42.55 13.53 0.96
CA LEU B 913 44.01 13.55 0.95
C LEU B 913 44.54 14.96 1.27
N SER B 914 43.74 16.01 1.00
CA SER B 914 44.12 17.38 1.33
C SER B 914 44.10 17.57 2.84
N GLU B 915 43.26 16.78 3.54
CA GLU B 915 43.11 16.79 5.01
C GLU B 915 44.37 16.33 5.72
N LEU B 916 45.26 15.58 5.03
CA LEU B 916 46.53 15.14 5.61
C LEU B 916 47.50 16.29 5.79
N GLU B 917 48.29 16.23 6.88
CA GLU B 917 49.24 17.26 7.20
C GLU B 917 50.52 17.00 6.44
N GLY B 918 51.07 18.08 5.87
CA GLY B 918 52.26 18.05 5.04
C GLY B 918 51.96 17.85 3.57
N VAL B 919 50.70 18.11 3.14
CA VAL B 919 50.26 17.96 1.75
C VAL B 919 49.71 19.30 1.29
N HIS B 920 50.08 19.71 0.08
CA HIS B 920 49.63 20.94 -0.57
C HIS B 920 48.87 20.55 -1.86
N LEU B 921 47.72 21.22 -2.11
CA LEU B 921 46.90 21.00 -3.30
C LEU B 921 46.53 22.34 -3.91
N ARG B 922 46.47 22.38 -5.24
CA ARG B 922 46.10 23.55 -6.03
C ARG B 922 45.18 23.08 -7.15
N VAL B 923 43.97 23.65 -7.27
CA VAL B 923 42.99 23.19 -8.26
C VAL B 923 42.75 24.18 -9.37
N PHE B 924 42.63 23.67 -10.60
CA PHE B 924 42.34 24.45 -11.81
C PHE B 924 41.07 23.90 -12.40
N LEU B 925 40.12 24.76 -12.73
CA LEU B 925 38.85 24.32 -13.29
C LEU B 925 38.82 24.62 -14.76
N ASN B 926 38.66 23.60 -15.63
CA ASN B 926 38.65 23.90 -17.06
C ASN B 926 37.46 23.23 -17.78
N PRO B 927 36.33 23.94 -17.90
CA PRO B 927 35.18 23.38 -18.63
C PRO B 927 35.28 23.55 -20.14
N THR B 928 34.36 22.91 -20.87
CA THR B 928 34.28 22.97 -22.32
C THR B 928 33.02 23.71 -22.75
N VAL B 929 33.08 24.36 -23.91
CA VAL B 929 31.95 25.06 -24.52
C VAL B 929 31.21 24.08 -25.44
N MET B 930 31.85 22.94 -25.76
CA MET B 930 31.31 21.90 -26.64
C MET B 930 30.57 20.84 -25.84
N ILE B 931 29.25 21.03 -25.65
CA ILE B 931 28.38 20.10 -24.93
C ILE B 931 27.16 19.79 -25.84
N GLU B 932 27.17 18.73 -26.65
CA GLU B 932 25.97 18.43 -27.46
C GLU B 932 25.00 17.54 -26.63
N GLU B 933 25.50 16.73 -25.64
CA GLU B 933 24.65 15.89 -24.81
C GLU B 933 24.82 16.31 -23.37
N LEU B 934 23.92 15.86 -22.51
CA LEU B 934 23.96 16.15 -21.06
C LEU B 934 25.34 15.78 -20.44
N PRO B 935 25.98 16.71 -19.70
CA PRO B 935 27.35 16.43 -19.21
C PRO B 935 27.45 15.40 -18.08
N VAL B 936 26.68 15.56 -17.00
CA VAL B 936 26.70 14.64 -15.87
C VAL B 936 25.33 14.04 -15.78
N LYS B 937 25.24 12.70 -15.82
CA LYS B 937 24.00 11.94 -15.80
C LYS B 937 23.90 11.00 -14.57
N ARG B 938 24.51 11.37 -13.43
CA ARG B 938 24.48 10.56 -12.22
C ARG B 938 24.79 11.34 -10.93
N PHE B 939 24.42 10.78 -9.78
CA PHE B 939 24.78 11.31 -8.45
C PHE B 939 25.94 10.47 -7.93
N TYR B 940 26.84 11.04 -7.10
CA TYR B 940 28.02 10.28 -6.64
C TYR B 940 28.43 10.56 -5.19
N ARG B 941 28.82 9.48 -4.48
CA ARG B 941 29.33 9.51 -3.09
C ARG B 941 30.54 8.58 -2.94
N TYR B 942 31.61 9.07 -2.28
CA TYR B 942 32.84 8.30 -2.03
C TYR B 942 32.94 7.93 -0.56
N VAL B 943 33.05 6.62 -0.25
CA VAL B 943 33.13 6.13 1.12
C VAL B 943 34.60 6.14 1.53
N LEU B 944 35.00 7.17 2.29
CA LEU B 944 36.38 7.35 2.74
C LEU B 944 36.50 8.41 3.89
N SER B 945 37.36 8.14 4.90
CA SER B 945 37.63 9.05 6.02
C SER B 945 39.13 9.22 6.21
N SER B 946 39.61 10.44 6.56
CA SER B 946 41.04 10.73 6.78
C SER B 946 41.56 10.24 8.13
N SER B 947 40.67 9.84 9.05
CA SER B 947 41.02 9.31 10.38
C SER B 947 39.87 8.39 10.87
N PRO B 948 40.16 7.31 11.66
CA PRO B 948 39.08 6.40 12.08
C PRO B 948 37.99 7.03 12.93
N SER B 949 36.78 6.47 12.84
CA SER B 949 35.61 6.93 13.58
C SER B 949 35.26 5.88 14.61
N PHE B 950 34.81 6.30 15.81
CA PHE B 950 34.53 5.36 16.90
C PHE B 950 33.12 5.42 17.45
N ASP B 951 32.72 4.29 18.03
CA ASP B 951 31.39 4.07 18.56
C ASP B 951 31.22 4.73 19.91
N GLU B 952 29.99 4.71 20.38
CA GLU B 952 29.63 5.20 21.71
C GLU B 952 30.13 4.13 22.72
N SER B 953 30.09 2.83 22.30
CA SER B 953 30.65 1.70 23.06
C SER B 953 32.16 1.48 22.67
N GLY B 954 32.75 2.44 21.94
CA GLY B 954 34.15 2.45 21.56
C GLY B 954 34.62 1.62 20.39
N LYS B 955 33.72 0.89 19.73
CA LYS B 955 34.08 0.06 18.57
C LYS B 955 34.35 0.91 17.35
N VAL B 956 34.99 0.38 16.34
CA VAL B 956 35.22 1.19 15.15
C VAL B 956 33.92 1.24 14.31
N LYS B 957 33.53 2.45 13.92
CA LYS B 957 32.34 2.70 13.11
C LYS B 957 32.54 2.21 11.70
N ALA B 958 31.52 1.60 11.13
CA ALA B 958 31.56 1.18 9.73
C ALA B 958 31.18 2.40 8.89
N LEU B 959 31.60 2.42 7.61
CA LEU B 959 31.35 3.55 6.73
C LEU B 959 30.36 3.18 5.62
N SER B 960 29.45 4.15 5.29
CA SER B 960 28.38 3.99 4.30
C SER B 960 28.19 5.21 3.40
N ALA B 961 27.62 4.99 2.20
CA ALA B 961 27.32 6.05 1.23
C ALA B 961 25.84 6.37 1.37
N ARG B 962 25.51 7.53 1.94
CA ARG B 962 24.13 7.96 2.16
C ARG B 962 23.82 9.14 1.27
N PHE B 963 22.83 8.97 0.36
CA PHE B 963 22.38 10.01 -0.56
C PHE B 963 21.13 10.61 0.00
N THR B 964 21.13 11.91 0.21
CA THR B 964 20.02 12.61 0.81
C THR B 964 19.39 13.59 -0.15
N GLY B 965 18.08 13.77 -0.03
CA GLY B 965 17.30 14.65 -0.90
C GLY B 965 17.24 14.11 -2.31
N VAL B 966 16.81 12.83 -2.45
CA VAL B 966 16.73 12.12 -3.73
C VAL B 966 15.35 12.49 -4.40
N PRO B 967 15.29 12.87 -5.70
CA PRO B 967 13.98 13.14 -6.34
C PRO B 967 13.12 11.89 -6.36
N ARG B 968 11.81 11.96 -6.05
CA ARG B 968 11.05 10.71 -5.96
C ARG B 968 10.75 10.04 -7.28
N GLU B 969 10.31 10.86 -8.25
CA GLU B 969 9.87 10.40 -9.57
C GLU B 969 10.99 9.91 -10.52
N THR B 970 12.27 10.31 -10.31
CA THR B 970 13.34 9.89 -11.24
C THR B 970 13.73 8.42 -11.10
N LEU B 971 13.87 7.70 -12.24
CA LEU B 971 14.26 6.28 -12.25
C LEU B 971 15.78 6.21 -12.16
N LEU B 972 16.34 5.49 -11.15
CA LEU B 972 17.78 5.41 -10.92
C LEU B 972 18.31 4.00 -10.91
N VAL B 973 19.61 3.87 -11.17
CA VAL B 973 20.34 2.60 -11.19
C VAL B 973 21.49 2.71 -10.22
N VAL B 974 21.70 1.70 -9.35
CA VAL B 974 22.80 1.73 -8.41
C VAL B 974 23.99 1.04 -9.05
N GLY B 975 25.13 1.70 -8.94
CA GLY B 975 26.40 1.24 -9.46
C GLY B 975 27.52 1.44 -8.46
N MET B 976 28.53 0.57 -8.54
CA MET B 976 29.68 0.60 -7.67
C MET B 976 30.93 0.96 -8.47
N ASP B 977 31.65 2.01 -8.00
CA ASP B 977 32.89 2.54 -8.58
C ASP B 977 34.02 2.07 -7.65
N VAL B 978 34.40 0.82 -7.88
CA VAL B 978 35.30 0.00 -7.10
C VAL B 978 36.74 -0.06 -7.61
N PRO B 979 37.76 -0.07 -6.71
CA PRO B 979 39.16 -0.19 -7.16
C PRO B 979 39.41 -1.37 -8.12
N PRO B 980 40.38 -1.24 -9.04
CA PRO B 980 40.58 -2.26 -10.08
C PRO B 980 40.62 -3.72 -9.66
N ALA B 981 41.26 -4.05 -8.56
CA ALA B 981 41.42 -5.44 -8.16
C ALA B 981 40.17 -6.07 -7.58
N TRP B 982 39.14 -5.30 -7.30
CA TRP B 982 37.97 -5.82 -6.62
C TRP B 982 36.84 -6.36 -7.51
N LEU B 983 36.16 -7.40 -7.00
CA LEU B 983 34.98 -8.03 -7.60
C LEU B 983 33.88 -7.90 -6.57
N VAL B 984 32.76 -7.24 -6.96
CA VAL B 984 31.68 -6.94 -6.02
C VAL B 984 30.29 -7.35 -6.56
N THR B 985 29.42 -7.86 -5.65
CA THR B 985 28.05 -8.24 -5.95
C THR B 985 27.14 -7.85 -4.81
N SER B 986 25.85 -7.64 -5.13
CA SER B 986 24.84 -7.28 -4.14
C SER B 986 24.53 -8.52 -3.32
N LYS B 987 24.44 -8.37 -1.98
CA LYS B 987 24.13 -9.47 -1.06
C LYS B 987 22.79 -9.28 -0.34
N VAL B 988 22.54 -8.06 0.16
CA VAL B 988 21.28 -7.72 0.83
C VAL B 988 20.64 -6.51 0.17
N ALA B 989 19.44 -6.69 -0.36
CA ALA B 989 18.64 -5.65 -0.98
C ALA B 989 17.29 -6.23 -1.25
N VAL B 990 16.26 -5.47 -0.91
CA VAL B 990 14.89 -5.88 -1.12
C VAL B 990 14.31 -5.18 -2.35
N ASP B 991 14.94 -4.08 -2.76
CA ASP B 991 14.55 -3.27 -3.90
C ASP B 991 15.19 -3.74 -5.21
N ASP B 992 14.68 -3.22 -6.34
CA ASP B 992 15.28 -3.46 -7.64
C ASP B 992 16.29 -2.34 -7.78
N LEU B 993 17.58 -2.68 -7.66
CA LEU B 993 18.66 -1.71 -7.76
C LEU B 993 18.83 -1.23 -9.19
N ASP B 994 18.35 -2.01 -10.19
CA ASP B 994 18.37 -1.61 -11.59
C ASP B 994 17.21 -0.66 -11.90
N ASN B 995 16.09 -0.73 -11.14
CA ASN B 995 14.92 0.14 -11.36
C ASN B 995 14.45 0.79 -10.02
N LEU B 996 15.23 1.76 -9.50
CA LEU B 996 14.88 2.45 -8.25
C LEU B 996 14.00 3.68 -8.46
N ARG B 997 12.92 3.81 -7.69
CA ARG B 997 12.07 5.00 -7.67
C ARG B 997 11.53 5.14 -6.28
N ILE B 998 11.61 6.33 -5.68
CA ILE B 998 11.17 6.51 -4.29
C ILE B 998 9.64 6.45 -4.17
N LYS B 999 8.90 7.06 -5.11
CA LYS B 999 7.43 7.04 -5.08
C LYS B 999 6.83 5.63 -5.00
N ASP B 1000 7.42 4.66 -5.70
CA ASP B 1000 6.93 3.28 -5.73
C ASP B 1000 7.24 2.53 -4.44
N ILE B 1001 8.46 2.75 -3.93
CA ILE B 1001 8.91 2.16 -2.69
C ILE B 1001 8.08 2.74 -1.56
N LYS B 1002 7.83 4.06 -1.58
CA LYS B 1002 6.98 4.70 -0.59
C LYS B 1002 5.58 4.09 -0.64
N ALA B 1003 5.02 3.91 -1.85
CA ALA B 1003 3.69 3.32 -1.99
C ALA B 1003 3.63 1.83 -1.61
N LYS B 1004 4.64 1.06 -1.96
CA LYS B 1004 4.65 -0.37 -1.69
C LYS B 1004 5.13 -0.74 -0.30
N ARG B 1005 6.27 -0.20 0.13
CA ARG B 1005 6.88 -0.51 1.42
C ARG B 1005 6.53 0.46 2.58
N GLY B 1006 6.15 1.69 2.25
CA GLY B 1006 5.82 2.72 3.24
C GLY B 1006 7.01 3.55 3.66
N THR B 1007 8.22 3.25 3.11
CA THR B 1007 9.45 3.92 3.46
C THR B 1007 10.06 4.69 2.31
N GLU B 1008 10.55 5.90 2.59
CA GLU B 1008 11.25 6.78 1.65
C GLU B 1008 12.78 6.54 1.76
N HIS B 1009 13.20 5.57 2.59
CA HIS B 1009 14.61 5.28 2.86
C HIS B 1009 14.98 3.88 2.37
N VAL B 1010 16.02 3.78 1.54
CA VAL B 1010 16.45 2.52 0.94
C VAL B 1010 17.81 2.12 1.50
N GLU B 1011 17.99 0.79 1.78
CA GLU B 1011 19.24 0.22 2.28
C GLU B 1011 19.64 -1.01 1.47
N ALA B 1012 20.93 -1.05 1.03
CA ALA B 1012 21.50 -2.17 0.29
C ALA B 1012 22.91 -2.46 0.78
N ILE B 1013 23.29 -3.74 0.78
CA ILE B 1013 24.61 -4.20 1.21
C ILE B 1013 25.26 -5.04 0.13
N TYR B 1014 26.52 -4.74 -0.16
CA TYR B 1014 27.29 -5.46 -1.15
C TYR B 1014 28.33 -6.31 -0.47
N GLU B 1015 28.94 -7.22 -1.23
CA GLU B 1015 30.02 -8.06 -0.74
C GLU B 1015 31.21 -8.02 -1.66
N LEU B 1016 32.40 -7.81 -1.09
CA LEU B 1016 33.68 -7.86 -1.78
C LEU B 1016 34.03 -9.35 -1.73
N GLU B 1017 33.49 -10.08 -2.69
CA GLU B 1017 33.61 -11.54 -2.75
C GLU B 1017 35.00 -11.99 -3.13
N HIS B 1018 35.64 -11.34 -4.11
CA HIS B 1018 36.96 -11.72 -4.59
C HIS B 1018 37.87 -10.51 -4.82
N ILE B 1019 39.19 -10.78 -4.87
CA ILE B 1019 40.30 -9.86 -5.12
C ILE B 1019 41.16 -10.55 -6.24
N LEU B 1020 41.48 -9.79 -7.31
CA LEU B 1020 42.18 -10.32 -8.48
C LEU B 1020 43.68 -10.54 -8.35
N ILE B 1021 44.13 -11.61 -9.02
CA ILE B 1021 45.50 -11.94 -9.30
C ILE B 1021 45.48 -11.79 -10.81
N GLU B 1022 46.09 -10.73 -11.32
CA GLU B 1022 46.12 -10.52 -12.75
C GLU B 1022 47.54 -10.29 -13.21
N GLY B 1023 47.83 -10.79 -14.40
CA GLY B 1023 49.18 -10.64 -14.95
C GLY B 1023 49.30 -10.56 -16.44
N HIS B 1024 50.50 -10.19 -16.90
CA HIS B 1024 50.85 -10.04 -18.31
C HIS B 1024 52.05 -10.94 -18.67
N SER B 1025 51.78 -12.03 -19.39
CA SER B 1025 52.78 -13.01 -19.79
C SER B 1025 53.61 -12.58 -20.98
N ARG B 1026 54.70 -13.31 -21.21
CA ARG B 1026 55.56 -13.14 -22.37
C ARG B 1026 56.43 -14.32 -22.60
N GLU B 1027 56.92 -14.44 -23.84
CA GLU B 1027 57.81 -15.53 -24.16
C GLU B 1027 59.26 -15.04 -24.37
N ILE B 1028 60.20 -15.70 -23.65
CA ILE B 1028 61.62 -15.41 -23.72
C ILE B 1028 62.12 -16.36 -24.79
N PRO B 1029 63.09 -16.01 -25.64
CA PRO B 1029 63.86 -14.75 -25.70
C PRO B 1029 63.20 -13.65 -26.50
N GLY B 1030 62.53 -13.96 -27.63
CA GLY B 1030 61.88 -12.97 -28.51
C GLY B 1030 60.59 -12.56 -27.91
N ALA B 1031 60.60 -11.46 -27.15
CA ALA B 1031 59.46 -10.91 -26.43
C ALA B 1031 58.13 -11.08 -27.20
N HIS B 1032 57.05 -11.55 -26.50
CA HIS B 1032 55.75 -11.86 -27.11
C HIS B 1032 54.65 -12.18 -26.11
N ALA B 1033 53.43 -12.62 -26.58
CA ALA B 1033 52.33 -13.16 -25.74
C ALA B 1033 52.01 -14.66 -26.08
N PRO B 1034 52.16 -15.63 -25.15
CA PRO B 1034 51.85 -17.02 -25.49
C PRO B 1034 50.35 -17.26 -25.40
N ARG B 1035 49.63 -17.19 -26.54
CA ARG B 1035 48.17 -17.33 -26.56
C ARG B 1035 47.74 -18.77 -26.65
N GLY B 1036 46.69 -19.10 -25.90
CA GLY B 1036 46.12 -20.43 -25.83
C GLY B 1036 46.64 -21.23 -24.67
N VAL B 1037 47.68 -20.71 -23.97
CA VAL B 1037 48.31 -21.39 -22.86
C VAL B 1037 47.28 -21.47 -21.77
N GLN B 1038 47.19 -22.63 -21.08
CA GLN B 1038 46.22 -22.84 -20.01
C GLN B 1038 46.98 -22.80 -18.68
N LEU B 1039 46.36 -22.20 -17.66
CA LEU B 1039 46.97 -22.08 -16.34
C LEU B 1039 46.06 -22.65 -15.26
N VAL B 1040 46.70 -23.12 -14.15
CA VAL B 1040 46.03 -23.67 -12.98
C VAL B 1040 46.62 -23.00 -11.74
N LEU B 1041 45.75 -22.46 -10.89
CA LEU B 1041 46.14 -21.83 -9.62
C LEU B 1041 45.90 -22.88 -8.55
N GLU B 1042 46.79 -22.99 -7.56
CA GLU B 1042 46.66 -24.00 -6.51
C GLU B 1042 47.08 -23.52 -5.12
N THR B 1043 46.71 -24.32 -4.11
CA THR B 1043 47.00 -24.10 -2.69
C THR B 1043 47.41 -25.47 -2.08
N GLU B 1044 48.04 -25.50 -0.89
CA GLU B 1044 48.45 -26.77 -0.27
C GLU B 1044 47.23 -27.65 -0.01
N ASN B 1045 46.08 -27.04 0.36
CA ASN B 1045 44.81 -27.74 0.58
C ASN B 1045 44.29 -28.39 -0.68
N ASN B 1046 44.24 -27.62 -1.78
CA ASN B 1046 43.74 -28.16 -3.04
C ASN B 1046 44.64 -27.80 -4.19
N PRO B 1047 44.90 -28.77 -5.08
CA PRO B 1047 45.76 -28.50 -6.25
C PRO B 1047 45.04 -27.89 -7.46
N HIS B 1048 43.78 -27.45 -7.29
CA HIS B 1048 43.01 -26.87 -8.37
C HIS B 1048 42.04 -25.80 -7.84
N PHE B 1049 42.61 -24.65 -7.47
CA PHE B 1049 41.82 -23.52 -6.99
C PHE B 1049 41.07 -22.96 -8.15
N ALA B 1050 41.77 -22.63 -9.23
CA ALA B 1050 41.17 -22.03 -10.40
C ALA B 1050 41.95 -22.34 -11.65
N ASP B 1051 41.38 -21.98 -12.81
CA ASP B 1051 41.98 -22.16 -14.13
C ASP B 1051 41.51 -21.07 -15.10
N THR B 1052 42.43 -20.63 -15.97
CA THR B 1052 42.15 -19.62 -17.01
C THR B 1052 43.08 -19.88 -18.18
N ILE B 1053 42.87 -19.18 -19.30
CA ILE B 1053 43.72 -19.32 -20.47
C ILE B 1053 44.34 -17.98 -20.77
N ILE B 1054 45.55 -18.02 -21.33
CA ILE B 1054 46.32 -16.84 -21.69
C ILE B 1054 45.74 -16.24 -22.99
N MET B 1055 45.45 -14.94 -22.93
CA MET B 1055 44.90 -14.21 -24.05
C MET B 1055 46.06 -13.69 -24.91
N ALA B 1056 45.75 -13.33 -26.15
CA ALA B 1056 46.73 -12.76 -27.06
C ALA B 1056 47.08 -11.32 -26.67
N ASN B 1057 46.10 -10.57 -26.14
CA ASN B 1057 46.28 -9.17 -25.82
C ASN B 1057 47.00 -9.03 -24.49
N LEU B 1058 48.29 -8.64 -24.53
CA LEU B 1058 49.19 -8.47 -23.39
C LEU B 1058 49.47 -9.76 -22.61
N GLY B 1059 49.23 -10.94 -23.20
CA GLY B 1059 49.39 -12.19 -22.49
C GLY B 1059 48.59 -12.15 -21.21
N TYR B 1060 47.39 -11.56 -21.29
CA TYR B 1060 46.54 -11.32 -20.12
C TYR B 1060 45.87 -12.56 -19.59
N PHE B 1061 45.72 -12.59 -18.28
CA PHE B 1061 45.02 -13.66 -17.59
C PHE B 1061 44.55 -13.15 -16.20
N GLN B 1062 43.48 -13.76 -15.62
CA GLN B 1062 42.95 -13.40 -14.29
C GLN B 1062 42.66 -14.59 -13.45
N PHE B 1063 42.66 -14.42 -12.11
CA PHE B 1063 42.14 -15.40 -11.15
C PHE B 1063 41.36 -14.62 -10.08
N LYS B 1064 40.28 -15.21 -9.55
CA LYS B 1064 39.45 -14.60 -8.52
C LYS B 1064 39.88 -15.23 -7.21
N ALA B 1065 40.45 -14.47 -6.25
CA ALA B 1065 40.94 -15.05 -5.00
C ALA B 1065 40.85 -14.10 -3.82
N ASN B 1066 41.21 -14.57 -2.63
CA ASN B 1066 41.20 -13.75 -1.43
C ASN B 1066 42.59 -13.87 -0.75
N PRO B 1067 42.87 -13.20 0.40
CA PRO B 1067 44.25 -13.26 0.93
C PRO B 1067 44.78 -14.65 1.24
N GLY B 1068 46.04 -14.91 0.84
CA GLY B 1068 46.68 -16.19 1.08
C GLY B 1068 47.85 -16.51 0.18
N VAL B 1069 48.53 -17.65 0.46
CA VAL B 1069 49.68 -18.17 -0.30
C VAL B 1069 49.23 -19.21 -1.37
N TYR B 1070 49.53 -18.92 -2.65
CA TYR B 1070 49.16 -19.73 -3.80
C TYR B 1070 50.39 -20.08 -4.66
N ASN B 1071 50.14 -20.85 -5.73
CA ASN B 1071 51.14 -21.25 -6.72
C ASN B 1071 50.48 -21.41 -8.11
N ILE B 1072 51.20 -21.11 -9.19
CA ILE B 1072 50.67 -21.25 -10.55
C ILE B 1072 51.41 -22.35 -11.33
N ARG B 1073 50.68 -23.36 -11.79
CA ARG B 1073 51.27 -24.44 -12.58
C ARG B 1073 50.62 -24.41 -13.97
N LEU B 1074 51.39 -24.69 -15.03
CA LEU B 1074 50.86 -24.81 -16.39
C LEU B 1074 49.97 -26.03 -16.41
N LYS B 1075 48.80 -25.95 -17.04
CA LYS B 1075 47.89 -27.08 -17.06
C LYS B 1075 48.50 -28.25 -17.78
N GLU B 1076 48.33 -29.42 -17.20
CA GLU B 1076 48.78 -30.71 -17.71
C GLU B 1076 48.19 -30.90 -19.12
N GLY B 1077 49.05 -31.22 -20.06
CA GLY B 1077 48.63 -31.44 -21.44
C GLY B 1077 49.60 -30.82 -22.40
N ARG B 1078 49.07 -30.15 -23.42
CA ARG B 1078 49.88 -29.55 -24.45
C ARG B 1078 50.69 -28.35 -23.95
N SER B 1079 50.12 -27.60 -23.01
CA SER B 1079 50.80 -26.44 -22.43
C SER B 1079 52.12 -26.82 -21.73
N SER B 1080 52.11 -27.87 -20.88
CA SER B 1080 53.32 -28.31 -20.19
C SER B 1080 54.28 -29.00 -21.16
N GLU B 1081 53.74 -29.63 -22.23
CA GLU B 1081 54.53 -30.30 -23.28
C GLU B 1081 55.43 -29.29 -24.02
N ILE B 1082 54.87 -28.13 -24.44
CA ILE B 1082 55.64 -27.11 -25.19
C ILE B 1082 56.49 -26.21 -24.30
N PHE B 1083 55.96 -25.76 -23.15
CA PHE B 1083 56.65 -24.78 -22.33
C PHE B 1083 57.06 -25.19 -20.96
N THR B 1084 57.98 -24.33 -20.46
CA THR B 1084 58.63 -24.31 -19.16
C THR B 1084 58.46 -22.89 -18.60
N LEU B 1085 57.63 -22.65 -17.52
CA LEU B 1085 57.55 -21.27 -17.04
C LEU B 1085 58.61 -21.08 -16.03
N GLU B 1086 59.62 -20.27 -16.41
CA GLU B 1086 60.76 -19.96 -15.57
C GLU B 1086 60.32 -19.17 -14.36
N SER B 1087 59.30 -18.29 -14.53
CA SER B 1087 58.85 -17.45 -13.44
C SER B 1087 57.48 -16.83 -13.62
N VAL B 1088 56.94 -16.39 -12.49
CA VAL B 1088 55.74 -15.57 -12.35
C VAL B 1088 56.39 -14.26 -11.95
N GLY B 1089 56.14 -13.20 -12.68
CA GLY B 1089 56.87 -11.96 -12.46
C GLY B 1089 56.32 -11.16 -11.32
N ALA B 1090 56.44 -11.70 -10.12
CA ALA B 1090 55.91 -11.05 -8.94
C ALA B 1090 56.76 -9.90 -8.45
N LYS B 1091 58.02 -9.84 -8.90
CA LYS B 1091 58.97 -8.81 -8.48
C LYS B 1091 58.90 -7.59 -9.37
N GLY B 1092 58.45 -7.80 -10.59
CA GLY B 1092 58.31 -6.75 -11.59
C GLY B 1092 58.46 -7.36 -12.97
N TRP B 1093 58.61 -6.49 -13.94
CA TRP B 1093 58.81 -6.89 -15.32
C TRP B 1093 60.07 -7.73 -15.36
N GLY B 1094 61.15 -7.16 -14.84
CA GLY B 1094 62.44 -7.81 -14.71
C GLY B 1094 63.01 -8.45 -15.97
N PRO B 1095 63.75 -9.56 -15.88
CA PRO B 1095 64.03 -10.39 -14.68
C PRO B 1095 64.86 -9.79 -13.56
N ILE B 1096 64.27 -9.82 -12.39
CA ILE B 1096 64.89 -9.36 -11.20
C ILE B 1096 65.46 -10.64 -10.63
N PRO B 1097 66.67 -10.65 -10.12
CA PRO B 1097 67.16 -11.87 -9.50
C PRO B 1097 66.33 -12.25 -8.29
N GLY B 1098 66.19 -13.55 -8.05
CA GLY B 1098 65.43 -14.11 -6.94
C GLY B 1098 63.97 -14.31 -7.23
N ASP B 1099 63.56 -14.03 -8.47
CA ASP B 1099 62.19 -14.17 -8.91
C ASP B 1099 61.98 -15.46 -9.70
N ASP B 1100 62.99 -16.37 -9.76
CA ASP B 1100 62.93 -17.66 -10.49
C ASP B 1100 61.98 -18.64 -9.75
N ASN B 1101 60.73 -18.21 -9.65
CA ASN B 1101 59.73 -18.83 -8.83
C ASN B 1101 58.38 -18.78 -9.43
N THR B 1102 57.48 -19.53 -8.84
CA THR B 1102 56.13 -19.59 -9.32
C THR B 1102 55.15 -19.39 -8.17
N GLU B 1103 55.56 -18.62 -7.16
CA GLU B 1103 54.74 -18.40 -5.98
C GLU B 1103 54.10 -17.04 -6.02
N VAL B 1104 52.77 -16.99 -5.76
CA VAL B 1104 51.99 -15.75 -5.68
C VAL B 1104 51.30 -15.69 -4.34
N VAL B 1105 51.27 -14.49 -3.76
CA VAL B 1105 50.66 -14.26 -2.46
C VAL B 1105 49.87 -12.98 -2.56
N LEU B 1106 48.64 -12.90 -2.03
CA LEU B 1106 47.98 -11.59 -2.03
C LEU B 1106 47.66 -11.20 -0.59
N MET B 1107 48.16 -10.02 -0.21
CA MET B 1107 48.10 -9.47 1.13
C MET B 1107 47.78 -7.96 1.03
N ASP B 1108 47.01 -7.58 0.00
CA ASP B 1108 46.65 -6.18 -0.22
C ASP B 1108 45.36 -6.03 -0.96
N PHE B 1109 44.77 -4.84 -0.84
CA PHE B 1109 43.54 -4.44 -1.53
C PHE B 1109 43.78 -4.01 -2.99
N GLN B 1110 45.04 -4.05 -3.42
CA GLN B 1110 45.45 -3.76 -4.77
C GLN B 1110 45.67 -5.09 -5.53
N GLY B 1111 45.44 -6.22 -4.84
CA GLY B 1111 45.59 -7.55 -5.42
C GLY B 1111 47.04 -7.89 -5.67
N THR B 1112 47.29 -8.61 -6.77
CA THR B 1112 48.63 -8.99 -7.17
C THR B 1112 48.78 -8.86 -8.68
N THR B 1113 49.77 -8.08 -9.13
CA THR B 1113 50.05 -7.89 -10.53
C THR B 1113 51.34 -8.63 -10.85
N LEU B 1114 51.27 -9.50 -11.87
CA LEU B 1114 52.36 -10.41 -12.25
C LEU B 1114 52.82 -10.21 -13.70
N TYR B 1115 54.08 -10.55 -14.01
CA TYR B 1115 54.67 -10.52 -15.36
C TYR B 1115 55.39 -11.82 -15.63
N PRO B 1116 54.64 -12.94 -15.72
CA PRO B 1116 55.28 -14.26 -15.91
C PRO B 1116 56.06 -14.40 -17.19
N ARG B 1117 56.96 -15.38 -17.21
CA ARG B 1117 57.81 -15.64 -18.34
C ARG B 1117 57.80 -17.08 -18.65
N LEU B 1118 57.82 -17.36 -19.93
CA LEU B 1118 57.70 -18.67 -20.49
C LEU B 1118 58.84 -18.95 -21.44
N ARG B 1119 59.37 -20.15 -21.35
CA ARG B 1119 60.47 -20.54 -22.19
C ARG B 1119 60.01 -21.76 -22.98
N ARG B 1120 60.28 -21.77 -24.32
CA ARG B 1120 59.94 -22.95 -25.13
C ARG B 1120 60.90 -24.09 -24.87
N LYS B 1121 60.37 -25.31 -24.88
CA LYS B 1121 61.17 -26.51 -24.69
C LYS B 1121 61.93 -26.85 -25.97
N PRO B 1122 62.99 -27.69 -25.87
CA PRO B 1122 63.84 -28.03 -27.02
C PRO B 1122 63.20 -28.03 -28.40
N GLY B 1123 63.67 -27.08 -29.21
CA GLY B 1123 63.27 -26.88 -30.60
C GLY B 1123 61.80 -27.02 -30.92
N MET B 1124 60.98 -26.09 -30.43
CA MET B 1124 59.56 -26.15 -30.72
C MET B 1124 59.06 -24.91 -31.41
N GLU B 1125 58.26 -25.14 -32.45
CA GLU B 1125 57.56 -24.15 -33.27
C GLU B 1125 56.07 -24.48 -33.19
N GLU B 1126 55.72 -25.30 -32.21
CA GLU B 1126 54.43 -25.89 -32.03
C GLU B 1126 53.47 -24.85 -31.48
N GLU B 1127 52.17 -25.09 -31.59
CA GLU B 1127 51.15 -24.18 -31.08
C GLU B 1127 50.17 -24.99 -30.24
N ASP B 1128 49.75 -24.45 -29.10
CA ASP B 1128 48.84 -25.13 -28.17
C ASP B 1128 47.50 -25.44 -28.78
N VAL B 1129 46.91 -24.42 -29.35
CA VAL B 1129 45.65 -24.42 -30.07
C VAL B 1129 45.57 -25.65 -31.02
N LEU B 1130 46.68 -26.07 -31.65
CA LEU B 1130 46.66 -27.24 -32.53
C LEU B 1130 47.28 -28.47 -31.85
N GLU B 1131 46.44 -29.47 -31.70
CA GLU B 1131 46.68 -30.86 -31.31
C GLU B 1131 47.91 -31.52 -32.03
N PRO B 1132 48.55 -32.59 -31.49
CA PRO B 1132 49.67 -33.23 -32.22
C PRO B 1132 49.22 -34.06 -33.42
N GLU B 1167 40.80 -37.00 -25.57
CA GLU B 1167 39.78 -37.79 -26.26
C GLU B 1167 38.49 -37.99 -25.40
N ALA B 1168 38.66 -38.33 -24.09
CA ALA B 1168 37.56 -38.48 -23.12
C ALA B 1168 37.25 -37.08 -22.59
N THR B 1169 36.89 -36.20 -23.52
CA THR B 1169 36.68 -34.76 -23.32
C THR B 1169 35.23 -34.39 -23.01
N LYS B 1170 34.26 -35.18 -23.53
CA LYS B 1170 32.82 -34.95 -23.34
C LYS B 1170 32.36 -35.58 -22.02
N SER B 1171 32.46 -36.93 -21.89
CA SER B 1171 32.10 -37.73 -20.71
C SER B 1171 32.39 -37.05 -19.37
N VAL B 1172 33.62 -36.54 -19.26
CA VAL B 1172 34.15 -35.89 -18.06
C VAL B 1172 33.36 -34.63 -17.71
N SER B 1173 33.06 -33.72 -18.68
CA SER B 1173 32.25 -32.52 -18.40
C SER B 1173 30.86 -32.91 -17.91
N LYS B 1174 30.25 -33.91 -18.56
CA LYS B 1174 28.93 -34.38 -18.21
C LYS B 1174 28.91 -34.93 -16.80
N THR B 1175 29.91 -35.76 -16.47
CA THR B 1175 30.07 -36.35 -15.16
C THR B 1175 30.24 -35.26 -14.08
N GLU B 1176 31.12 -34.30 -14.33
CA GLU B 1176 31.40 -33.19 -13.41
C GLU B 1176 30.26 -32.24 -13.25
N HIS B 1177 29.62 -31.89 -14.38
CA HIS B 1177 28.58 -30.89 -14.45
C HIS B 1177 27.20 -31.50 -14.68
N ALA B 1178 26.78 -31.73 -15.95
CA ALA B 1178 25.46 -32.30 -16.23
C ALA B 1178 25.33 -32.72 -17.68
N GLU B 1179 24.22 -33.41 -18.00
CA GLU B 1179 23.94 -33.84 -19.37
C GLU B 1179 23.83 -32.61 -20.24
N ILE B 1180 23.10 -31.61 -19.74
CA ILE B 1180 22.88 -30.35 -20.43
C ILE B 1180 23.45 -29.19 -19.61
N ASN B 1181 24.11 -28.25 -20.28
CA ASN B 1181 24.66 -27.08 -19.62
C ASN B 1181 24.06 -25.88 -20.31
N ILE B 1182 23.16 -25.16 -19.62
CA ILE B 1182 22.49 -23.96 -20.13
C ILE B 1182 22.94 -22.75 -19.33
N PHE B 1183 23.18 -21.59 -20.00
CA PHE B 1183 23.56 -20.36 -19.31
C PHE B 1183 22.70 -19.21 -19.72
N SER B 1184 22.53 -18.23 -18.83
CA SER B 1184 21.69 -17.09 -19.09
C SER B 1184 22.02 -15.91 -18.18
N VAL B 1185 21.31 -14.79 -18.40
CA VAL B 1185 21.47 -13.57 -17.63
C VAL B 1185 20.16 -12.73 -17.68
N ALA B 1186 19.89 -12.03 -16.55
CA ALA B 1186 18.70 -11.19 -16.36
C ALA B 1186 19.07 -9.91 -15.58
N SER B 1187 18.45 -8.75 -15.96
CA SER B 1187 18.74 -7.43 -15.36
C SER B 1187 17.48 -6.65 -14.89
N GLY B 1188 16.63 -7.34 -14.16
CA GLY B 1188 15.42 -6.75 -13.62
C GLY B 1188 14.58 -7.81 -12.95
N HIS B 1189 13.70 -7.41 -12.05
CA HIS B 1189 12.83 -8.35 -11.33
C HIS B 1189 11.93 -9.12 -12.28
N LEU B 1190 11.51 -8.49 -13.40
CA LEU B 1190 10.68 -9.15 -14.40
C LEU B 1190 11.51 -10.17 -15.14
N TYR B 1191 12.65 -9.77 -15.68
CA TYR B 1191 13.52 -10.69 -16.41
C TYR B 1191 13.99 -11.87 -15.56
N GLU B 1192 14.10 -11.68 -14.24
CA GLU B 1192 14.46 -12.75 -13.29
C GLU B 1192 13.26 -13.66 -13.07
N ARG B 1193 12.06 -13.07 -13.03
CA ARG B 1193 10.79 -13.79 -12.90
C ARG B 1193 10.55 -14.64 -14.17
N MET B 1194 10.89 -14.10 -15.35
CA MET B 1194 10.75 -14.80 -16.64
C MET B 1194 11.75 -15.94 -16.75
N LEU B 1195 12.91 -15.79 -16.08
CA LEU B 1195 13.96 -16.80 -16.05
C LEU B 1195 13.50 -18.09 -15.29
N ASN B 1196 12.75 -17.95 -14.20
CA ASN B 1196 12.23 -19.11 -13.49
C ASN B 1196 11.08 -19.75 -14.29
N ILE B 1197 10.50 -18.98 -15.25
CA ILE B 1197 9.48 -19.43 -16.20
C ILE B 1197 10.15 -20.28 -17.30
N MET B 1198 11.30 -19.80 -17.78
CA MET B 1198 12.07 -20.49 -18.80
C MET B 1198 12.68 -21.73 -18.17
N MET B 1199 13.40 -21.57 -17.03
CA MET B 1199 14.06 -22.67 -16.31
C MET B 1199 13.13 -23.84 -16.08
N ALA B 1200 11.88 -23.56 -15.60
CA ALA B 1200 10.86 -24.59 -15.32
C ALA B 1200 10.44 -25.34 -16.60
N SER B 1201 10.11 -24.57 -17.68
CA SER B 1201 9.72 -25.14 -18.99
C SER B 1201 10.75 -26.11 -19.55
N VAL B 1202 12.05 -25.87 -19.28
CA VAL B 1202 13.16 -26.75 -19.68
C VAL B 1202 12.93 -28.06 -18.96
N MET B 1203 13.02 -28.00 -17.60
CA MET B 1203 12.91 -29.14 -16.68
C MET B 1203 11.72 -29.97 -17.02
N HIS B 1204 10.56 -29.30 -17.13
CA HIS B 1204 9.30 -29.93 -17.47
C HIS B 1204 9.42 -30.81 -18.74
N HIS B 1205 10.01 -30.25 -19.79
CA HIS B 1205 10.13 -30.92 -21.06
C HIS B 1205 11.51 -31.61 -21.26
N THR B 1206 12.07 -32.25 -20.21
CA THR B 1206 13.32 -32.98 -20.35
C THR B 1206 13.60 -33.92 -19.16
N ASN B 1207 13.94 -35.20 -19.45
CA ASN B 1207 14.29 -36.20 -18.43
C ASN B 1207 15.75 -36.11 -18.04
N HIS B 1208 16.54 -35.45 -18.85
CA HIS B 1208 17.96 -35.45 -18.72
C HIS B 1208 18.43 -34.58 -17.53
N THR B 1209 19.71 -34.79 -17.11
CA THR B 1209 20.34 -34.00 -16.05
C THR B 1209 20.78 -32.66 -16.62
N VAL B 1210 20.39 -31.57 -15.95
CA VAL B 1210 20.64 -30.21 -16.39
C VAL B 1210 21.42 -29.43 -15.33
N LYS B 1211 22.37 -28.60 -15.78
CA LYS B 1211 23.10 -27.68 -14.94
C LYS B 1211 22.88 -26.30 -15.52
N PHE B 1212 22.54 -25.33 -14.65
CA PHE B 1212 22.30 -23.96 -15.06
C PHE B 1212 23.44 -23.05 -14.63
N TRP B 1213 23.88 -22.17 -15.55
CA TRP B 1213 24.98 -21.23 -15.31
C TRP B 1213 24.48 -19.79 -15.40
N PHE B 1214 24.90 -18.94 -14.46
CA PHE B 1214 24.44 -17.55 -14.46
C PHE B 1214 25.57 -16.58 -14.31
N ILE B 1215 25.37 -15.38 -14.86
CA ILE B 1215 26.35 -14.31 -14.72
C ILE B 1215 25.99 -13.62 -13.41
N GLU B 1216 26.71 -14.03 -12.36
CA GLU B 1216 26.63 -13.66 -10.95
C GLU B 1216 26.26 -12.20 -10.59
N GLN B 1217 27.01 -11.22 -11.08
CA GLN B 1217 26.84 -9.83 -10.66
C GLN B 1217 25.60 -9.08 -11.19
N PHE B 1218 24.93 -9.55 -12.27
CA PHE B 1218 23.74 -8.86 -12.81
C PHE B 1218 22.44 -9.29 -12.17
N LEU B 1219 22.50 -10.23 -11.22
CA LEU B 1219 21.33 -10.78 -10.55
C LEU B 1219 21.07 -10.12 -9.20
N SER B 1220 19.79 -10.08 -8.81
CA SER B 1220 19.37 -9.48 -7.55
C SER B 1220 19.59 -10.48 -6.39
N PRO B 1221 19.77 -10.01 -5.14
CA PRO B 1221 19.92 -10.96 -4.02
C PRO B 1221 18.66 -11.78 -3.78
N SER B 1222 17.50 -11.19 -4.09
CA SER B 1222 16.20 -11.84 -3.98
C SER B 1222 16.18 -13.10 -4.87
N PHE B 1223 16.70 -12.98 -6.10
CA PHE B 1223 16.83 -14.10 -7.04
C PHE B 1223 17.89 -15.07 -6.52
N LYS B 1224 19.05 -14.54 -6.13
CA LYS B 1224 20.19 -15.32 -5.62
C LYS B 1224 19.82 -16.19 -4.45
N ASP B 1225 19.04 -15.62 -3.52
CA ASP B 1225 18.60 -16.32 -2.32
C ASP B 1225 17.52 -17.36 -2.66
N PHE B 1226 16.83 -17.21 -3.81
CA PHE B 1226 15.76 -18.12 -4.17
C PHE B 1226 16.18 -19.43 -4.85
N ILE B 1227 17.15 -19.40 -5.78
CA ILE B 1227 17.53 -20.59 -6.56
C ILE B 1227 17.79 -21.91 -5.78
N PRO B 1228 18.43 -22.00 -4.58
CA PRO B 1228 18.55 -23.34 -3.95
C PRO B 1228 17.20 -24.04 -3.79
N HIS B 1229 16.14 -23.25 -3.55
CA HIS B 1229 14.77 -23.73 -3.42
C HIS B 1229 14.22 -24.21 -4.80
N MET B 1230 14.61 -23.54 -5.90
CA MET B 1230 14.25 -23.98 -7.26
C MET B 1230 15.01 -25.28 -7.57
N ALA B 1231 16.31 -25.35 -7.18
CA ALA B 1231 17.17 -26.52 -7.38
C ALA B 1231 16.69 -27.75 -6.63
N ALA B 1232 16.11 -27.55 -5.44
CA ALA B 1232 15.56 -28.65 -4.65
C ALA B 1232 14.30 -29.22 -5.32
N GLU B 1233 13.41 -28.32 -5.77
CA GLU B 1233 12.13 -28.67 -6.41
C GLU B 1233 12.27 -29.30 -7.78
N TYR B 1234 13.05 -28.66 -8.65
CA TYR B 1234 13.19 -29.12 -10.02
C TYR B 1234 14.34 -30.13 -10.24
N GLY B 1235 15.22 -30.29 -9.25
CA GLY B 1235 16.31 -31.28 -9.30
C GLY B 1235 17.39 -31.02 -10.33
N PHE B 1236 17.98 -29.82 -10.29
CA PHE B 1236 19.09 -29.42 -11.18
C PHE B 1236 20.26 -28.91 -10.33
N LYS B 1237 21.43 -28.70 -10.97
CA LYS B 1237 22.61 -28.13 -10.32
C LYS B 1237 22.82 -26.76 -10.93
N TYR B 1238 23.37 -25.82 -10.17
CA TYR B 1238 23.62 -24.49 -10.69
C TYR B 1238 24.97 -23.98 -10.26
N GLU B 1239 25.52 -23.05 -11.02
CA GLU B 1239 26.79 -22.45 -10.65
C GLU B 1239 26.85 -21.03 -11.13
N MET B 1240 27.36 -20.14 -10.25
CA MET B 1240 27.51 -18.72 -10.51
C MET B 1240 28.90 -18.47 -11.08
N VAL B 1241 28.96 -17.77 -12.23
CA VAL B 1241 30.22 -17.45 -12.90
C VAL B 1241 30.29 -15.96 -13.15
N THR B 1242 31.53 -15.47 -13.30
CA THR B 1242 31.84 -14.07 -13.64
C THR B 1242 33.32 -13.94 -14.06
N TYR B 1243 33.64 -12.79 -14.68
CA TYR B 1243 34.98 -12.42 -15.15
C TYR B 1243 35.02 -10.91 -15.10
N LYS B 1244 36.11 -10.29 -14.62
CA LYS B 1244 36.12 -8.84 -14.57
C LYS B 1244 36.56 -8.29 -15.91
N TRP B 1245 35.82 -7.29 -16.42
CA TRP B 1245 36.11 -6.65 -17.70
C TRP B 1245 37.56 -6.13 -17.70
N PRO B 1246 38.45 -6.70 -18.56
CA PRO B 1246 39.85 -6.26 -18.56
C PRO B 1246 40.08 -4.77 -18.70
N HIS B 1247 41.14 -4.28 -18.09
CA HIS B 1247 41.47 -2.86 -18.13
C HIS B 1247 41.71 -2.37 -19.58
N TRP B 1248 42.42 -3.17 -20.39
CA TRP B 1248 42.76 -2.85 -21.80
C TRP B 1248 41.55 -2.87 -22.75
N LEU B 1249 40.59 -3.77 -22.49
CA LEU B 1249 39.38 -3.93 -23.30
C LEU B 1249 38.48 -2.74 -23.09
N ARG B 1250 37.82 -2.29 -24.16
CA ARG B 1250 36.96 -1.12 -24.16
C ARG B 1250 35.64 -1.36 -23.43
N GLN B 1251 35.37 -0.51 -22.43
CA GLN B 1251 34.19 -0.62 -21.58
C GLN B 1251 32.90 -0.22 -22.31
N GLN B 1252 31.77 -0.43 -21.62
CA GLN B 1252 30.43 -0.03 -22.07
C GLN B 1252 29.79 0.84 -21.00
N LYS B 1253 29.51 2.14 -21.31
CA LYS B 1253 28.90 3.04 -20.31
C LYS B 1253 27.51 2.55 -19.92
N GLU B 1254 26.77 2.05 -20.91
CA GLU B 1254 25.42 1.57 -20.68
C GLU B 1254 25.38 0.08 -20.34
N LYS B 1255 24.85 -0.23 -19.15
CA LYS B 1255 24.75 -1.58 -18.61
C LYS B 1255 24.13 -2.63 -19.53
N GLN B 1256 23.09 -2.27 -20.30
CA GLN B 1256 22.46 -3.21 -21.23
C GLN B 1256 23.49 -3.73 -22.24
N ARG B 1257 24.39 -2.84 -22.66
CA ARG B 1257 25.45 -3.16 -23.63
C ARG B 1257 26.51 -4.03 -22.95
N GLU B 1258 26.81 -3.77 -21.64
CA GLU B 1258 27.76 -4.59 -20.85
C GLU B 1258 27.33 -6.04 -20.91
N ILE B 1259 26.05 -6.28 -20.55
CA ILE B 1259 25.42 -7.59 -20.47
C ILE B 1259 25.58 -8.35 -21.79
N TRP B 1260 25.29 -7.68 -22.93
CA TRP B 1260 25.44 -8.27 -24.25
C TRP B 1260 26.88 -8.71 -24.49
N GLY B 1261 27.84 -7.89 -24.03
CA GLY B 1261 29.28 -8.18 -24.13
C GLY B 1261 29.72 -9.41 -23.37
N TYR B 1262 29.12 -9.62 -22.22
CA TYR B 1262 29.41 -10.78 -21.40
C TYR B 1262 29.00 -12.10 -22.05
N LYS B 1263 27.97 -12.05 -22.94
CA LYS B 1263 27.45 -13.24 -23.60
C LYS B 1263 28.33 -13.67 -24.75
N ILE B 1264 29.08 -12.74 -25.37
CA ILE B 1264 29.86 -13.03 -26.57
C ILE B 1264 31.41 -12.90 -26.39
N LEU B 1265 31.89 -11.88 -25.64
CA LEU B 1265 33.33 -11.65 -25.52
C LEU B 1265 34.15 -12.64 -24.69
N PHE B 1266 33.60 -13.15 -23.55
CA PHE B 1266 34.35 -13.99 -22.61
C PHE B 1266 33.93 -15.45 -22.55
N LEU B 1267 33.38 -16.00 -23.63
CA LEU B 1267 32.93 -17.39 -23.62
C LEU B 1267 34.00 -18.45 -23.30
N ASP B 1268 35.21 -18.25 -23.79
CA ASP B 1268 36.33 -19.18 -23.55
C ASP B 1268 36.91 -19.14 -22.13
N VAL B 1269 36.80 -17.99 -21.47
CA VAL B 1269 37.38 -17.76 -20.14
C VAL B 1269 36.37 -17.73 -18.97
N LEU B 1270 35.08 -17.51 -19.26
CA LEU B 1270 34.04 -17.43 -18.23
C LEU B 1270 33.72 -18.77 -17.61
N PHE B 1271 33.83 -19.86 -18.39
CA PHE B 1271 33.52 -21.21 -17.91
C PHE B 1271 34.79 -22.04 -17.66
N PRO B 1272 34.79 -22.94 -16.64
CA PRO B 1272 35.99 -23.77 -16.39
C PRO B 1272 36.38 -24.64 -17.57
N LEU B 1273 37.69 -24.90 -17.71
CA LEU B 1273 38.23 -25.69 -18.82
C LEU B 1273 37.59 -27.09 -18.93
N SER B 1274 37.18 -27.67 -17.77
CA SER B 1274 36.54 -29.00 -17.72
C SER B 1274 35.22 -29.10 -18.52
N LEU B 1275 34.58 -27.95 -18.83
CA LEU B 1275 33.32 -27.91 -19.57
C LEU B 1275 33.48 -28.03 -21.06
N ASP B 1276 32.83 -29.04 -21.65
CA ASP B 1276 32.91 -29.33 -23.08
C ASP B 1276 32.09 -28.35 -23.90
N LYS B 1277 30.84 -28.11 -23.51
CA LYS B 1277 29.92 -27.27 -24.28
C LYS B 1277 28.88 -26.63 -23.41
N VAL B 1278 28.29 -25.51 -23.89
CA VAL B 1278 27.24 -24.76 -23.19
C VAL B 1278 26.21 -24.26 -24.20
N ILE B 1279 25.00 -23.94 -23.71
CA ILE B 1279 23.91 -23.41 -24.52
C ILE B 1279 23.34 -22.14 -23.87
N PHE B 1280 23.18 -21.07 -24.66
CA PHE B 1280 22.56 -19.84 -24.14
C PHE B 1280 21.09 -19.84 -24.48
N VAL B 1281 20.25 -19.51 -23.50
CA VAL B 1281 18.80 -19.37 -23.67
C VAL B 1281 18.44 -18.03 -23.04
N ASP B 1282 17.73 -17.17 -23.78
CA ASP B 1282 17.37 -15.84 -23.27
C ASP B 1282 16.34 -15.96 -22.15
N ALA B 1283 16.37 -15.01 -21.20
CA ALA B 1283 15.46 -14.99 -20.04
C ALA B 1283 13.96 -15.05 -20.40
N ASP B 1284 13.54 -14.27 -21.41
CA ASP B 1284 12.14 -14.20 -21.88
C ASP B 1284 11.64 -15.49 -22.58
N GLN B 1285 12.54 -16.41 -22.95
CA GLN B 1285 12.19 -17.63 -23.65
C GLN B 1285 11.40 -18.66 -22.85
N ILE B 1286 10.68 -19.51 -23.64
CA ILE B 1286 9.84 -20.66 -23.27
C ILE B 1286 10.40 -21.85 -24.03
N VAL B 1287 10.33 -23.04 -23.45
CA VAL B 1287 10.88 -24.22 -24.07
C VAL B 1287 9.88 -25.36 -23.97
N ARG B 1288 9.60 -26.04 -25.09
CA ARG B 1288 8.74 -27.21 -25.17
C ARG B 1288 9.56 -28.49 -25.59
N THR B 1289 10.92 -28.33 -25.75
CA THR B 1289 11.92 -29.29 -26.23
C THR B 1289 12.76 -30.04 -25.16
N ASP B 1290 13.17 -31.29 -25.50
CA ASP B 1290 14.09 -32.16 -24.75
C ASP B 1290 15.43 -31.56 -25.17
N MET B 1291 15.96 -30.63 -24.36
CA MET B 1291 17.11 -29.84 -24.77
C MET B 1291 18.38 -30.60 -25.16
N TYR B 1292 18.51 -31.88 -24.82
CA TYR B 1292 19.69 -32.66 -25.21
C TYR B 1292 19.89 -32.52 -26.70
N ASP B 1293 18.84 -32.78 -27.47
CA ASP B 1293 18.84 -32.70 -28.93
C ASP B 1293 19.79 -31.65 -29.47
N LEU B 1294 19.81 -30.45 -28.86
CA LEU B 1294 20.70 -29.36 -29.26
C LEU B 1294 22.21 -29.68 -29.06
N VAL B 1295 22.52 -30.43 -28.01
CA VAL B 1295 23.88 -30.90 -27.73
C VAL B 1295 24.31 -31.83 -28.86
N GLU B 1296 23.51 -32.88 -29.12
CA GLU B 1296 23.80 -33.86 -30.16
C GLU B 1296 23.88 -33.29 -31.56
N HIS B 1297 23.22 -32.14 -31.81
CA HIS B 1297 23.20 -31.51 -33.13
C HIS B 1297 24.60 -31.35 -33.70
N PRO B 1298 24.83 -31.89 -34.92
CA PRO B 1298 26.17 -31.79 -35.51
C PRO B 1298 26.47 -30.37 -35.94
N LEU B 1299 27.61 -29.84 -35.51
CA LEU B 1299 28.03 -28.49 -35.83
C LEU B 1299 29.04 -28.50 -36.98
N ASP B 1300 29.44 -29.70 -37.47
CA ASP B 1300 30.39 -29.90 -38.56
C ASP B 1300 31.66 -29.05 -38.41
N GLY B 1301 32.37 -29.28 -37.32
CA GLY B 1301 33.61 -28.58 -37.03
C GLY B 1301 33.50 -27.09 -36.81
N ALA B 1302 32.31 -26.55 -36.47
CA ALA B 1302 32.13 -25.10 -36.23
C ALA B 1302 32.16 -24.86 -34.72
N PRO B 1303 32.70 -23.70 -34.25
CA PRO B 1303 32.76 -23.44 -32.81
C PRO B 1303 31.41 -23.21 -32.14
N TYR B 1304 30.47 -22.60 -32.86
CA TYR B 1304 29.17 -22.28 -32.30
C TYR B 1304 28.05 -22.31 -33.35
N GLY B 1305 26.83 -22.56 -32.89
CA GLY B 1305 25.65 -22.65 -33.75
C GLY B 1305 24.52 -21.72 -33.36
N PHE B 1306 23.94 -21.05 -34.34
CA PHE B 1306 22.83 -20.13 -34.13
C PHE B 1306 21.65 -20.49 -34.99
N ALA B 1307 20.48 -19.90 -34.69
CA ALA B 1307 19.25 -20.08 -35.47
C ALA B 1307 18.97 -18.83 -36.31
N PRO B 1308 18.53 -18.99 -37.57
CA PRO B 1308 18.32 -17.80 -38.40
C PRO B 1308 17.00 -17.08 -38.15
N MET B 1309 16.86 -15.91 -38.80
CA MET B 1309 15.64 -15.10 -38.78
C MET B 1309 14.56 -15.73 -39.65
N CYS B 1310 13.32 -15.76 -39.12
CA CYS B 1310 12.16 -16.32 -39.83
C CYS B 1310 11.87 -15.56 -41.08
N ASP B 1311 11.60 -16.28 -42.15
CA ASP B 1311 11.15 -15.69 -43.41
C ASP B 1311 9.68 -16.04 -43.65
N SER B 1312 9.09 -16.89 -42.75
CA SER B 1312 7.73 -17.40 -42.83
C SER B 1312 6.67 -16.31 -42.82
N ARG B 1313 6.73 -15.31 -41.92
CA ARG B 1313 5.76 -14.18 -41.99
C ARG B 1313 6.07 -13.43 -43.29
N VAL B 1314 5.11 -13.31 -44.21
CA VAL B 1314 5.35 -12.66 -45.50
C VAL B 1314 5.13 -11.14 -45.43
N GLU B 1315 3.99 -10.71 -44.88
CA GLU B 1315 3.57 -9.31 -44.69
C GLU B 1315 4.50 -8.41 -43.87
N MET B 1316 5.46 -9.00 -43.16
CA MET B 1316 6.39 -8.30 -42.29
C MET B 1316 7.58 -7.70 -43.05
N GLU B 1317 7.89 -8.18 -44.29
CA GLU B 1317 9.05 -7.79 -45.13
C GLU B 1317 9.65 -6.39 -44.93
N GLY B 1318 8.80 -5.38 -44.77
CA GLY B 1318 9.22 -4.01 -44.53
C GLY B 1318 10.19 -3.85 -43.37
N TYR B 1319 9.91 -4.54 -42.26
CA TYR B 1319 10.76 -4.50 -41.08
C TYR B 1319 11.97 -5.44 -41.15
N ARG B 1320 12.19 -6.16 -42.27
CA ARG B 1320 13.35 -7.02 -42.43
C ARG B 1320 14.49 -6.20 -42.99
N PHE B 1321 15.27 -5.60 -42.07
CA PHE B 1321 16.41 -4.73 -42.36
C PHE B 1321 17.71 -5.44 -42.76
N TRP B 1322 17.72 -6.76 -42.77
CA TRP B 1322 18.90 -7.54 -43.13
C TRP B 1322 18.83 -7.99 -44.61
N LYS B 1323 17.97 -7.31 -45.39
CA LYS B 1323 17.79 -7.45 -46.83
C LYS B 1323 18.11 -6.08 -47.49
N THR B 1324 18.70 -5.14 -46.70
CA THR B 1324 19.06 -3.77 -47.09
C THR B 1324 20.51 -3.76 -47.53
N GLY B 1325 20.94 -2.64 -48.09
CA GLY B 1325 22.31 -2.40 -48.52
C GLY B 1325 23.38 -2.97 -47.63
N TYR B 1326 23.67 -2.35 -46.47
CA TYR B 1326 24.79 -2.85 -45.67
C TYR B 1326 24.70 -4.30 -45.28
N TRP B 1327 23.57 -4.77 -44.76
CA TRP B 1327 23.55 -6.17 -44.33
C TRP B 1327 23.52 -7.14 -45.51
N ALA B 1328 22.79 -6.83 -46.60
CA ALA B 1328 22.79 -7.71 -47.78
C ALA B 1328 24.12 -7.66 -48.56
N ASN B 1329 24.81 -6.49 -48.60
CA ASN B 1329 26.11 -6.41 -49.29
C ASN B 1329 27.10 -7.26 -48.53
N TYR B 1330 27.19 -7.02 -47.22
CA TYR B 1330 28.11 -7.74 -46.33
C TYR B 1330 27.79 -9.23 -46.31
N LEU B 1331 26.57 -9.62 -45.88
CA LEU B 1331 26.15 -11.04 -45.88
C LEU B 1331 25.79 -11.38 -47.32
N LYS B 1332 26.78 -11.67 -48.17
CA LYS B 1332 26.53 -11.93 -49.58
C LYS B 1332 25.48 -13.00 -49.77
N GLY B 1333 25.72 -14.14 -49.17
CA GLY B 1333 24.76 -15.25 -49.16
C GLY B 1333 24.38 -15.74 -47.77
N LYS B 1334 25.16 -15.34 -46.76
CA LYS B 1334 24.97 -15.84 -45.42
C LYS B 1334 23.74 -15.29 -44.72
N PRO B 1335 23.21 -16.05 -43.74
CA PRO B 1335 22.02 -15.59 -42.99
C PRO B 1335 22.26 -14.57 -41.87
N TYR B 1336 21.16 -13.90 -41.46
CA TYR B 1336 21.14 -12.93 -40.36
C TYR B 1336 20.57 -13.69 -39.16
N HIS B 1337 21.43 -14.04 -38.25
CA HIS B 1337 21.10 -14.88 -37.13
C HIS B 1337 20.52 -14.16 -35.91
N ILE B 1338 19.95 -14.98 -34.98
CA ILE B 1338 19.33 -14.57 -33.71
C ILE B 1338 20.11 -15.06 -32.46
N SER B 1339 20.42 -14.10 -31.55
CA SER B 1339 21.21 -14.31 -30.34
C SER B 1339 20.40 -14.64 -29.10
N ALA B 1340 19.17 -15.04 -29.27
CA ALA B 1340 18.35 -15.42 -28.16
C ALA B 1340 18.73 -16.85 -27.74
N LEU B 1341 19.12 -17.69 -28.72
CA LEU B 1341 19.51 -19.08 -28.49
C LEU B 1341 20.70 -19.45 -29.38
N TYR B 1342 21.68 -20.17 -28.79
CA TYR B 1342 22.85 -20.67 -29.50
C TYR B 1342 23.66 -21.69 -28.69
N VAL B 1343 24.44 -22.53 -29.41
CA VAL B 1343 25.31 -23.56 -28.84
C VAL B 1343 26.74 -23.13 -29.02
N VAL B 1344 27.61 -23.43 -28.05
CA VAL B 1344 29.03 -23.15 -28.17
C VAL B 1344 29.77 -24.42 -27.84
N ASP B 1345 30.45 -25.02 -28.82
CA ASP B 1345 31.29 -26.19 -28.58
C ASP B 1345 32.55 -25.56 -28.04
N LEU B 1346 32.57 -25.37 -26.70
CA LEU B 1346 33.65 -24.67 -26.00
C LEU B 1346 35.03 -25.23 -26.29
N GLN B 1347 35.18 -26.56 -26.31
CA GLN B 1347 36.50 -27.13 -26.58
C GLN B 1347 37.02 -26.69 -27.95
N ARG B 1348 36.17 -26.71 -28.96
CA ARG B 1348 36.54 -26.22 -30.29
C ARG B 1348 36.71 -24.70 -30.27
N PHE B 1349 35.82 -23.98 -29.59
CA PHE B 1349 35.88 -22.52 -29.53
C PHE B 1349 37.26 -22.07 -29.09
N ARG B 1350 37.72 -22.65 -28.01
CA ARG B 1350 39.02 -22.32 -27.43
C ARG B 1350 40.10 -22.76 -28.38
N GLU B 1351 39.97 -23.98 -28.92
CA GLU B 1351 40.92 -24.58 -29.86
C GLU B 1351 41.09 -23.70 -31.08
N LEU B 1352 40.01 -23.12 -31.58
CA LEU B 1352 40.07 -22.26 -32.75
C LEU B 1352 40.54 -20.84 -32.41
N ALA B 1353 40.53 -20.47 -31.11
CA ALA B 1353 40.94 -19.13 -30.63
C ALA B 1353 39.96 -18.11 -31.18
N ALA B 1354 38.68 -18.43 -31.05
CA ALA B 1354 37.63 -17.58 -31.56
C ALA B 1354 37.46 -16.35 -30.67
N GLY B 1355 37.57 -16.53 -29.36
CA GLY B 1355 37.40 -15.47 -28.37
C GLY B 1355 38.26 -14.25 -28.62
N ASP B 1356 39.55 -14.47 -28.87
CA ASP B 1356 40.48 -13.35 -29.08
C ASP B 1356 40.19 -12.55 -30.32
N ARG B 1357 39.65 -13.18 -31.37
CA ARG B 1357 39.23 -12.46 -32.57
C ARG B 1357 38.05 -11.57 -32.25
N LEU B 1358 37.03 -12.14 -31.57
CA LEU B 1358 35.82 -11.41 -31.21
C LEU B 1358 36.20 -10.18 -30.40
N ARG B 1359 37.07 -10.37 -29.40
CA ARG B 1359 37.56 -9.30 -28.52
C ARG B 1359 38.25 -8.20 -29.28
N GLN B 1360 39.24 -8.54 -30.13
CA GLN B 1360 39.95 -7.47 -30.85
C GLN B 1360 39.09 -6.80 -31.95
N GLN B 1361 38.18 -7.55 -32.60
CA GLN B 1361 37.29 -6.91 -33.58
C GLN B 1361 36.29 -6.02 -32.85
N TYR B 1362 35.74 -6.47 -31.70
CA TYR B 1362 34.85 -5.63 -30.90
C TYR B 1362 35.53 -4.31 -30.51
N HIS B 1363 36.75 -4.40 -29.95
CA HIS B 1363 37.49 -3.23 -29.53
C HIS B 1363 37.66 -2.26 -30.67
N ALA B 1364 38.06 -2.77 -31.86
CA ALA B 1364 38.28 -1.96 -33.06
C ALA B 1364 37.02 -1.33 -33.61
N LEU B 1365 35.92 -2.11 -33.64
CA LEU B 1365 34.62 -1.66 -34.13
C LEU B 1365 34.00 -0.63 -33.21
N SER B 1366 34.19 -0.84 -31.91
CA SER B 1366 33.63 0.00 -30.88
C SER B 1366 34.10 1.47 -30.84
N ALA B 1367 35.19 1.84 -31.55
CA ALA B 1367 35.65 3.24 -31.61
C ALA B 1367 34.56 4.15 -32.18
N ASP B 1368 33.77 3.62 -33.11
CA ASP B 1368 32.61 4.32 -33.65
C ASP B 1368 31.46 4.04 -32.65
N PRO B 1369 30.84 5.06 -32.02
CA PRO B 1369 29.75 4.78 -31.06
C PRO B 1369 28.49 4.13 -31.64
N ASN B 1370 28.15 4.42 -32.89
CA ASN B 1370 26.95 3.92 -33.56
C ASN B 1370 27.23 2.61 -34.35
N SER B 1371 28.24 1.86 -33.92
CA SER B 1371 28.73 0.65 -34.59
C SER B 1371 27.80 -0.56 -34.55
N LEU B 1372 27.50 -1.01 -33.36
CA LEU B 1372 26.71 -2.21 -33.17
C LEU B 1372 25.44 -1.87 -32.43
N ALA B 1373 24.30 -1.98 -33.13
CA ALA B 1373 23.00 -1.70 -32.52
C ALA B 1373 22.80 -2.67 -31.37
N ASN B 1374 22.87 -3.97 -31.69
CA ASN B 1374 22.77 -5.06 -30.73
C ASN B 1374 24.04 -5.83 -31.00
N LEU B 1375 25.07 -5.63 -30.17
CA LEU B 1375 26.36 -6.28 -30.42
C LEU B 1375 26.26 -7.79 -30.39
N ASP B 1376 25.48 -8.36 -29.47
CA ASP B 1376 25.31 -9.80 -29.35
C ASP B 1376 24.97 -10.47 -30.69
N GLN B 1377 24.00 -9.91 -31.46
CA GLN B 1377 23.66 -10.46 -32.80
C GLN B 1377 24.64 -10.06 -33.85
N ASP B 1378 25.02 -8.77 -33.85
CA ASP B 1378 25.89 -8.19 -34.86
C ASP B 1378 27.35 -8.70 -34.84
N LEU B 1379 27.92 -9.05 -33.68
CA LEU B 1379 29.30 -9.54 -33.70
C LEU B 1379 29.41 -10.92 -34.37
N PRO B 1380 28.66 -11.98 -33.97
CA PRO B 1380 28.74 -13.25 -34.72
C PRO B 1380 28.46 -13.11 -36.21
N ASN B 1381 27.52 -12.22 -36.62
CA ASN B 1381 27.20 -12.02 -38.04
C ASN B 1381 28.35 -11.35 -38.80
N HIS B 1382 29.05 -10.38 -38.18
CA HIS B 1382 30.22 -9.71 -38.78
C HIS B 1382 31.43 -10.67 -38.86
N MET B 1383 31.48 -11.66 -37.98
CA MET B 1383 32.57 -12.63 -37.91
C MET B 1383 32.21 -13.99 -38.48
N GLN B 1384 31.14 -14.10 -39.29
CA GLN B 1384 30.83 -15.44 -39.81
C GLN B 1384 31.69 -15.80 -41.04
N PHE B 1385 32.53 -14.88 -41.55
CA PHE B 1385 33.41 -15.17 -42.69
C PHE B 1385 34.74 -15.74 -42.23
N THR B 1386 35.07 -15.43 -40.98
CA THR B 1386 36.31 -15.80 -40.35
C THR B 1386 36.10 -16.83 -39.20
N ILE B 1387 34.94 -16.79 -38.49
CA ILE B 1387 34.58 -17.75 -37.46
C ILE B 1387 33.32 -18.40 -37.96
N PRO B 1388 33.40 -19.60 -38.54
CA PRO B 1388 32.19 -20.28 -39.02
C PRO B 1388 31.05 -20.33 -38.01
N ILE B 1389 29.82 -20.18 -38.51
CA ILE B 1389 28.61 -20.28 -37.69
C ILE B 1389 27.83 -21.43 -38.27
N ALA B 1390 27.58 -22.44 -37.45
CA ALA B 1390 26.73 -23.55 -37.85
C ALA B 1390 25.30 -23.00 -37.83
N THR B 1391 24.53 -23.18 -38.92
CA THR B 1391 23.15 -22.69 -38.97
C THR B 1391 22.23 -23.81 -38.48
N LEU B 1392 21.23 -23.42 -37.67
CA LEU B 1392 20.31 -24.36 -37.05
C LEU B 1392 19.01 -24.48 -37.75
N PRO B 1393 18.35 -25.65 -37.61
CA PRO B 1393 16.99 -25.78 -38.13
C PRO B 1393 16.12 -24.72 -37.49
N GLN B 1394 15.17 -24.16 -38.25
CA GLN B 1394 14.31 -23.12 -37.70
C GLN B 1394 13.18 -23.70 -36.86
N GLU B 1395 13.13 -25.04 -36.71
CA GLU B 1395 12.25 -25.67 -35.75
C GLU B 1395 12.67 -25.08 -34.39
N TRP B 1396 13.97 -24.72 -34.25
CA TRP B 1396 14.58 -24.19 -33.03
C TRP B 1396 14.16 -22.79 -32.60
N LEU B 1397 13.40 -22.02 -33.42
CA LEU B 1397 12.97 -20.73 -32.93
C LEU B 1397 11.69 -20.26 -33.53
N TRP B 1398 10.88 -19.63 -32.69
CA TRP B 1398 9.62 -19.06 -33.09
C TRP B 1398 9.40 -17.71 -32.44
N CYS B 1399 8.90 -16.79 -33.21
CA CYS B 1399 8.59 -15.45 -32.76
C CYS B 1399 7.44 -15.00 -33.58
N GLU B 1400 6.37 -14.57 -32.94
CA GLU B 1400 5.18 -14.15 -33.66
C GLU B 1400 5.50 -13.08 -34.72
N THR B 1401 6.32 -12.07 -34.32
CA THR B 1401 6.72 -10.94 -35.16
C THR B 1401 7.21 -11.36 -36.56
N TRP B 1402 8.07 -12.40 -36.66
CA TRP B 1402 8.63 -12.82 -37.95
C TRP B 1402 8.27 -14.25 -38.44
N CYS B 1403 7.60 -15.09 -37.61
CA CYS B 1403 7.17 -16.45 -38.02
C CYS B 1403 5.66 -16.54 -38.11
N SER B 1404 5.13 -17.30 -39.08
CA SER B 1404 3.69 -17.44 -39.25
C SER B 1404 3.10 -18.29 -38.15
N ASP B 1405 1.80 -18.14 -37.93
CA ASP B 1405 1.06 -18.89 -36.90
C ASP B 1405 1.03 -20.40 -37.19
N GLU B 1406 1.07 -20.77 -38.47
CA GLU B 1406 1.10 -22.18 -38.92
C GLU B 1406 2.41 -22.84 -38.49
N THR B 1407 3.49 -22.06 -38.41
CA THR B 1407 4.81 -22.55 -38.04
C THR B 1407 4.88 -23.06 -36.59
N LEU B 1408 4.18 -22.41 -35.65
CA LEU B 1408 4.20 -22.74 -34.21
C LEU B 1408 3.95 -24.20 -33.85
N LYS B 1409 3.21 -24.95 -34.66
CA LYS B 1409 2.93 -26.36 -34.40
C LYS B 1409 4.25 -27.16 -34.20
N ASP B 1410 5.22 -26.93 -35.12
CA ASP B 1410 6.54 -27.60 -35.18
C ASP B 1410 7.66 -26.81 -34.46
N ALA B 1411 7.29 -25.72 -33.77
CA ALA B 1411 8.28 -24.90 -33.07
C ALA B 1411 8.80 -25.60 -31.81
N ARG B 1412 10.12 -25.46 -31.53
CA ARG B 1412 10.82 -26.05 -30.37
C ARG B 1412 10.87 -25.07 -29.20
N THR B 1413 11.26 -23.81 -29.44
CA THR B 1413 11.32 -22.77 -28.40
C THR B 1413 10.79 -21.45 -28.94
N ILE B 1414 10.29 -20.57 -28.04
CA ILE B 1414 9.71 -19.28 -28.41
C ILE B 1414 10.38 -18.07 -27.75
N ASP B 1415 10.89 -17.12 -28.57
CA ASP B 1415 11.40 -15.88 -28.05
C ASP B 1415 10.26 -14.88 -28.12
N LEU B 1416 10.27 -13.92 -27.21
CA LEU B 1416 9.31 -12.83 -27.23
C LEU B 1416 10.08 -11.65 -27.82
N CYS B 1417 10.21 -11.60 -29.15
CA CYS B 1417 10.96 -10.51 -29.76
C CYS B 1417 10.12 -9.28 -29.81
N ASN B 1418 10.79 -8.15 -29.88
CA ASN B 1418 10.19 -6.81 -29.88
C ASN B 1418 9.15 -6.61 -30.97
N ASN B 1419 8.02 -6.00 -30.54
CA ASN B 1419 6.80 -5.61 -31.27
C ASN B 1419 7.06 -5.61 -32.82
N PRO B 1420 7.49 -4.62 -33.63
CA PRO B 1420 7.60 -3.16 -33.50
C PRO B 1420 6.43 -2.45 -34.22
N MET B 1421 5.40 -3.23 -34.65
CA MET B 1421 4.19 -2.72 -35.29
C MET B 1421 3.16 -2.53 -34.17
N THR B 1422 3.47 -3.00 -32.94
CA THR B 1422 2.66 -2.82 -31.75
C THR B 1422 3.50 -2.12 -30.66
N LYS B 1423 2.83 -1.86 -29.55
CA LYS B 1423 3.38 -1.31 -28.32
C LYS B 1423 3.10 -2.35 -27.22
N GLU B 1424 2.55 -3.54 -27.57
CA GLU B 1424 2.14 -4.48 -26.55
C GLU B 1424 3.37 -4.94 -25.78
N PRO B 1425 3.26 -4.92 -24.45
CA PRO B 1425 4.41 -5.28 -23.62
C PRO B 1425 4.62 -6.78 -23.48
N LYS B 1426 5.81 -7.15 -23.00
CA LYS B 1426 6.23 -8.54 -22.82
C LYS B 1426 5.31 -9.36 -21.92
N LEU B 1427 4.73 -8.76 -20.85
CA LEU B 1427 3.78 -9.48 -19.97
C LEU B 1427 2.54 -9.88 -20.73
N ASP B 1428 2.06 -9.02 -21.65
CA ASP B 1428 0.88 -9.29 -22.47
C ASP B 1428 1.11 -10.35 -23.53
N ARG B 1429 2.28 -10.30 -24.20
CA ARG B 1429 2.67 -11.27 -25.25
C ARG B 1429 2.67 -12.68 -24.65
N ALA B 1430 3.33 -12.86 -23.53
CA ALA B 1430 3.45 -14.13 -22.83
C ALA B 1430 2.12 -14.83 -22.59
N ARG B 1431 1.16 -14.12 -21.98
CA ARG B 1431 -0.14 -14.71 -21.66
C ARG B 1431 -0.96 -15.01 -22.90
N ARG B 1432 -0.91 -14.13 -23.91
CA ARG B 1432 -1.64 -14.31 -25.16
C ARG B 1432 -0.96 -15.37 -26.06
N GLN B 1433 0.36 -15.22 -26.28
CA GLN B 1433 1.14 -16.10 -27.14
C GLN B 1433 1.21 -17.53 -26.60
N VAL B 1434 1.58 -17.70 -25.30
CA VAL B 1434 1.69 -19.04 -24.69
C VAL B 1434 0.67 -19.21 -23.57
N PRO B 1435 -0.22 -20.21 -23.68
CA PRO B 1435 -1.22 -20.41 -22.61
C PRO B 1435 -0.65 -21.05 -21.32
N GLU B 1436 0.36 -21.94 -21.45
CA GLU B 1436 0.97 -22.62 -20.30
C GLU B 1436 1.93 -21.73 -19.50
N TRP B 1437 2.11 -20.46 -19.89
CA TRP B 1437 2.98 -19.50 -19.21
C TRP B 1437 2.48 -19.27 -17.79
N THR B 1438 1.16 -19.17 -17.64
CA THR B 1438 0.51 -18.94 -16.35
C THR B 1438 0.72 -20.14 -15.43
N LYS B 1439 0.58 -21.39 -15.96
CA LYS B 1439 0.81 -22.63 -15.21
C LYS B 1439 2.18 -22.62 -14.53
N TYR B 1440 3.25 -22.23 -15.23
CA TYR B 1440 4.56 -22.17 -14.57
C TYR B 1440 4.62 -21.00 -13.60
N ASP B 1441 4.07 -19.82 -13.98
CA ASP B 1441 4.08 -18.67 -13.06
C ASP B 1441 3.43 -19.02 -11.71
N GLU B 1442 2.32 -19.79 -11.73
CA GLU B 1442 1.59 -20.22 -10.53
C GLU B 1442 2.44 -21.17 -9.66
N GLU B 1443 3.13 -22.14 -10.29
CA GLU B 1443 4.04 -23.07 -9.59
C GLU B 1443 5.11 -22.33 -8.83
N ILE B 1444 5.75 -21.32 -9.48
CA ILE B 1444 6.81 -20.49 -8.89
C ILE B 1444 6.18 -19.67 -7.72
N ALA B 1445 4.99 -19.07 -7.97
CA ALA B 1445 4.24 -18.25 -7.01
C ALA B 1445 3.94 -18.98 -5.70
N GLU B 1446 3.47 -20.23 -5.80
CA GLU B 1446 3.15 -21.03 -4.61
C GLU B 1446 4.42 -21.37 -3.81
N LEU B 1447 5.51 -21.75 -4.52
CA LEU B 1447 6.78 -22.10 -3.88
C LEU B 1447 7.36 -20.89 -3.15
N ALA B 1448 7.33 -19.71 -3.77
CA ALA B 1448 7.80 -18.47 -3.14
C ALA B 1448 7.01 -18.24 -1.83
N ARG B 1449 5.65 -18.42 -1.85
CA ARG B 1449 4.79 -18.30 -0.63
C ARG B 1449 5.11 -19.40 0.39
N ARG B 1450 5.37 -20.64 -0.10
CA ARG B 1450 5.73 -21.79 0.73
C ARG B 1450 7.05 -21.53 1.47
N VAL B 1451 8.01 -20.88 0.79
CA VAL B 1451 9.32 -20.51 1.36
C VAL B 1451 9.12 -19.39 2.40
N ARG B 1452 8.30 -18.36 2.05
CA ARG B 1452 7.95 -17.23 2.94
C ARG B 1452 7.31 -17.74 4.24
N GLU B 1453 6.48 -18.81 4.17
CA GLU B 1453 5.85 -19.43 5.35
C GLU B 1453 6.79 -20.48 6.01
N GLU B 1454 7.79 -21.00 5.27
CA GLU B 1454 8.74 -22.00 5.79
C GLU B 1454 9.76 -21.37 6.75
#